data_4AV2
#
_entry.id   4AV2
#
_cell.length_a   1.000
_cell.length_b   1.000
_cell.length_c   1.000
_cell.angle_alpha   90.00
_cell.angle_beta   90.00
_cell.angle_gamma   90.00
#
_symmetry.space_group_name_H-M   'P 1'
#
loop_
_entity.id
_entity.type
_entity.pdbx_description
1 polymer 'TYPE IV PILUS BIOGENESIS AND COMPETENCE PROTEIN PILQ'
2 polymer 'PILP PROTEIN'
#
loop_
_entity_poly.entity_id
_entity_poly.type
_entity_poly.pdbx_seq_one_letter_code
_entity_poly.pdbx_strand_id
1 'polypeptide(L)'
;GNITDIKVSSLPNKQKIVKVSFDKEIVNPTGFVTSSPARIALDFEQTGISMDQQVLEYADPLLSKISAAQNSSRARLVLN
LNKPGQYNTEVRGNKVWIFINESDDTVSAPARPAVKAAPAAPAKQQAAAPSTKSAVSVSEPFTPAKQQAAAPFTESVVSV
SAPFSPAKQQAAASAKQQAAAPAKQQAAAPAKQQAAAPAKQTNIDFRKDGKNAGIIELAALGFAGQPDISQQHDHIIVTL
KNHTLPTTLQRSLDVADFKTPVQKVTLKRLNNDTQLIITTAGNWELVNKSAAPGYFTFQVLPKKQNLESGGVNNAPKTFT
GRKISLDFQDVEIRTILQILAKESGMNIVASDSVNGKMTLSLKDVPWDQALDLVMQARNLDMRQQGNIVNIAPRDELLAK
DKAFLQAEKDIADLGALYSQNFQLKYKNVEEFRSILRLDNADTTGNRNTLISGRGSVLIDPATNTLIVTDTRSVIEKFRK
LIDELDVPAQQVMIEARIVEAADGFSRDLGVKFGATGKKKLKNDTSAFGWGVNSGFGGDDKWGAETKINLPITAAANSIS
LVRAISSGALNLELSASESLSKTKTLANPRVLTQNRKEAKIESGYEIPFTVTSIANGGSSTNTELKKAVLGLTVTPNITP
DGQIIMTVKINKDSPAQCASGNQTILCISTKNLNTQAMVENGGTLIVGGIYEEDNGNTLTKVPLLGDIPVIGNLFKTRGK
KTDRRELLIFITPRIMGTAGNSLRY
;
A,B,C,D,E,F,G,H,I,J,K,L
2 'polypeptide(L)'
;MKHYALLISFLALSACSQGSEDLNEWMAQTRREAKAEIIPFQAPTLPVAPVYSPPQLTGPNAFDFRRMETDKKGENAPDT
KRIKETLEKFSLENMRYVGILKSGQKVSGFIEAEGYVYTVGVGNYLGQNYGRIESITDDSIVLNELIEDSTGNWVSRKAE
LLLNSSDKNTEQAAAPAAEQN
;
M,N,O,P,Q,R,S,T,U,V,W,X
#
# COMPACT_ATOMS: atom_id res chain seq x y z
N THR A 202 32.49 -35.41 -5.24
CA THR A 202 31.83 -35.77 -6.48
C THR A 202 31.62 -34.54 -7.36
N ASN A 203 31.59 -34.75 -8.67
CA ASN A 203 31.40 -33.66 -9.62
C ASN A 203 31.26 -34.20 -11.04
N ILE A 204 30.67 -33.39 -11.92
CA ILE A 204 30.49 -33.78 -13.31
C ILE A 204 31.24 -32.85 -14.25
N ASP A 205 31.57 -33.36 -15.44
CA ASP A 205 32.29 -32.57 -16.43
C ASP A 205 31.94 -33.03 -17.84
N PHE A 206 32.11 -32.12 -18.81
CA PHE A 206 31.80 -32.43 -20.20
C PHE A 206 32.95 -31.99 -21.12
N ARG A 207 33.15 -32.72 -22.20
CA ARG A 207 34.21 -32.40 -23.15
C ARG A 207 33.98 -33.13 -24.48
N LYS A 208 34.51 -32.56 -25.55
CA LYS A 208 34.37 -33.16 -26.88
C LYS A 208 35.69 -33.75 -27.35
N ASP A 209 35.61 -34.85 -28.09
CA ASP A 209 36.80 -35.51 -28.61
C ASP A 209 36.47 -36.34 -29.85
N GLY A 210 37.45 -37.09 -30.35
CA GLY A 210 37.23 -37.91 -31.52
C GLY A 210 36.65 -37.12 -32.68
N LYS A 211 35.41 -37.43 -33.03
CA LYS A 211 34.74 -36.74 -34.13
C LYS A 211 33.32 -36.35 -33.74
N ASN A 212 33.19 -35.18 -33.13
CA ASN A 212 31.89 -34.68 -32.70
C ASN A 212 31.26 -35.61 -31.67
N ALA A 213 32.07 -36.05 -30.70
CA ALA A 213 31.59 -36.94 -29.65
C ALA A 213 31.42 -36.18 -28.33
N GLY A 214 30.37 -36.51 -27.59
CA GLY A 214 30.11 -35.86 -26.32
C GLY A 214 30.56 -36.71 -25.14
N ILE A 215 31.72 -36.35 -24.57
CA ILE A 215 32.26 -37.08 -23.43
C ILE A 215 31.80 -36.46 -22.12
N ILE A 216 31.44 -37.30 -21.16
CA ILE A 216 30.99 -36.83 -19.85
C ILE A 216 31.85 -37.41 -18.75
N GLU A 217 32.90 -36.69 -18.37
CA GLU A 217 33.81 -37.13 -17.32
C GLU A 217 33.21 -36.85 -15.95
N LEU A 218 32.92 -37.92 -15.20
CA LEU A 218 32.34 -37.79 -13.88
C LEU A 218 33.37 -38.16 -12.80
N ALA A 219 33.42 -37.36 -11.74
CA ALA A 219 34.34 -37.61 -10.64
C ALA A 219 33.67 -38.36 -9.51
N ALA A 220 34.07 -39.62 -9.32
CA ALA A 220 33.49 -40.45 -8.27
C ALA A 220 34.52 -40.74 -7.18
N LEU A 221 34.45 -39.97 -6.09
CA LEU A 221 35.38 -40.14 -4.98
C LEU A 221 34.73 -40.94 -3.86
N GLY A 222 35.20 -42.17 -3.66
CA GLY A 222 34.66 -43.01 -2.61
C GLY A 222 33.87 -44.18 -3.17
N PHE A 223 34.13 -44.53 -4.42
CA PHE A 223 33.42 -45.63 -5.07
C PHE A 223 34.38 -46.77 -5.40
N ALA A 224 33.86 -47.99 -5.38
CA ALA A 224 34.67 -49.16 -5.68
C ALA A 224 34.20 -49.85 -6.97
N GLY A 225 33.04 -50.49 -6.89
CA GLY A 225 32.48 -51.16 -8.05
C GLY A 225 32.10 -50.20 -9.16
N GLN A 226 31.06 -50.55 -9.90
CA GLN A 226 30.60 -49.72 -11.01
C GLN A 226 29.11 -49.42 -10.86
N PRO A 227 28.71 -48.19 -11.27
CA PRO A 227 27.32 -47.75 -11.19
C PRO A 227 26.43 -48.48 -12.19
N ASP A 228 25.14 -48.14 -12.18
CA ASP A 228 24.18 -48.76 -13.08
C ASP A 228 23.93 -47.88 -14.30
N ILE A 229 24.49 -48.27 -15.44
CA ILE A 229 24.34 -47.52 -16.68
C ILE A 229 23.05 -47.91 -17.40
N SER A 230 22.16 -46.95 -17.57
CA SER A 230 20.89 -47.19 -18.25
C SER A 230 20.76 -46.31 -19.48
N GLN A 231 21.09 -46.87 -20.64
CA GLN A 231 21.01 -46.13 -21.89
C GLN A 231 19.58 -46.10 -22.40
N GLN A 232 18.96 -44.92 -22.34
CA GLN A 232 17.59 -44.75 -22.80
C GLN A 232 17.55 -44.01 -24.13
N HIS A 233 16.38 -44.01 -24.77
CA HIS A 233 16.21 -43.34 -26.05
C HIS A 233 16.09 -41.83 -25.86
N ASP A 234 15.87 -41.41 -24.62
CA ASP A 234 15.74 -39.99 -24.31
C ASP A 234 17.02 -39.46 -23.66
N HIS A 235 17.37 -40.01 -22.50
CA HIS A 235 18.56 -39.59 -21.78
C HIS A 235 19.29 -40.79 -21.18
N ILE A 236 20.25 -40.51 -20.31
CA ILE A 236 21.02 -41.57 -19.66
C ILE A 236 20.79 -41.57 -18.16
N ILE A 237 21.05 -42.71 -17.52
CA ILE A 237 20.89 -42.83 -16.08
C ILE A 237 22.08 -43.53 -15.45
N VAL A 238 22.62 -42.94 -14.39
CA VAL A 238 23.77 -43.51 -13.69
C VAL A 238 23.60 -43.39 -12.18
N THR A 239 23.38 -44.53 -11.54
CA THR A 239 23.20 -44.57 -10.09
C THR A 239 24.45 -45.09 -9.39
N LEU A 240 24.82 -44.44 -8.29
CA LEU A 240 26.00 -44.84 -7.53
C LEU A 240 25.66 -45.08 -6.07
N LYS A 241 25.46 -46.35 -5.71
CA LYS A 241 25.12 -46.72 -4.35
C LYS A 241 26.19 -46.24 -3.38
N ASN A 242 25.76 -45.66 -2.27
CA ASN A 242 26.68 -45.17 -1.25
C ASN A 242 27.55 -44.05 -1.81
N HIS A 243 27.02 -43.33 -2.81
CA HIS A 243 27.75 -42.24 -3.43
C HIS A 243 26.93 -40.96 -3.39
N THR A 244 25.98 -40.89 -2.46
CA THR A 244 25.12 -39.72 -2.32
C THR A 244 25.94 -38.43 -2.35
N LEU A 245 25.72 -37.62 -3.38
CA LEU A 245 26.44 -36.36 -3.52
C LEU A 245 25.60 -35.19 -3.02
N PRO A 246 26.27 -34.16 -2.49
CA PRO A 246 25.60 -32.97 -1.96
C PRO A 246 24.98 -32.12 -3.07
N THR A 247 23.94 -31.38 -2.71
CA THR A 247 23.25 -30.52 -3.67
C THR A 247 24.16 -29.41 -4.17
N THR A 248 25.30 -29.24 -3.50
CA THR A 248 26.26 -28.20 -3.88
C THR A 248 27.22 -28.72 -4.94
N LEU A 249 26.94 -29.92 -5.46
CA LEU A 249 27.78 -30.51 -6.48
C LEU A 249 26.94 -31.11 -7.60
N GLN A 250 25.64 -30.87 -7.55
CA GLN A 250 24.72 -31.39 -8.55
C GLN A 250 24.53 -30.39 -9.69
N ARG A 251 25.53 -29.54 -9.88
CA ARG A 251 25.48 -28.53 -10.93
C ARG A 251 25.29 -29.19 -12.30
N SER A 252 24.63 -28.48 -13.20
CA SER A 252 24.37 -28.98 -14.54
C SER A 252 25.25 -28.29 -15.57
N LEU A 253 25.34 -28.88 -16.76
CA LEU A 253 26.16 -28.32 -17.83
C LEU A 253 25.31 -27.47 -18.78
N ASP A 254 25.98 -26.70 -19.63
CA ASP A 254 25.29 -25.84 -20.59
C ASP A 254 25.89 -26.00 -21.98
N VAL A 255 26.22 -27.24 -22.34
CA VAL A 255 26.81 -27.53 -23.65
C VAL A 255 25.73 -27.52 -24.72
N ALA A 256 25.11 -26.36 -24.93
CA ALA A 256 24.07 -26.23 -25.94
C ALA A 256 24.64 -25.77 -27.27
N ASP A 257 24.20 -26.38 -28.35
CA ASP A 257 24.68 -26.03 -29.70
C ASP A 257 26.17 -26.33 -29.83
N PHE A 258 26.61 -27.41 -29.19
CA PHE A 258 28.01 -27.81 -29.24
C PHE A 258 28.26 -28.80 -30.38
N LYS A 259 27.23 -29.03 -31.19
CA LYS A 259 27.32 -29.95 -32.31
C LYS A 259 27.68 -31.35 -31.83
N THR A 260 26.99 -31.81 -30.79
CA THR A 260 27.24 -33.14 -30.23
C THR A 260 25.93 -33.86 -29.96
N PRO A 261 26.00 -35.20 -29.81
CA PRO A 261 24.83 -36.03 -29.54
C PRO A 261 24.27 -35.81 -28.13
N VAL A 262 25.06 -35.16 -27.29
CA VAL A 262 24.65 -34.89 -25.92
C VAL A 262 24.00 -33.51 -25.81
N GLN A 263 22.68 -33.50 -25.60
CA GLN A 263 21.93 -32.26 -25.48
C GLN A 263 22.50 -31.40 -24.34
N LYS A 264 22.54 -31.97 -23.14
CA LYS A 264 23.05 -31.26 -21.98
C LYS A 264 23.14 -32.20 -20.77
N VAL A 265 24.22 -32.06 -20.01
CA VAL A 265 24.42 -32.88 -18.82
C VAL A 265 23.74 -32.27 -17.61
N THR A 266 23.09 -33.12 -16.81
CA THR A 266 22.40 -32.66 -15.61
C THR A 266 22.68 -33.59 -14.43
N LEU A 267 23.16 -33.01 -13.34
CA LEU A 267 23.47 -33.78 -12.13
C LEU A 267 22.41 -33.55 -11.05
N LYS A 268 21.98 -34.63 -10.41
CA LYS A 268 20.99 -34.55 -9.36
C LYS A 268 21.31 -35.51 -8.21
N ARG A 269 21.25 -35.00 -6.99
CA ARG A 269 21.54 -35.82 -5.82
C ARG A 269 20.37 -36.74 -5.48
N LEU A 270 20.67 -38.01 -5.29
CA LEU A 270 19.64 -39.00 -4.97
C LEU A 270 19.54 -39.21 -3.47
N ASN A 271 18.59 -40.05 -3.04
CA ASN A 271 18.39 -40.33 -1.63
C ASN A 271 19.71 -40.72 -0.97
N ASN A 272 20.27 -41.85 -1.39
CA ASN A 272 21.53 -42.34 -0.83
C ASN A 272 22.55 -42.57 -1.93
N ASP A 273 22.14 -42.34 -3.18
CA ASP A 273 23.03 -42.53 -4.32
C ASP A 273 23.13 -41.25 -5.13
N THR A 274 23.80 -41.33 -6.29
CA THR A 274 23.98 -40.17 -7.16
C THR A 274 23.48 -40.47 -8.56
N GLN A 275 22.31 -39.93 -8.90
CA GLN A 275 21.73 -40.12 -10.22
C GLN A 275 22.25 -39.09 -11.21
N LEU A 276 22.46 -39.53 -12.45
CA LEU A 276 22.96 -38.63 -13.49
C LEU A 276 22.03 -38.64 -14.71
N ILE A 277 21.75 -37.45 -15.23
CA ILE A 277 20.88 -37.33 -16.40
C ILE A 277 21.61 -36.67 -17.56
N ILE A 278 21.89 -37.45 -18.60
CA ILE A 278 22.60 -36.94 -19.78
C ILE A 278 21.69 -36.96 -21.00
N THR A 279 20.92 -35.89 -21.18
CA THR A 279 20.01 -35.79 -22.31
C THR A 279 20.76 -35.94 -23.63
N THR A 280 20.14 -36.65 -24.57
CA THR A 280 20.74 -36.88 -25.87
C THR A 280 19.75 -36.60 -27.00
N ALA A 281 20.18 -36.80 -28.24
CA ALA A 281 19.34 -36.57 -29.40
C ALA A 281 19.72 -37.49 -30.56
N GLY A 282 18.73 -37.83 -31.38
CA GLY A 282 19.00 -38.71 -32.51
C GLY A 282 19.69 -39.99 -32.12
N ASN A 283 20.09 -40.78 -33.11
CA ASN A 283 20.77 -42.04 -32.85
C ASN A 283 22.18 -41.80 -32.30
N TRP A 284 22.53 -42.56 -31.26
CA TRP A 284 23.84 -42.43 -30.64
C TRP A 284 24.22 -43.70 -29.90
N GLU A 285 25.45 -43.75 -29.40
CA GLU A 285 25.94 -44.92 -28.66
C GLU A 285 26.66 -44.50 -27.39
N LEU A 286 26.46 -45.25 -26.33
CA LEU A 286 27.10 -44.96 -25.05
C LEU A 286 28.32 -45.84 -24.84
N VAL A 287 29.39 -45.25 -24.31
CA VAL A 287 30.63 -45.98 -24.04
C VAL A 287 31.26 -45.53 -22.73
N ASN A 288 31.22 -46.43 -21.74
CA ASN A 288 31.79 -46.14 -20.43
C ASN A 288 33.26 -46.52 -20.38
N LYS A 289 34.06 -45.69 -19.71
CA LYS A 289 35.49 -45.95 -19.58
C LYS A 289 35.96 -45.70 -18.16
N SER A 290 36.70 -46.66 -17.60
CA SER A 290 37.22 -46.54 -16.24
C SER A 290 38.74 -46.49 -16.24
N ALA A 291 39.28 -45.28 -16.26
CA ALA A 291 40.73 -45.09 -16.27
C ALA A 291 41.31 -45.32 -14.87
N ALA A 292 40.43 -45.49 -13.89
CA ALA A 292 40.87 -45.73 -12.51
C ALA A 292 39.67 -45.94 -11.60
N PRO A 293 39.92 -46.54 -10.42
CA PRO A 293 38.87 -46.82 -9.44
C PRO A 293 38.35 -45.55 -8.78
N GLY A 294 37.49 -44.83 -9.49
CA GLY A 294 36.93 -43.60 -8.97
C GLY A 294 36.56 -42.61 -10.05
N TYR A 295 37.26 -42.69 -11.17
CA TYR A 295 37.01 -41.78 -12.29
C TYR A 295 36.17 -42.46 -13.36
N PHE A 296 34.97 -41.94 -13.59
CA PHE A 296 34.05 -42.49 -14.58
C PHE A 296 33.94 -41.58 -15.79
N THR A 297 33.72 -42.17 -16.96
CA THR A 297 33.59 -41.41 -18.20
C THR A 297 32.52 -41.99 -19.10
N PHE A 298 31.91 -41.15 -19.92
CA PHE A 298 30.86 -41.59 -20.84
C PHE A 298 31.05 -40.95 -22.21
N GLN A 299 31.54 -41.74 -23.16
CA GLN A 299 31.75 -41.27 -24.52
C GLN A 299 30.49 -41.40 -25.36
N VAL A 300 29.75 -40.30 -25.48
CA VAL A 300 28.51 -40.30 -26.26
C VAL A 300 28.79 -39.97 -27.72
N LEU A 301 28.83 -40.99 -28.55
CA LEU A 301 29.08 -40.81 -29.98
C LEU A 301 27.79 -40.92 -30.79
N PHE A 319 9.09 -18.92 -61.99
CA PHE A 319 8.55 -19.74 -60.89
C PHE A 319 7.93 -20.98 -61.45
N THR A 320 8.76 -21.81 -62.11
CA THR A 320 8.27 -23.07 -62.58
C THR A 320 9.49 -23.79 -63.01
N GLY A 321 9.73 -25.00 -62.48
CA GLY A 321 10.95 -25.62 -62.87
C GLY A 321 10.84 -27.10 -62.70
N ARG A 322 11.93 -27.79 -63.08
CA ARG A 322 12.01 -29.21 -63.03
C ARG A 322 11.95 -29.63 -61.60
N LYS A 323 11.49 -30.87 -61.34
CA LYS A 323 11.42 -31.32 -59.98
C LYS A 323 12.79 -31.78 -59.58
N ILE A 324 13.20 -31.46 -58.33
CA ILE A 324 14.48 -31.89 -57.85
C ILE A 324 14.29 -32.23 -56.38
N SER A 325 15.24 -32.98 -55.80
CA SER A 325 15.19 -33.18 -54.37
C SER A 325 16.38 -32.44 -53.85
N LEU A 326 16.19 -31.50 -52.91
CA LEU A 326 17.33 -30.74 -52.48
C LEU A 326 17.82 -31.22 -51.16
N ASP A 327 19.02 -31.79 -51.14
CA ASP A 327 19.59 -32.24 -49.90
C ASP A 327 20.88 -31.52 -49.72
N PHE A 328 20.95 -30.55 -48.79
CA PHE A 328 22.19 -29.88 -48.57
C PHE A 328 22.50 -30.00 -47.11
N GLN A 329 23.64 -30.65 -46.78
CA GLN A 329 23.96 -30.80 -45.39
C GLN A 329 25.07 -29.86 -45.04
N ASP A 330 24.75 -28.89 -44.18
CA ASP A 330 25.67 -27.92 -43.67
C ASP A 330 26.49 -27.37 -44.78
N VAL A 331 25.84 -26.68 -45.75
CA VAL A 331 26.58 -26.13 -46.85
C VAL A 331 26.26 -24.67 -46.97
N GLU A 332 27.18 -23.89 -47.57
CA GLU A 332 26.95 -22.48 -47.70
C GLU A 332 25.80 -22.29 -48.63
N ILE A 333 24.97 -21.28 -48.35
CA ILE A 333 23.82 -20.96 -49.14
C ILE A 333 24.33 -20.61 -50.50
N ARG A 334 25.51 -19.98 -50.54
CA ARG A 334 26.07 -19.55 -51.78
C ARG A 334 26.28 -20.74 -52.67
N THR A 335 26.78 -21.84 -52.10
CA THR A 335 27.02 -23.03 -52.88
C THR A 335 25.71 -23.57 -53.35
N ILE A 336 24.69 -23.56 -52.48
CA ILE A 336 23.42 -24.08 -52.88
C ILE A 336 22.88 -23.24 -54.00
N LEU A 337 23.20 -21.95 -53.98
CA LEU A 337 22.77 -21.04 -54.99
C LEU A 337 23.37 -21.47 -56.31
N GLN A 338 24.69 -21.78 -56.32
CA GLN A 338 25.42 -22.14 -57.51
C GLN A 338 24.90 -23.44 -58.03
N ILE A 339 24.65 -24.40 -57.12
CA ILE A 339 24.27 -25.74 -57.48
C ILE A 339 22.99 -25.68 -58.24
N LEU A 340 22.04 -24.87 -57.78
CA LEU A 340 20.76 -24.74 -58.41
C LEU A 340 20.94 -24.19 -59.79
N ALA A 341 21.82 -23.19 -59.95
CA ALA A 341 22.05 -22.57 -61.22
C ALA A 341 22.60 -23.59 -62.18
N LYS A 342 23.50 -24.46 -61.67
CA LYS A 342 24.15 -25.47 -62.45
C LYS A 342 23.11 -26.43 -62.97
N GLU A 343 22.03 -26.58 -62.18
CA GLU A 343 20.89 -27.41 -62.40
C GLU A 343 20.09 -26.89 -63.54
N SER A 344 20.58 -25.80 -64.17
CA SER A 344 19.90 -25.16 -65.25
C SER A 344 18.80 -24.33 -64.66
N GLY A 345 18.89 -24.05 -63.35
CA GLY A 345 17.93 -23.20 -62.75
C GLY A 345 18.48 -21.81 -62.77
N MET A 346 18.23 -21.07 -63.87
CA MET A 346 18.63 -19.70 -63.96
C MET A 346 20.10 -19.57 -63.72
N ASN A 347 20.56 -18.31 -63.73
CA ASN A 347 21.92 -17.99 -63.37
C ASN A 347 21.80 -17.18 -62.12
N ILE A 348 22.13 -17.77 -60.96
CA ILE A 348 21.93 -17.06 -59.73
C ILE A 348 23.25 -16.53 -59.24
N VAL A 349 23.29 -15.21 -58.98
CA VAL A 349 24.49 -14.60 -58.46
C VAL A 349 24.10 -13.87 -57.22
N ALA A 350 24.78 -14.17 -56.11
CA ALA A 350 24.49 -13.53 -54.86
C ALA A 350 25.30 -12.31 -54.76
N SER A 351 25.10 -11.57 -53.66
CA SER A 351 25.93 -10.46 -53.35
C SER A 351 27.17 -11.11 -52.82
N ASP A 352 28.02 -10.38 -52.11
CA ASP A 352 29.14 -11.13 -51.59
C ASP A 352 28.86 -11.85 -50.30
N SER A 353 28.53 -11.09 -49.24
CA SER A 353 28.38 -11.72 -47.94
C SER A 353 26.94 -11.67 -47.60
N VAL A 354 26.21 -12.65 -48.12
CA VAL A 354 24.79 -12.77 -47.97
C VAL A 354 24.37 -13.32 -46.64
N ASN A 355 25.11 -14.30 -46.08
CA ASN A 355 24.56 -14.96 -44.93
C ASN A 355 25.61 -15.87 -44.39
N GLY A 356 25.36 -17.19 -44.55
CA GLY A 356 26.23 -18.20 -44.06
C GLY A 356 25.79 -19.49 -44.68
N LYS A 357 25.90 -20.58 -43.91
CA LYS A 357 25.63 -21.92 -44.33
C LYS A 357 24.30 -22.34 -43.76
N MET A 358 23.59 -23.27 -44.43
CA MET A 358 22.32 -23.72 -43.94
C MET A 358 22.13 -25.17 -44.29
N THR A 359 21.24 -25.88 -43.56
CA THR A 359 20.99 -27.26 -43.86
C THR A 359 19.54 -27.48 -44.16
N LEU A 360 19.21 -27.96 -45.37
CA LEU A 360 17.85 -28.31 -45.70
C LEU A 360 17.87 -29.62 -46.42
N SER A 361 16.76 -30.38 -46.28
CA SER A 361 16.62 -31.62 -47.00
C SER A 361 15.19 -31.69 -47.46
N LEU A 362 14.99 -31.68 -48.80
CA LEU A 362 13.67 -31.72 -49.38
C LEU A 362 13.64 -32.80 -50.40
N LYS A 363 12.42 -33.26 -50.76
CA LYS A 363 12.28 -34.27 -51.75
C LYS A 363 11.08 -33.91 -52.58
N ASP A 364 11.13 -34.26 -53.88
CA ASP A 364 10.04 -34.03 -54.79
C ASP A 364 9.62 -32.59 -54.79
N VAL A 365 10.55 -31.65 -55.02
CA VAL A 365 10.17 -30.27 -55.07
C VAL A 365 10.90 -29.58 -56.18
N PRO A 366 10.23 -28.78 -56.95
CA PRO A 366 10.87 -28.08 -58.03
C PRO A 366 11.86 -27.13 -57.43
N TRP A 367 12.99 -26.89 -58.12
CA TRP A 367 14.04 -26.08 -57.58
C TRP A 367 13.52 -24.71 -57.28
N ASP A 368 12.60 -24.20 -58.11
CA ASP A 368 12.08 -22.88 -57.86
C ASP A 368 11.34 -22.88 -56.55
N GLN A 369 10.53 -23.91 -56.27
CA GLN A 369 9.80 -23.94 -55.04
C GLN A 369 10.74 -24.09 -53.88
N ALA A 370 11.74 -25.00 -54.01
CA ALA A 370 12.66 -25.28 -52.96
C ALA A 370 13.39 -24.00 -52.65
N LEU A 371 13.67 -23.21 -53.70
CA LEU A 371 14.39 -21.99 -53.52
C LEU A 371 13.62 -21.10 -52.58
N ASP A 372 12.28 -20.99 -52.76
CA ASP A 372 11.53 -20.11 -51.92
C ASP A 372 11.59 -20.62 -50.52
N LEU A 373 11.52 -21.95 -50.34
CA LEU A 373 11.52 -22.52 -49.03
C LEU A 373 12.85 -22.23 -48.42
N VAL A 374 13.92 -22.33 -49.24
CA VAL A 374 15.26 -22.13 -48.78
C VAL A 374 15.40 -20.73 -48.27
N MET A 375 14.79 -19.77 -48.98
CA MET A 375 14.93 -18.37 -48.64
C MET A 375 14.41 -18.15 -47.24
N GLN A 376 13.24 -18.75 -46.94
CA GLN A 376 12.52 -18.57 -45.71
C GLN A 376 13.30 -19.09 -44.54
N ALA A 377 14.08 -20.17 -44.74
CA ALA A 377 14.71 -20.86 -43.65
C ALA A 377 15.60 -19.93 -42.87
N ARG A 378 16.35 -19.07 -43.57
CA ARG A 378 17.19 -18.14 -42.88
C ARG A 378 17.85 -17.37 -43.97
N ASN A 379 17.72 -17.94 -45.18
CA ASN A 379 18.33 -17.47 -46.37
C ASN A 379 17.72 -16.19 -46.81
N LEU A 380 18.18 -15.75 -48.00
CA LEU A 380 17.93 -14.48 -48.59
C LEU A 380 16.68 -14.46 -49.41
N ASP A 381 16.38 -13.25 -49.93
CA ASP A 381 15.29 -13.00 -50.83
C ASP A 381 15.93 -12.89 -52.19
N MET A 382 15.15 -13.05 -53.27
CA MET A 382 15.74 -13.05 -54.59
C MET A 382 15.13 -11.98 -55.44
N ARG A 383 15.97 -11.38 -56.32
CA ARG A 383 15.49 -10.43 -57.29
C ARG A 383 16.02 -10.90 -58.59
N GLN A 384 15.24 -10.82 -59.67
CA GLN A 384 15.76 -11.33 -60.91
C GLN A 384 15.84 -10.22 -61.91
N GLN A 385 17.03 -10.08 -62.55
CA GLN A 385 17.27 -9.17 -63.62
C GLN A 385 16.57 -9.71 -64.84
N GLY A 386 16.52 -11.06 -64.95
CA GLY A 386 15.91 -11.74 -66.06
C GLY A 386 16.82 -12.85 -66.48
N ASN A 387 18.00 -12.55 -67.04
CA ASN A 387 18.92 -13.61 -67.36
C ASN A 387 19.60 -14.04 -66.09
N ILE A 388 20.03 -13.05 -65.29
CA ILE A 388 20.79 -13.38 -64.12
C ILE A 388 19.98 -12.92 -62.95
N VAL A 389 20.09 -13.65 -61.83
CA VAL A 389 19.33 -13.29 -60.67
C VAL A 389 20.26 -12.93 -59.55
N ASN A 390 19.92 -11.85 -58.84
CA ASN A 390 20.75 -11.46 -57.73
C ASN A 390 19.98 -11.73 -56.48
N ILE A 391 20.65 -12.42 -55.52
CA ILE A 391 20.03 -12.72 -54.26
C ILE A 391 20.82 -12.02 -53.21
N ALA A 392 20.10 -11.34 -52.28
CA ALA A 392 20.77 -10.57 -51.28
C ALA A 392 20.19 -10.87 -49.94
N PRO A 393 21.00 -10.55 -48.97
CA PRO A 393 20.79 -10.73 -47.57
C PRO A 393 19.69 -9.87 -47.06
N ARG A 394 18.94 -9.20 -47.97
CA ARG A 394 17.85 -8.38 -47.53
C ARG A 394 16.90 -9.34 -46.86
N ASP A 395 17.02 -9.45 -45.53
CA ASP A 395 16.24 -10.40 -44.78
C ASP A 395 15.94 -9.78 -43.45
N GLU A 396 14.71 -10.00 -42.99
CA GLU A 396 14.27 -9.48 -41.74
C GLU A 396 15.06 -10.06 -40.62
N LEU A 397 15.12 -11.40 -40.56
CA LEU A 397 15.66 -12.03 -39.40
C LEU A 397 17.13 -11.88 -39.18
N LEU A 398 17.98 -12.18 -40.16
CA LEU A 398 19.37 -12.22 -39.82
C LEU A 398 19.93 -10.90 -39.44
N ALA A 399 19.68 -9.87 -40.28
CA ALA A 399 20.32 -8.63 -40.00
C ALA A 399 19.86 -8.14 -38.68
N LYS A 400 18.54 -8.15 -38.46
CA LYS A 400 18.13 -7.59 -37.22
C LYS A 400 18.45 -8.44 -36.05
N ASP A 401 18.39 -9.77 -36.21
CA ASP A 401 18.56 -10.64 -35.07
C ASP A 401 19.90 -10.35 -34.48
N LYS A 402 20.90 -10.24 -35.35
CA LYS A 402 22.24 -10.01 -34.91
C LYS A 402 22.32 -8.67 -34.28
N ALA A 403 21.62 -7.68 -34.88
CA ALA A 403 21.64 -6.35 -34.36
C ALA A 403 21.06 -6.36 -32.99
N PHE A 404 20.02 -7.17 -32.75
CA PHE A 404 19.38 -7.18 -31.46
C PHE A 404 20.38 -7.61 -30.44
N LEU A 405 21.11 -8.69 -30.74
CA LEU A 405 22.02 -9.23 -29.78
C LEU A 405 23.05 -8.20 -29.52
N GLN A 406 23.44 -7.45 -30.56
CA GLN A 406 24.46 -6.46 -30.44
C GLN A 406 24.01 -5.41 -29.45
N ALA A 407 22.74 -5.01 -29.50
CA ALA A 407 22.27 -3.95 -28.64
C ALA A 407 22.31 -4.39 -27.21
N GLU A 408 22.83 -3.50 -26.34
CA GLU A 408 22.94 -3.74 -24.93
C GLU A 408 21.58 -3.72 -24.31
N LYS A 409 20.72 -2.77 -24.74
CA LYS A 409 19.44 -2.63 -24.12
C LYS A 409 18.58 -3.79 -24.46
N ASP A 410 17.81 -4.25 -23.46
CA ASP A 410 16.93 -5.38 -23.59
C ASP A 410 15.85 -5.05 -24.56
N ILE A 411 15.34 -3.80 -24.51
CA ILE A 411 14.27 -3.40 -25.36
C ILE A 411 14.76 -3.48 -26.77
N ALA A 412 16.04 -3.11 -26.98
CA ALA A 412 16.63 -3.11 -28.29
C ALA A 412 16.59 -4.49 -28.82
N ASP A 413 16.67 -5.49 -27.93
CA ASP A 413 16.63 -6.87 -28.35
C ASP A 413 15.36 -7.03 -29.13
N LEU A 414 14.33 -6.23 -28.81
CA LEU A 414 13.15 -6.29 -29.62
C LEU A 414 13.20 -5.09 -30.52
N GLY A 415 13.20 -5.34 -31.85
CA GLY A 415 13.26 -4.28 -32.81
C GLY A 415 13.00 -4.93 -34.12
N ALA A 416 12.99 -4.17 -35.24
CA ALA A 416 12.71 -4.94 -36.42
C ALA A 416 13.05 -4.23 -37.67
N LEU A 417 13.44 -5.04 -38.66
CA LEU A 417 13.53 -4.54 -39.99
C LEU A 417 12.18 -4.89 -40.52
N TYR A 418 11.55 -3.98 -41.27
CA TYR A 418 10.21 -4.33 -41.65
C TYR A 418 10.07 -4.00 -43.09
N SER A 419 8.95 -4.43 -43.69
CA SER A 419 8.73 -4.12 -45.07
C SER A 419 7.48 -3.32 -45.14
N GLN A 420 7.44 -2.32 -46.02
CA GLN A 420 6.25 -1.53 -46.12
C GLN A 420 6.05 -1.19 -47.56
N ASN A 421 4.79 -0.94 -47.96
CA ASN A 421 4.51 -0.62 -49.32
C ASN A 421 4.09 0.83 -49.36
N PHE A 422 4.69 1.60 -50.29
CA PHE A 422 4.39 2.99 -50.39
C PHE A 422 3.63 3.16 -51.67
N GLN A 423 2.44 3.76 -51.60
CA GLN A 423 1.68 3.98 -52.80
C GLN A 423 2.17 5.29 -53.36
N LEU A 424 2.28 5.41 -54.69
CA LEU A 424 2.68 6.66 -55.29
C LEU A 424 1.56 7.07 -56.20
N LYS A 425 0.68 7.98 -55.74
CA LYS A 425 -0.41 8.37 -56.58
C LYS A 425 0.00 9.30 -57.70
N TYR A 426 0.62 10.43 -57.34
CA TYR A 426 0.92 11.50 -58.25
C TYR A 426 2.08 11.31 -59.18
N LYS A 427 3.21 10.74 -58.71
CA LYS A 427 4.38 10.73 -59.54
C LYS A 427 4.77 9.35 -59.93
N ASN A 428 5.57 9.23 -61.00
CA ASN A 428 6.04 7.96 -61.46
C ASN A 428 7.13 7.49 -60.53
N VAL A 429 7.16 6.18 -60.30
CA VAL A 429 8.02 5.54 -59.35
C VAL A 429 9.46 5.70 -59.72
N GLU A 430 9.76 5.60 -61.03
CA GLU A 430 11.11 5.61 -61.52
C GLU A 430 11.76 6.93 -61.25
N GLU A 431 10.99 8.02 -61.21
CA GLU A 431 11.57 9.32 -61.03
C GLU A 431 12.23 9.39 -59.69
N PHE A 432 11.66 8.69 -58.70
CA PHE A 432 12.14 8.64 -57.35
C PHE A 432 13.47 7.95 -57.27
N ARG A 433 13.75 7.04 -58.23
CA ARG A 433 14.87 6.14 -58.14
C ARG A 433 16.14 6.88 -57.85
N SER A 434 16.42 8.00 -58.54
CA SER A 434 17.68 8.66 -58.34
C SER A 434 17.85 9.03 -56.90
N ILE A 435 16.84 9.69 -56.31
CA ILE A 435 16.98 10.14 -54.96
C ILE A 435 17.05 8.99 -54.01
N LEU A 436 16.20 7.96 -54.21
CA LEU A 436 16.15 6.86 -53.29
C LEU A 436 17.45 6.12 -53.31
N ARG A 437 18.06 5.98 -54.50
CA ARG A 437 19.30 5.28 -54.59
C ARG A 437 20.31 6.01 -53.77
N LEU A 438 20.30 7.36 -53.85
CA LEU A 438 21.28 8.15 -53.18
C LEU A 438 21.17 8.00 -51.68
N ASP A 439 19.96 8.15 -51.13
CA ASP A 439 19.82 8.08 -49.69
C ASP A 439 20.12 6.70 -49.22
N ASN A 440 19.80 5.72 -50.05
CA ASN A 440 19.98 4.35 -49.70
C ASN A 440 21.45 4.11 -49.57
N ALA A 441 22.26 4.80 -50.41
CA ALA A 441 23.66 4.54 -50.30
C ALA A 441 24.20 5.36 -49.20
N ASP A 442 24.17 4.80 -47.97
CA ASP A 442 24.80 5.47 -46.89
C ASP A 442 26.10 4.75 -46.79
N THR A 443 26.70 4.54 -47.99
CA THR A 443 27.97 3.92 -48.17
C THR A 443 28.46 4.42 -49.49
N THR A 444 29.72 4.12 -49.84
CA THR A 444 30.18 4.59 -51.11
C THR A 444 29.70 3.63 -52.15
N GLY A 445 29.16 4.17 -53.26
CA GLY A 445 28.69 3.33 -54.32
C GLY A 445 28.30 4.25 -55.43
N ASN A 446 28.95 4.09 -56.60
CA ASN A 446 28.67 4.97 -57.70
C ASN A 446 27.26 4.76 -58.14
N ARG A 447 26.83 3.50 -58.33
CA ARG A 447 25.48 3.31 -58.78
C ARG A 447 25.09 1.90 -58.49
N ASN A 448 24.21 1.66 -57.49
CA ASN A 448 23.78 0.32 -57.19
C ASN A 448 22.31 0.36 -56.89
N THR A 449 21.53 -0.54 -57.52
CA THR A 449 20.14 -0.60 -57.21
C THR A 449 20.01 -1.13 -55.82
N LEU A 450 20.75 -2.22 -55.50
CA LEU A 450 20.77 -2.77 -54.19
C LEU A 450 21.71 -1.90 -53.43
N ILE A 451 21.54 -1.77 -52.10
CA ILE A 451 22.48 -0.84 -51.57
C ILE A 451 22.91 -1.25 -50.20
N SER A 452 23.89 -0.52 -49.65
CA SER A 452 24.38 -0.85 -48.35
C SER A 452 23.53 -0.22 -47.32
N GLY A 453 24.09 -0.09 -46.11
CA GLY A 453 23.31 0.36 -45.01
C GLY A 453 22.74 -0.89 -44.42
N ARG A 454 23.48 -1.98 -44.65
CA ARG A 454 23.17 -3.28 -44.14
C ARG A 454 21.83 -3.80 -44.55
N GLY A 455 21.62 -4.00 -45.87
CA GLY A 455 20.45 -4.71 -46.32
C GLY A 455 19.22 -3.88 -46.49
N SER A 456 19.35 -2.64 -47.00
CA SER A 456 18.13 -1.91 -47.25
C SER A 456 17.84 -2.08 -48.72
N VAL A 457 16.55 -2.21 -49.10
CA VAL A 457 16.29 -2.40 -50.49
C VAL A 457 15.04 -1.71 -50.87
N LEU A 458 14.99 -1.23 -52.12
CA LEU A 458 13.80 -0.63 -52.63
C LEU A 458 13.43 -1.40 -53.86
N ILE A 459 12.14 -1.78 -53.98
CA ILE A 459 11.71 -2.54 -55.13
C ILE A 459 10.56 -1.81 -55.74
N ASP A 460 10.47 -1.83 -57.09
CA ASP A 460 9.43 -1.11 -57.77
C ASP A 460 8.49 -2.08 -58.42
N PRO A 461 7.30 -2.11 -57.89
CA PRO A 461 6.27 -2.88 -58.53
C PRO A 461 5.67 -2.20 -59.73
N ALA A 462 5.03 -3.00 -60.60
CA ALA A 462 4.46 -2.57 -61.85
C ALA A 462 3.34 -1.59 -61.62
N THR A 463 2.54 -1.77 -60.55
CA THR A 463 1.44 -0.87 -60.42
C THR A 463 1.90 0.35 -59.68
N ASN A 464 3.11 0.84 -60.04
CA ASN A 464 3.67 2.05 -59.51
C ASN A 464 3.50 2.19 -58.03
N THR A 465 4.04 1.23 -57.27
CA THR A 465 4.08 1.35 -55.85
C THR A 465 5.49 1.00 -55.52
N LEU A 466 6.03 1.48 -54.39
CA LEU A 466 7.37 1.14 -54.03
C LEU A 466 7.30 0.29 -52.80
N ILE A 467 8.14 -0.75 -52.73
CA ILE A 467 8.14 -1.58 -51.55
C ILE A 467 9.50 -1.44 -50.98
N VAL A 468 9.59 -1.14 -49.67
CA VAL A 468 10.90 -1.03 -49.14
C VAL A 468 11.05 -2.01 -48.03
N THR A 469 12.22 -2.68 -47.99
CA THR A 469 12.50 -3.64 -46.98
C THR A 469 13.76 -3.21 -46.31
N ASP A 470 13.74 -3.00 -44.99
CA ASP A 470 14.96 -2.62 -44.35
C ASP A 470 14.66 -2.30 -42.91
N THR A 471 15.62 -1.61 -42.26
CA THR A 471 15.47 -1.24 -40.88
C THR A 471 14.46 -0.15 -40.83
N ARG A 472 13.80 0.02 -39.66
CA ARG A 472 12.76 0.98 -39.50
C ARG A 472 13.30 2.36 -39.74
N SER A 473 14.51 2.65 -39.24
CA SER A 473 15.02 3.98 -39.39
C SER A 473 15.16 4.30 -40.85
N VAL A 474 15.77 3.38 -41.63
CA VAL A 474 16.01 3.61 -43.02
C VAL A 474 14.69 3.71 -43.73
N ILE A 475 13.72 2.85 -43.37
CA ILE A 475 12.45 2.87 -44.05
C ILE A 475 11.77 4.17 -43.81
N GLU A 476 11.88 4.72 -42.59
CA GLU A 476 11.23 5.95 -42.27
C GLU A 476 11.75 7.02 -43.18
N LYS A 477 13.08 7.06 -43.38
CA LYS A 477 13.68 8.09 -44.17
C LYS A 477 13.14 8.01 -45.56
N PHE A 478 13.11 6.79 -46.13
CA PHE A 478 12.68 6.60 -47.48
C PHE A 478 11.25 7.02 -47.62
N ARG A 479 10.39 6.69 -46.63
CA ARG A 479 9.00 7.04 -46.77
C ARG A 479 8.85 8.53 -46.81
N LYS A 480 9.59 9.24 -45.95
CA LYS A 480 9.41 10.67 -45.85
C LYS A 480 9.70 11.29 -47.18
N LEU A 481 10.79 10.86 -47.85
CA LEU A 481 11.15 11.43 -49.12
C LEU A 481 10.13 11.12 -50.17
N ILE A 482 9.66 9.87 -50.23
CA ILE A 482 8.74 9.46 -51.26
C ILE A 482 7.48 10.26 -51.14
N ASP A 483 6.92 10.35 -49.92
CA ASP A 483 5.69 11.05 -49.73
C ASP A 483 5.92 12.49 -50.03
N GLU A 484 7.11 13.01 -49.66
CA GLU A 484 7.39 14.39 -49.84
C GLU A 484 7.36 14.72 -51.30
N LEU A 485 8.00 13.90 -52.16
CA LEU A 485 8.00 14.21 -53.57
C LEU A 485 6.63 14.08 -54.13
N ASP A 486 5.86 13.08 -53.64
CA ASP A 486 4.56 12.81 -54.16
C ASP A 486 3.67 13.99 -53.94
N VAL A 487 3.79 14.66 -52.79
CA VAL A 487 2.88 15.75 -52.49
C VAL A 487 3.01 16.85 -53.52
N PRO A 488 4.15 17.35 -53.87
CA PRO A 488 4.16 18.37 -54.86
C PRO A 488 3.65 17.91 -56.18
N ALA A 489 3.81 16.62 -56.50
CA ALA A 489 3.27 16.13 -57.73
C ALA A 489 1.79 16.29 -57.60
N GLN A 490 1.30 16.09 -56.36
CA GLN A 490 -0.09 16.09 -56.03
C GLN A 490 -0.71 17.41 -56.37
N GLN A 491 -0.03 18.54 -56.07
CA GLN A 491 -0.74 19.73 -56.39
C GLN A 491 -0.75 19.85 -57.88
N VAL A 492 -1.92 19.55 -58.48
CA VAL A 492 -2.03 19.60 -59.91
C VAL A 492 -2.72 20.92 -60.26
N MET A 493 -3.66 20.90 -61.10
N THR B 202 17.44 -44.97 -3.05
CA THR B 202 16.33 -45.31 -3.93
C THR B 202 16.18 -44.27 -5.04
N ASN B 203 15.64 -44.71 -6.18
CA ASN B 203 15.43 -43.82 -7.31
C ASN B 203 14.68 -44.52 -8.43
N ILE B 204 14.08 -43.74 -9.32
CA ILE B 204 13.32 -44.29 -10.44
C ILE B 204 13.93 -43.88 -11.77
N ASP B 205 13.69 -44.68 -12.81
CA ASP B 205 14.21 -44.41 -14.14
C ASP B 205 13.29 -44.96 -15.21
N PHE B 206 13.36 -44.38 -16.40
CA PHE B 206 12.52 -44.81 -17.52
C PHE B 206 13.36 -44.98 -18.78
N ARG B 207 12.95 -45.93 -19.62
CA ARG B 207 13.67 -46.20 -20.87
C ARG B 207 12.80 -47.02 -21.82
N LYS B 208 13.07 -46.90 -23.12
CA LYS B 208 12.32 -47.63 -24.12
C LYS B 208 13.17 -48.74 -24.73
N ASP B 209 12.54 -49.86 -25.07
CA ASP B 209 13.24 -50.99 -25.67
C ASP B 209 12.28 -51.85 -26.48
N GLY B 210 12.79 -52.98 -26.98
CA GLY B 210 11.96 -53.88 -27.76
C GLY B 210 11.26 -53.18 -28.91
N LYS B 211 9.95 -53.08 -28.82
CA LYS B 211 9.15 -52.41 -29.85
C LYS B 211 8.13 -51.47 -29.24
N ASN B 212 8.55 -50.23 -28.97
CA ASN B 212 7.66 -49.24 -28.38
C ASN B 212 7.20 -49.67 -27.00
N ALA B 213 8.13 -50.17 -26.19
CA ALA B 213 7.81 -50.62 -24.84
C ALA B 213 8.33 -49.63 -23.81
N GLY B 214 7.54 -49.42 -22.75
CA GLY B 214 7.94 -48.49 -21.71
C GLY B 214 8.51 -49.20 -20.49
N ILE B 215 9.84 -49.19 -20.37
CA ILE B 215 10.52 -49.83 -19.26
C ILE B 215 10.73 -48.85 -18.12
N ILE B 216 10.50 -49.32 -16.89
CA ILE B 216 10.68 -48.48 -15.71
C ILE B 216 11.67 -49.11 -14.74
N GLU B 217 12.95 -48.76 -14.89
CA GLU B 217 13.99 -49.28 -14.03
C GLU B 217 14.01 -48.56 -12.68
N LEU B 218 13.70 -49.30 -11.61
CA LEU B 218 13.68 -48.72 -10.28
C LEU B 218 14.87 -49.22 -9.45
N ALA B 219 15.50 -48.30 -8.72
CA ALA B 219 16.64 -48.66 -7.88
C ALA B 219 16.21 -48.91 -6.44
N ALA B 220 16.28 -50.16 -6.01
CA ALA B 220 15.89 -50.52 -4.64
C ALA B 220 17.11 -50.94 -3.83
N LEU B 221 17.63 -50.02 -3.04
CA LEU B 221 18.80 -50.29 -2.21
C LEU B 221 18.39 -50.58 -0.77
N GLY B 222 18.54 -51.84 -0.36
CA GLY B 222 18.17 -52.23 0.99
C GLY B 222 16.94 -53.11 1.03
N PHE B 223 16.64 -53.76 -0.09
CA PHE B 223 15.48 -54.64 -0.18
C PHE B 223 15.90 -56.08 -0.41
N ALA B 224 15.11 -57.01 0.10
CA ALA B 224 15.41 -58.44 -0.05
C ALA B 224 14.35 -59.12 -0.90
N GLY B 225 13.16 -59.28 -0.34
CA GLY B 225 12.08 -59.92 -1.07
C GLY B 225 11.62 -59.11 -2.27
N GLN B 226 10.33 -59.20 -2.58
CA GLN B 226 9.77 -58.48 -3.71
C GLN B 226 8.57 -57.64 -3.28
N PRO B 227 8.41 -56.46 -3.90
CA PRO B 227 7.32 -55.54 -3.59
C PRO B 227 5.97 -56.08 -4.06
N ASP B 228 4.91 -55.31 -3.82
CA ASP B 228 3.57 -55.70 -4.21
C ASP B 228 3.18 -55.04 -5.54
N ILE B 229 3.18 -55.81 -6.62
CA ILE B 229 2.82 -55.30 -7.93
C ILE B 229 1.31 -55.33 -8.14
N SER B 230 0.72 -54.16 -8.34
CA SER B 230 -0.72 -54.06 -8.56
C SER B 230 -1.02 -53.44 -9.92
N GLN B 231 -1.26 -54.28 -10.91
CA GLN B 231 -1.56 -53.82 -12.26
C GLN B 231 -3.01 -53.37 -12.37
N GLN B 232 -3.22 -52.06 -12.48
CA GLN B 232 -4.56 -51.50 -12.59
C GLN B 232 -4.85 -51.05 -14.03
N HIS B 233 -6.12 -50.76 -14.30
CA HIS B 233 -6.52 -50.33 -15.63
C HIS B 233 -6.14 -48.87 -15.87
N ASP B 234 -5.79 -48.17 -14.79
CA ASP B 234 -5.41 -46.77 -14.88
C ASP B 234 -3.89 -46.62 -14.78
N HIS B 235 -3.34 -47.03 -13.64
CA HIS B 235 -1.90 -46.93 -13.42
C HIS B 235 -1.37 -48.18 -12.70
N ILE B 236 -0.14 -48.11 -12.24
CA ILE B 236 0.47 -49.23 -11.54
C ILE B 236 0.80 -48.86 -10.09
N ILE B 237 0.93 -49.88 -9.24
CA ILE B 237 1.24 -49.66 -7.84
C ILE B 237 2.33 -50.62 -7.37
N VAL B 238 3.35 -50.06 -6.71
CA VAL B 238 4.46 -50.86 -6.20
C VAL B 238 4.86 -50.42 -4.80
N THR B 239 4.56 -51.26 -3.82
CA THR B 239 4.89 -50.96 -2.42
C THR B 239 6.11 -51.75 -1.96
N LEU B 240 6.99 -51.08 -1.24
CA LEU B 240 8.20 -51.73 -0.73
C LEU B 240 8.33 -51.55 0.77
N LYS B 241 7.92 -52.57 1.52
CA LYS B 241 7.98 -52.54 2.97
C LYS B 241 9.41 -52.30 3.45
N ASN B 242 9.57 -51.40 4.42
CA ASN B 242 10.88 -51.09 4.97
C ASN B 242 11.78 -50.48 3.90
N HIS B 243 11.16 -49.83 2.91
CA HIS B 243 11.91 -49.20 1.83
C HIS B 243 11.55 -47.72 1.71
N THR B 244 11.03 -47.16 2.79
CA THR B 244 10.64 -45.75 2.80
C THR B 244 11.72 -44.87 2.19
N LEU B 245 11.40 -44.24 1.06
CA LEU B 245 12.34 -43.38 0.38
C LEU B 245 12.09 -41.91 0.73
N PRO B 246 13.16 -41.11 0.74
CA PRO B 246 13.08 -39.68 1.05
C PRO B 246 12.37 -38.88 -0.05
N THR B 247 11.77 -37.77 0.34
CA THR B 247 11.07 -36.91 -0.62
C THR B 247 12.02 -36.32 -1.64
N THR B 248 13.32 -36.44 -1.37
CA THR B 248 14.34 -35.91 -2.27
C THR B 248 14.69 -36.92 -3.35
N LEU B 249 13.94 -38.01 -3.41
CA LEU B 249 14.17 -39.05 -4.40
C LEU B 249 12.85 -39.51 -5.03
N GLN B 250 11.77 -38.81 -4.70
CA GLN B 250 10.46 -39.15 -5.23
C GLN B 250 10.18 -38.39 -6.53
N ARG B 251 11.25 -37.99 -7.20
CA ARG B 251 11.12 -37.25 -8.46
C ARG B 251 10.29 -38.04 -9.47
N SER B 252 9.60 -37.32 -10.34
CA SER B 252 8.75 -37.95 -11.36
C SER B 252 9.39 -37.82 -12.74
N LEU B 253 8.90 -38.60 -13.68
CA LEU B 253 9.42 -38.59 -15.04
C LEU B 253 8.57 -37.68 -15.94
N ASP B 254 9.10 -37.38 -17.13
CA ASP B 254 8.38 -36.53 -18.08
C ASP B 254 8.39 -37.15 -19.47
N VAL B 255 8.23 -38.46 -19.53
CA VAL B 255 8.22 -39.18 -20.80
C VAL B 255 6.89 -39.00 -21.51
N ALA B 256 6.58 -37.75 -21.87
CA ALA B 256 5.33 -37.45 -22.57
C ALA B 256 5.53 -37.47 -24.07
N ASP B 257 4.58 -38.10 -24.78
CA ASP B 257 4.65 -38.19 -26.24
C ASP B 257 5.85 -39.02 -26.67
N PHE B 258 6.17 -40.05 -25.89
CA PHE B 258 7.30 -40.92 -26.18
C PHE B 258 6.85 -42.12 -27.01
N LYS B 259 5.59 -42.12 -27.41
CA LYS B 259 5.03 -43.21 -28.20
C LYS B 259 5.12 -44.53 -27.45
N THR B 260 4.73 -44.51 -26.18
CA THR B 260 4.78 -45.70 -25.34
C THR B 260 3.50 -45.85 -24.54
N PRO B 261 3.24 -47.07 -24.03
CA PRO B 261 2.05 -47.37 -23.23
C PRO B 261 2.09 -46.71 -21.86
N VAL B 262 3.27 -46.23 -21.48
CA VAL B 262 3.45 -45.57 -20.18
C VAL B 262 3.28 -44.06 -20.31
N GLN B 263 2.18 -43.55 -19.78
CA GLN B 263 1.91 -42.11 -19.83
C GLN B 263 3.04 -41.32 -19.18
N LYS B 264 3.33 -41.64 -17.93
CA LYS B 264 4.39 -40.95 -17.20
C LYS B 264 4.63 -41.60 -15.83
N VAL B 265 5.89 -41.73 -15.45
CA VAL B 265 6.25 -42.33 -14.18
C VAL B 265 6.21 -41.30 -13.05
N THR B 266 5.69 -41.70 -11.91
CA THR B 266 5.60 -40.81 -10.76
C THR B 266 6.00 -41.53 -9.47
N LEU B 267 6.96 -40.97 -8.76
CA LEU B 267 7.44 -41.55 -7.51
C LEU B 267 6.93 -40.77 -6.31
N LYS B 268 6.47 -41.49 -5.30
CA LYS B 268 5.95 -40.86 -4.08
C LYS B 268 6.38 -41.64 -2.84
N ARG B 269 6.88 -40.93 -1.85
CA ARG B 269 7.31 -41.55 -0.60
C ARG B 269 6.12 -41.92 0.28
N LEU B 270 6.10 -43.16 0.75
CA LEU B 270 5.01 -43.63 1.60
C LEU B 270 5.38 -43.51 3.08
N ASN B 271 4.44 -43.86 3.95
CA ASN B 271 4.67 -43.79 5.39
C ASN B 271 5.97 -44.48 5.77
N ASN B 272 6.01 -45.80 5.56
CA ASN B 272 7.20 -46.59 5.88
C ASN B 272 7.67 -47.37 4.67
N ASP B 273 6.93 -47.25 3.57
CA ASP B 273 7.29 -47.95 2.33
C ASP B 273 7.46 -46.97 1.18
N THR B 274 7.63 -47.50 -0.03
CA THR B 274 7.82 -46.65 -1.21
C THR B 274 6.82 -47.01 -2.29
N GLN B 275 5.80 -46.17 -2.45
CA GLN B 275 4.76 -46.39 -3.45
C GLN B 275 5.18 -45.82 -4.79
N LEU B 276 4.83 -46.51 -5.87
CA LEU B 276 5.16 -46.06 -7.22
C LEU B 276 3.91 -45.98 -8.09
N ILE B 277 3.80 -44.89 -8.85
CA ILE B 277 2.67 -44.68 -9.73
C ILE B 277 3.10 -44.56 -11.18
N ILE B 278 2.78 -45.57 -11.98
CA ILE B 278 3.15 -45.57 -13.39
C ILE B 278 1.90 -45.50 -14.28
N THR B 279 1.46 -44.28 -14.55
CA THR B 279 0.28 -44.07 -15.39
C THR B 279 0.44 -44.72 -16.75
N THR B 280 -0.63 -45.33 -17.25
CA THR B 280 -0.60 -46.00 -18.54
C THR B 280 -1.79 -45.60 -19.40
N ALA B 281 -1.89 -46.17 -20.59
CA ALA B 281 -2.99 -45.88 -21.50
C ALA B 281 -3.29 -47.06 -22.40
N GLY B 282 -4.55 -47.18 -22.81
CA GLY B 282 -4.96 -48.29 -23.66
C GLY B 282 -4.55 -49.63 -23.11
N ASN B 283 -4.76 -50.68 -23.89
CA ASN B 283 -4.41 -52.03 -23.47
C ASN B 283 -2.89 -52.21 -23.39
N TRP B 284 -2.43 -52.84 -22.32
CA TRP B 284 -1.00 -53.07 -22.13
C TRP B 284 -0.77 -54.24 -21.17
N GLU B 285 0.50 -54.63 -21.03
CA GLU B 285 0.86 -55.74 -20.14
C GLU B 285 2.07 -55.37 -19.28
N LEU B 286 2.04 -55.79 -18.03
CA LEU B 286 3.14 -55.51 -17.10
C LEU B 286 4.06 -56.71 -16.97
N VAL B 287 5.36 -56.44 -16.93
CA VAL B 287 6.36 -57.51 -16.81
C VAL B 287 7.50 -57.09 -15.89
N ASN B 288 7.56 -57.70 -14.71
CA ASN B 288 8.60 -57.38 -13.73
C ASN B 288 9.83 -58.26 -13.97
N LYS B 289 11.00 -57.66 -13.80
CA LYS B 289 12.26 -58.38 -13.99
C LYS B 289 13.24 -58.05 -12.87
N SER B 290 13.83 -59.09 -12.27
CA SER B 290 14.80 -58.91 -11.19
C SER B 290 16.18 -59.41 -11.60
N ALA B 291 16.99 -58.50 -12.12
CA ALA B 291 18.34 -58.84 -12.56
C ALA B 291 19.28 -59.01 -11.37
N ALA B 292 18.78 -58.67 -10.18
CA ALA B 292 19.57 -58.78 -8.96
C ALA B 292 18.75 -58.37 -7.73
N PRO B 293 19.21 -58.79 -6.54
CA PRO B 293 18.53 -58.48 -5.29
C PRO B 293 18.65 -57.01 -4.92
N GLY B 294 17.83 -56.17 -5.55
CA GLY B 294 17.85 -54.75 -5.28
C GLY B 294 17.43 -53.93 -6.47
N TYR B 295 17.65 -54.46 -7.66
CA TYR B 295 17.30 -53.75 -8.89
C TYR B 295 15.97 -54.27 -9.45
N PHE B 296 14.97 -53.40 -9.50
CA PHE B 296 13.66 -53.77 -10.01
C PHE B 296 13.40 -53.11 -11.36
N THR B 297 12.62 -53.80 -12.20
CA THR B 297 12.31 -53.28 -13.53
C THR B 297 10.87 -53.61 -13.92
N PHE B 298 10.27 -52.77 -14.74
CA PHE B 298 8.90 -52.97 -15.19
C PHE B 298 8.77 -52.72 -16.69
N GLN B 299 8.65 -53.79 -17.46
CA GLN B 299 8.52 -53.69 -18.91
C GLN B 299 7.06 -53.51 -19.31
N VAL B 300 6.66 -52.27 -19.54
CA VAL B 300 5.29 -51.97 -19.94
C VAL B 300 5.12 -52.04 -21.45
N LEU B 301 4.58 -53.15 -21.94
CA LEU B 301 4.37 -53.34 -23.37
C LEU B 301 2.90 -53.13 -23.73
N PHE B 319 -18.44 -32.16 -53.93
CA PHE B 319 -18.79 -32.51 -52.53
C PHE B 319 -19.86 -33.53 -52.54
N THR B 320 -19.59 -34.71 -53.11
CA THR B 320 -20.54 -35.78 -53.05
C THR B 320 -19.80 -36.95 -53.57
N GLY B 321 -19.74 -38.04 -52.78
CA GLY B 321 -18.95 -39.12 -53.29
C GLY B 321 -19.40 -40.41 -52.68
N ARG B 322 -18.74 -41.50 -53.11
CA ARG B 322 -19.06 -42.82 -52.67
C ARG B 322 -18.73 -42.91 -51.21
N LYS B 323 -19.41 -43.83 -50.49
CA LYS B 323 -19.13 -43.97 -49.09
C LYS B 323 -17.89 -44.80 -48.95
N ILE B 324 -17.00 -44.43 -48.01
CA ILE B 324 -15.80 -45.18 -47.77
C ILE B 324 -15.57 -45.16 -46.28
N SER B 325 -14.73 -46.07 -45.76
CA SER B 325 -14.33 -45.96 -44.39
C SER B 325 -12.89 -45.62 -44.44
N LEU B 326 -12.47 -44.51 -43.79
CA LEU B 326 -11.08 -44.14 -43.91
C LEU B 326 -10.33 -44.50 -42.68
N ASP B 327 -9.40 -45.46 -42.81
CA ASP B 327 -8.59 -45.84 -41.69
C ASP B 327 -7.17 -45.60 -42.08
N PHE B 328 -6.53 -44.57 -41.52
CA PHE B 328 -5.14 -44.35 -41.84
C PHE B 328 -4.40 -44.30 -40.55
N GLN B 329 -3.44 -45.23 -40.34
CA GLN B 329 -2.72 -45.23 -39.11
C GLN B 329 -1.35 -44.71 -39.36
N ASP B 330 -1.06 -43.54 -38.76
CA ASP B 330 0.20 -42.88 -38.81
C ASP B 330 0.71 -42.88 -40.21
N VAL B 331 -0.01 -42.20 -41.13
CA VAL B 331 0.43 -42.16 -42.50
C VAL B 331 0.51 -40.74 -42.94
N GLU B 332 1.34 -40.46 -43.97
CA GLU B 332 1.49 -39.12 -44.43
C GLU B 332 0.19 -38.71 -45.04
N ILE B 333 -0.18 -37.44 -44.86
CA ILE B 333 -1.39 -36.88 -45.39
C ILE B 333 -1.30 -37.00 -46.87
N ARG B 334 -0.07 -36.85 -47.40
CA ARG B 334 0.11 -36.89 -48.82
C ARG B 334 -0.33 -38.21 -49.34
N THR B 335 0.00 -39.30 -48.62
CA THR B 335 -0.38 -40.61 -49.06
C THR B 335 -1.87 -40.73 -48.99
N ILE B 336 -2.49 -40.19 -47.93
CA ILE B 336 -3.91 -40.29 -47.81
C ILE B 336 -4.53 -39.54 -48.94
N LEU B 337 -3.88 -38.47 -49.38
CA LEU B 337 -4.36 -37.68 -50.47
C LEU B 337 -4.39 -38.53 -51.71
N GLN B 338 -3.31 -39.29 -51.98
CA GLN B 338 -3.17 -40.10 -53.16
C GLN B 338 -4.18 -41.20 -53.12
N ILE B 339 -4.35 -41.82 -51.94
CA ILE B 339 -5.19 -42.98 -51.79
C ILE B 339 -6.58 -42.61 -52.17
N LEU B 340 -7.05 -41.44 -51.73
CA LEU B 340 -8.38 -40.99 -52.01
C LEU B 340 -8.54 -40.81 -53.49
N ALA B 341 -7.52 -40.24 -54.16
CA ALA B 341 -7.58 -39.99 -55.57
C ALA B 341 -7.70 -41.29 -56.29
N LYS B 342 -6.96 -42.32 -55.82
CA LYS B 342 -6.93 -43.62 -56.41
C LYS B 342 -8.30 -44.23 -56.33
N GLU B 343 -9.04 -43.82 -55.28
CA GLU B 343 -10.38 -44.22 -54.94
C GLU B 343 -11.33 -43.67 -55.93
N SER B 344 -10.82 -42.97 -56.95
CA SER B 344 -11.62 -42.34 -57.95
C SER B 344 -12.17 -41.08 -57.37
N GLY B 345 -11.56 -40.62 -56.26
CA GLY B 345 -11.97 -39.37 -55.71
C GLY B 345 -11.10 -38.30 -56.27
N MET B 346 -11.51 -37.74 -57.43
CA MET B 346 -10.79 -36.65 -58.03
C MET B 346 -9.35 -37.01 -58.22
N ASN B 347 -8.58 -36.01 -58.72
CA ASN B 347 -7.16 -36.15 -58.84
C ASN B 347 -6.60 -35.12 -57.90
N ILE B 348 -6.07 -35.57 -56.74
CA ILE B 348 -5.63 -34.61 -55.77
C ILE B 348 -4.15 -34.51 -55.81
N VAL B 349 -3.64 -33.27 -55.97
CA VAL B 349 -2.23 -33.04 -55.98
C VAL B 349 -1.93 -32.00 -54.95
N ALA B 350 -1.03 -32.31 -54.02
CA ALA B 350 -0.69 -31.39 -52.97
C ALA B 350 0.43 -30.54 -53.46
N SER B 351 0.83 -29.59 -52.60
CA SER B 351 1.99 -28.81 -52.86
C SER B 351 3.10 -29.75 -52.51
N ASP B 352 4.31 -29.25 -52.29
CA ASP B 352 5.28 -30.23 -51.89
C ASP B 352 5.27 -30.56 -50.42
N SER B 353 5.56 -29.55 -49.57
CA SER B 353 5.69 -29.83 -48.16
C SER B 353 4.53 -29.19 -47.48
N VAL B 354 3.42 -29.93 -47.47
CA VAL B 354 2.17 -29.51 -46.94
C VAL B 354 2.09 -29.62 -45.45
N ASN B 355 2.68 -30.67 -44.83
CA ASN B 355 2.40 -30.87 -43.45
C ASN B 355 3.27 -31.97 -42.96
N GLY B 356 2.63 -33.12 -42.66
CA GLY B 356 3.29 -34.27 -42.14
C GLY B 356 2.32 -35.40 -42.22
N LYS B 357 2.38 -36.29 -41.22
CA LYS B 357 1.62 -37.51 -41.15
C LYS B 357 0.51 -37.31 -40.16
N MET B 358 -0.62 -38.04 -40.32
CA MET B 358 -1.72 -37.89 -39.39
C MET B 358 -2.41 -39.22 -39.25
N THR B 359 -3.17 -39.42 -38.13
CA THR B 359 -3.87 -40.65 -37.95
C THR B 359 -5.34 -40.38 -37.77
N LEU B 360 -6.18 -40.93 -38.67
CA LEU B 360 -7.61 -40.83 -38.52
C LEU B 360 -8.21 -42.17 -38.80
N SER B 361 -9.37 -42.45 -38.16
CA SER B 361 -10.09 -43.67 -38.42
C SER B 361 -11.54 -43.30 -38.46
N LEU B 362 -12.20 -43.48 -39.63
CA LEU B 362 -13.58 -43.15 -39.81
C LEU B 362 -14.25 -44.33 -40.43
N LYS B 363 -15.59 -44.37 -40.30
CA LYS B 363 -16.35 -45.44 -40.89
C LYS B 363 -17.61 -44.83 -41.44
N ASP B 364 -18.10 -45.41 -42.55
CA ASP B 364 -19.33 -44.98 -43.17
C ASP B 364 -19.31 -43.52 -43.47
N VAL B 365 -18.29 -43.03 -44.20
CA VAL B 365 -18.27 -41.63 -44.55
C VAL B 365 -17.80 -41.48 -45.97
N PRO B 366 -18.45 -40.64 -46.73
CA PRO B 366 -18.05 -40.44 -48.10
C PRO B 366 -16.68 -39.81 -48.08
N TRP B 367 -15.84 -40.12 -49.09
CA TRP B 367 -14.49 -39.66 -49.10
C TRP B 367 -14.46 -38.16 -49.09
N ASP B 368 -15.44 -37.51 -49.75
CA ASP B 368 -15.45 -36.09 -49.76
C ASP B 368 -15.66 -35.57 -48.38
N GLN B 369 -16.58 -36.18 -47.60
CA GLN B 369 -16.82 -35.70 -46.26
C GLN B 369 -15.62 -35.97 -45.40
N ALA B 370 -15.02 -37.17 -45.52
CA ALA B 370 -13.91 -37.55 -44.71
C ALA B 370 -12.81 -36.61 -44.99
N LEU B 371 -12.68 -36.17 -46.26
CA LEU B 371 -11.63 -35.27 -46.63
C LEU B 371 -11.76 -34.01 -45.83
N ASP B 372 -12.99 -33.47 -45.68
CA ASP B 372 -13.13 -32.24 -44.96
C ASP B 372 -12.72 -32.46 -43.54
N LEU B 373 -13.11 -33.62 -42.98
CA LEU B 373 -12.82 -33.90 -41.60
C LEU B 373 -11.33 -34.00 -41.47
N VAL B 374 -10.69 -34.63 -42.48
CA VAL B 374 -9.26 -34.82 -42.47
C VAL B 374 -8.58 -33.50 -42.44
N MET B 375 -9.09 -32.53 -43.20
CA MET B 375 -8.46 -31.24 -43.33
C MET B 375 -8.39 -30.59 -41.99
N GLN B 376 -9.50 -30.67 -41.22
CA GLN B 376 -9.67 -30.01 -39.95
C GLN B 376 -8.72 -30.55 -38.92
N ALA B 377 -8.39 -31.85 -39.00
CA ALA B 377 -7.63 -32.51 -37.97
C ALA B 377 -6.32 -31.83 -37.75
N ARG B 378 -5.65 -31.44 -38.85
CA ARG B 378 -4.39 -30.77 -38.70
C ARG B 378 -3.96 -30.49 -40.10
N ASN B 379 -4.65 -31.20 -41.01
CA ASN B 379 -4.38 -31.21 -42.41
C ASN B 379 -4.72 -29.90 -43.03
N LEU B 380 -4.60 -29.89 -44.36
CA LEU B 380 -4.66 -28.74 -45.22
C LEU B 380 -6.07 -28.44 -45.65
N ASP B 381 -6.19 -27.32 -46.39
CA ASP B 381 -7.39 -26.87 -47.01
C ASP B 381 -7.26 -27.25 -48.47
N MET B 382 -8.37 -27.33 -49.21
CA MET B 382 -8.30 -27.78 -50.58
C MET B 382 -8.84 -26.74 -51.51
N ARG B 383 -8.23 -26.65 -52.71
CA ARG B 383 -8.72 -25.80 -53.75
C ARG B 383 -8.82 -26.66 -54.96
N GLN B 384 -9.87 -26.51 -55.77
CA GLN B 384 -9.98 -27.39 -56.89
C GLN B 384 -9.93 -26.59 -58.16
N GLN B 385 -9.06 -27.01 -59.09
CA GLN B 385 -8.95 -26.47 -60.41
C GLN B 385 -10.14 -26.94 -61.20
N GLY B 386 -10.61 -28.18 -60.90
CA GLY B 386 -11.72 -28.79 -61.55
C GLY B 386 -11.36 -30.21 -61.85
N ASN B 387 -10.41 -30.45 -62.78
CA ASN B 387 -9.99 -31.81 -62.99
C ASN B 387 -9.06 -32.21 -61.89
N ILE B 388 -8.12 -31.32 -61.55
CA ILE B 388 -7.14 -31.66 -60.57
C ILE B 388 -7.34 -30.73 -59.42
N VAL B 389 -7.05 -31.23 -58.20
CA VAL B 389 -7.23 -30.42 -57.04
C VAL B 389 -5.93 -30.21 -56.36
N ASN B 390 -5.67 -28.96 -55.93
CA ASN B 390 -4.44 -28.70 -55.24
C ASN B 390 -4.78 -28.44 -53.81
N ILE B 391 -4.04 -29.12 -52.90
CA ILE B 391 -4.25 -28.94 -51.49
C ILE B 391 -2.98 -28.38 -50.93
N ALA B 392 -3.12 -27.34 -50.09
CA ALA B 392 -1.96 -26.69 -49.57
C ALA B 392 -2.10 -26.50 -48.09
N PRO B 393 -0.95 -26.31 -47.52
CA PRO B 393 -0.72 -26.14 -46.11
C PRO B 393 -1.28 -24.87 -45.61
N ARG B 394 -2.07 -24.15 -46.44
CA ARG B 394 -2.68 -22.94 -45.98
C ARG B 394 -3.56 -23.34 -44.84
N ASP B 395 -3.03 -23.24 -43.61
CA ASP B 395 -3.73 -23.69 -42.44
C ASP B 395 -3.38 -22.78 -41.33
N GLU B 396 -4.39 -22.45 -40.51
CA GLU B 396 -4.20 -21.58 -39.40
C GLU B 396 -3.26 -22.18 -38.41
N LEU B 397 -3.57 -23.42 -37.98
CA LEU B 397 -2.86 -23.97 -36.86
C LEU B 397 -1.43 -24.31 -37.09
N LEU B 398 -1.08 -25.08 -38.14
CA LEU B 398 0.27 -25.55 -38.17
C LEU B 398 1.27 -24.47 -38.36
N ALA B 399 1.04 -23.60 -39.36
CA ALA B 399 2.06 -22.64 -39.64
C ALA B 399 2.23 -21.78 -38.44
N LYS B 400 1.13 -21.27 -37.88
CA LYS B 400 1.35 -20.38 -36.80
C LYS B 400 1.78 -21.06 -35.56
N ASP B 401 1.31 -22.28 -35.30
CA ASP B 401 1.62 -22.92 -34.05
C ASP B 401 3.09 -23.03 -33.94
N LYS B 402 3.73 -23.46 -35.05
CA LYS B 402 5.14 -23.64 -35.06
C LYS B 402 5.81 -22.30 -34.88
N ALA B 403 5.25 -21.27 -35.54
CA ALA B 403 5.82 -19.96 -35.45
C ALA B 403 5.78 -19.51 -34.03
N PHE B 404 4.68 -19.83 -33.30
CA PHE B 404 4.55 -19.37 -31.95
C PHE B 404 5.68 -19.93 -31.14
N LEU B 405 5.92 -21.24 -31.30
CA LEU B 405 6.92 -21.87 -30.50
C LEU B 405 8.23 -21.25 -30.83
N GLN B 406 8.43 -20.90 -32.10
CA GLN B 406 9.66 -20.33 -32.55
C GLN B 406 9.90 -19.03 -31.83
N ALA B 407 8.84 -18.22 -31.66
CA ALA B 407 9.02 -16.93 -31.06
C ALA B 407 9.42 -17.07 -29.62
N GLU B 408 10.44 -16.28 -29.22
CA GLU B 408 10.95 -16.28 -27.87
C GLU B 408 9.95 -15.65 -26.95
N LYS B 409 9.30 -14.55 -27.40
CA LYS B 409 8.41 -13.85 -26.53
C LYS B 409 7.19 -14.68 -26.28
N ASP B 410 6.71 -14.64 -25.03
CA ASP B 410 5.58 -15.38 -24.59
C ASP B 410 4.36 -14.87 -25.30
N ILE B 411 4.26 -13.54 -25.47
CA ILE B 411 3.13 -12.96 -26.10
C ILE B 411 3.07 -13.46 -27.50
N ALA B 412 4.23 -13.62 -28.13
CA ALA B 412 4.32 -14.07 -29.49
C ALA B 412 3.71 -15.43 -29.57
N ASP B 413 3.81 -16.20 -28.48
CA ASP B 413 3.26 -17.52 -28.45
C ASP B 413 1.80 -17.36 -28.80
N LEU B 414 1.21 -16.20 -28.46
CA LEU B 414 -0.15 -15.99 -28.87
C LEU B 414 -0.08 -15.09 -30.08
N GLY B 415 -0.60 -15.56 -31.22
CA GLY B 415 -0.59 -14.79 -32.43
C GLY B 415 -1.46 -15.54 -33.37
N ALA B 416 -1.64 -15.05 -34.62
CA ALA B 416 -2.50 -15.88 -35.41
C ALA B 416 -2.42 -15.58 -36.87
N LEU B 417 -2.65 -16.65 -37.64
CA LEU B 417 -2.89 -16.46 -39.03
C LEU B 417 -4.37 -16.40 -39.07
N TYR B 418 -4.95 -15.49 -39.85
CA TYR B 418 -6.37 -15.40 -39.74
C TYR B 418 -6.91 -15.32 -41.13
N SER B 419 -8.24 -15.42 -41.27
CA SER B 419 -8.82 -15.32 -42.58
C SER B 419 -9.74 -14.15 -42.53
N GLN B 420 -9.80 -13.39 -43.63
CA GLN B 420 -10.68 -12.26 -43.64
C GLN B 420 -11.25 -12.16 -45.01
N ASN B 421 -12.46 -11.55 -45.12
CA ASN B 421 -13.09 -11.40 -46.39
C ASN B 421 -13.08 -9.95 -46.74
N PHE B 422 -12.64 -9.63 -47.97
CA PHE B 422 -12.55 -8.27 -48.39
C PHE B 422 -13.62 -8.08 -49.42
N GLN B 423 -14.50 -7.08 -49.21
CA GLN B 423 -15.54 -6.83 -50.18
C GLN B 423 -14.92 -5.92 -51.20
N LEU B 424 -15.24 -6.10 -52.50
CA LEU B 424 -14.74 -5.21 -53.52
C LEU B 424 -15.95 -4.60 -54.18
N LYS B 425 -16.32 -3.37 -53.79
CA LYS B 425 -17.48 -2.78 -54.39
C LYS B 425 -17.24 -2.29 -55.79
N TYR B 426 -16.25 -1.41 -55.96
CA TYR B 426 -15.99 -0.70 -57.19
C TYR B 426 -15.33 -1.47 -58.29
N LYS B 427 -14.31 -2.31 -57.98
CA LYS B 427 -13.55 -2.88 -59.06
C LYS B 427 -13.72 -4.36 -59.11
N ASN B 428 -13.39 -4.95 -60.28
CA ASN B 428 -13.49 -6.38 -60.45
C ASN B 428 -12.33 -7.01 -59.74
N VAL B 429 -12.59 -8.19 -59.16
CA VAL B 429 -11.66 -8.90 -58.33
C VAL B 429 -10.46 -9.34 -59.10
N GLU B 430 -10.67 -9.78 -60.35
CA GLU B 430 -9.62 -10.35 -61.16
C GLU B 430 -8.58 -9.32 -61.46
N GLU B 431 -8.95 -8.04 -61.55
CA GLU B 431 -8.01 -7.02 -61.91
C GLU B 431 -6.93 -6.94 -60.87
N PHE B 432 -7.30 -7.19 -59.60
CA PHE B 432 -6.42 -7.16 -58.47
C PHE B 432 -5.40 -8.25 -58.54
N ARG B 433 -5.73 -9.36 -59.23
CA ARG B 433 -4.94 -10.56 -59.18
C ARG B 433 -3.49 -10.29 -59.47
N SER B 434 -3.17 -9.49 -60.49
CA SER B 434 -1.79 -9.30 -60.84
C SER B 434 -1.04 -8.76 -59.67
N ILE B 435 -1.55 -7.67 -59.05
CA ILE B 435 -0.84 -7.06 -57.97
C ILE B 435 -0.77 -7.97 -56.79
N LEU B 436 -1.89 -8.64 -56.44
CA LEU B 436 -1.93 -9.46 -55.27
C LEU B 436 -0.98 -10.61 -55.41
N ARG B 437 -0.87 -11.17 -56.63
CA ARG B 437 0.00 -12.27 -56.83
C ARG B 437 1.41 -11.81 -56.56
N LEU B 438 1.74 -10.59 -57.02
CA LEU B 438 3.08 -10.08 -56.88
C LEU B 438 3.45 -9.90 -55.44
N ASP B 439 2.59 -9.23 -54.65
CA ASP B 439 2.95 -8.97 -53.28
C ASP B 439 3.00 -10.26 -52.52
N ASN B 440 2.13 -11.21 -52.92
CA ASN B 440 2.04 -12.45 -52.24
C ASN B 440 3.35 -13.17 -52.44
N ALA B 441 3.96 -12.98 -53.63
CA ALA B 441 5.19 -13.70 -53.82
C ALA B 441 6.28 -12.93 -53.18
N ASP B 442 6.52 -13.22 -51.88
CA ASP B 442 7.64 -12.62 -51.25
C ASP B 442 8.64 -13.73 -51.29
N THR B 443 8.71 -14.35 -52.48
CA THR B 443 9.61 -15.41 -52.81
C THR B 443 9.73 -15.36 -54.28
N THR B 444 10.66 -16.16 -54.86
CA THR B 444 10.76 -16.13 -56.28
C THR B 444 9.71 -17.03 -56.83
N GLY B 445 8.99 -16.56 -57.87
CA GLY B 445 7.97 -17.35 -58.48
C GLY B 445 7.50 -16.58 -59.66
N ASN B 446 7.64 -17.18 -60.87
CA ASN B 446 7.26 -16.48 -62.06
C ASN B 446 5.79 -16.24 -62.03
N ARG B 447 4.98 -17.28 -61.73
CA ARG B 447 3.56 -17.06 -61.74
C ARG B 447 2.92 -18.17 -60.96
N ASN B 448 2.41 -17.87 -59.74
CA ASN B 448 1.75 -18.90 -58.97
C ASN B 448 0.55 -18.28 -58.31
N THR B 449 -0.62 -18.94 -58.43
CA THR B 449 -1.78 -18.44 -57.76
C THR B 449 -1.57 -18.63 -56.28
N LEU B 450 -1.09 -19.82 -55.88
CA LEU B 450 -0.78 -20.09 -54.51
C LEU B 450 0.56 -19.48 -54.31
N ILE B 451 0.91 -19.06 -53.08
CA ILE B 451 2.19 -18.45 -53.12
C ILE B 451 2.93 -18.71 -51.84
N SER B 452 4.21 -18.29 -51.81
CA SER B 452 4.99 -18.53 -50.64
C SER B 452 4.77 -17.45 -49.65
N GLY B 453 5.73 -17.31 -48.72
CA GLY B 453 5.53 -16.41 -47.64
C GLY B 453 4.88 -17.24 -46.59
N ARG B 454 5.14 -18.55 -46.67
CA ARG B 454 4.68 -19.54 -45.74
C ARG B 454 3.19 -19.62 -45.62
N GLY B 455 2.50 -19.96 -46.72
CA GLY B 455 1.10 -20.28 -46.62
C GLY B 455 0.18 -19.11 -46.70
N SER B 456 0.45 -18.11 -47.55
CA SER B 456 -0.51 -17.06 -47.69
C SER B 456 -1.33 -17.38 -48.91
N VAL B 457 -2.65 -17.11 -48.88
CA VAL B 457 -3.42 -17.47 -50.04
C VAL B 457 -4.49 -16.45 -50.26
N LEU B 458 -4.81 -16.23 -51.54
CA LEU B 458 -5.90 -15.35 -51.87
C LEU B 458 -6.87 -16.16 -52.68
N ILE B 459 -8.17 -16.06 -52.34
CA ILE B 459 -9.17 -16.81 -53.06
C ILE B 459 -10.21 -15.85 -53.54
N ASP B 460 -10.74 -16.10 -54.75
CA ASP B 460 -11.72 -15.20 -55.31
C ASP B 460 -13.06 -15.87 -55.37
N PRO B 461 -13.95 -15.38 -54.58
CA PRO B 461 -15.31 -15.83 -54.67
C PRO B 461 -16.06 -15.22 -55.81
N ALA B 462 -17.17 -15.88 -56.21
CA ALA B 462 -17.98 -15.52 -57.33
C ALA B 462 -18.63 -14.19 -57.11
N THR B 463 -19.04 -13.87 -55.88
CA THR B 463 -19.72 -12.61 -55.72
C THR B 463 -18.72 -11.53 -55.52
N ASN B 464 -17.62 -11.58 -56.31
CA ASN B 464 -16.59 -10.57 -56.32
C ASN B 464 -16.21 -10.11 -54.96
N THR B 465 -15.73 -11.04 -54.12
CA THR B 465 -15.16 -10.67 -52.86
C THR B 465 -13.89 -11.44 -52.82
N LEU B 466 -12.89 -10.97 -52.06
CA LEU B 466 -11.65 -11.70 -51.98
C LEU B 466 -11.53 -12.22 -50.59
N ILE B 467 -11.05 -13.46 -50.43
CA ILE B 467 -10.86 -14.00 -49.12
C ILE B 467 -9.41 -14.24 -48.98
N VAL B 468 -8.80 -13.76 -47.89
CA VAL B 468 -7.40 -14.03 -47.78
C VAL B 468 -7.17 -14.77 -46.51
N THR B 469 -6.29 -15.80 -46.59
CA THR B 469 -5.96 -16.59 -45.46
C THR B 469 -4.48 -16.53 -45.30
N ASP B 470 -3.99 -16.07 -44.13
CA ASP B 470 -2.56 -16.03 -43.97
C ASP B 470 -2.24 -15.37 -42.67
N THR B 471 -0.98 -14.95 -42.51
CA THR B 471 -0.53 -14.30 -41.32
C THR B 471 -1.11 -12.93 -41.32
N ARG B 472 -1.25 -12.34 -40.13
CA ARG B 472 -1.86 -11.04 -39.98
C ARG B 472 -1.08 -10.02 -40.74
N SER B 473 0.26 -10.09 -40.68
CA SER B 473 1.04 -9.09 -41.34
C SER B 473 0.75 -9.12 -42.81
N VAL B 474 0.76 -10.32 -43.42
CA VAL B 474 0.57 -10.45 -44.83
C VAL B 474 -0.83 -10.03 -45.17
N ILE B 475 -1.82 -10.41 -44.34
CA ILE B 475 -3.18 -10.06 -44.64
C ILE B 475 -3.35 -8.58 -44.61
N GLU B 476 -2.67 -7.89 -43.68
CA GLU B 476 -2.80 -6.46 -43.57
C GLU B 476 -2.35 -5.85 -44.86
N LYS B 477 -1.22 -6.33 -45.40
CA LYS B 477 -0.66 -5.74 -46.59
C LYS B 477 -1.65 -5.89 -47.69
N PHE B 478 -2.21 -7.09 -47.86
CA PHE B 478 -3.11 -7.37 -48.93
C PHE B 478 -4.34 -6.50 -48.81
N ARG B 479 -4.85 -6.31 -47.58
CA ARG B 479 -6.04 -5.53 -47.45
C ARG B 479 -5.77 -4.11 -47.88
N LYS B 480 -4.62 -3.57 -47.48
CA LYS B 480 -4.35 -2.18 -47.76
C LYS B 480 -4.38 -1.97 -49.24
N LEU B 481 -3.75 -2.87 -50.02
CA LEU B 481 -3.70 -2.71 -51.45
C LEU B 481 -5.06 -2.82 -52.05
N ILE B 482 -5.86 -3.82 -51.62
CA ILE B 482 -7.14 -4.05 -52.21
C ILE B 482 -8.01 -2.85 -52.00
N ASP B 483 -8.07 -2.34 -50.75
CA ASP B 483 -8.91 -1.22 -50.47
C ASP B 483 -8.40 -0.04 -51.22
N GLU B 484 -7.07 0.07 -51.34
CA GLU B 484 -6.49 1.21 -51.98
C GLU B 484 -6.93 1.24 -53.41
N LEU B 485 -6.88 0.11 -54.14
CA LEU B 485 -7.27 0.13 -55.52
C LEU B 485 -8.74 0.39 -55.63
N ASP B 486 -9.53 -0.16 -54.70
CA ASP B 486 -10.96 -0.05 -54.76
C ASP B 486 -11.35 1.40 -54.66
N VAL B 487 -10.66 2.19 -53.83
CA VAL B 487 -11.06 3.56 -53.64
C VAL B 487 -11.00 4.34 -54.92
N PRO B 488 -9.95 4.31 -55.70
CA PRO B 488 -10.01 5.06 -56.91
C PRO B 488 -11.04 4.57 -57.86
N ALA B 489 -11.36 3.28 -57.82
CA ALA B 489 -12.41 2.79 -58.67
C ALA B 489 -13.65 3.49 -58.20
N GLN B 490 -13.72 3.71 -56.88
CA GLN B 490 -14.86 4.26 -56.21
C GLN B 490 -15.16 5.64 -56.74
N GLN B 491 -14.13 6.49 -56.97
CA GLN B 491 -14.54 7.77 -57.43
C GLN B 491 -15.03 7.60 -58.83
N VAL B 492 -16.37 7.63 -58.99
CA VAL B 492 -16.94 7.45 -60.29
C VAL B 492 -17.31 8.84 -60.82
N MET B 493 -18.45 9.00 -61.33
N THR C 202 2.03 -47.96 5.67
CA THR C 202 0.64 -48.03 5.25
C THR C 202 0.41 -47.24 3.98
N ASN C 203 -0.58 -47.65 3.20
CA ASN C 203 -0.90 -46.98 1.94
C ASN C 203 -2.16 -47.56 1.32
N ILE C 204 -2.79 -46.80 0.43
CA ILE C 204 -4.01 -47.24 -0.24
C ILE C 204 -3.80 -47.34 -1.75
N ASP C 205 -4.61 -48.18 -2.39
CA ASP C 205 -4.51 -48.36 -3.84
C ASP C 205 -5.87 -48.74 -4.42
N PHE C 206 -6.05 -48.45 -5.71
CA PHE C 206 -7.30 -48.75 -6.39
C PHE C 206 -7.04 -49.45 -7.72
N ARG C 207 -7.95 -50.33 -8.12
CA ARG C 207 -7.82 -51.06 -9.37
C ARG C 207 -9.15 -51.69 -9.79
N LYS C 208 -9.32 -51.91 -11.08
CA LYS C 208 -10.55 -52.51 -11.59
C LYS C 208 -10.30 -53.94 -12.06
N ASP C 209 -11.29 -54.80 -11.88
CA ASP C 209 -11.18 -56.19 -12.28
C ASP C 209 -12.56 -56.80 -12.53
N GLY C 210 -12.60 -58.10 -12.79
CA GLY C 210 -13.86 -58.77 -13.03
C GLY C 210 -14.68 -58.10 -14.12
N LYS C 211 -15.81 -57.52 -13.71
CA LYS C 211 -16.68 -56.82 -14.65
C LYS C 211 -17.13 -55.48 -14.09
N ASN C 212 -16.32 -54.45 -14.32
CA ASN C 212 -16.63 -53.12 -13.83
C ASN C 212 -16.70 -53.09 -12.31
N ALA C 213 -15.72 -53.72 -11.66
CA ALA C 213 -15.67 -53.77 -10.21
C ALA C 213 -14.57 -52.85 -9.68
N GLY C 214 -14.85 -52.18 -8.57
CA GLY C 214 -13.89 -51.28 -7.97
C GLY C 214 -13.15 -51.91 -6.80
N ILE C 215 -11.92 -52.34 -7.04
CA ILE C 215 -11.11 -52.96 -6.01
C ILE C 215 -10.24 -51.93 -5.30
N ILE C 216 -10.16 -52.04 -3.97
CA ILE C 216 -9.36 -51.12 -3.17
C ILE C 216 -8.32 -51.87 -2.36
N GLU C 217 -7.13 -52.03 -2.93
CA GLU C 217 -6.03 -52.73 -2.26
C GLU C 217 -5.36 -51.81 -1.24
N LEU C 218 -5.46 -52.18 0.04
CA LEU C 218 -4.87 -51.39 1.11
C LEU C 218 -3.66 -52.12 1.70
N ALA C 219 -2.59 -51.37 1.94
CA ALA C 219 -1.38 -51.95 2.51
C ALA C 219 -1.33 -51.75 4.02
N ALA C 220 -1.47 -52.84 4.77
CA ALA C 220 -1.45 -52.78 6.23
C ALA C 220 -0.20 -53.45 6.78
N LEU C 221 0.80 -52.64 7.10
CA LEU C 221 2.06 -53.15 7.64
C LEU C 221 2.10 -53.00 9.16
N GLY C 222 2.03 -54.12 9.87
CA GLY C 222 2.06 -54.09 11.31
C GLY C 222 0.72 -54.46 11.93
N PHE C 223 -0.11 -55.16 11.16
CA PHE C 223 -1.43 -55.56 11.64
C PHE C 223 -1.53 -57.07 11.74
N ALA C 224 -2.33 -57.55 12.69
CA ALA C 224 -2.51 -58.99 12.88
C ALA C 224 -3.94 -59.40 12.58
N GLY C 225 -4.87 -59.02 13.45
CA GLY C 225 -6.27 -59.35 13.25
C GLY C 225 -6.86 -58.67 12.03
N GLN C 226 -8.16 -58.36 12.11
CA GLN C 226 -8.85 -57.70 11.01
C GLN C 226 -9.53 -56.42 11.48
N PRO C 227 -9.56 -55.41 10.60
CA PRO C 227 -10.18 -54.12 10.91
C PRO C 227 -11.71 -54.22 10.98
N ASP C 228 -12.35 -53.09 11.26
CA ASP C 228 -13.80 -53.05 11.36
C ASP C 228 -14.42 -52.54 10.06
N ILE C 229 -15.01 -53.45 9.29
CA ILE C 229 -15.64 -53.10 8.02
C ILE C 229 -17.07 -52.64 8.23
N SER C 230 -17.35 -51.39 7.86
CA SER C 230 -18.69 -50.83 8.01
C SER C 230 -19.24 -50.41 6.66
N GLN C 231 -20.04 -51.28 6.06
CA GLN C 231 -20.64 -50.99 4.77
C GLN C 231 -21.86 -50.08 4.92
N GLN C 232 -21.71 -48.84 4.47
CA GLN C 232 -22.79 -47.86 4.56
C GLN C 232 -23.42 -47.62 3.19
N HIS C 233 -24.58 -46.95 3.19
CA HIS C 233 -25.27 -46.66 1.94
C HIS C 233 -24.60 -45.50 1.21
N ASP C 234 -23.72 -44.79 1.90
CA ASP C 234 -23.02 -43.66 1.31
C ASP C 234 -21.59 -44.04 0.96
N HIS C 235 -20.80 -44.40 1.98
CA HIS C 235 -19.41 -44.79 1.78
C HIS C 235 -19.05 -45.98 2.67
N ILE C 236 -17.76 -46.27 2.75
CA ILE C 236 -17.28 -47.38 3.55
C ILE C 236 -16.40 -46.90 4.69
N ILE C 237 -16.27 -47.71 5.74
CA ILE C 237 -15.45 -47.36 6.89
C ILE C 237 -14.57 -48.54 7.31
N VAL C 238 -13.28 -48.27 7.49
CA VAL C 238 -12.33 -49.31 7.90
C VAL C 238 -11.37 -48.77 8.95
N THR C 239 -11.54 -49.25 10.18
CA THR C 239 -10.68 -48.84 11.28
C THR C 239 -9.64 -49.91 11.63
N LEU C 240 -8.41 -49.49 11.86
CA LEU C 240 -7.34 -50.41 12.20
C LEU C 240 -6.66 -50.01 13.50
N LYS C 241 -7.05 -50.66 14.59
CA LYS C 241 -6.48 -50.37 15.90
C LYS C 241 -4.97 -50.58 15.89
N ASN C 242 -4.26 -49.64 16.49
CA ASN C 242 -2.80 -49.72 16.56
C ASN C 242 -2.18 -49.67 15.16
N HIS C 243 -2.90 -49.05 14.22
CA HIS C 243 -2.43 -48.94 12.85
C HIS C 243 -2.39 -47.48 12.40
N THR C 244 -2.31 -46.57 13.37
CA THR C 244 -2.26 -45.15 13.08
C THR C 244 -1.27 -44.84 11.97
N LEU C 245 -1.76 -44.36 10.84
CA LEU C 245 -0.91 -44.03 9.71
C LEU C 245 -0.62 -42.53 9.68
N PRO C 246 0.57 -42.18 9.17
CA PRO C 246 1.01 -40.79 9.07
C PRO C 246 0.22 -40.01 8.01
N THR C 247 0.13 -38.70 8.19
CA THR C 247 -0.60 -37.85 7.25
C THR C 247 0.07 -37.83 5.88
N THR C 248 1.30 -38.36 5.83
CA THR C 248 2.05 -38.40 4.58
C THR C 248 1.71 -39.67 3.79
N LEU C 249 0.71 -40.40 4.25
CA LEU C 249 0.29 -41.62 3.58
C LEU C 249 -1.24 -41.69 3.48
N GLN C 250 -1.90 -40.60 3.86
CA GLN C 250 -3.35 -40.54 3.81
C GLN C 250 -3.83 -39.98 2.47
N ARG C 251 -3.00 -40.14 1.45
CA ARG C 251 -3.34 -39.65 0.12
C ARG C 251 -4.64 -40.26 -0.37
N SER C 252 -5.36 -39.51 -1.19
CA SER C 252 -6.65 -39.98 -1.72
C SER C 252 -6.51 -40.35 -3.20
N LEU C 253 -7.50 -41.07 -3.71
CA LEU C 253 -7.50 -41.49 -5.10
C LEU C 253 -8.32 -40.53 -5.97
N ASP C 254 -8.17 -40.66 -7.29
CA ASP C 254 -8.89 -39.80 -8.22
C ASP C 254 -9.54 -40.64 -9.32
N VAL C 255 -10.07 -41.79 -8.95
CA VAL C 255 -10.72 -42.68 -9.91
C VAL C 255 -12.11 -42.18 -10.28
N ALA C 256 -12.16 -41.00 -10.88
CA ALA C 256 -13.43 -40.40 -11.29
C ALA C 256 -13.78 -40.78 -12.72
N ASP C 257 -15.04 -41.14 -12.95
CA ASP C 257 -15.51 -41.51 -14.27
C ASP C 257 -14.81 -42.80 -14.75
N PHE C 258 -14.54 -43.70 -13.81
CA PHE C 258 -13.88 -44.96 -14.13
C PHE C 258 -14.90 -46.06 -14.42
N LYS C 259 -16.18 -45.68 -14.46
CA LYS C 259 -17.25 -46.62 -14.72
C LYS C 259 -17.27 -47.72 -13.67
N THR C 260 -17.18 -47.32 -12.41
CA THR C 260 -17.19 -48.28 -11.30
C THR C 260 -18.11 -47.81 -10.18
N PRO C 261 -18.49 -48.74 -9.29
CA PRO C 261 -19.37 -48.43 -8.16
C PRO C 261 -18.68 -47.59 -7.10
N VAL C 262 -17.36 -47.50 -7.19
CA VAL C 262 -16.57 -46.72 -6.24
C VAL C 262 -16.34 -45.30 -6.75
N GLN C 263 -17.00 -44.34 -6.13
CA GLN C 263 -16.87 -42.94 -6.51
C GLN C 263 -15.41 -42.50 -6.45
N LYS C 264 -14.80 -42.65 -5.28
CA LYS C 264 -13.42 -42.27 -5.08
C LYS C 264 -12.92 -42.70 -3.70
N VAL C 265 -11.68 -43.18 -3.64
CA VAL C 265 -11.09 -43.63 -2.39
C VAL C 265 -10.45 -42.46 -1.65
N THR C 266 -10.64 -42.42 -0.34
CA THR C 266 -10.08 -41.36 0.49
C THR C 266 -9.47 -41.93 1.77
N LEU C 267 -8.20 -41.62 2.01
CA LEU C 267 -7.51 -42.10 3.20
C LEU C 267 -7.34 -40.97 4.22
N LYS C 268 -7.60 -41.27 5.48
CA LYS C 268 -7.47 -40.29 6.56
C LYS C 268 -6.88 -40.92 7.81
N ARG C 269 -5.90 -40.25 8.39
CA ARG C 269 -5.25 -40.75 9.60
C ARG C 269 -6.11 -40.49 10.83
N LEU C 270 -6.33 -41.53 11.63
CA LEU C 270 -7.13 -41.42 12.83
C LEU C 270 -6.26 -41.17 14.05
N ASN C 271 -6.90 -40.99 15.21
CA ASN C 271 -6.18 -40.73 16.46
C ASN C 271 -5.08 -41.77 16.66
N ASN C 272 -5.48 -43.02 16.84
CA ASN C 272 -4.53 -44.11 17.06
C ASN C 272 -4.74 -45.22 16.04
N ASP C 273 -5.75 -45.06 15.18
CA ASP C 273 -6.05 -46.05 14.16
C ASP C 273 -6.01 -45.43 12.78
N THR C 274 -6.42 -46.20 11.77
CA THR C 274 -6.43 -45.72 10.39
C THR C 274 -7.80 -45.89 9.76
N GLN C 275 -8.53 -44.78 9.64
CA GLN C 275 -9.87 -44.80 9.05
C GLN C 275 -9.79 -44.68 7.54
N LEU C 276 -10.68 -45.39 6.85
CA LEU C 276 -10.72 -45.35 5.39
C LEU C 276 -12.12 -44.99 4.88
N ILE C 277 -12.17 -44.10 3.89
CA ILE C 277 -13.43 -43.67 3.32
C ILE C 277 -13.50 -43.98 1.84
N ILE C 278 -14.35 -44.95 1.48
CA ILE C 278 -14.51 -45.34 0.08
C ILE C 278 -15.90 -44.99 -0.42
N THR C 279 -16.06 -43.77 -0.91
CA THR C 279 -17.34 -43.31 -1.44
C THR C 279 -17.85 -44.23 -2.54
N THR C 280 -19.15 -44.50 -2.54
CA THR C 280 -19.75 -45.36 -3.54
C THR C 280 -21.01 -44.72 -4.13
N ALA C 281 -21.66 -45.44 -5.04
CA ALA C 281 -22.87 -44.95 -5.68
C ALA C 281 -23.79 -46.09 -6.08
N GLY C 282 -25.09 -45.83 -6.09
CA GLY C 282 -26.05 -46.86 -6.44
C GLY C 282 -25.87 -48.13 -5.66
N ASN C 283 -26.63 -49.17 -6.01
CA ASN C 283 -26.55 -50.45 -5.33
C ASN C 283 -25.21 -51.13 -5.60
N TRP C 284 -24.60 -51.68 -4.55
CA TRP C 284 -23.32 -52.36 -4.69
C TRP C 284 -23.10 -53.33 -3.53
N GLU C 285 -22.03 -54.11 -3.61
CA GLU C 285 -21.71 -55.09 -2.57
C GLU C 285 -20.22 -55.02 -2.20
N LEU C 286 -19.94 -55.16 -0.92
CA LEU C 286 -18.56 -55.12 -0.44
C LEU C 286 -18.02 -56.52 -0.21
N VAL C 287 -16.76 -56.75 -0.60
CA VAL C 287 -16.13 -58.05 -0.43
C VAL C 287 -14.67 -57.90 -0.01
N ASN C 288 -14.39 -58.26 1.24
CA ASN C 288 -13.03 -58.16 1.77
C ASN C 288 -12.25 -59.44 1.50
N LYS C 289 -10.97 -59.28 1.16
CA LYS C 289 -10.11 -60.42 0.87
C LYS C 289 -8.76 -60.27 1.54
N SER C 290 -8.31 -61.32 2.24
CA SER C 290 -7.03 -61.29 2.93
C SER C 290 -6.07 -62.31 2.34
N ALA C 291 -5.26 -61.88 1.37
CA ALA C 291 -4.30 -62.75 0.72
C ALA C 291 -3.10 -63.01 1.63
N ALA C 292 -3.03 -62.29 2.75
CA ALA C 292 -1.94 -62.45 3.69
C ALA C 292 -2.14 -61.56 4.91
N PRO C 293 -1.43 -61.88 6.01
CA PRO C 293 -1.53 -61.13 7.26
C PRO C 293 -0.89 -59.75 7.15
N GLY C 294 -1.61 -58.82 6.53
CA GLY C 294 -1.09 -57.47 6.36
C GLY C 294 -1.65 -56.78 5.14
N TYR C 295 -2.01 -57.57 4.14
CA TYR C 295 -2.55 -57.03 2.89
C TYR C 295 -4.07 -57.14 2.87
N PHE C 296 -4.75 -55.99 2.84
CA PHE C 296 -6.21 -55.96 2.82
C PHE C 296 -6.72 -55.52 1.45
N THR C 297 -7.89 -56.03 1.08
CA THR C 297 -8.50 -55.69 -0.21
C THR C 297 -10.01 -55.55 -0.08
N PHE C 298 -10.59 -54.72 -0.94
CA PHE C 298 -12.03 -54.50 -0.93
C PHE C 298 -12.59 -54.50 -2.35
N GLN C 299 -13.26 -55.59 -2.71
CA GLN C 299 -13.85 -55.72 -4.04
C GLN C 299 -15.25 -55.11 -4.08
N VAL C 300 -15.34 -53.88 -4.55
CA VAL C 300 -16.62 -53.19 -4.64
C VAL C 300 -17.31 -53.46 -5.96
N LEU C 301 -18.26 -54.39 -5.96
CA LEU C 301 -19.00 -54.75 -7.16
C LEU C 301 -20.38 -54.11 -7.18
N PHE C 319 -44.05 -32.95 -35.45
CA PHE C 319 -43.98 -32.89 -33.97
C PHE C 319 -45.24 -33.44 -33.39
N THR C 320 -45.51 -34.73 -33.65
CA THR C 320 -46.64 -35.34 -33.04
C THR C 320 -46.47 -36.78 -33.36
N GLY C 321 -46.47 -37.66 -32.34
CA GLY C 321 -46.23 -39.02 -32.70
C GLY C 321 -46.78 -39.92 -31.65
N ARG C 322 -46.65 -41.24 -31.90
CA ARG C 322 -47.15 -42.25 -31.03
C ARG C 322 -46.38 -42.18 -29.74
N LYS C 323 -46.99 -42.64 -28.64
CA LYS C 323 -46.30 -42.61 -27.39
C LYS C 323 -45.37 -43.78 -27.35
N ILE C 324 -44.14 -43.58 -26.82
CA ILE C 324 -43.20 -44.65 -26.69
C ILE C 324 -42.47 -44.44 -25.39
N SER C 325 -41.79 -45.48 -24.87
CA SER C 325 -40.94 -45.26 -23.73
C SER C 325 -39.55 -45.47 -24.26
N LEU C 326 -38.66 -44.49 -24.09
CA LEU C 326 -37.35 -44.66 -24.68
C LEU C 326 -36.36 -45.03 -23.63
N ASP C 327 -35.84 -46.26 -23.72
CA ASP C 327 -34.83 -46.69 -22.79
C ASP C 327 -33.63 -47.06 -23.59
N PHE C 328 -32.56 -46.24 -23.55
CA PHE C 328 -31.38 -46.59 -24.27
C PHE C 328 -30.25 -46.57 -23.29
N GLN C 329 -29.59 -47.72 -23.08
CA GLN C 329 -28.51 -47.75 -22.14
C GLN C 329 -27.22 -47.81 -22.88
N ASP C 330 -26.44 -46.73 -22.73
CA ASP C 330 -25.13 -46.58 -23.31
C ASP C 330 -25.15 -47.03 -24.74
N VAL C 331 -25.93 -46.32 -25.59
CA VAL C 331 -26.00 -46.70 -26.97
C VAL C 331 -25.68 -45.51 -27.81
N GLU C 332 -25.21 -45.74 -29.06
CA GLU C 332 -24.86 -44.65 -29.91
C GLU C 332 -26.12 -43.93 -30.26
N ILE C 333 -26.03 -42.59 -30.36
CA ILE C 333 -27.14 -41.75 -30.69
C ILE C 333 -27.61 -42.17 -32.04
N ARG C 334 -26.65 -42.58 -32.89
CA ARG C 334 -26.98 -42.93 -34.23
C ARG C 334 -27.93 -44.09 -34.21
N THR C 335 -27.69 -45.07 -33.33
CA THR C 335 -28.54 -46.22 -33.25
C THR C 335 -29.89 -45.78 -32.76
N ILE C 336 -29.93 -44.87 -31.77
CA ILE C 336 -31.19 -44.43 -31.27
C ILE C 336 -31.93 -43.74 -32.37
N LEU C 337 -31.19 -43.07 -33.25
CA LEU C 337 -31.78 -42.37 -34.35
C LEU C 337 -32.47 -43.38 -35.25
N GLN C 338 -31.80 -44.50 -35.55
CA GLN C 338 -32.31 -45.52 -36.43
C GLN C 338 -33.51 -46.17 -35.82
N ILE C 339 -33.43 -46.44 -34.51
CA ILE C 339 -34.45 -47.17 -33.81
C ILE C 339 -35.73 -46.42 -33.91
N LEU C 340 -35.67 -45.09 -33.71
CA LEU C 340 -36.83 -44.26 -33.76
C LEU C 340 -37.44 -44.31 -35.13
N ALA C 341 -36.60 -44.28 -36.17
CA ALA C 341 -37.06 -44.29 -37.54
C ALA C 341 -37.78 -45.58 -37.80
N LYS C 342 -37.25 -46.69 -37.24
CA LYS C 342 -37.78 -48.02 -37.43
C LYS C 342 -39.16 -48.06 -36.81
N GLU C 343 -39.34 -47.23 -35.77
CA GLU C 343 -40.53 -47.05 -34.99
C GLU C 343 -41.58 -46.39 -35.81
N SER C 344 -41.27 -46.13 -37.10
CA SER C 344 -42.16 -45.45 -37.99
C SER C 344 -42.10 -44.00 -37.66
N GLY C 345 -41.05 -43.58 -36.94
CA GLY C 345 -40.88 -42.19 -36.68
C GLY C 345 -39.99 -41.63 -37.75
N MET C 346 -40.60 -41.19 -38.87
CA MET C 346 -39.85 -40.55 -39.92
C MET C 346 -38.73 -41.43 -40.38
N ASN C 347 -37.94 -40.90 -41.33
CA ASN C 347 -36.74 -41.54 -41.76
C ASN C 347 -35.62 -40.63 -41.35
N ILE C 348 -34.88 -41.01 -40.29
CA ILE C 348 -33.89 -40.11 -39.78
C ILE C 348 -32.54 -40.55 -40.24
N VAL C 349 -31.79 -39.63 -40.88
CA VAL C 349 -30.47 -39.93 -41.33
C VAL C 349 -29.56 -38.88 -40.76
N ALA C 350 -28.51 -39.31 -40.05
CA ALA C 350 -27.60 -38.40 -39.45
C ALA C 350 -26.52 -38.11 -40.44
N SER C 351 -25.60 -37.23 -40.03
CA SER C 351 -24.42 -36.97 -40.80
C SER C 351 -23.58 -38.16 -40.49
N ASP C 352 -22.27 -38.09 -40.75
CA ASP C 352 -21.55 -39.27 -40.35
C ASP C 352 -21.14 -39.29 -38.91
N SER C 353 -20.31 -38.30 -38.49
CA SER C 353 -19.78 -38.34 -37.14
C SER C 353 -20.41 -37.23 -36.40
N VAL C 354 -21.61 -37.51 -35.89
CA VAL C 354 -22.42 -36.57 -35.19
C VAL C 354 -22.02 -36.35 -33.76
N ASN C 355 -21.57 -37.42 -33.06
CA ASN C 355 -21.39 -37.24 -31.65
C ASN C 355 -20.76 -38.46 -31.10
N GLY C 356 -21.55 -39.23 -30.33
CA GLY C 356 -21.10 -40.42 -29.69
C GLY C 356 -22.32 -41.13 -29.18
N LYS C 357 -22.17 -41.78 -28.02
CA LYS C 357 -23.16 -42.61 -27.40
C LYS C 357 -23.77 -41.84 -26.25
N MET C 358 -25.04 -42.14 -25.89
CA MET C 358 -25.67 -41.45 -24.79
C MET C 358 -26.61 -42.38 -24.09
N THR C 359 -26.95 -42.08 -22.81
CA THR C 359 -27.87 -42.93 -22.10
C THR C 359 -29.05 -42.13 -21.63
N LEU C 360 -30.26 -42.50 -22.07
CA LEU C 360 -31.47 -41.87 -21.59
C LEU C 360 -32.47 -42.93 -21.30
N SER C 361 -33.37 -42.65 -20.32
CA SER C 361 -34.45 -43.56 -20.02
C SER C 361 -35.66 -42.72 -19.78
N LEU C 362 -36.69 -42.87 -20.65
CA LEU C 362 -37.90 -42.10 -20.53
C LEU C 362 -39.05 -43.05 -20.59
N LYS C 363 -40.22 -42.59 -20.10
CA LYS C 363 -41.41 -43.40 -20.13
C LYS C 363 -42.55 -42.51 -20.49
N ASP C 364 -43.54 -43.07 -21.22
CA ASP C 364 -44.73 -42.35 -21.59
C ASP C 364 -44.41 -41.08 -22.30
N VAL C 365 -43.61 -41.14 -23.38
CA VAL C 365 -43.32 -39.92 -24.11
C VAL C 365 -43.35 -40.22 -25.58
N PRO C 366 -43.95 -39.37 -26.36
CA PRO C 366 -44.00 -39.58 -27.78
C PRO C 366 -42.60 -39.49 -28.30
N TRP C 367 -42.27 -40.26 -29.36
CA TRP C 367 -40.94 -40.31 -29.85
C TRP C 367 -40.49 -38.95 -30.28
N ASP C 368 -41.42 -38.14 -30.84
CA ASP C 368 -41.03 -36.83 -31.26
C ASP C 368 -40.60 -36.03 -30.07
N GLN C 369 -41.33 -36.11 -28.94
CA GLN C 369 -40.96 -35.34 -27.78
C GLN C 369 -39.65 -35.85 -27.24
N ALA C 370 -39.50 -37.19 -27.15
CA ALA C 370 -38.32 -37.78 -26.58
C ALA C 370 -37.16 -37.35 -27.41
N LEU C 371 -37.37 -37.24 -28.74
CA LEU C 371 -36.31 -36.86 -29.61
C LEU C 371 -35.79 -35.51 -29.20
N ASP C 372 -36.69 -34.55 -28.90
CA ASP C 372 -36.23 -33.24 -28.56
C ASP C 372 -35.44 -33.32 -27.29
N LEU C 373 -35.91 -34.14 -26.34
CA LEU C 373 -35.25 -34.24 -25.07
C LEU C 373 -33.91 -34.84 -25.32
N VAL C 374 -33.84 -35.82 -26.23
CA VAL C 374 -32.63 -36.52 -26.53
C VAL C 374 -31.63 -35.54 -27.07
N MET C 375 -32.09 -34.61 -27.92
CA MET C 375 -31.21 -33.69 -28.58
C MET C 375 -30.50 -32.87 -27.55
N GLN C 376 -31.24 -32.40 -26.54
CA GLN C 376 -30.78 -31.50 -25.50
C GLN C 376 -29.73 -32.13 -24.66
N ALA C 377 -29.83 -33.47 -24.44
CA ALA C 377 -28.98 -34.13 -23.49
C ALA C 377 -27.54 -33.95 -23.84
N ARG C 378 -27.19 -34.04 -25.14
CA ARG C 378 -25.83 -33.84 -25.53
C ARG C 378 -25.85 -34.00 -27.00
N ASN C 379 -26.98 -34.57 -27.45
CA ASN C 379 -27.22 -34.94 -28.81
C ASN C 379 -27.37 -33.73 -29.66
N LEU C 380 -27.71 -34.01 -30.94
CA LEU C 380 -27.75 -33.10 -32.03
C LEU C 380 -29.07 -32.41 -32.16
N ASP C 381 -29.12 -31.48 -33.14
CA ASP C 381 -30.29 -30.76 -33.52
C ASP C 381 -30.78 -31.42 -34.78
N MET C 382 -32.05 -31.23 -35.15
CA MET C 382 -32.58 -31.93 -36.30
C MET C 382 -33.10 -30.96 -37.31
N ARG C 383 -32.93 -31.32 -38.60
CA ARG C 383 -33.50 -30.55 -39.68
C ARG C 383 -34.24 -31.54 -40.52
N GLN C 384 -35.43 -31.18 -41.03
CA GLN C 384 -36.15 -32.16 -41.78
C GLN C 384 -36.33 -31.68 -43.19
N GLN C 385 -35.97 -32.55 -44.15
CA GLN C 385 -36.19 -32.34 -45.56
C GLN C 385 -37.65 -32.49 -45.83
N GLY C 386 -38.30 -33.40 -45.07
CA GLY C 386 -39.71 -33.68 -45.20
C GLY C 386 -39.88 -35.17 -45.17
N ASN C 387 -39.41 -35.91 -46.19
CA ASN C 387 -39.50 -37.34 -46.11
C ASN C 387 -38.39 -37.83 -45.22
N ILE C 388 -37.19 -37.29 -45.41
CA ILE C 388 -36.06 -37.76 -44.67
C ILE C 388 -35.58 -36.63 -43.82
N VAL C 389 -35.05 -36.96 -42.64
CA VAL C 389 -34.58 -35.93 -41.75
C VAL C 389 -33.12 -36.09 -41.54
N ASN C 390 -32.39 -34.94 -41.56
CA ASN C 390 -30.98 -35.02 -41.34
C ASN C 390 -30.72 -34.39 -40.00
N ILE C 391 -29.95 -35.11 -39.16
CA ILE C 391 -29.59 -34.61 -37.86
C ILE C 391 -28.11 -34.45 -37.84
N ALA C 392 -27.65 -33.28 -37.33
CA ALA C 392 -26.24 -33.00 -37.35
C ALA C 392 -25.82 -32.51 -36.00
N PRO C 393 -24.53 -32.64 -35.83
CA PRO C 393 -23.79 -32.30 -34.65
C PRO C 393 -23.77 -30.84 -34.41
N ARG C 394 -24.57 -30.06 -35.17
CA ARG C 394 -24.62 -28.64 -34.95
C ARG C 394 -25.12 -28.49 -33.55
N ASP C 395 -24.20 -28.36 -32.58
CA ASP C 395 -24.55 -28.30 -31.19
C ASP C 395 -23.60 -27.38 -30.53
N GLU C 396 -24.13 -26.57 -29.61
CA GLU C 396 -23.34 -25.63 -28.88
C GLU C 396 -22.32 -26.33 -28.05
N LEU C 397 -22.79 -27.27 -27.21
CA LEU C 397 -21.93 -27.82 -26.21
C LEU C 397 -20.82 -28.69 -26.70
N LEU C 398 -21.09 -29.71 -27.53
CA LEU C 398 -20.02 -30.63 -27.78
C LEU C 398 -18.89 -30.02 -28.52
N ALA C 399 -19.19 -29.33 -29.63
CA ALA C 399 -18.10 -28.87 -30.44
C ALA C 399 -17.29 -27.92 -29.64
N LYS C 400 -17.95 -26.96 -28.98
CA LYS C 400 -17.14 -26.02 -28.30
C LYS C 400 -16.50 -26.56 -27.08
N ASP C 401 -17.18 -27.46 -26.35
CA ASP C 401 -16.65 -27.92 -25.10
C ASP C 401 -15.32 -28.53 -25.36
N LYS C 402 -15.25 -29.36 -26.42
CA LYS C 402 -14.04 -30.03 -26.74
C LYS C 402 -13.02 -29.02 -27.15
N ALA C 403 -13.45 -28.00 -27.90
CA ALA C 403 -12.55 -26.98 -28.36
C ALA C 403 -11.97 -26.28 -27.16
N PHE C 404 -12.79 -26.06 -26.11
CA PHE C 404 -12.31 -25.34 -24.97
C PHE C 404 -11.18 -26.10 -24.36
N LEU C 405 -11.37 -27.41 -24.19
CA LEU C 405 -10.39 -28.20 -23.53
C LEU C 405 -9.15 -28.16 -24.36
N GLN C 406 -9.32 -28.15 -25.68
CA GLN C 406 -8.20 -28.15 -26.58
C GLN C 406 -7.39 -26.91 -26.36
N ALA C 407 -8.04 -25.75 -26.17
CA ALA C 407 -7.31 -24.52 -26.03
C ALA C 407 -6.50 -24.53 -24.77
N GLU C 408 -5.23 -24.09 -24.90
CA GLU C 408 -4.31 -24.02 -23.80
C GLU C 408 -4.71 -22.92 -22.87
N LYS C 409 -5.14 -21.77 -23.43
CA LYS C 409 -5.45 -20.65 -22.60
C LYS C 409 -6.69 -20.92 -21.81
N ASP C 410 -6.67 -20.47 -20.54
CA ASP C 410 -7.75 -20.67 -19.62
C ASP C 410 -8.94 -19.91 -20.10
N ILE C 411 -8.71 -18.68 -20.62
CA ILE C 411 -9.79 -17.86 -21.08
C ILE C 411 -10.46 -18.57 -22.20
N ALA C 412 -9.68 -19.24 -23.04
CA ALA C 412 -10.19 -19.94 -24.19
C ALA C 412 -11.15 -20.98 -23.70
N ASP C 413 -10.90 -21.52 -22.50
CA ASP C 413 -11.76 -22.52 -21.95
C ASP C 413 -13.13 -21.92 -21.93
N LEU C 414 -13.22 -20.58 -21.80
CA LEU C 414 -14.52 -19.99 -21.89
C LEU C 414 -14.62 -19.41 -23.27
N GLY C 415 -15.61 -19.87 -24.05
CA GLY C 415 -15.81 -19.40 -25.40
C GLY C 415 -17.12 -19.95 -25.82
N ALA C 416 -17.57 -19.67 -27.06
CA ALA C 416 -18.84 -20.26 -27.32
C ALA C 416 -19.19 -20.29 -28.76
N LEU C 417 -19.96 -21.34 -29.11
CA LEU C 417 -20.60 -21.34 -30.38
C LEU C 417 -21.92 -20.76 -30.04
N TYR C 418 -22.46 -19.87 -30.88
CA TYR C 418 -23.67 -19.26 -30.43
C TYR C 418 -24.61 -19.26 -31.59
N SER C 419 -25.89 -18.90 -31.33
CA SER C 419 -26.82 -18.84 -32.41
C SER C 419 -27.31 -17.44 -32.47
N GLN C 420 -27.52 -16.92 -33.69
CA GLN C 420 -28.00 -15.58 -33.79
C GLN C 420 -28.96 -15.53 -34.93
N ASN C 421 -29.91 -14.57 -34.89
CA ASN C 421 -30.87 -14.45 -35.94
C ASN C 421 -30.57 -13.19 -36.69
N PHE C 422 -30.51 -13.28 -38.03
CA PHE C 422 -30.20 -12.15 -38.84
C PHE C 422 -31.46 -11.78 -39.55
N GLN C 423 -31.91 -10.53 -39.42
CA GLN C 423 -33.09 -10.10 -40.12
C GLN C 423 -32.63 -9.67 -41.48
N LEU C 424 -33.42 -9.96 -42.53
CA LEU C 424 -33.08 -9.53 -43.87
C LEU C 424 -34.21 -8.66 -44.33
N LYS C 425 -34.07 -7.33 -44.24
CA LYS C 425 -35.15 -6.49 -44.66
C LYS C 425 -35.28 -6.39 -46.15
N TYR C 426 -34.19 -5.96 -46.82
CA TYR C 426 -34.19 -5.64 -48.22
C TYR C 426 -34.19 -6.79 -49.19
N LYS C 427 -33.40 -7.86 -48.93
CA LYS C 427 -33.25 -8.86 -49.95
C LYS C 427 -33.84 -10.16 -49.53
N ASN C 428 -34.11 -11.03 -50.52
CA ASN C 428 -34.65 -12.33 -50.23
C ASN C 428 -33.55 -13.20 -49.71
N VAL C 429 -33.91 -14.07 -48.76
CA VAL C 429 -33.00 -14.90 -48.03
C VAL C 429 -32.30 -15.88 -48.93
N GLU C 430 -33.04 -16.44 -49.89
CA GLU C 430 -32.55 -17.48 -50.75
C GLU C 430 -31.42 -16.97 -51.60
N GLU C 431 -31.43 -15.69 -51.95
CA GLU C 431 -30.42 -15.16 -52.83
C GLU C 431 -29.08 -15.28 -52.17
N PHE C 432 -29.04 -15.13 -50.84
CA PHE C 432 -27.85 -15.20 -50.04
C PHE C 432 -27.27 -16.58 -50.06
N ARG C 433 -28.11 -17.61 -50.28
CA ARG C 433 -27.72 -18.99 -50.10
C ARG C 433 -26.45 -19.30 -50.82
N SER C 434 -26.29 -18.88 -52.08
CA SER C 434 -25.12 -19.26 -52.82
C SER C 434 -23.89 -18.81 -52.09
N ILE C 435 -23.84 -17.53 -51.70
CA ILE C 435 -22.65 -17.01 -51.07
C ILE C 435 -22.44 -17.65 -49.74
N LEU C 436 -23.50 -17.80 -48.94
CA LEU C 436 -23.36 -18.31 -47.60
C LEU C 436 -22.89 -19.73 -47.65
N ARG C 437 -23.37 -20.50 -48.63
CA ARG C 437 -22.96 -21.87 -48.74
C ARG C 437 -21.48 -21.89 -48.98
N LEU C 438 -21.00 -20.99 -49.85
CA LEU C 438 -19.61 -20.98 -50.23
C LEU C 438 -18.74 -20.67 -49.04
N ASP C 439 -19.04 -19.60 -48.28
CA ASP C 439 -18.18 -19.24 -47.19
C ASP C 439 -18.24 -20.28 -46.13
N ASN C 440 -19.41 -20.92 -46.00
CA ASN C 440 -19.60 -21.90 -44.99
C ASN C 440 -18.70 -23.06 -45.31
N ALA C 441 -18.50 -23.33 -46.62
CA ALA C 441 -17.67 -24.46 -46.91
C ALA C 441 -16.26 -24.03 -46.83
N ASP C 442 -15.68 -24.13 -45.61
CA ASP C 442 -14.29 -23.86 -45.49
C ASP C 442 -13.72 -25.25 -45.48
N THR C 443 -14.24 -26.06 -46.42
CA THR C 443 -13.84 -27.42 -46.64
C THR C 443 -14.23 -27.69 -48.04
N THR C 444 -13.82 -28.86 -48.58
CA THR C 444 -14.19 -29.14 -49.93
C THR C 444 -15.59 -29.69 -49.90
N GLY C 445 -16.45 -29.19 -50.81
CA GLY C 445 -17.80 -29.68 -50.87
C GLY C 445 -18.42 -29.02 -52.06
N ASN C 446 -18.88 -29.83 -53.02
CA ASN C 446 -19.43 -29.29 -54.23
C ASN C 446 -20.68 -28.54 -53.88
N ARG C 447 -21.59 -29.15 -53.09
CA ARG C 447 -22.79 -28.44 -52.79
C ARG C 447 -23.41 -29.07 -51.58
N ASN C 448 -23.37 -28.39 -50.41
CA ASN C 448 -23.98 -28.95 -49.23
C ASN C 448 -24.66 -27.84 -48.49
N THR C 449 -25.93 -28.05 -48.10
CA THR C 449 -26.60 -27.06 -47.32
C THR C 449 -25.95 -27.02 -45.97
N LEU C 450 -25.72 -28.21 -45.37
CA LEU C 450 -25.04 -28.31 -44.12
C LEU C 450 -23.60 -28.19 -44.47
N ILE C 451 -22.75 -27.70 -43.55
CA ILE C 451 -21.44 -27.60 -44.10
C ILE C 451 -20.42 -27.88 -43.05
N SER C 452 -19.15 -27.94 -43.46
CA SER C 452 -18.10 -28.21 -42.53
C SER C 452 -17.67 -26.97 -41.87
N GLY C 453 -16.45 -27.00 -41.31
CA GLY C 453 -16.00 -25.91 -40.52
C GLY C 453 -16.46 -26.24 -39.15
N ARG C 454 -16.61 -27.55 -38.91
CA ARG C 454 -16.98 -28.12 -37.65
C ARG C 454 -18.30 -27.63 -37.12
N GLY C 455 -19.39 -27.91 -37.86
CA GLY C 455 -20.70 -27.68 -37.30
C GLY C 455 -21.24 -26.29 -37.47
N SER C 456 -21.01 -25.64 -38.62
CA SER C 456 -21.62 -24.36 -38.79
C SER C 456 -22.86 -24.59 -39.61
N VAL C 457 -23.96 -23.86 -39.31
CA VAL C 457 -25.15 -24.13 -40.07
C VAL C 457 -25.89 -22.87 -40.30
N LEU C 458 -26.56 -22.78 -41.45
CA LEU C 458 -27.41 -21.66 -41.73
C LEU C 458 -28.78 -22.19 -41.98
N ILE C 459 -29.80 -21.58 -41.35
CA ILE C 459 -31.15 -22.05 -41.54
C ILE C 459 -31.98 -20.89 -41.98
N ASP C 460 -32.95 -21.15 -42.89
CA ASP C 460 -33.76 -20.09 -43.42
C ASP C 460 -35.18 -20.23 -42.92
N PRO C 461 -35.55 -19.31 -42.10
CA PRO C 461 -36.94 -19.26 -41.69
C PRO C 461 -37.84 -18.64 -42.72
N ALA C 462 -39.15 -18.93 -42.61
CA ALA C 462 -40.17 -18.52 -43.53
C ALA C 462 -40.30 -17.03 -43.55
N THR C 463 -40.14 -16.35 -42.39
CA THR C 463 -40.36 -14.94 -42.44
C THR C 463 -39.09 -14.27 -42.84
N ASN C 464 -38.39 -14.84 -43.83
CA ASN C 464 -37.19 -14.30 -44.40
C ASN C 464 -36.25 -13.76 -43.38
N THR C 465 -35.79 -14.62 -42.46
CA THR C 465 -34.75 -14.25 -41.56
C THR C 465 -33.81 -15.40 -41.64
N LEU C 466 -32.51 -15.19 -41.34
CA LEU C 466 -31.57 -16.28 -41.38
C LEU C 466 -31.14 -16.54 -39.98
N ILE C 467 -31.01 -17.82 -39.60
CA ILE C 467 -30.54 -18.13 -38.28
C ILE C 467 -29.25 -18.85 -38.47
N VAL C 468 -28.19 -18.41 -37.77
CA VAL C 468 -26.98 -19.14 -37.95
C VAL C 468 -26.54 -19.67 -36.63
N THR C 469 -26.07 -20.94 -36.64
CA THR C 469 -25.60 -21.56 -35.45
C THR C 469 -24.20 -22.01 -35.71
N ASP C 470 -23.23 -21.54 -34.89
CA ASP C 470 -21.89 -21.99 -35.14
C ASP C 470 -20.97 -21.25 -34.21
N THR C 471 -19.67 -21.30 -34.53
CA THR C 471 -18.68 -20.64 -33.73
C THR C 471 -18.81 -19.17 -33.98
N ARG C 472 -18.36 -18.35 -33.01
CA ARG C 472 -18.50 -16.93 -33.10
C ARG C 472 -17.77 -16.42 -34.30
N SER C 473 -16.57 -16.94 -34.57
CA SER C 473 -15.82 -16.42 -35.68
C SER C 473 -16.60 -16.63 -36.94
N VAL C 474 -17.12 -17.85 -37.16
CA VAL C 474 -17.82 -18.17 -38.37
C VAL C 474 -19.07 -17.35 -38.44
N ILE C 475 -19.78 -17.18 -37.31
CA ILE C 475 -21.01 -16.43 -37.32
C ILE C 475 -20.73 -15.01 -37.68
N GLU C 476 -19.62 -14.44 -37.20
CA GLU C 476 -19.30 -13.08 -37.49
C GLU C 476 -19.16 -12.91 -38.96
N LYS C 477 -18.47 -13.86 -39.63
CA LYS C 477 -18.21 -13.74 -41.02
C LYS C 477 -19.52 -13.72 -41.75
N PHE C 478 -20.41 -14.66 -41.40
CA PHE C 478 -21.67 -14.79 -42.07
C PHE C 478 -22.49 -13.55 -41.89
N ARG C 479 -22.46 -12.96 -40.69
CA ARG C 479 -23.27 -11.78 -40.47
C ARG C 479 -22.79 -10.67 -41.34
N LYS C 480 -21.46 -10.50 -41.44
CA LYS C 480 -20.93 -9.38 -42.17
C LYS C 480 -21.40 -9.46 -43.59
N LEU C 481 -21.35 -10.64 -44.21
CA LEU C 481 -21.76 -10.79 -45.58
C LEU C 481 -23.22 -10.52 -45.75
N ILE C 482 -24.07 -11.07 -44.85
CA ILE C 482 -25.48 -10.93 -44.99
C ILE C 482 -25.86 -9.48 -44.92
N ASP C 483 -25.33 -8.77 -43.91
CA ASP C 483 -25.68 -7.39 -43.75
C ASP C 483 -25.15 -6.63 -44.91
N GLU C 484 -23.97 -7.03 -45.41
CA GLU C 484 -23.36 -6.31 -46.48
C GLU C 484 -24.23 -6.39 -47.69
N LEU C 485 -24.75 -7.58 -48.04
CA LEU C 485 -25.58 -7.68 -49.22
C LEU C 485 -26.85 -6.94 -49.01
N ASP C 486 -27.40 -6.98 -47.78
CA ASP C 486 -28.67 -6.38 -47.50
C ASP C 486 -28.58 -4.90 -47.73
N VAL C 487 -27.45 -4.27 -47.38
CA VAL C 487 -27.36 -2.84 -47.49
C VAL C 487 -27.54 -2.39 -48.92
N PRO C 488 -26.86 -2.93 -49.90
CA PRO C 488 -27.13 -2.46 -51.22
C PRO C 488 -28.51 -2.70 -51.68
N ALA C 489 -29.15 -3.77 -51.18
CA ALA C 489 -30.52 -4.00 -51.54
C ALA C 489 -31.27 -2.83 -50.99
N GLN C 490 -30.81 -2.35 -49.81
CA GLN C 490 -31.46 -1.32 -49.07
C GLN C 490 -31.52 -0.05 -49.87
N GLN C 491 -30.44 0.32 -50.60
CA GLN C 491 -30.61 1.55 -51.29
C GLN C 491 -31.58 1.31 -52.40
N VAL C 492 -32.83 1.79 -52.20
CA VAL C 492 -33.84 1.58 -53.20
C VAL C 492 -33.96 2.88 -53.99
N MET C 493 -35.11 3.35 -54.20
N THR D 202 -9.62 -43.56 18.62
CA THR D 202 -11.03 -43.20 18.62
C THR D 202 -11.45 -42.64 17.27
N ASN D 203 -12.72 -42.81 16.93
CA ASN D 203 -13.26 -42.31 15.67
C ASN D 203 -14.76 -42.52 15.60
N ILE D 204 -15.42 -41.75 14.73
CA ILE D 204 -16.86 -41.85 14.55
C ILE D 204 -17.22 -42.30 13.14
N ASP D 205 -18.40 -42.90 13.00
CA ASP D 205 -18.87 -43.37 11.70
C ASP D 205 -20.39 -43.34 11.63
N PHE D 206 -20.91 -43.25 10.41
CA PHE D 206 -22.36 -43.21 10.20
C PHE D 206 -22.78 -44.20 9.10
N ARG D 207 -23.97 -44.75 9.24
CA ARG D 207 -24.48 -45.70 8.26
C ARG D 207 -26.00 -45.87 8.42
N LYS D 208 -26.66 -46.26 7.33
CA LYS D 208 -28.10 -46.47 7.35
C LYS D 208 -28.44 -47.95 7.27
N ASP D 209 -29.51 -48.35 7.95
CA ASP D 209 -29.94 -49.75 7.95
C ASP D 209 -31.43 -49.85 8.26
N GLY D 210 -31.91 -51.08 8.41
CA GLY D 210 -33.32 -51.29 8.71
C GLY D 210 -34.23 -50.58 7.74
N LYS D 211 -34.94 -49.57 8.24
CA LYS D 211 -35.86 -48.80 7.40
C LYS D 211 -35.69 -47.30 7.65
N ASN D 212 -34.76 -46.69 6.93
CA ASN D 212 -34.49 -45.27 7.07
C ASN D 212 -34.02 -44.93 8.48
N ALA D 213 -33.11 -45.75 9.00
CA ALA D 213 -32.57 -45.54 10.34
C ALA D 213 -31.15 -44.98 10.27
N GLY D 214 -30.83 -44.06 11.17
CA GLY D 214 -29.50 -43.47 11.20
C GLY D 214 -28.62 -44.09 12.27
N ILE D 215 -27.71 -44.98 11.85
CA ILE D 215 -26.81 -45.64 12.77
C ILE D 215 -25.50 -44.87 12.90
N ILE D 216 -25.01 -44.75 14.13
CA ILE D 216 -23.75 -44.04 14.39
C ILE D 216 -22.75 -44.95 15.08
N GLU D 217 -21.92 -45.62 14.28
CA GLU D 217 -20.91 -46.53 14.82
C GLU D 217 -19.70 -45.75 15.31
N LEU D 218 -19.46 -45.80 16.63
CA LEU D 218 -18.34 -45.10 17.22
C LEU D 218 -17.25 -46.08 17.67
N ALA D 219 -16.00 -45.74 17.39
CA ALA D 219 -14.88 -46.58 17.77
C ALA D 219 -14.26 -46.13 19.08
N ALA D 220 -14.43 -46.95 20.12
CA ALA D 220 -13.89 -46.62 21.44
C ALA D 220 -12.77 -47.58 21.82
N LEU D 221 -11.53 -47.13 21.61
CA LEU D 221 -10.36 -47.95 21.93
C LEU D 221 -9.76 -47.54 23.27
N GLY D 222 -9.91 -48.41 24.27
CA GLY D 222 -9.37 -48.13 25.59
C GLY D 222 -10.46 -47.87 26.61
N PHE D 223 -11.66 -48.35 26.32
CA PHE D 223 -12.79 -48.17 27.23
C PHE D 223 -13.27 -49.50 27.78
N ALA D 224 -13.79 -49.47 29.00
CA ALA D 224 -14.29 -50.68 29.65
C ALA D 224 -15.80 -50.61 29.86
N GLY D 225 -16.22 -49.76 30.80
CA GLY D 225 -17.64 -49.61 31.08
C GLY D 225 -18.40 -49.00 29.92
N GLN D 226 -19.43 -48.24 30.23
CA GLN D 226 -20.26 -47.60 29.21
C GLN D 226 -20.36 -46.10 29.46
N PRO D 227 -20.40 -45.32 28.36
CA PRO D 227 -20.49 -43.86 28.43
C PRO D 227 -21.85 -43.39 28.92
N ASP D 228 -22.02 -42.08 29.02
CA ASP D 228 -23.28 -41.51 29.48
C ASP D 228 -24.14 -41.06 28.30
N ILE D 229 -25.18 -41.83 28.01
CA ILE D 229 -26.08 -41.52 26.91
C ILE D 229 -27.17 -40.54 27.35
N SER D 230 -27.20 -39.38 26.72
CA SER D 230 -28.19 -38.35 27.04
C SER D 230 -29.03 -38.02 25.82
N GLN D 231 -30.20 -38.64 25.73
CA GLN D 231 -31.11 -38.42 24.61
C GLN D 231 -31.89 -37.13 24.81
N GLN D 232 -31.56 -36.11 24.00
CA GLN D 232 -32.23 -34.83 24.08
C GLN D 232 -33.20 -34.63 22.92
N HIS D 233 -34.05 -33.61 23.02
CA HIS D 233 -35.02 -33.33 21.97
C HIS D 233 -34.35 -32.65 20.78
N ASP D 234 -33.12 -32.17 20.99
CA ASP D 234 -32.38 -31.50 19.92
C ASP D 234 -31.32 -32.43 19.34
N HIS D 235 -30.37 -32.85 20.18
CA HIS D 235 -29.30 -33.73 19.74
C HIS D 235 -29.00 -34.79 20.81
N ILE D 236 -27.90 -35.50 20.63
CA ILE D 236 -27.50 -36.54 21.57
C ILE D 236 -26.18 -36.19 22.25
N ILE D 237 -25.93 -36.79 23.41
CA ILE D 237 -24.70 -36.55 24.14
C ILE D 237 -24.10 -37.85 24.65
N VAL D 238 -22.81 -38.04 24.40
CA VAL D 238 -22.11 -39.25 24.82
C VAL D 238 -20.73 -38.91 25.39
N THR D 239 -20.59 -39.06 26.70
CA THR D 239 -19.32 -38.77 27.37
C THR D 239 -18.58 -40.07 27.72
N LEU D 240 -17.28 -40.07 27.50
CA LEU D 240 -16.45 -41.24 27.79
C LEU D 240 -15.29 -40.87 28.70
N LYS D 241 -15.45 -41.12 30.00
CA LYS D 241 -14.41 -40.82 30.96
C LYS D 241 -13.11 -41.54 30.62
N ASN D 242 -12.00 -40.83 30.70
CA ASN D 242 -10.69 -41.41 30.41
C ASN D 242 -10.61 -41.85 28.95
N HIS D 243 -11.40 -41.19 28.09
CA HIS D 243 -11.42 -41.52 26.68
C HIS D 243 -11.13 -40.28 25.83
N THR D 244 -10.47 -39.29 26.44
CA THR D 244 -10.14 -38.06 25.75
C THR D 244 -9.53 -38.35 24.37
N LEU D 245 -10.24 -37.94 23.33
CA LEU D 245 -9.77 -38.16 21.96
C LEU D 245 -9.10 -36.90 21.41
N PRO D 246 -8.11 -37.09 20.53
CA PRO D 246 -7.36 -35.99 19.92
C PRO D 246 -8.22 -35.20 18.93
N THR D 247 -7.87 -33.94 18.74
CA THR D 247 -8.61 -33.07 17.82
C THR D 247 -8.47 -33.55 16.39
N THR D 248 -7.54 -34.48 16.17
CA THR D 248 -7.31 -35.03 14.83
C THR D 248 -8.23 -36.20 14.56
N LEU D 249 -9.18 -36.43 15.46
CA LEU D 249 -10.13 -37.52 15.31
C LEU D 249 -11.55 -37.06 15.63
N GLN D 250 -11.71 -35.77 15.84
CA GLN D 250 -13.01 -35.20 16.16
C GLN D 250 -13.74 -34.76 14.90
N ARG D 251 -13.40 -35.40 13.78
CA ARG D 251 -14.02 -35.07 12.50
C ARG D 251 -15.53 -35.26 12.57
N SER D 252 -16.26 -34.47 11.79
CA SER D 252 -17.71 -34.54 11.77
C SER D 252 -18.20 -35.20 10.48
N LEU D 253 -19.47 -35.61 10.49
CA LEU D 253 -20.06 -36.26 9.32
C LEU D 253 -20.83 -35.25 8.46
N ASP D 254 -21.18 -35.66 7.25
CA ASP D 254 -21.91 -34.80 6.33
C ASP D 254 -23.10 -35.54 5.73
N VAL D 255 -23.78 -36.34 6.54
CA VAL D 255 -24.94 -37.10 6.09
C VAL D 255 -26.16 -36.21 5.97
N ALA D 256 -26.09 -35.22 5.08
CA ALA D 256 -27.20 -34.30 4.87
C ALA D 256 -28.12 -34.79 3.76
N ASP D 257 -29.42 -34.70 3.99
CA ASP D 257 -30.41 -35.14 2.99
C ASP D 257 -30.29 -36.64 2.75
N PHE D 258 -29.99 -37.39 3.80
CA PHE D 258 -29.85 -38.84 3.70
C PHE D 258 -31.18 -39.53 4.02
N LYS D 259 -32.22 -38.74 4.21
CA LYS D 259 -33.54 -39.27 4.52
C LYS D 259 -33.51 -40.07 5.82
N THR D 260 -32.88 -39.50 6.84
CA THR D 260 -32.78 -40.17 8.14
C THR D 260 -33.07 -39.20 9.27
N PRO D 261 -33.38 -39.75 10.46
CA PRO D 261 -33.69 -38.94 11.65
C PRO D 261 -32.47 -38.21 12.19
N VAL D 262 -31.29 -38.63 11.73
CA VAL D 262 -30.05 -38.02 12.18
C VAL D 262 -29.62 -36.90 11.23
N GLN D 263 -29.73 -35.66 11.70
CA GLN D 263 -29.35 -34.50 10.91
C GLN D 263 -27.89 -34.60 10.46
N LYS D 264 -26.99 -34.74 11.42
CA LYS D 264 -25.57 -34.85 11.12
C LYS D 264 -24.77 -35.16 12.39
N VAL D 265 -23.79 -36.04 12.26
CA VAL D 265 -22.94 -36.42 13.38
C VAL D 265 -21.78 -35.45 13.55
N THR D 266 -21.50 -35.09 14.81
CA THR D 266 -20.41 -34.17 15.11
C THR D 266 -19.59 -34.66 16.30
N LEU D 267 -18.28 -34.79 16.09
CA LEU D 267 -17.38 -35.25 17.15
C LEU D 267 -16.57 -34.09 17.71
N LYS D 268 -16.46 -34.03 19.03
CA LYS D 268 -15.69 -32.99 19.69
C LYS D 268 -14.91 -33.53 20.88
N ARG D 269 -13.63 -33.17 20.95
CA ARG D 269 -12.79 -33.63 22.05
C ARG D 269 -13.07 -32.85 23.33
N LEU D 270 -13.27 -33.58 24.42
CA LEU D 270 -13.55 -32.96 25.71
C LEU D 270 -12.28 -32.82 26.53
N ASN D 271 -12.40 -32.21 27.71
CA ASN D 271 -11.25 -31.99 28.59
C ASN D 271 -10.49 -33.29 28.80
N ASN D 272 -11.13 -34.27 29.43
CA ASN D 272 -10.51 -35.56 29.70
C ASN D 272 -11.36 -36.69 29.14
N ASP D 273 -12.51 -36.34 28.57
CA ASP D 273 -13.41 -37.34 28.00
C ASP D 273 -13.68 -37.04 26.53
N THR D 274 -14.61 -37.79 25.93
CA THR D 274 -14.96 -37.61 24.53
C THR D 274 -16.45 -37.39 24.36
N GLN D 275 -16.84 -36.14 24.11
CA GLN D 275 -18.24 -35.79 23.93
C GLN D 275 -18.66 -35.99 22.48
N LEU D 276 -19.89 -36.46 22.29
CA LEU D 276 -20.42 -36.69 20.94
C LEU D 276 -21.74 -35.94 20.74
N ILE D 277 -21.87 -35.29 19.58
CA ILE D 277 -23.09 -34.55 19.27
C ILE D 277 -23.75 -35.09 18.01
N ILE D 278 -24.90 -35.74 18.18
CA ILE D 278 -25.64 -36.31 17.05
C ILE D 278 -26.96 -35.59 16.85
N THR D 279 -26.93 -34.50 16.08
CA THR D 279 -28.13 -33.72 15.81
C THR D 279 -29.22 -34.59 15.19
N THR D 280 -30.46 -34.37 15.61
CA THR D 280 -31.59 -35.13 15.10
C THR D 280 -32.74 -34.22 14.70
N ALA D 281 -33.84 -34.80 14.24
CA ALA D 281 -35.01 -34.04 13.83
C ALA D 281 -36.29 -34.84 14.04
N GLY D 282 -37.39 -34.13 14.30
CA GLY D 282 -38.66 -34.80 14.51
C GLY D 282 -38.58 -35.88 15.57
N ASN D 283 -39.67 -36.63 15.73
CA ASN D 283 -39.72 -37.70 16.72
C ASN D 283 -38.81 -38.86 16.31
N TRP D 284 -38.05 -39.37 17.28
CA TRP D 284 -37.14 -40.48 17.02
C TRP D 284 -36.81 -41.23 18.30
N GLU D 285 -36.10 -42.34 18.17
CA GLU D 285 -35.72 -43.15 19.33
C GLU D 285 -34.26 -43.55 19.27
N LEU D 286 -33.59 -43.55 20.41
CA LEU D 286 -32.18 -43.91 20.48
C LEU D 286 -32.01 -45.34 20.95
N VAL D 287 -31.08 -46.07 20.34
CA VAL D 287 -30.82 -47.46 20.70
C VAL D 287 -29.32 -47.76 20.65
N ASN D 288 -28.74 -47.95 21.84
CA ASN D 288 -27.31 -48.25 21.95
C ASN D 288 -27.07 -49.76 21.85
N LYS D 289 -25.99 -50.12 21.17
CA LYS D 289 -25.63 -51.53 21.01
C LYS D 289 -24.15 -51.74 21.22
N SER D 290 -23.81 -52.74 22.05
CA SER D 290 -22.41 -53.04 22.34
C SER D 290 -22.04 -54.43 21.84
N ALA D 291 -21.52 -54.49 20.62
CA ALA D 291 -21.13 -55.76 20.02
C ALA D 291 -19.80 -56.26 20.61
N ALA D 292 -19.17 -55.42 21.42
CA ALA D 292 -17.90 -55.78 22.05
C ALA D 292 -17.42 -54.66 22.97
N PRO D 293 -16.50 -55.00 23.88
CA PRO D 293 -15.94 -54.04 24.83
C PRO D 293 -15.02 -53.03 24.16
N GLY D 294 -15.61 -52.04 23.51
CA GLY D 294 -14.84 -51.02 22.83
C GLY D 294 -15.57 -50.42 21.66
N TYR D 295 -16.45 -51.20 21.06
CA TYR D 295 -17.21 -50.74 19.90
C TYR D 295 -18.61 -50.31 20.31
N PHE D 296 -18.92 -49.02 20.13
CA PHE D 296 -20.22 -48.47 20.48
C PHE D 296 -21.03 -48.15 19.23
N THR D 297 -22.35 -48.26 19.34
CA THR D 297 -23.24 -47.98 18.22
C THR D 297 -24.51 -47.29 18.68
N PHE D 298 -25.10 -46.49 17.81
CA PHE D 298 -26.32 -45.76 18.14
C PHE D 298 -27.32 -45.83 16.97
N GLN D 299 -28.33 -46.66 17.13
CA GLN D 299 -29.36 -46.81 16.10
C GLN D 299 -30.46 -45.77 16.25
N VAL D 300 -30.35 -44.69 15.49
CA VAL D 300 -31.35 -43.61 15.55
C VAL D 300 -32.50 -43.88 14.58
N LEU D 301 -33.60 -44.38 15.11
CA LEU D 301 -34.78 -44.67 14.30
C LEU D 301 -35.85 -43.59 14.46
N PHE D 319 -60.89 -21.08 -11.49
CA PHE D 319 -60.29 -20.77 -10.17
C PHE D 319 -61.37 -20.71 -9.14
N THR D 320 -62.07 -21.85 -8.94
CA THR D 320 -63.05 -21.90 -7.90
C THR D 320 -63.41 -23.33 -7.82
N GLY D 321 -63.30 -23.95 -6.63
CA GLY D 321 -63.58 -25.34 -6.62
C GLY D 321 -63.97 -25.77 -5.25
N ARG D 322 -64.30 -27.07 -5.13
CA ARG D 322 -64.73 -27.66 -3.91
C ARG D 322 -63.58 -27.63 -2.95
N LYS D 323 -63.88 -27.62 -1.64
CA LYS D 323 -62.82 -27.61 -0.67
C LYS D 323 -62.31 -29.01 -0.54
N ILE D 324 -60.97 -29.15 -0.43
CA ILE D 324 -60.38 -30.45 -0.25
C ILE D 324 -59.21 -30.27 0.70
N SER D 325 -58.71 -31.37 1.29
CA SER D 325 -57.50 -31.26 2.06
C SER D 325 -56.50 -32.04 1.26
N LEU D 326 -55.36 -31.43 0.90
CA LEU D 326 -54.45 -32.17 0.07
C LEU D 326 -53.30 -32.67 0.87
N ASP D 327 -53.20 -34.00 1.01
CA ASP D 327 -52.10 -34.57 1.73
C ASP D 327 -51.40 -35.49 0.78
N PHE D 328 -50.20 -35.11 0.30
CA PHE D 328 -49.49 -35.99 -0.56
C PHE D 328 -48.13 -36.18 0.04
N GLN D 329 -47.79 -37.45 0.39
CA GLN D 329 -46.50 -37.67 0.98
C GLN D 329 -45.61 -38.32 -0.02
N ASP D 330 -44.56 -37.59 -0.42
CA ASP D 330 -43.55 -38.04 -1.33
C ASP D 330 -44.19 -38.70 -2.50
N VAL D 331 -44.98 -37.93 -3.29
CA VAL D 331 -45.61 -38.51 -4.43
C VAL D 331 -45.29 -37.69 -5.64
N GLU D 332 -45.36 -38.31 -6.84
CA GLU D 332 -45.04 -37.60 -8.03
C GLU D 332 -46.09 -36.55 -8.23
N ILE D 333 -45.67 -35.39 -8.74
CA ILE D 333 -46.54 -34.27 -8.99
C ILE D 333 -47.54 -34.75 -9.99
N ARG D 334 -47.09 -35.61 -10.91
CA ARG D 334 -47.94 -36.08 -11.95
C ARG D 334 -49.11 -36.80 -11.35
N THR D 335 -48.86 -37.61 -10.31
CA THR D 335 -49.93 -38.34 -9.68
C THR D 335 -50.84 -37.37 -9.01
N ILE D 336 -50.28 -36.34 -8.35
CA ILE D 336 -51.12 -35.39 -7.69
C ILE D 336 -51.97 -34.70 -8.70
N LEU D 337 -51.43 -34.51 -9.90
CA LEU D 337 -52.13 -33.87 -10.96
C LEU D 337 -53.34 -34.71 -11.31
N GLN D 338 -53.16 -36.04 -11.44
CA GLN D 338 -54.20 -36.96 -11.83
C GLN D 338 -55.24 -37.01 -10.76
N ILE D 339 -54.80 -37.04 -9.49
CA ILE D 339 -55.68 -37.21 -8.37
C ILE D 339 -56.65 -36.08 -8.34
N LEU D 340 -56.16 -34.86 -8.56
CA LEU D 340 -56.99 -33.69 -8.54
C LEU D 340 -58.01 -33.77 -9.63
N ALA D 341 -57.60 -34.24 -10.83
CA ALA D 341 -58.49 -34.34 -11.95
C ALA D 341 -59.59 -35.31 -11.62
N LYS D 342 -59.23 -36.42 -10.94
CA LYS D 342 -60.14 -37.47 -10.58
C LYS D 342 -61.18 -36.91 -9.64
N GLU D 343 -60.76 -35.88 -8.87
CA GLU D 343 -61.51 -35.15 -7.89
C GLU D 343 -62.55 -34.33 -8.56
N SER D 344 -62.64 -34.44 -9.90
CA SER D 344 -63.55 -33.67 -10.69
C SER D 344 -62.98 -32.30 -10.83
N GLY D 345 -61.66 -32.16 -10.57
CA GLY D 345 -61.04 -30.90 -10.78
C GLY D 345 -60.45 -30.90 -12.15
N MET D 346 -61.26 -30.49 -13.16
CA MET D 346 -60.78 -30.37 -14.50
C MET D 346 -60.17 -31.66 -14.96
N ASN D 347 -59.64 -31.63 -16.19
CA ASN D 347 -58.89 -32.74 -16.72
C ASN D 347 -57.50 -32.21 -16.89
N ILE D 348 -56.57 -32.63 -16.01
CA ILE D 348 -55.25 -32.07 -16.07
C ILE D 348 -54.33 -33.05 -16.72
N VAL D 349 -53.62 -32.58 -17.76
CA VAL D 349 -52.67 -33.42 -18.44
C VAL D 349 -51.37 -32.67 -18.46
N ALA D 350 -50.31 -33.31 -17.96
CA ALA D 350 -49.02 -32.69 -17.91
C ALA D 350 -48.32 -32.99 -19.18
N SER D 351 -47.11 -32.42 -19.30
CA SER D 351 -46.25 -32.76 -20.39
C SER D 351 -45.71 -34.10 -19.99
N ASP D 352 -44.62 -34.55 -20.59
CA ASP D 352 -44.16 -35.81 -20.07
C ASP D 352 -43.29 -35.70 -18.84
N SER D 353 -42.13 -35.02 -18.97
CA SER D 353 -41.21 -34.99 -17.86
C SER D 353 -41.21 -33.60 -17.33
N VAL D 354 -42.18 -33.34 -16.47
CA VAL D 354 -42.42 -32.06 -15.87
C VAL D 354 -41.50 -31.74 -14.74
N ASN D 355 -41.15 -32.74 -13.89
CA ASN D 355 -40.46 -32.37 -12.69
C ASN D 355 -40.05 -33.62 -12.00
N GLY D 356 -40.71 -33.89 -10.85
CA GLY D 356 -40.41 -35.02 -10.04
C GLY D 356 -41.53 -35.15 -9.04
N LYS D 357 -41.17 -35.57 -7.83
CA LYS D 357 -42.08 -35.86 -6.76
C LYS D 357 -42.01 -34.73 -5.76
N MET D 358 -43.11 -34.48 -5.02
CA MET D 358 -43.11 -33.42 -4.04
C MET D 358 -43.97 -33.81 -2.88
N THR D 359 -43.76 -33.18 -1.70
CA THR D 359 -44.57 -33.49 -0.55
C THR D 359 -45.24 -32.25 -0.05
N LEU D 360 -46.58 -32.23 -0.03
CA LEU D 360 -47.32 -31.14 0.55
C LEU D 360 -48.42 -31.70 1.39
N SER D 361 -48.82 -30.94 2.44
CA SER D 361 -49.93 -31.33 3.26
C SER D 361 -50.70 -30.08 3.56
N LEU D 362 -51.96 -30.01 3.08
CA LEU D 362 -52.80 -28.86 3.28
C LEU D 362 -54.11 -29.33 3.80
N LYS D 363 -54.87 -28.40 4.43
CA LYS D 363 -56.16 -28.73 4.94
C LYS D 363 -57.07 -27.56 4.65
N ASP D 364 -58.35 -27.86 4.42
CA ASP D 364 -59.35 -26.84 4.18
C ASP D 364 -58.95 -25.93 3.07
N VAL D 365 -58.62 -26.47 1.88
CA VAL D 365 -58.28 -25.61 0.78
C VAL D 365 -58.88 -26.13 -0.48
N PRO D 366 -59.46 -25.29 -1.29
CA PRO D 366 -60.05 -25.73 -2.52
C PRO D 366 -58.95 -26.24 -3.39
N TRP D 367 -59.24 -27.26 -4.22
CA TRP D 367 -58.22 -27.88 -5.02
C TRP D 367 -57.60 -26.87 -5.92
N ASP D 368 -58.38 -25.90 -6.42
CA ASP D 368 -57.81 -24.92 -7.30
C ASP D 368 -56.80 -24.12 -6.56
N GLN D 369 -57.08 -23.72 -5.30
CA GLN D 369 -56.14 -22.94 -4.56
C GLN D 369 -54.92 -23.76 -4.24
N ALA D 370 -55.13 -25.02 -3.82
CA ALA D 370 -54.05 -25.88 -3.43
C ALA D 370 -53.17 -26.06 -4.62
N LEU D 371 -53.79 -26.13 -5.82
CA LEU D 371 -53.03 -26.33 -7.01
C LEU D 371 -52.05 -25.20 -7.17
N ASP D 372 -52.48 -23.94 -6.93
CA ASP D 372 -51.58 -22.85 -7.12
C ASP D 372 -50.46 -22.96 -6.14
N LEU D 373 -50.78 -23.36 -4.90
CA LEU D 373 -49.79 -23.45 -3.87
C LEU D 373 -48.83 -24.53 -4.28
N VAL D 374 -49.37 -25.62 -4.85
CA VAL D 374 -48.57 -26.75 -5.24
C VAL D 374 -47.59 -26.31 -6.29
N MET D 375 -48.04 -25.46 -7.22
CA MET D 375 -47.21 -25.05 -8.33
C MET D 375 -45.99 -24.36 -7.80
N GLN D 376 -46.19 -23.47 -6.80
CA GLN D 376 -45.17 -22.62 -6.24
C GLN D 376 -44.10 -23.42 -5.56
N ALA D 377 -44.49 -24.57 -4.94
CA ALA D 377 -43.59 -25.30 -4.10
C ALA D 377 -42.36 -25.71 -4.85
N ARG D 378 -42.52 -26.16 -6.11
CA ARG D 378 -41.38 -26.53 -6.88
C ARG D 378 -41.96 -26.95 -8.19
N ASN D 379 -43.28 -27.16 -8.14
CA ASN D 379 -44.06 -27.66 -9.21
C ASN D 379 -44.16 -26.66 -10.31
N LEU D 380 -44.98 -27.04 -11.31
CA LEU D 380 -45.14 -26.40 -12.58
C LEU D 380 -46.16 -25.30 -12.55
N ASP D 381 -46.28 -24.62 -13.71
CA ASP D 381 -47.27 -23.62 -13.96
C ASP D 381 -48.32 -24.29 -14.80
N MET D 382 -49.54 -23.73 -14.86
CA MET D 382 -50.60 -24.39 -15.58
C MET D 382 -51.15 -23.51 -16.66
N ARG D 383 -51.54 -24.15 -17.78
CA ARG D 383 -52.20 -23.45 -18.85
C ARG D 383 -53.43 -24.23 -19.13
N GLN D 384 -54.57 -23.58 -19.40
CA GLN D 384 -55.75 -24.36 -19.62
C GLN D 384 -56.26 -24.12 -21.00
N GLN D 385 -56.52 -25.23 -21.74
CA GLN D 385 -57.13 -25.22 -23.03
C GLN D 385 -58.58 -24.88 -22.85
N GLY D 386 -59.16 -25.34 -21.72
CA GLY D 386 -60.54 -25.13 -21.39
C GLY D 386 -61.10 -26.41 -20.88
N ASN D 387 -61.24 -27.45 -21.73
CA ASN D 387 -61.69 -28.71 -21.21
C ASN D 387 -60.53 -29.39 -20.54
N ILE D 388 -59.36 -29.35 -21.20
CA ILE D 388 -58.24 -30.06 -20.67
C ILE D 388 -57.20 -29.04 -20.35
N VAL D 389 -56.40 -29.30 -19.30
CA VAL D 389 -55.40 -28.36 -18.91
C VAL D 389 -54.05 -28.99 -19.05
N ASN D 390 -53.10 -28.21 -19.59
CA ASN D 390 -51.77 -28.73 -19.73
C ASN D 390 -50.90 -28.01 -18.76
N ILE D 391 -50.12 -28.79 -17.98
CA ILE D 391 -49.21 -28.21 -17.02
C ILE D 391 -47.83 -28.58 -17.44
N ALA D 392 -46.91 -27.59 -17.43
CA ALA D 392 -45.58 -27.83 -17.90
C ALA D 392 -44.60 -27.29 -16.92
N PRO D 393 -43.43 -27.83 -17.05
CA PRO D 393 -42.26 -27.56 -16.26
C PRO D 393 -41.75 -26.19 -16.47
N ARG D 394 -42.51 -25.33 -17.18
CA ARG D 394 -42.08 -23.98 -17.38
C ARG D 394 -42.02 -23.38 -16.00
N ASP D 395 -40.82 -23.42 -15.40
CA ASP D 395 -40.64 -22.98 -14.04
C ASP D 395 -39.29 -22.35 -13.95
N GLU D 396 -39.23 -21.25 -13.20
CA GLU D 396 -38.00 -20.54 -13.02
C GLU D 396 -37.01 -21.38 -12.30
N LEU D 397 -37.40 -21.92 -11.13
CA LEU D 397 -36.44 -22.55 -10.29
C LEU D 397 -35.85 -23.83 -10.77
N LEU D 398 -36.66 -24.81 -11.16
CA LEU D 398 -36.05 -26.09 -11.41
C LEU D 398 -35.12 -26.08 -12.57
N ALA D 399 -35.58 -25.55 -13.72
CA ALA D 399 -34.75 -25.67 -14.87
C ALA D 399 -33.49 -24.94 -14.63
N LYS D 400 -33.59 -23.70 -14.12
CA LYS D 400 -32.36 -22.99 -13.99
C LYS D 400 -31.52 -23.50 -12.88
N ASP D 401 -32.14 -23.94 -11.77
CA ASP D 401 -31.36 -24.32 -10.61
C ASP D 401 -30.42 -25.40 -11.03
N LYS D 402 -30.95 -26.37 -11.78
CA LYS D 402 -30.16 -27.48 -12.20
C LYS D 402 -29.11 -27.00 -13.13
N ALA D 403 -29.47 -26.05 -14.02
CA ALA D 403 -28.53 -25.52 -14.96
C ALA D 403 -27.41 -24.87 -14.22
N PHE D 404 -27.72 -24.18 -13.11
CA PHE D 404 -26.70 -23.47 -12.39
C PHE D 404 -25.68 -24.46 -11.90
N LEU D 405 -26.17 -25.56 -11.31
CA LEU D 405 -25.27 -26.51 -10.74
C LEU D 405 -24.44 -27.07 -11.83
N GLN D 406 -25.04 -27.25 -13.01
CA GLN D 406 -24.35 -27.81 -14.13
C GLN D 406 -23.20 -26.93 -14.50
N ALA D 407 -23.39 -25.60 -14.49
CA ALA D 407 -22.35 -24.71 -14.91
C ALA D 407 -21.19 -24.77 -13.97
N GLU D 408 -19.97 -24.84 -14.54
CA GLU D 408 -18.75 -24.91 -13.79
C GLU D 408 -18.49 -23.58 -13.15
N LYS D 409 -18.74 -22.47 -13.88
CA LYS D 409 -18.42 -21.18 -13.37
C LYS D 409 -19.33 -20.85 -12.24
N ASP D 410 -18.76 -20.20 -11.21
CA ASP D 410 -19.47 -19.82 -10.01
C ASP D 410 -20.49 -18.79 -10.37
N ILE D 411 -20.12 -17.86 -11.27
CA ILE D 411 -21.00 -16.80 -11.64
C ILE D 411 -22.19 -17.41 -12.28
N ALA D 412 -21.97 -18.47 -13.07
CA ALA D 412 -23.02 -19.14 -13.79
C ALA D 412 -23.99 -19.66 -12.79
N ASP D 413 -23.51 -20.02 -11.60
CA ASP D 413 -24.38 -20.53 -10.57
C ASP D 413 -25.44 -19.48 -10.36
N LEU D 414 -25.10 -18.20 -10.61
CA LEU D 414 -26.13 -17.21 -10.52
C LEU D 414 -26.53 -16.90 -11.94
N GLY D 415 -27.82 -17.12 -12.26
CA GLY D 415 -28.32 -16.87 -13.58
C GLY D 415 -29.79 -16.99 -13.47
N ALA D 416 -30.55 -16.80 -14.58
CA ALA D 416 -31.95 -16.94 -14.30
C ALA D 416 -32.76 -17.10 -15.53
N LEU D 417 -33.85 -17.85 -15.35
CA LEU D 417 -34.87 -17.87 -16.35
C LEU D 417 -35.78 -16.80 -15.85
N TYR D 418 -36.30 -15.95 -16.75
CA TYR D 418 -37.06 -14.88 -16.19
C TYR D 418 -38.30 -14.76 -17.02
N SER D 419 -39.25 -13.93 -16.55
CA SER D 419 -40.45 -13.75 -17.32
C SER D 419 -40.52 -12.30 -17.65
N GLN D 420 -40.98 -11.98 -18.86
CA GLN D 420 -41.07 -10.59 -19.22
C GLN D 420 -42.31 -10.42 -20.03
N ASN D 421 -42.87 -9.20 -20.03
CA ASN D 421 -44.07 -8.94 -20.78
C ASN D 421 -43.70 -8.03 -21.91
N PHE D 422 -44.14 -8.39 -23.14
CA PHE D 422 -43.81 -7.61 -24.29
C PHE D 422 -45.10 -6.96 -24.72
N GLN D 423 -45.09 -5.63 -24.85
CA GLN D 423 -46.28 -4.95 -25.30
C GLN D 423 -46.22 -4.98 -26.80
N LEU D 424 -47.37 -5.17 -27.48
CA LEU D 424 -47.39 -5.13 -28.92
C LEU D 424 -48.33 -4.03 -29.30
N LYS D 425 -47.80 -2.84 -29.64
CA LYS D 425 -48.68 -1.76 -29.98
C LYS D 425 -49.28 -1.90 -31.35
N TYR D 426 -48.42 -2.03 -32.38
CA TYR D 426 -48.81 -1.99 -33.76
C TYR D 426 -49.46 -3.22 -34.32
N LYS D 427 -48.97 -4.43 -33.98
CA LYS D 427 -49.46 -5.60 -34.67
C LYS D 427 -50.21 -6.50 -33.75
N ASN D 428 -51.04 -7.39 -34.33
CA ASN D 428 -51.79 -8.33 -33.54
C ASN D 428 -50.86 -9.42 -33.10
N VAL D 429 -51.10 -9.91 -31.88
CA VAL D 429 -50.25 -10.85 -31.21
C VAL D 429 -50.21 -12.16 -31.93
N GLU D 430 -51.37 -12.60 -32.46
CA GLU D 430 -51.51 -13.89 -33.08
C GLU D 430 -50.65 -13.99 -34.31
N GLU D 431 -50.42 -12.87 -35.00
CA GLU D 431 -49.67 -12.90 -36.23
C GLU D 431 -48.27 -13.37 -35.94
N PHE D 432 -47.74 -13.00 -34.77
CA PHE D 432 -46.42 -13.34 -34.32
C PHE D 432 -46.29 -14.82 -34.10
N ARG D 433 -47.41 -15.50 -33.78
CA ARG D 433 -47.38 -16.86 -33.31
C ARG D 433 -46.58 -17.74 -34.21
N SER D 434 -46.75 -17.65 -35.54
CA SER D 434 -46.06 -18.55 -36.41
C SER D 434 -44.58 -18.45 -36.20
N ILE D 435 -44.04 -17.21 -36.23
CA ILE D 435 -42.62 -17.05 -36.11
C ILE D 435 -42.14 -17.46 -34.76
N LEU D 436 -42.87 -17.06 -33.69
CA LEU D 436 -42.43 -17.34 -32.36
C LEU D 436 -42.41 -18.81 -32.12
N ARG D 437 -43.40 -19.54 -32.67
CA ARG D 437 -43.44 -20.95 -32.47
C ARG D 437 -42.22 -21.54 -33.07
N LEU D 438 -41.82 -21.05 -34.27
CA LEU D 438 -40.71 -21.60 -34.97
C LEU D 438 -39.43 -21.41 -34.21
N ASP D 439 -39.15 -20.19 -33.74
CA ASP D 439 -37.89 -19.96 -33.07
C ASP D 439 -37.87 -20.70 -31.77
N ASN D 440 -39.05 -20.83 -31.16
CA ASN D 440 -39.16 -21.47 -29.90
C ASN D 440 -38.79 -22.91 -30.08
N ALA D 441 -39.13 -23.48 -31.27
CA ALA D 441 -38.80 -24.86 -31.42
C ALA D 441 -37.39 -24.96 -31.84
N ASP D 442 -36.48 -25.03 -30.85
CA ASP D 442 -35.11 -25.26 -31.18
C ASP D 442 -34.98 -26.72 -30.92
N THR D 443 -36.00 -27.46 -31.41
CA THR D 443 -36.09 -28.88 -31.32
C THR D 443 -37.00 -29.27 -32.44
N THR D 444 -37.15 -30.58 -32.70
CA THR D 444 -38.03 -30.96 -33.76
C THR D 444 -39.42 -30.95 -33.20
N GLY D 445 -40.36 -30.36 -33.96
CA GLY D 445 -41.73 -30.34 -33.52
C GLY D 445 -42.51 -29.73 -34.64
N ASN D 446 -43.48 -30.50 -35.17
CA ASN D 446 -44.24 -30.02 -36.29
C ASN D 446 -45.03 -28.83 -35.86
N ARG D 447 -45.75 -28.92 -34.72
CA ARG D 447 -46.52 -27.77 -34.34
C ARG D 447 -46.84 -27.91 -32.88
N ASN D 448 -46.22 -27.09 -32.01
CA ASN D 448 -46.51 -27.16 -30.60
C ASN D 448 -46.55 -25.76 -30.06
N THR D 449 -47.61 -25.42 -29.31
CA THR D 449 -47.68 -24.13 -28.71
C THR D 449 -46.62 -24.08 -27.64
N LEU D 450 -46.54 -25.14 -26.81
CA LEU D 450 -45.53 -25.24 -25.80
C LEU D 450 -44.32 -25.71 -26.53
N ILE D 451 -43.10 -25.39 -26.06
CA ILE D 451 -42.09 -25.87 -26.93
C ILE D 451 -40.89 -26.28 -26.16
N SER D 452 -39.91 -26.87 -26.85
CA SER D 452 -38.73 -27.33 -26.19
C SER D 452 -37.76 -26.22 -26.06
N GLY D 453 -36.49 -26.58 -25.85
CA GLY D 453 -35.51 -25.58 -25.56
C GLY D 453 -35.54 -25.47 -24.08
N ARG D 454 -35.96 -26.57 -23.45
CA ARG D 454 -36.01 -26.72 -22.02
C ARG D 454 -36.88 -25.71 -21.34
N GLY D 455 -38.19 -25.71 -21.64
CA GLY D 455 -39.11 -24.93 -20.85
C GLY D 455 -39.26 -23.50 -21.27
N SER D 456 -39.27 -23.20 -22.58
CA SER D 456 -39.52 -21.84 -22.95
C SER D 456 -40.98 -21.77 -23.30
N VAL D 457 -41.67 -20.65 -22.96
CA VAL D 457 -43.06 -20.61 -23.27
C VAL D 457 -43.45 -19.23 -23.64
N LEU D 458 -44.43 -19.13 -24.55
CA LEU D 458 -44.96 -17.85 -24.91
C LEU D 458 -46.43 -17.90 -24.63
N ILE D 459 -46.96 -16.86 -23.96
CA ILE D 459 -48.37 -16.84 -23.64
C ILE D 459 -48.94 -15.57 -24.17
N ASP D 460 -50.19 -15.63 -24.67
CA ASP D 460 -50.80 -14.46 -25.26
C ASP D 460 -51.94 -14.01 -24.39
N PRO D 461 -51.75 -12.87 -23.80
CA PRO D 461 -52.82 -12.25 -23.08
C PRO D 461 -53.82 -11.56 -23.97
N ALA D 462 -55.03 -11.34 -23.44
CA ALA D 462 -56.15 -10.77 -24.14
C ALA D 462 -55.86 -9.36 -24.55
N THR D 463 -55.13 -8.58 -23.72
CA THR D 463 -54.95 -7.22 -24.12
C THR D 463 -53.75 -7.13 -25.01
N ASN D 464 -53.63 -8.10 -25.95
CA ASN D 464 -52.60 -8.13 -26.94
C ASN D 464 -51.25 -7.78 -26.41
N THR D 465 -50.77 -8.56 -25.44
CA THR D 465 -49.42 -8.43 -24.99
C THR D 465 -48.92 -9.83 -24.97
N LEU D 466 -47.60 -10.04 -25.10
CA LEU D 466 -47.09 -11.38 -25.06
C LEU D 466 -46.28 -11.52 -23.81
N ILE D 467 -46.38 -12.66 -23.13
CA ILE D 467 -45.60 -12.86 -21.95
C ILE D 467 -44.71 -14.02 -22.25
N VAL D 468 -43.41 -13.87 -22.00
CA VAL D 468 -42.58 -15.00 -22.28
C VAL D 468 -41.88 -15.39 -21.03
N THR D 469 -41.81 -16.72 -20.79
CA THR D 469 -41.16 -17.23 -19.64
C THR D 469 -40.11 -18.19 -20.12
N ASP D 470 -38.84 -17.96 -19.76
CA ASP D 470 -37.84 -18.89 -20.20
C ASP D 470 -36.50 -18.37 -19.80
N THR D 471 -35.45 -18.94 -20.42
CA THR D 471 -34.10 -18.54 -20.14
C THR D 471 -33.90 -17.19 -20.76
N ARG D 472 -32.93 -16.42 -20.23
CA ARG D 472 -32.69 -15.09 -20.68
C ARG D 472 -32.31 -15.10 -22.13
N SER D 473 -31.48 -16.07 -22.54
CA SER D 473 -31.04 -16.06 -23.91
C SER D 473 -32.22 -16.21 -24.81
N VAL D 474 -33.11 -17.19 -24.52
CA VAL D 474 -34.24 -17.45 -25.36
C VAL D 474 -35.16 -16.27 -25.33
N ILE D 475 -35.35 -15.64 -24.15
CA ILE D 475 -36.25 -14.53 -24.06
C ILE D 475 -35.73 -13.39 -24.88
N GLU D 476 -34.41 -13.19 -24.89
CA GLU D 476 -33.84 -12.10 -25.63
C GLU D 476 -34.18 -12.28 -27.07
N LYS D 477 -34.04 -13.51 -27.59
CA LYS D 477 -34.26 -13.75 -28.98
C LYS D 477 -35.68 -13.41 -29.31
N PHE D 478 -36.63 -13.89 -28.48
CA PHE D 478 -38.02 -13.68 -28.73
C PHE D 478 -38.34 -12.22 -28.72
N ARG D 479 -37.74 -11.45 -27.78
CA ARG D 479 -38.07 -10.06 -27.71
C ARG D 479 -37.62 -9.37 -28.97
N LYS D 480 -36.42 -9.71 -29.46
CA LYS D 480 -35.88 -9.02 -30.60
C LYS D 480 -36.80 -9.18 -31.75
N LEU D 481 -37.32 -10.40 -31.99
CA LEU D 481 -38.19 -10.65 -33.10
C LEU D 481 -39.49 -9.91 -32.95
N ILE D 482 -40.08 -9.94 -31.75
CA ILE D 482 -41.38 -9.34 -31.54
C ILE D 482 -41.27 -7.86 -31.80
N ASP D 483 -40.26 -7.20 -31.21
CA ASP D 483 -40.13 -5.79 -31.37
C ASP D 483 -39.85 -5.50 -32.81
N GLU D 484 -39.06 -6.38 -33.46
CA GLU D 484 -38.69 -6.15 -34.81
C GLU D 484 -39.90 -6.13 -35.67
N LEU D 485 -40.82 -7.10 -35.51
CA LEU D 485 -42.00 -7.12 -36.35
C LEU D 485 -42.86 -5.95 -36.04
N ASP D 486 -42.94 -5.56 -34.75
CA ASP D 486 -43.81 -4.51 -34.34
C ASP D 486 -43.40 -3.23 -35.00
N VAL D 487 -42.09 -2.98 -35.15
CA VAL D 487 -41.65 -1.72 -35.69
C VAL D 487 -42.17 -1.52 -37.09
N PRO D 488 -42.06 -2.43 -38.02
CA PRO D 488 -42.61 -2.15 -39.30
C PRO D 488 -44.09 -1.98 -39.28
N ALA D 489 -44.78 -2.63 -38.34
CA ALA D 489 -46.20 -2.42 -38.26
C ALA D 489 -46.36 -0.97 -37.89
N GLN D 490 -45.41 -0.48 -37.07
CA GLN D 490 -45.44 0.83 -36.52
C GLN D 490 -45.42 1.86 -37.61
N GLN D 491 -44.61 1.68 -38.66
CA GLN D 491 -44.65 2.74 -39.61
C GLN D 491 -45.96 2.66 -40.31
N VAL D 492 -46.88 3.57 -39.94
CA VAL D 492 -48.19 3.56 -40.53
C VAL D 492 -48.21 4.65 -41.60
N MET D 493 -49.19 5.44 -41.64
N THR E 202 -14.38 -32.95 32.31
CA THR E 202 -15.55 -32.12 32.57
C THR E 202 -16.23 -31.71 31.28
N ASN E 203 -17.54 -31.47 31.36
CA ASN E 203 -18.31 -31.06 30.19
C ASN E 203 -19.74 -30.72 30.58
N ILE E 204 -20.41 -29.96 29.72
CA ILE E 204 -21.80 -29.57 29.97
C ILE E 204 -22.73 -30.10 28.90
N ASP E 205 -24.01 -30.27 29.25
CA ASP E 205 -25.00 -30.78 28.32
C ASP E 205 -26.38 -30.22 28.64
N PHE E 206 -27.25 -30.18 27.63
CA PHE E 206 -28.61 -29.66 27.81
C PHE E 206 -29.62 -30.62 27.19
N ARG E 207 -30.81 -30.67 27.79
CA ARG E 207 -31.88 -31.55 27.30
C ARG E 207 -33.22 -31.14 27.88
N LYS E 208 -34.30 -31.46 27.18
CA LYS E 208 -35.64 -31.13 27.63
C LYS E 208 -36.39 -32.38 28.08
N ASP E 209 -37.22 -32.24 29.11
CA ASP E 209 -38.00 -33.36 29.62
C ASP E 209 -39.25 -32.86 30.33
N GLY E 210 -39.98 -33.79 30.95
CA GLY E 210 -41.20 -33.43 31.66
C GLY E 210 -42.15 -32.63 30.80
N LYS E 211 -42.34 -31.36 31.15
CA LYS E 211 -43.23 -30.48 30.40
C LYS E 211 -42.57 -29.13 30.14
N ASN E 212 -41.81 -29.04 29.06
CA ASN E 212 -41.13 -27.80 28.71
C ASN E 212 -40.13 -27.41 29.78
N ALA E 213 -39.36 -28.38 30.25
CA ALA E 213 -38.36 -28.12 31.28
C ALA E 213 -36.95 -28.14 30.68
N GLY E 214 -36.10 -27.23 31.18
CA GLY E 214 -34.74 -27.16 30.68
C GLY E 214 -33.75 -27.85 31.61
N ILE E 215 -33.33 -29.05 31.24
CA ILE E 215 -32.39 -29.82 32.04
C ILE E 215 -30.96 -29.56 31.59
N ILE E 216 -30.05 -29.40 32.56
CA ILE E 216 -28.65 -29.15 32.26
C ILE E 216 -27.76 -30.21 32.89
N GLU E 217 -27.48 -31.27 32.15
CA GLU E 217 -26.64 -32.35 32.63
C GLU E 217 -25.17 -31.98 32.55
N LEU E 218 -24.52 -31.86 33.71
CA LEU E 218 -23.10 -31.51 33.75
C LEU E 218 -22.25 -32.72 34.17
N ALA E 219 -21.13 -32.90 33.48
CA ALA E 219 -20.23 -34.01 33.78
C ALA E 219 -19.10 -33.56 34.71
N ALA E 220 -19.13 -34.06 35.94
CA ALA E 220 -18.10 -33.70 36.92
C ALA E 220 -17.22 -34.91 37.25
N LEU E 221 -16.07 -34.98 36.61
CA LEU E 221 -15.14 -36.09 36.83
C LEU E 221 -14.02 -35.67 37.78
N GLY E 222 -14.06 -36.24 38.99
CA GLY E 222 -13.04 -35.92 39.98
C GLY E 222 -13.60 -35.10 41.13
N PHE E 223 -14.90 -35.17 41.33
CA PHE E 223 -15.56 -34.42 42.40
C PHE E 223 -16.17 -35.36 43.43
N ALA E 224 -16.21 -34.92 44.68
CA ALA E 224 -16.77 -35.74 45.76
C ALA E 224 -18.03 -35.09 46.33
N GLY E 225 -17.85 -33.99 47.05
CA GLY E 225 -18.98 -33.30 47.63
C GLY E 225 -19.89 -32.69 46.59
N GLN E 226 -20.50 -31.56 46.93
CA GLN E 226 -21.40 -30.87 46.02
C GLN E 226 -20.99 -29.42 45.83
N PRO E 227 -21.19 -28.89 44.61
CA PRO E 227 -20.83 -27.51 44.27
C PRO E 227 -21.76 -26.51 44.95
N ASP E 228 -21.52 -25.22 44.71
CA ASP E 228 -22.31 -24.16 45.30
C ASP E 228 -23.38 -23.68 44.31
N ILE E 229 -24.63 -24.06 44.54
CA ILE E 229 -25.73 -23.66 43.67
C ILE E 229 -26.27 -22.30 44.07
N SER E 230 -26.18 -21.34 43.16
CA SER E 230 -26.68 -19.99 43.42
C SER E 230 -27.77 -19.61 42.42
N GLN E 231 -29.02 -19.78 42.82
CA GLN E 231 -30.16 -19.46 41.97
C GLN E 231 -30.43 -17.96 41.98
N GLN E 232 -30.13 -17.30 40.86
CA GLN E 232 -30.34 -15.86 40.74
C GLN E 232 -31.55 -15.56 39.86
N HIS E 233 -31.99 -14.31 39.88
CA HIS E 233 -33.15 -13.90 39.09
C HIS E 233 -32.77 -13.73 37.62
N ASP E 234 -31.47 -13.71 37.35
CA ASP E 234 -30.97 -13.55 35.98
C ASP E 234 -30.48 -14.89 35.44
N HIS E 235 -29.46 -15.45 36.08
CA HIS E 235 -28.90 -16.73 35.66
C HIS E 235 -28.56 -17.61 36.86
N ILE E 236 -27.83 -18.68 36.61
CA ILE E 236 -27.44 -19.59 37.68
C ILE E 236 -25.92 -19.62 37.85
N ILE E 237 -25.47 -20.04 39.03
CA ILE E 237 -24.05 -20.11 39.32
C ILE E 237 -23.70 -21.44 40.00
N VAL E 238 -22.68 -22.12 39.48
CA VAL E 238 -22.24 -23.39 40.05
C VAL E 238 -20.72 -23.46 40.11
N THR E 239 -20.19 -23.41 41.32
CA THR E 239 -18.74 -23.47 41.52
C THR E 239 -18.32 -24.85 42.03
N LEU E 240 -17.22 -25.36 41.48
CA LEU E 240 -16.71 -26.67 41.87
C LEU E 240 -15.25 -26.58 42.29
N LYS E 241 -15.02 -26.51 43.60
CA LYS E 241 -13.67 -26.42 44.14
C LYS E 241 -12.83 -27.61 43.69
N ASN E 242 -11.60 -27.34 43.26
CA ASN E 242 -10.69 -28.39 42.82
C ASN E 242 -11.25 -29.10 41.59
N HIS E 243 -12.06 -28.37 40.81
CA HIS E 243 -12.66 -28.93 39.61
C HIS E 243 -12.34 -28.06 38.39
N THR E 244 -11.28 -27.28 38.49
CA THR E 244 -10.87 -26.40 37.41
C THR E 244 -10.88 -27.13 36.07
N LEU E 245 -11.76 -26.71 35.17
CA LEU E 245 -11.86 -27.32 33.86
C LEU E 245 -11.09 -26.52 32.81
N PRO E 246 -10.57 -27.21 31.80
CA PRO E 246 -9.80 -26.59 30.72
C PRO E 246 -10.69 -25.74 29.80
N THR E 247 -10.09 -24.74 29.17
CA THR E 247 -10.82 -23.86 28.27
C THR E 247 -11.33 -24.62 27.04
N THR E 248 -10.83 -25.84 26.87
CA THR E 248 -11.24 -26.67 25.74
C THR E 248 -12.48 -27.48 26.07
N LEU E 249 -13.09 -27.18 27.22
CA LEU E 249 -14.30 -27.87 27.64
C LEU E 249 -15.33 -26.88 28.18
N GLN E 250 -15.03 -25.59 28.04
CA GLN E 250 -15.94 -24.55 28.52
C GLN E 250 -16.91 -24.13 27.41
N ARG E 251 -17.15 -25.04 26.47
CA ARG E 251 -18.07 -24.76 25.37
C ARG E 251 -19.45 -24.38 25.89
N SER E 252 -20.14 -23.55 25.13
CA SER E 252 -21.48 -23.09 25.51
C SER E 252 -22.55 -23.76 24.65
N LEU E 253 -23.79 -23.68 25.10
CA LEU E 253 -24.91 -24.28 24.37
C LEU E 253 -25.60 -23.25 23.49
N ASP E 254 -26.46 -23.73 22.58
CA ASP E 254 -27.19 -22.84 21.68
C ASP E 254 -28.67 -23.21 21.66
N VAL E 255 -29.21 -23.55 22.81
CA VAL E 255 -30.62 -23.92 22.92
C VAL E 255 -31.51 -22.69 22.87
N ALA E 256 -31.48 -21.98 21.75
CA ALA E 256 -32.29 -20.78 21.59
C ALA E 256 -33.62 -21.11 20.94
N ASP E 257 -34.70 -20.52 21.47
CA ASP E 257 -36.05 -20.76 20.94
C ASP E 257 -36.45 -22.21 21.13
N PHE E 258 -36.02 -22.81 22.23
CA PHE E 258 -36.33 -24.21 22.52
C PHE E 258 -37.60 -24.31 23.36
N LYS E 259 -38.25 -23.17 23.58
CA LYS E 259 -39.48 -23.13 24.37
C LYS E 259 -39.23 -23.63 25.78
N THR E 260 -38.16 -23.15 26.40
CA THR E 260 -37.80 -23.55 27.75
C THR E 260 -37.41 -22.35 28.60
N PRO E 261 -37.43 -22.51 29.93
CA PRO E 261 -37.08 -21.45 30.87
C PRO E 261 -35.59 -21.11 30.84
N VAL E 262 -34.81 -22.00 30.23
CA VAL E 262 -33.36 -21.80 30.13
C VAL E 262 -32.99 -21.10 28.82
N GLN E 263 -32.58 -19.84 28.93
CA GLN E 263 -32.20 -19.07 27.75
C GLN E 263 -31.07 -19.76 26.99
N LYS E 264 -29.98 -20.03 27.69
CA LYS E 264 -28.83 -20.70 27.06
C LYS E 264 -27.76 -21.03 28.11
N VAL E 265 -27.17 -22.21 27.99
CA VAL E 265 -26.14 -22.65 28.91
C VAL E 265 -24.76 -22.13 28.49
N THR E 266 -23.98 -21.68 29.46
CA THR E 266 -22.65 -21.17 29.18
C THR E 266 -21.63 -21.69 30.20
N LEU E 267 -20.57 -22.31 29.71
CA LEU E 267 -19.53 -22.85 30.58
C LEU E 267 -18.28 -21.98 30.54
N LYS E 268 -17.72 -21.72 31.71
CA LYS E 268 -16.50 -20.90 31.82
C LYS E 268 -15.55 -21.46 32.86
N ARG E 269 -14.29 -21.57 32.50
CA ARG E 269 -13.27 -22.09 33.41
C ARG E 269 -12.87 -21.04 34.44
N LEU E 270 -12.87 -21.43 35.71
CA LEU E 270 -12.51 -20.53 36.79
C LEU E 270 -11.04 -20.68 37.17
N ASN E 271 -10.58 -19.86 38.11
CA ASN E 271 -9.20 -19.92 38.56
C ASN E 271 -8.80 -21.34 38.92
N ASN E 272 -9.43 -21.88 39.97
CA ASN E 272 -9.14 -23.24 40.41
C ASN E 272 -10.41 -24.08 40.46
N ASP E 273 -11.54 -23.45 40.13
CA ASP E 273 -12.82 -24.15 40.13
C ASP E 273 -13.49 -24.06 38.76
N THR E 274 -14.73 -24.52 38.68
CA THR E 274 -15.47 -24.50 37.41
C THR E 274 -16.81 -23.80 37.59
N GLN E 275 -16.89 -22.56 37.11
CA GLN E 275 -18.12 -21.77 37.20
C GLN E 275 -19.05 -22.08 36.04
N LEU E 276 -20.35 -22.10 36.31
CA LEU E 276 -21.34 -22.37 35.28
C LEU E 276 -22.40 -21.26 35.23
N ILE E 277 -22.74 -20.83 34.02
CA ILE E 277 -23.72 -19.78 33.83
C ILE E 277 -24.90 -20.27 33.00
N ILE E 278 -26.05 -20.42 33.65
CA ILE E 278 -27.25 -20.89 32.96
C ILE E 278 -28.32 -19.80 32.92
N THR E 279 -28.25 -18.96 31.89
CA THR E 279 -29.20 -17.87 31.73
C THR E 279 -30.63 -18.39 31.70
N THR E 280 -31.54 -17.66 32.34
CA THR E 280 -32.94 -18.06 32.39
C THR E 280 -33.85 -16.89 32.06
N ALA E 281 -35.16 -17.12 32.09
CA ALA E 281 -36.14 -16.08 31.81
C ALA E 281 -37.44 -16.31 32.56
N GLY E 282 -38.14 -15.23 32.88
CA GLY E 282 -39.38 -15.34 33.61
C GLY E 282 -39.25 -16.16 34.87
N ASN E 283 -40.38 -16.42 35.52
CA ASN E 283 -40.39 -17.20 36.76
C ASN E 283 -40.03 -18.66 36.48
N TRP E 284 -39.17 -19.23 37.32
CA TRP E 284 -38.75 -20.61 37.16
C TRP E 284 -38.22 -21.17 38.48
N GLU E 285 -37.94 -22.47 38.50
CA GLU E 285 -37.43 -23.13 39.70
C GLU E 285 -36.25 -24.04 39.36
N LEU E 286 -35.26 -24.05 40.24
CA LEU E 286 -34.07 -24.88 40.04
C LEU E 286 -34.16 -26.16 40.86
N VAL E 287 -33.73 -27.27 40.25
CA VAL E 287 -33.76 -28.57 40.92
C VAL E 287 -32.52 -29.38 40.58
N ASN E 288 -31.65 -29.55 41.57
CA ASN E 288 -30.41 -30.31 41.37
C ASN E 288 -30.64 -31.79 41.66
N LYS E 289 -30.02 -32.65 40.86
CA LYS E 289 -30.15 -34.09 41.03
C LYS E 289 -28.80 -34.77 40.90
N SER E 290 -28.48 -35.64 41.86
CA SER E 290 -27.21 -36.37 41.84
C SER E 290 -27.44 -37.87 41.69
N ALA E 291 -27.41 -38.34 40.45
CA ALA E 291 -27.62 -39.75 40.16
C ALA E 291 -26.38 -40.57 40.50
N ALA E 292 -25.30 -39.87 40.84
CA ALA E 292 -24.04 -40.54 41.19
C ALA E 292 -22.98 -39.52 41.58
N PRO E 293 -21.93 -39.98 42.29
CA PRO E 293 -20.84 -39.13 42.73
C PRO E 293 -19.96 -38.66 41.58
N GLY E 294 -20.44 -37.66 40.85
CA GLY E 294 -19.69 -37.13 39.73
C GLY E 294 -20.59 -36.54 38.66
N TYR E 295 -21.81 -37.05 38.57
CA TYR E 295 -22.76 -36.58 37.57
C TYR E 295 -23.75 -35.60 38.19
N PHE E 296 -23.73 -34.35 37.72
CA PHE E 296 -24.62 -33.32 38.23
C PHE E 296 -25.68 -32.96 37.20
N THR E 297 -26.86 -32.58 37.68
CA THR E 297 -27.96 -32.22 36.80
C THR E 297 -28.75 -31.04 37.36
N PHE E 298 -29.35 -30.26 36.48
CA PHE E 298 -30.14 -29.10 36.89
C PHE E 298 -31.45 -29.03 36.10
N GLN E 299 -32.54 -29.38 36.75
CA GLN E 299 -33.86 -29.36 36.11
C GLN E 299 -34.49 -27.98 36.24
N VAL E 300 -34.37 -27.17 35.20
CA VAL E 300 -34.93 -25.83 35.19
C VAL E 300 -36.37 -25.83 34.70
N LEU E 301 -37.33 -25.80 35.62
CA LEU E 301 -38.74 -25.80 35.27
C LEU E 301 -39.33 -24.40 35.38
N PHE E 319 -64.42 0.28 11.53
CA PHE E 319 -63.35 0.60 12.50
C PHE E 319 -63.95 1.22 13.71
N THR E 320 -64.82 0.48 14.41
CA THR E 320 -65.35 0.97 15.64
C THR E 320 -66.06 -0.19 16.22
N GLY E 321 -65.71 -0.58 17.46
CA GLY E 321 -66.36 -1.75 17.95
C GLY E 321 -66.36 -1.75 19.44
N ARG E 322 -66.97 -2.80 20.01
CA ARG E 322 -67.11 -2.95 21.43
C ARG E 322 -65.73 -3.15 21.99
N LYS E 323 -65.55 -2.80 23.28
CA LYS E 323 -64.27 -2.98 23.89
C LYS E 323 -64.14 -4.42 24.28
N ILE E 324 -62.95 -5.02 24.07
CA ILE E 324 -62.72 -6.38 24.46
C ILE E 324 -61.30 -6.45 24.97
N SER E 325 -60.96 -7.52 25.71
CA SER E 325 -59.58 -7.72 26.06
C SER E 325 -59.17 -8.93 25.30
N LEU E 326 -58.10 -8.85 24.48
CA LEU E 326 -57.78 -10.01 23.70
C LEU E 326 -56.60 -10.72 24.28
N ASP E 327 -56.85 -11.95 24.77
CA ASP E 327 -55.77 -12.73 25.30
C ASP E 327 -55.72 -14.00 24.52
N PHE E 328 -54.71 -14.17 23.66
CA PHE E 328 -54.61 -15.39 22.92
C PHE E 328 -53.24 -15.95 23.17
N GLN E 329 -53.16 -17.15 23.77
CA GLN E 329 -51.87 -17.71 24.04
C GLN E 329 -51.60 -18.81 23.08
N ASP E 330 -50.59 -18.59 22.23
CA ASP E 330 -50.12 -19.52 21.25
C ASP E 330 -51.28 -20.12 20.53
N VAL E 331 -52.05 -19.29 19.80
CA VAL E 331 -53.18 -19.81 19.08
C VAL E 331 -53.07 -19.40 17.64
N GLU E 332 -53.72 -20.16 16.74
CA GLU E 332 -53.64 -19.85 15.35
C GLU E 332 -54.35 -18.55 15.14
N ILE E 333 -53.83 -17.73 14.22
CA ILE E 333 -54.39 -16.45 13.90
C ILE E 333 -55.76 -16.71 13.37
N ARG E 334 -55.91 -17.84 12.66
CA ARG E 334 -57.17 -18.16 12.06
C ARG E 334 -58.20 -18.28 13.13
N THR E 335 -57.86 -18.92 14.26
CA THR E 335 -58.79 -19.10 15.33
C THR E 335 -59.11 -17.75 15.91
N ILE E 336 -58.10 -16.88 16.07
CA ILE E 336 -58.35 -15.59 16.62
C ILE E 336 -59.27 -14.85 15.71
N LEU E 337 -59.14 -15.09 14.41
CA LEU E 337 -59.97 -14.46 13.43
C LEU E 337 -61.40 -14.86 13.67
N GLN E 338 -61.66 -16.16 13.89
CA GLN E 338 -62.98 -16.70 14.07
C GLN E 338 -63.56 -16.17 15.34
N ILE E 339 -62.74 -16.12 16.41
CA ILE E 339 -63.19 -15.76 17.72
C ILE E 339 -63.73 -14.38 17.67
N LEU E 340 -63.03 -13.47 16.98
CA LEU E 340 -63.44 -12.10 16.88
C LEU E 340 -64.76 -12.02 16.18
N ALA E 341 -64.93 -12.82 15.11
CA ALA E 341 -66.15 -12.80 14.33
C ALA E 341 -67.28 -13.23 15.20
N LYS E 342 -67.04 -14.25 16.06
CA LYS E 342 -68.02 -14.82 16.93
C LYS E 342 -68.47 -13.76 17.91
N GLU E 343 -67.55 -12.83 18.21
CA GLU E 343 -67.67 -11.70 19.09
C GLU E 343 -68.60 -10.71 18.50
N SER E 344 -69.18 -11.02 17.33
CA SER E 344 -70.05 -10.14 16.62
C SER E 344 -69.21 -9.12 15.94
N GLY E 345 -67.90 -9.41 15.80
CA GLY E 345 -67.06 -8.52 15.07
C GLY E 345 -67.00 -8.99 13.66
N MET E 346 -67.96 -8.51 12.83
CA MET E 346 -67.95 -8.83 11.43
C MET E 346 -67.93 -10.31 11.22
N ASN E 347 -67.86 -10.70 9.93
CA ASN E 347 -67.69 -12.08 9.58
C ASN E 347 -66.36 -12.13 8.90
N ILE E 348 -65.34 -12.68 9.59
CA ILE E 348 -64.02 -12.65 9.03
C ILE E 348 -63.68 -13.99 8.47
N VAL E 349 -63.28 -14.02 7.19
CA VAL E 349 -62.89 -15.24 6.56
C VAL E 349 -61.53 -15.03 5.98
N ALA E 350 -60.58 -15.90 6.36
CA ALA E 350 -59.23 -15.78 5.88
C ALA E 350 -59.12 -16.55 4.61
N SER E 351 -57.92 -16.49 4.01
CA SER E 351 -57.62 -17.30 2.89
C SER E 351 -57.38 -18.64 3.50
N ASP E 352 -56.73 -19.56 2.80
CA ASP E 352 -56.48 -20.77 3.52
C ASP E 352 -55.26 -20.75 4.40
N SER E 353 -54.07 -20.57 3.78
CA SER E 353 -52.86 -20.67 4.55
C SER E 353 -52.28 -19.30 4.63
N VAL E 354 -52.79 -18.54 5.60
CA VAL E 354 -52.44 -17.18 5.84
C VAL E 354 -51.13 -17.00 6.55
N ASN E 355 -50.81 -17.88 7.53
CA ASN E 355 -49.68 -17.57 8.35
C ASN E 355 -49.42 -18.73 9.23
N GLY E 356 -49.69 -18.53 10.54
CA GLY E 356 -49.47 -19.52 11.54
C GLY E 356 -50.15 -19.05 12.78
N LYS E 357 -49.54 -19.33 13.94
CA LYS E 357 -50.07 -19.07 15.24
C LYS E 357 -49.35 -17.88 15.81
N MET E 358 -50.01 -17.12 16.71
CA MET E 358 -49.36 -15.96 17.30
C MET E 358 -49.85 -15.80 18.71
N THR E 359 -49.07 -15.07 19.56
CA THR E 359 -49.49 -14.85 20.91
C THR E 359 -49.57 -13.38 21.20
N LEU E 360 -50.77 -12.89 21.56
CA LEU E 360 -50.93 -11.51 21.97
C LEU E 360 -51.78 -11.47 23.19
N SER E 361 -51.57 -10.44 24.05
CA SER E 361 -52.38 -10.25 25.21
C SER E 361 -52.63 -8.78 25.32
N LEU E 362 -53.91 -8.35 25.19
CA LEU E 362 -54.27 -6.96 25.26
C LEU E 362 -55.40 -6.83 26.22
N LYS E 363 -55.60 -5.59 26.72
CA LYS E 363 -56.68 -5.33 27.63
C LYS E 363 -57.26 -3.99 27.27
N ASP E 364 -58.58 -3.85 27.46
CA ASP E 364 -59.28 -2.62 27.22
C ASP E 364 -59.03 -2.12 25.82
N VAL E 365 -59.30 -2.96 24.80
CA VAL E 365 -59.13 -2.50 23.44
C VAL E 365 -60.26 -3.00 22.60
N PRO E 366 -60.81 -2.17 21.76
CA PRO E 366 -61.89 -2.59 20.92
C PRO E 366 -61.35 -3.62 19.97
N TRP E 367 -62.18 -4.61 19.57
CA TRP E 367 -61.72 -5.69 18.76
C TRP E 367 -61.18 -5.16 17.46
N ASP E 368 -61.78 -4.08 16.93
CA ASP E 368 -61.30 -3.55 15.70
C ASP E 368 -59.91 -3.04 15.87
N GLN E 369 -59.63 -2.34 16.99
CA GLN E 369 -58.30 -1.82 17.20
C GLN E 369 -57.33 -2.94 17.41
N ALA E 370 -57.72 -3.95 18.22
CA ALA E 370 -56.86 -5.05 18.54
C ALA E 370 -56.54 -5.75 17.27
N LEU E 371 -57.51 -5.82 16.35
CA LEU E 371 -57.30 -6.49 15.10
C LEU E 371 -56.16 -5.84 14.38
N ASP E 372 -56.12 -4.49 14.35
CA ASP E 372 -55.08 -3.84 13.62
C ASP E 372 -53.76 -4.16 14.26
N LEU E 373 -53.74 -4.18 15.61
CA LEU E 373 -52.53 -4.43 16.32
C LEU E 373 -52.10 -5.83 16.00
N VAL E 374 -53.09 -6.75 15.94
CA VAL E 374 -52.82 -8.14 15.68
C VAL E 374 -52.18 -8.28 14.35
N MET E 375 -52.65 -7.52 13.36
CA MET E 375 -52.18 -7.64 12.00
C MET E 375 -50.71 -7.35 11.97
N GLN E 376 -50.30 -6.28 12.67
CA GLN E 376 -48.95 -5.76 12.68
C GLN E 376 -47.99 -6.74 13.27
N ALA E 377 -48.44 -7.54 14.26
CA ALA E 377 -47.55 -8.38 15.01
C ALA E 377 -46.82 -9.33 14.12
N ARG E 378 -47.53 -9.91 13.14
CA ARG E 378 -46.87 -10.81 12.23
C ARG E 378 -47.96 -11.23 11.30
N ASN E 379 -49.19 -10.94 11.75
CA ASN E 379 -50.40 -11.32 11.11
C ASN E 379 -50.59 -10.58 9.84
N LEU E 380 -51.77 -10.81 9.25
CA LEU E 380 -52.16 -10.41 7.93
C LEU E 380 -52.77 -9.04 7.92
N ASP E 381 -53.09 -8.59 6.69
CA ASP E 381 -53.77 -7.37 6.41
C ASP E 381 -55.20 -7.76 6.12
N MET E 382 -56.16 -6.83 6.22
CA MET E 382 -57.54 -7.18 6.04
C MET E 382 -58.15 -6.39 4.92
N ARG E 383 -59.07 -7.04 4.18
CA ARG E 383 -59.83 -6.36 3.17
C ARG E 383 -61.26 -6.70 3.46
N GLN E 384 -62.18 -5.75 3.31
CA GLN E 384 -63.53 -6.07 3.66
C GLN E 384 -64.40 -5.94 2.44
N GLN E 385 -65.19 -6.99 2.16
CA GLN E 385 -66.18 -7.01 1.12
C GLN E 385 -67.33 -6.16 1.57
N GLY E 386 -67.59 -6.15 2.90
CA GLY E 386 -68.65 -5.40 3.50
C GLY E 386 -69.34 -6.28 4.50
N ASN E 387 -70.04 -7.34 4.05
CA ASN E 387 -70.62 -8.25 5.00
C ASN E 387 -69.54 -9.15 5.52
N ILE E 388 -68.71 -9.66 4.60
CA ILE E 388 -67.71 -10.60 4.99
C ILE E 388 -66.38 -9.98 4.72
N VAL E 389 -65.38 -10.31 5.55
CA VAL E 389 -64.09 -9.74 5.38
C VAL E 389 -63.10 -10.81 5.07
N ASN E 390 -62.22 -10.55 4.09
CA ASN E 390 -61.22 -11.52 3.77
C ASN E 390 -59.90 -10.99 4.23
N ILE E 391 -59.15 -11.83 4.97
CA ILE E 391 -57.85 -11.45 5.44
C ILE E 391 -56.85 -12.36 4.80
N ALA E 392 -55.76 -11.77 4.29
CA ALA E 392 -54.79 -12.56 3.58
C ALA E 392 -53.42 -12.22 4.07
N PRO E 393 -52.57 -13.17 3.78
CA PRO E 393 -51.18 -13.19 4.13
C PRO E 393 -50.41 -12.16 3.41
N ARG E 394 -51.09 -11.24 2.69
CA ARG E 394 -50.40 -10.18 2.01
C ARG E 394 -49.70 -9.41 3.09
N ASP E 395 -48.42 -9.75 3.34
CA ASP E 395 -47.68 -9.17 4.41
C ASP E 395 -46.27 -9.05 3.97
N GLU E 396 -45.64 -7.92 4.32
CA GLU E 396 -44.28 -7.68 3.96
C GLU E 396 -43.38 -8.67 4.60
N LEU E 397 -43.49 -8.81 5.94
CA LEU E 397 -42.50 -9.56 6.65
C LEU E 397 -42.50 -11.03 6.42
N LEU E 398 -43.64 -11.73 6.55
CA LEU E 398 -43.52 -13.16 6.53
C LEU E 398 -43.09 -13.70 5.22
N ALA E 399 -43.75 -13.26 4.14
CA ALA E 399 -43.44 -13.88 2.89
C ALA E 399 -42.01 -13.61 2.57
N LYS E 400 -41.58 -12.35 2.70
CA LYS E 400 -40.24 -12.12 2.30
C LYS E 400 -39.25 -12.67 3.25
N ASP E 401 -39.54 -12.65 4.56
CA ASP E 401 -38.55 -13.06 5.52
C ASP E 401 -38.16 -14.45 5.21
N LYS E 402 -39.17 -15.30 4.95
CA LYS E 402 -38.91 -16.67 4.67
C LYS E 402 -38.14 -16.78 3.39
N ALA E 403 -38.51 -15.95 2.40
CA ALA E 403 -37.85 -15.99 1.13
C ALA E 403 -36.41 -15.65 1.33
N PHE E 404 -36.10 -14.69 2.23
CA PHE E 404 -34.74 -14.28 2.42
C PHE E 404 -33.95 -15.45 2.89
N LEU E 405 -34.49 -16.17 3.88
CA LEU E 405 -33.75 -17.26 4.45
C LEU E 405 -33.53 -18.27 3.39
N GLN E 406 -34.53 -18.44 2.51
CA GLN E 406 -34.46 -19.41 1.47
C GLN E 406 -33.30 -19.09 0.56
N ALA E 407 -33.10 -17.80 0.24
CA ALA E 407 -32.07 -17.43 -0.68
C ALA E 407 -30.72 -17.72 -0.09
N GLU E 408 -29.85 -18.33 -0.92
CA GLU E 408 -28.50 -18.68 -0.53
C GLU E 408 -27.68 -17.44 -0.40
N LYS E 409 -27.85 -16.48 -1.34
CA LYS E 409 -27.02 -15.32 -1.32
C LYS E 409 -27.35 -14.47 -0.13
N ASP E 410 -26.31 -13.89 0.48
CA ASP E 410 -26.43 -13.08 1.65
C ASP E 410 -27.18 -11.83 1.29
N ILE E 411 -26.89 -11.27 0.10
CA ILE E 411 -27.52 -10.06 -0.32
C ILE E 411 -28.98 -10.32 -0.43
N ALA E 412 -29.35 -11.52 -0.90
CA ALA E 412 -30.72 -11.89 -1.09
C ALA E 412 -31.40 -11.83 0.24
N ASP E 413 -30.66 -12.10 1.32
CA ASP E 413 -31.22 -12.07 2.63
C ASP E 413 -31.81 -10.70 2.79
N LEU E 414 -31.23 -9.69 2.11
CA LEU E 414 -31.84 -8.40 2.17
C LEU E 414 -32.61 -8.24 0.88
N GLY E 415 -33.94 -8.04 0.99
CA GLY E 415 -34.77 -7.88 -0.17
C GLY E 415 -36.08 -7.44 0.36
N ALA E 416 -37.09 -7.20 -0.51
CA ALA E 416 -38.29 -6.78 0.14
C ALA E 416 -39.49 -6.88 -0.73
N LEU E 417 -40.62 -7.14 -0.05
CA LEU E 417 -41.87 -6.97 -0.70
C LEU E 417 -42.22 -5.58 -0.32
N TYR E 418 -42.76 -4.78 -1.25
CA TYR E 418 -42.95 -3.43 -0.85
C TYR E 418 -44.31 -3.03 -1.32
N SER E 419 -44.77 -1.84 -0.88
CA SER E 419 -46.06 -1.39 -1.33
C SER E 419 -45.82 -0.10 -2.03
N GLN E 420 -46.57 0.13 -3.12
CA GLN E 420 -46.39 1.36 -3.83
C GLN E 420 -47.73 1.80 -4.30
N ASN E 421 -47.90 3.13 -4.50
CA ASN E 421 -49.15 3.65 -4.96
C ASN E 421 -48.96 4.14 -6.36
N PHE E 422 -49.87 3.74 -7.27
CA PHE E 422 -49.76 4.12 -8.64
C PHE E 422 -50.88 5.09 -8.89
N GLN E 423 -50.54 6.28 -9.40
CA GLN E 423 -51.57 7.24 -9.70
C GLN E 423 -52.04 6.91 -11.09
N LEU E 424 -53.36 7.03 -11.35
CA LEU E 424 -53.87 6.80 -12.69
C LEU E 424 -54.53 8.07 -13.11
N LYS E 425 -53.84 8.91 -13.91
CA LYS E 425 -54.44 10.14 -14.31
C LYS E 425 -55.49 9.98 -15.37
N TYR E 426 -55.11 9.36 -16.50
CA TYR E 426 -55.93 9.27 -17.69
C TYR E 426 -57.05 8.27 -17.67
N LYS E 427 -56.82 7.06 -17.13
CA LYS E 427 -57.83 6.04 -17.30
C LYS E 427 -58.43 5.65 -15.99
N ASN E 428 -59.62 5.02 -16.05
CA ASN E 428 -60.29 4.57 -14.86
C ASN E 428 -59.60 3.33 -14.38
N VAL E 429 -59.54 3.19 -13.05
CA VAL E 429 -58.82 2.15 -12.38
C VAL E 429 -59.40 0.81 -12.68
N GLU E 430 -60.73 0.72 -12.73
CA GLU E 430 -61.43 -0.53 -12.89
C GLU E 430 -61.11 -1.15 -14.21
N GLU E 431 -60.83 -0.34 -15.24
CA GLU E 431 -60.59 -0.87 -16.56
C GLU E 431 -59.37 -1.74 -16.53
N PHE E 432 -58.39 -1.38 -15.69
CA PHE E 432 -57.14 -2.07 -15.52
C PHE E 432 -57.36 -3.43 -14.93
N ARG E 433 -58.44 -3.59 -14.14
CA ARG E 433 -58.64 -4.76 -13.32
C ARG E 433 -58.47 -6.03 -14.11
N SER E 434 -59.06 -6.13 -15.31
CA SER E 434 -59.00 -7.36 -16.03
C SER E 434 -57.57 -7.76 -16.25
N ILE E 435 -56.74 -6.83 -16.79
CA ILE E 435 -55.38 -7.15 -17.10
C ILE E 435 -54.61 -7.45 -15.85
N LEU E 436 -54.78 -6.63 -14.80
CA LEU E 436 -54.01 -6.79 -13.60
C LEU E 436 -54.32 -8.10 -12.96
N ARG E 437 -55.60 -8.51 -13.00
CA ARG E 437 -55.96 -9.75 -12.39
C ARG E 437 -55.24 -10.85 -13.10
N LEU E 438 -55.15 -10.75 -14.44
CA LEU E 438 -54.55 -11.80 -15.23
C LEU E 438 -53.09 -11.94 -14.92
N ASP E 439 -52.33 -10.82 -14.91
CA ASP E 439 -50.91 -10.94 -14.69
C ASP E 439 -50.66 -11.38 -13.29
N ASN E 440 -51.55 -10.97 -12.37
CA ASN E 440 -51.38 -11.27 -10.99
C ASN E 440 -51.52 -12.77 -10.85
N ALA E 441 -52.39 -13.38 -11.68
CA ALA E 441 -52.53 -14.80 -11.51
C ALA E 441 -51.43 -15.46 -12.24
N ASP E 442 -50.30 -15.67 -11.54
CA ASP E 442 -49.26 -16.43 -12.14
C ASP E 442 -49.45 -17.77 -11.51
N THR E 443 -50.74 -18.17 -11.48
CA THR E 443 -51.19 -19.42 -10.96
C THR E 443 -52.50 -19.65 -11.63
N THR E 444 -53.08 -20.86 -11.46
CA THR E 444 -54.34 -21.08 -12.09
C THR E 444 -55.40 -20.48 -11.22
N GLY E 445 -56.34 -19.74 -11.83
CA GLY E 445 -57.40 -19.14 -11.08
C GLY E 445 -58.32 -18.53 -12.09
N ASN E 446 -59.60 -18.99 -12.10
CA ASN E 446 -60.52 -18.49 -13.07
C ASN E 446 -60.75 -17.04 -12.82
N ARG E 447 -61.02 -16.65 -11.55
CA ARG E 447 -61.27 -15.25 -11.32
C ARG E 447 -61.10 -14.99 -9.85
N ASN E 448 -60.00 -14.30 -9.46
CA ASN E 448 -59.80 -13.99 -8.06
C ASN E 448 -59.26 -12.60 -7.97
N THR E 449 -59.87 -11.77 -7.09
CA THR E 449 -59.35 -10.45 -6.90
C THR E 449 -58.02 -10.58 -6.21
N LEU E 450 -57.96 -11.42 -5.16
CA LEU E 450 -56.73 -11.68 -4.47
C LEU E 450 -56.03 -12.68 -5.32
N ILE E 451 -54.69 -12.74 -5.29
CA ILE E 451 -54.22 -13.70 -6.22
C ILE E 451 -52.99 -14.36 -5.70
N SER E 452 -52.52 -15.39 -6.44
CA SER E 452 -51.36 -16.09 -6.00
C SER E 452 -50.13 -15.40 -6.46
N GLY E 453 -49.02 -16.15 -6.50
CA GLY E 453 -47.77 -15.53 -6.77
C GLY E 453 -47.26 -15.14 -5.44
N ARG E 454 -47.72 -15.88 -4.42
CA ARG E 454 -47.32 -15.73 -3.05
C ARG E 454 -47.58 -14.36 -2.48
N GLY E 455 -48.86 -13.95 -2.42
CA GLY E 455 -49.20 -12.77 -1.68
C GLY E 455 -49.07 -11.49 -2.44
N SER E 456 -49.44 -11.45 -3.74
CA SER E 456 -49.42 -10.19 -4.40
C SER E 456 -50.82 -9.66 -4.37
N VAL E 457 -51.01 -8.34 -4.19
CA VAL E 457 -52.36 -7.86 -4.13
C VAL E 457 -52.45 -6.52 -4.76
N LEU E 458 -53.62 -6.26 -5.38
CA LEU E 458 -53.87 -4.96 -5.94
C LEU E 458 -55.10 -4.43 -5.28
N ILE E 459 -55.05 -3.16 -4.83
CA ILE E 459 -56.20 -2.59 -4.17
C ILE E 459 -56.53 -1.31 -4.88
N ASP E 460 -57.85 -1.02 -5.00
CA ASP E 460 -58.27 0.17 -5.70
C ASP E 460 -58.86 1.15 -4.75
N PRO E 461 -58.17 2.23 -4.58
CA PRO E 461 -58.72 3.31 -3.81
C PRO E 461 -59.72 4.13 -4.58
N ALA E 462 -60.57 4.87 -3.83
CA ALA E 462 -61.64 5.66 -4.35
C ALA E 462 -61.13 6.77 -5.22
N THR E 463 -59.99 7.37 -4.87
CA THR E 463 -59.57 8.48 -5.68
C THR E 463 -58.78 7.97 -6.84
N ASN E 464 -59.27 6.87 -7.45
CA ASN E 464 -58.69 6.28 -8.63
C ASN E 464 -57.21 6.22 -8.59
N THR E 465 -56.66 5.51 -7.60
CA THR E 465 -55.25 5.24 -7.58
C THR E 465 -55.19 3.78 -7.29
N LEU E 466 -54.11 3.10 -7.68
CA LEU E 466 -54.01 1.69 -7.40
C LEU E 466 -52.90 1.51 -6.42
N ILE E 467 -53.07 0.63 -5.44
CA ILE E 467 -52.02 0.38 -4.50
C ILE E 467 -51.65 -1.04 -4.67
N VAL E 468 -50.35 -1.32 -4.83
CA VAL E 468 -50.03 -2.71 -4.98
C VAL E 468 -49.07 -3.08 -3.89
N THR E 469 -49.30 -4.28 -3.30
CA THR E 469 -48.47 -4.77 -2.26
C THR E 469 -47.97 -6.10 -2.70
N ASP E 470 -46.63 -6.28 -2.77
CA ASP E 470 -46.15 -7.57 -3.17
C ASP E 470 -44.66 -7.50 -3.31
N THR E 471 -44.09 -8.51 -3.99
CA THR E 471 -42.67 -8.58 -4.21
C THR E 471 -42.33 -7.53 -5.21
N ARG E 472 -41.07 -7.07 -5.20
CA ARG E 472 -40.63 -6.02 -6.07
C ARG E 472 -40.79 -6.44 -7.50
N SER E 473 -40.45 -7.70 -7.82
CA SER E 473 -40.53 -8.11 -9.19
C SER E 473 -41.95 -7.99 -9.66
N VAL E 474 -42.91 -8.50 -8.88
CA VAL E 474 -44.28 -8.50 -9.28
C VAL E 474 -44.77 -7.08 -9.35
N ILE E 475 -44.37 -6.23 -8.40
CA ILE E 475 -44.83 -4.87 -8.41
C ILE E 475 -44.33 -4.17 -9.62
N GLU E 476 -43.09 -4.45 -10.04
CA GLU E 476 -42.53 -3.80 -11.19
C GLU E 476 -43.38 -4.11 -12.38
N LYS E 477 -43.78 -5.38 -12.53
CA LYS E 477 -44.53 -5.79 -13.68
C LYS E 477 -45.81 -5.03 -13.71
N PHE E 478 -46.51 -4.98 -12.56
CA PHE E 478 -47.79 -4.34 -12.49
C PHE E 478 -47.66 -2.87 -12.81
N ARG E 479 -46.59 -2.22 -12.33
CA ARG E 479 -46.47 -0.81 -12.59
C ARG E 479 -46.31 -0.58 -14.06
N LYS E 480 -45.49 -1.41 -14.72
CA LYS E 480 -45.21 -1.18 -16.12
C LYS E 480 -46.48 -1.21 -16.89
N LEU E 481 -47.36 -2.19 -16.62
CA LEU E 481 -48.60 -2.31 -17.34
C LEU E 481 -49.50 -1.15 -17.08
N ILE E 482 -49.63 -0.74 -15.81
CA ILE E 482 -50.54 0.31 -15.46
C ILE E 482 -50.13 1.58 -16.15
N ASP E 483 -48.83 1.93 -16.06
CA ASP E 483 -48.38 3.15 -16.66
C ASP E 483 -48.54 3.04 -18.14
N GLU E 484 -48.31 1.84 -18.68
CA GLU E 484 -48.36 1.66 -20.10
C GLU E 484 -49.75 1.95 -20.58
N LEU E 485 -50.79 1.42 -19.90
CA LEU E 485 -52.14 1.66 -20.36
C LEU E 485 -52.48 3.11 -20.19
N ASP E 486 -52.00 3.72 -19.10
CA ASP E 486 -52.35 5.08 -18.79
C ASP E 486 -51.84 5.98 -19.88
N VAL E 487 -50.65 5.71 -20.44
CA VAL E 487 -50.10 6.60 -21.41
C VAL E 487 -50.98 6.71 -22.63
N PRO E 488 -51.46 5.66 -23.24
CA PRO E 488 -52.32 5.88 -24.35
C PRO E 488 -53.59 6.56 -24.00
N ALA E 489 -54.07 6.39 -22.77
CA ALA E 489 -55.25 7.11 -22.38
C ALA E 489 -54.86 8.55 -22.42
N GLN E 490 -53.60 8.82 -22.05
CA GLN E 490 -53.06 10.14 -21.92
C GLN E 490 -53.13 10.87 -23.23
N GLN E 491 -52.82 10.21 -24.36
CA GLN E 491 -52.88 11.02 -25.53
C GLN E 491 -54.33 11.28 -25.80
N VAL E 492 -54.77 12.52 -25.49
CA VAL E 492 -56.14 12.86 -25.69
C VAL E 492 -56.23 13.66 -26.98
N MET E 493 -56.89 14.73 -26.99
N THR F 202 -10.99 -18.98 43.08
CA THR F 202 -11.71 -17.76 43.38
C THR F 202 -12.65 -17.38 42.25
N ASN F 203 -13.72 -16.67 42.60
CA ASN F 203 -14.71 -16.25 41.61
C ASN F 203 -15.76 -15.36 42.24
N ILE F 204 -16.45 -14.58 41.41
CA ILE F 204 -17.49 -13.67 41.89
C ILE F 204 -18.85 -14.04 41.30
N ASP F 205 -19.92 -13.66 42.01
CA ASP F 205 -21.27 -13.95 41.55
C ASP F 205 -22.25 -12.89 42.06
N PHE F 206 -23.35 -12.73 41.34
CA PHE F 206 -24.37 -11.75 41.70
C PHE F 206 -25.76 -12.37 41.68
N ARG F 207 -26.63 -11.89 42.56
CA ARG F 207 -28.00 -12.39 42.65
C ARG F 207 -28.90 -11.43 43.42
N LYS F 208 -30.19 -11.47 43.15
CA LYS F 208 -31.14 -10.60 43.82
C LYS F 208 -32.00 -11.40 44.79
N ASP F 209 -32.37 -10.78 45.91
CA ASP F 209 -33.19 -11.43 46.91
C ASP F 209 -33.94 -10.40 47.75
N GLY F 210 -34.64 -10.87 48.79
CA GLY F 210 -35.38 -9.97 49.65
C GLY F 210 -36.31 -9.07 48.88
N LYS F 211 -36.00 -7.77 48.88
CA LYS F 211 -36.82 -6.79 48.17
C LYS F 211 -35.94 -5.83 47.37
N ASN F 212 -35.61 -6.23 46.15
CA ASN F 212 -34.78 -5.41 45.28
C ASN F 212 -33.40 -5.19 45.90
N ALA F 213 -32.81 -6.27 46.41
CA ALA F 213 -31.49 -6.20 47.02
C ALA F 213 -30.44 -6.83 46.11
N GLY F 214 -29.26 -6.22 46.07
CA GLY F 214 -28.18 -6.73 45.23
C GLY F 214 -27.17 -7.53 46.03
N ILE F 215 -27.26 -8.86 45.94
CA ILE F 215 -26.35 -9.74 46.64
C ILE F 215 -25.14 -10.10 45.78
N ILE F 216 -23.95 -10.09 46.39
CA ILE F 216 -22.73 -10.42 45.68
C ILE F 216 -22.01 -11.58 46.33
N GLU F 217 -22.32 -12.80 45.88
CA GLU F 217 -21.70 -14.00 46.42
C GLU F 217 -20.30 -14.20 45.84
N LEU F 218 -19.29 -14.11 46.70
CA LEU F 218 -17.91 -14.28 46.28
C LEU F 218 -17.34 -15.61 46.78
N ALA F 219 -16.62 -16.31 45.91
CA ALA F 219 -16.02 -17.58 46.27
C ALA F 219 -14.57 -17.41 46.70
N ALA F 220 -14.30 -17.61 47.98
CA ALA F 220 -12.94 -17.48 48.51
C ALA F 220 -12.39 -18.84 48.94
N LEU F 221 -11.59 -19.43 48.07
CA LEU F 221 -10.99 -20.73 48.34
C LEU F 221 -9.55 -20.58 48.81
N GLY F 222 -9.30 -20.86 50.09
CA GLY F 222 -7.97 -20.74 50.64
C GLY F 222 -7.84 -19.58 51.61
N PHE F 223 -8.97 -19.14 52.15
CA PHE F 223 -8.98 -18.02 53.10
C PHE F 223 -9.44 -18.47 54.47
N ALA F 224 -8.92 -17.82 55.51
CA ALA F 224 -9.28 -18.17 56.88
C ALA F 224 -10.03 -17.02 57.55
N GLY F 225 -9.32 -15.94 57.85
CA GLY F 225 -9.93 -14.79 58.49
C GLY F 225 -10.94 -14.10 57.58
N GLN F 226 -11.05 -12.78 57.73
CA GLN F 226 -11.99 -12.00 56.93
C GLN F 226 -11.27 -10.86 56.23
N PRO F 227 -11.73 -10.54 55.00
CA PRO F 227 -11.14 -9.46 54.20
C PRO F 227 -11.46 -8.08 54.78
N ASP F 228 -10.96 -7.04 54.11
CA ASP F 228 -11.18 -5.67 54.56
C ASP F 228 -12.33 -5.03 53.78
N ILE F 229 -13.48 -4.90 54.43
CA ILE F 229 -14.66 -4.30 53.80
C ILE F 229 -14.64 -2.79 53.93
N SER F 230 -14.60 -2.11 52.79
CA SER F 230 -14.58 -0.65 52.76
C SER F 230 -15.79 -0.10 52.02
N GLN F 231 -16.82 0.26 52.77
CA GLN F 231 -18.03 0.81 52.18
C GLN F 231 -17.86 2.28 51.83
N GLN F 232 -17.80 2.56 50.53
CA GLN F 232 -17.63 3.92 50.05
C GLN F 232 -18.93 4.47 49.48
N HIS F 233 -18.97 5.78 49.25
CA HIS F 233 -20.16 6.42 48.71
C HIS F 233 -20.27 6.16 47.21
N ASP F 234 -19.20 5.67 46.61
CA ASP F 234 -19.18 5.38 45.17
C ASP F 234 -19.30 3.88 44.93
N HIS F 235 -18.32 3.12 45.42
CA HIS F 235 -18.32 1.67 45.25
C HIS F 235 -17.85 0.98 46.53
N ILE F 236 -17.58 -0.32 46.41
CA ILE F 236 -17.12 -1.09 47.56
C ILE F 236 -15.71 -1.63 47.33
N ILE F 237 -15.02 -1.95 48.42
CA ILE F 237 -13.66 -2.47 48.34
C ILE F 237 -13.49 -3.68 49.26
N VAL F 238 -12.94 -4.76 48.71
CA VAL F 238 -12.71 -5.98 49.48
C VAL F 238 -11.34 -6.58 49.16
N THR F 239 -10.43 -6.48 50.12
CA THR F 239 -9.09 -7.03 49.95
C THR F 239 -8.91 -8.35 50.69
N LEU F 240 -8.27 -9.31 50.05
CA LEU F 240 -8.03 -10.61 50.66
C LEU F 240 -6.55 -10.97 50.64
N LYS F 241 -5.88 -10.74 51.76
CA LYS F 241 -4.45 -11.04 51.87
C LYS F 241 -4.19 -12.52 51.59
N ASN F 242 -3.16 -12.78 50.80
CA ASN F 242 -2.79 -14.16 50.45
C ASN F 242 -3.91 -14.84 49.67
N HIS F 243 -4.71 -14.03 48.96
CA HIS F 243 -5.81 -14.56 48.17
C HIS F 243 -5.70 -14.10 46.72
N THR F 244 -4.49 -13.74 46.30
CA THR F 244 -4.25 -13.29 44.94
C THR F 244 -4.93 -14.20 43.93
N LEU F 245 -5.91 -13.67 43.21
CA LEU F 245 -6.62 -14.44 42.21
C LEU F 245 -6.07 -14.17 40.81
N PRO F 246 -6.14 -15.18 39.94
CA PRO F 246 -5.65 -15.09 38.56
C PRO F 246 -6.52 -14.17 37.70
N THR F 247 -5.92 -13.59 36.68
CA THR F 247 -6.65 -12.69 35.78
C THR F 247 -7.73 -13.43 35.01
N THR F 248 -7.68 -14.76 35.07
CA THR F 248 -8.66 -15.59 34.38
C THR F 248 -9.90 -15.81 35.25
N LEU F 249 -9.96 -15.11 36.37
CA LEU F 249 -11.10 -15.23 37.28
C LEU F 249 -11.56 -13.86 37.76
N GLN F 250 -10.98 -12.81 37.18
CA GLN F 250 -11.34 -11.44 37.55
C GLN F 250 -12.47 -10.92 36.67
N ARG F 251 -13.27 -11.84 36.14
CA ARG F 251 -14.39 -11.47 35.27
C ARG F 251 -15.34 -10.53 36.00
N SER F 252 -15.99 -9.66 35.24
CA SER F 252 -16.93 -8.70 35.82
C SER F 252 -18.38 -9.10 35.50
N LEU F 253 -19.32 -8.49 36.22
CA LEU F 253 -20.73 -8.77 36.02
C LEU F 253 -21.37 -7.75 35.09
N ASP F 254 -22.58 -8.05 34.62
CA ASP F 254 -23.30 -7.15 33.72
C ASP F 254 -24.73 -6.96 34.19
N VAL F 255 -24.92 -6.86 35.50
CA VAL F 255 -26.25 -6.68 36.08
C VAL F 255 -26.72 -5.24 35.91
N ALA F 256 -26.88 -4.81 34.66
CA ALA F 256 -27.33 -3.46 34.37
C ALA F 256 -28.84 -3.41 34.22
N ASP F 257 -29.46 -2.39 34.82
CA ASP F 257 -30.91 -2.22 34.75
C ASP F 257 -31.62 -3.38 35.46
N PHE F 258 -31.02 -3.87 36.53
CA PHE F 258 -31.59 -4.98 37.29
C PHE F 258 -32.47 -4.46 38.43
N LYS F 259 -32.67 -3.15 38.47
CA LYS F 259 -33.48 -2.52 39.51
C LYS F 259 -32.91 -2.81 40.88
N THR F 260 -31.60 -2.63 41.02
CA THR F 260 -30.93 -2.88 42.30
C THR F 260 -29.95 -1.75 42.62
N PRO F 261 -29.55 -1.65 43.90
CA PRO F 261 -28.62 -0.62 44.36
C PRO F 261 -27.20 -0.86 43.85
N VAL F 262 -26.95 -2.06 43.34
CA VAL F 262 -25.64 -2.41 42.82
C VAL F 262 -25.56 -2.15 41.31
N GLN F 263 -24.81 -1.13 40.93
CA GLN F 263 -24.65 -0.77 39.53
C GLN F 263 -24.10 -1.95 38.73
N LYS F 264 -22.95 -2.46 39.16
CA LYS F 264 -22.33 -3.59 38.48
C LYS F 264 -21.10 -4.07 39.26
N VAL F 265 -20.94 -5.39 39.33
CA VAL F 265 -19.81 -5.99 40.04
C VAL F 265 -18.59 -6.09 39.14
N THR F 266 -17.43 -5.77 39.70
CA THR F 266 -16.18 -5.83 38.94
C THR F 266 -15.07 -6.48 39.77
N LEU F 267 -14.46 -7.52 39.22
CA LEU F 267 -13.38 -8.23 39.90
C LEU F 267 -12.03 -7.87 39.29
N LYS F 268 -11.04 -7.62 40.13
CA LYS F 268 -9.69 -7.29 39.68
C LYS F 268 -8.64 -7.95 40.56
N ARG F 269 -7.65 -8.56 39.92
CA ARG F 269 -6.58 -9.24 40.64
C ARG F 269 -5.57 -8.23 41.18
N LEU F 270 -5.25 -8.34 42.47
CA LEU F 270 -4.30 -7.44 43.10
C LEU F 270 -2.90 -8.04 43.11
N ASN F 271 -1.93 -7.28 43.61
CA ASN F 271 -0.54 -7.73 43.68
C ASN F 271 -0.47 -9.11 44.32
N ASN F 272 -0.83 -9.18 45.60
CA ASN F 272 -0.79 -10.44 46.34
C ASN F 272 -2.15 -10.75 46.95
N ASP F 273 -3.10 -9.83 46.77
CA ASP F 273 -4.44 -10.02 47.30
C ASP F 273 -5.48 -9.96 46.19
N THR F 274 -6.76 -9.95 46.58
CA THR F 274 -7.85 -9.89 45.61
C THR F 274 -8.79 -8.75 45.92
N GLN F 275 -8.69 -7.67 45.13
CA GLN F 275 -9.53 -6.50 45.31
C GLN F 275 -10.85 -6.67 44.57
N LEU F 276 -11.93 -6.17 45.18
CA LEU F 276 -13.25 -6.25 44.57
C LEU F 276 -13.90 -4.87 44.47
N ILE F 277 -14.51 -4.59 43.32
CA ILE F 277 -15.17 -3.31 43.10
C ILE F 277 -16.65 -3.50 42.79
N ILE F 278 -17.50 -3.10 43.73
CA ILE F 278 -18.94 -3.23 43.56
C ILE F 278 -19.60 -1.86 43.47
N THR F 279 -19.66 -1.30 42.27
CA THR F 279 -20.27 0.00 42.05
C THR F 279 -21.71 0.03 42.55
N THR F 280 -22.09 1.13 43.17
CA THR F 280 -23.44 1.29 43.69
C THR F 280 -24.04 2.63 43.28
N ALA F 281 -25.27 2.88 43.73
CA ALA F 281 -25.95 4.13 43.42
C ALA F 281 -26.92 4.52 44.52
N GLY F 282 -27.14 5.82 44.68
CA GLY F 282 -28.04 6.30 45.72
C GLY F 282 -27.72 5.74 47.08
N ASN F 283 -28.58 6.02 48.06
CA ASN F 283 -28.38 5.54 49.42
C ASN F 283 -28.56 4.02 49.49
N TRP F 284 -27.65 3.36 50.20
CA TRP F 284 -27.72 1.91 50.35
C TRP F 284 -26.96 1.45 51.59
N GLU F 285 -27.06 0.17 51.91
CA GLU F 285 -26.37 -0.39 53.08
C GLU F 285 -25.67 -1.70 52.71
N LEU F 286 -24.49 -1.90 53.27
CA LEU F 286 -23.73 -3.12 53.02
C LEU F 286 -23.88 -4.11 54.15
N VAL F 287 -24.02 -5.39 53.81
CA VAL F 287 -24.18 -6.44 54.81
C VAL F 287 -23.41 -7.70 54.41
N ASN F 288 -22.33 -7.98 55.13
CA ASN F 288 -21.50 -9.15 54.86
C ASN F 288 -22.02 -10.36 55.61
N LYS F 289 -21.98 -11.52 54.95
CA LYS F 289 -22.45 -12.77 55.56
C LYS F 289 -21.47 -13.90 55.29
N SER F 290 -21.10 -14.63 56.34
CA SER F 290 -20.17 -15.75 56.22
C SER F 290 -20.84 -17.07 56.57
N ALA F 291 -21.38 -17.74 55.55
CA ALA F 291 -22.06 -19.02 55.75
C ALA F 291 -21.05 -20.14 55.98
N ALA F 292 -19.77 -19.83 55.79
CA ALA F 292 -18.71 -20.82 55.98
C ALA F 292 -17.34 -20.19 55.77
N PRO F 293 -16.29 -20.86 56.28
CA PRO F 293 -14.91 -20.38 56.16
C PRO F 293 -14.39 -20.48 54.73
N GLY F 294 -14.80 -19.53 53.89
CA GLY F 294 -14.37 -19.52 52.51
C GLY F 294 -15.37 -18.86 51.59
N TYR F 295 -16.63 -18.91 51.97
CA TYR F 295 -17.70 -18.33 51.17
C TYR F 295 -18.11 -16.96 51.71
N PHE F 296 -17.89 -15.92 50.92
CA PHE F 296 -18.23 -14.56 51.32
C PHE F 296 -19.44 -14.05 50.54
N THR F 297 -20.22 -13.18 51.18
CA THR F 297 -21.42 -12.62 50.56
C THR F 297 -21.60 -11.16 50.94
N PHE F 298 -22.22 -10.40 50.06
CA PHE F 298 -22.47 -8.98 50.30
C PHE F 298 -23.89 -8.59 49.90
N GLN F 299 -24.75 -8.41 50.90
CA GLN F 299 -26.13 -8.03 50.65
C GLN F 299 -26.28 -6.52 50.53
N VAL F 300 -26.30 -6.03 49.30
CA VAL F 300 -26.44 -4.59 49.06
C VAL F 300 -27.89 -4.18 48.97
N LEU F 301 -28.43 -3.64 50.06
CA LEU F 301 -29.81 -3.19 50.11
C LEU F 301 -29.92 -1.68 49.96
N PHE F 319 -53.72 25.39 27.43
CA PHE F 319 -52.33 25.48 27.95
C PHE F 319 -52.29 26.50 29.05
N THR F 320 -53.03 26.26 30.13
CA THR F 320 -52.94 27.13 31.25
C THR F 320 -53.70 26.42 32.31
N GLY F 321 -53.08 26.18 33.49
CA GLY F 321 -53.81 25.43 34.44
C GLY F 321 -53.29 25.71 35.81
N ARG F 322 -53.95 25.08 36.80
CA ARG F 322 -53.62 25.25 38.18
C ARG F 322 -52.25 24.68 38.40
N LYS F 323 -51.55 25.17 39.43
CA LYS F 323 -50.24 24.67 39.71
C LYS F 323 -50.40 23.38 40.46
N ILE F 324 -49.57 22.37 40.12
CA ILE F 324 -49.61 21.11 40.81
C ILE F 324 -48.18 20.63 40.94
N SER F 325 -47.92 19.67 41.84
CA SER F 325 -46.61 19.07 41.85
C SER F 325 -46.85 17.66 41.40
N LEU F 326 -46.15 17.21 40.35
CA LEU F 326 -46.45 15.88 39.87
C LEU F 326 -45.40 14.93 40.31
N ASP F 327 -45.79 13.98 41.18
CA ASP F 327 -44.86 12.98 41.62
C ASP F 327 -45.44 11.66 41.25
N PHE F 328 -44.87 10.97 40.24
CA PHE F 328 -45.38 9.68 39.89
C PHE F 328 -44.22 8.73 39.92
N GLN F 329 -44.28 7.72 40.81
CA GLN F 329 -43.19 6.80 40.88
C GLN F 329 -43.59 5.51 40.24
N ASP F 330 -42.90 5.20 39.13
CA ASP F 330 -43.08 3.99 38.38
C ASP F 330 -44.54 3.72 38.19
N VAL F 331 -45.25 4.61 37.48
CA VAL F 331 -46.65 4.41 37.26
C VAL F 331 -46.93 4.48 35.80
N GLU F 332 -48.04 3.84 35.36
CA GLU F 332 -48.36 3.84 33.96
C GLU F 332 -48.71 5.24 33.58
N ILE F 333 -48.32 5.64 32.36
CA ILE F 333 -48.58 6.95 31.84
C ILE F 333 -50.06 7.10 31.79
N ARG F 334 -50.76 5.99 31.51
CA ARG F 334 -52.18 6.03 31.37
C ARG F 334 -52.77 6.49 32.67
N THR F 335 -52.26 5.99 33.80
CA THR F 335 -52.78 6.36 35.08
C THR F 335 -52.49 7.82 35.30
N ILE F 336 -51.28 8.28 34.93
CA ILE F 336 -50.96 9.65 35.13
C ILE F 336 -51.89 10.50 34.32
N LEU F 337 -52.29 9.98 33.16
CA LEU F 337 -53.18 10.68 32.30
C LEU F 337 -54.51 10.86 33.01
N GLN F 338 -55.02 9.80 33.65
CA GLN F 338 -56.29 9.82 34.32
C GLN F 338 -56.23 10.75 35.50
N ILE F 339 -55.11 10.69 36.24
CA ILE F 339 -54.96 11.43 37.47
C ILE F 339 -55.09 12.88 37.17
N LEU F 340 -54.43 13.34 36.08
CA LEU F 340 -54.45 14.71 35.69
C LEU F 340 -55.86 15.13 35.37
N ALA F 341 -56.60 14.26 34.66
CA ALA F 341 -57.95 14.56 34.26
C ALA F 341 -58.80 14.73 35.49
N LYS F 342 -58.56 13.88 36.51
CA LYS F 342 -59.31 13.87 37.74
C LYS F 342 -59.07 15.19 38.44
N GLU F 343 -57.89 15.76 38.20
CA GLU F 343 -57.38 17.00 38.72
C GLU F 343 -58.14 18.14 38.14
N SER F 344 -59.15 17.83 37.30
CA SER F 344 -59.92 18.81 36.62
C SER F 344 -59.12 19.32 35.48
N GLY F 345 -58.07 18.57 35.09
CA GLY F 345 -57.32 18.95 33.94
C GLY F 345 -57.89 18.23 32.76
N MET F 346 -58.90 18.85 32.12
CA MET F 346 -59.46 18.30 30.91
C MET F 346 -59.93 16.90 31.15
N ASN F 347 -60.42 16.27 30.06
CA ASN F 347 -60.77 14.88 30.08
C ASN F 347 -59.82 14.23 29.12
N ILE F 348 -58.82 13.50 29.66
CA ILE F 348 -57.82 12.95 28.78
C ILE F 348 -58.09 11.50 28.57
N VAL F 349 -58.18 11.09 27.29
CA VAL F 349 -58.39 9.71 26.97
C VAL F 349 -57.30 9.31 26.02
N ALA F 350 -56.57 8.25 26.36
CA ALA F 350 -55.49 7.79 25.54
C ALA F 350 -56.05 6.81 24.57
N SER F 351 -55.16 6.33 23.69
CA SER F 351 -55.50 5.26 22.80
C SER F 351 -55.44 4.07 23.69
N ASP F 352 -55.35 2.86 23.14
CA ASP F 352 -55.23 1.80 24.10
C ASP F 352 -53.84 1.54 24.58
N SER F 353 -52.92 1.17 23.64
CA SER F 353 -51.59 0.80 24.06
C SER F 353 -50.67 1.85 23.58
N VAL F 354 -50.58 2.91 24.40
CA VAL F 354 -49.81 4.07 24.12
C VAL F 354 -48.34 3.90 24.38
N ASN F 355 -47.96 3.16 25.45
CA ASN F 355 -46.58 3.20 25.82
C ASN F 355 -46.36 2.21 26.90
N GLY F 356 -46.10 2.73 28.12
CA GLY F 356 -45.83 1.94 29.26
C GLY F 356 -45.89 2.85 30.45
N LYS F 357 -45.03 2.58 31.44
CA LYS F 357 -44.97 3.25 32.70
C LYS F 357 -43.80 4.20 32.69
N MET F 358 -43.87 5.30 33.48
CA MET F 358 -42.77 6.24 33.51
C MET F 358 -42.68 6.83 34.89
N THR F 359 -41.48 7.38 35.25
CA THR F 359 -41.34 7.98 36.55
C THR F 359 -40.90 9.41 36.40
N LEU F 360 -41.71 10.35 36.91
CA LEU F 360 -41.32 11.75 36.92
C LEU F 360 -41.66 12.31 38.26
N SER F 361 -40.88 13.34 38.69
CA SER F 361 -41.16 14.03 39.92
C SER F 361 -40.93 15.48 39.66
N LEU F 362 -42.01 16.30 39.75
CA LEU F 362 -41.91 17.71 39.50
C LEU F 362 -42.56 18.42 40.65
N LYS F 363 -42.22 19.72 40.80
CA LYS F 363 -42.80 20.51 41.84
C LYS F 363 -43.08 21.87 41.27
N ASP F 364 -44.16 22.51 41.77
CA ASP F 364 -44.52 23.84 41.35
C ASP F 364 -44.65 23.95 39.87
N VAL F 365 -45.47 23.08 39.24
CA VAL F 365 -45.65 23.19 37.81
C VAL F 365 -47.09 22.98 37.48
N PRO F 366 -47.64 23.78 36.61
CA PRO F 366 -49.02 23.62 36.24
C PRO F 366 -49.15 22.31 35.52
N TRP F 367 -50.30 21.62 35.66
CA TRP F 367 -50.47 20.32 35.11
C TRP F 367 -50.29 20.37 33.62
N ASP F 368 -50.72 21.47 32.98
CA ASP F 368 -50.56 21.56 31.56
C ASP F 368 -49.11 21.56 31.21
N GLN F 369 -48.27 22.32 31.96
CA GLN F 369 -46.87 22.36 31.66
C GLN F 369 -46.25 21.01 31.92
N ALA F 370 -46.60 20.39 33.06
CA ALA F 370 -46.02 19.14 33.45
C ALA F 370 -46.36 18.14 32.39
N LEU F 371 -47.57 18.25 31.83
CA LEU F 371 -48.00 17.33 30.83
C LEU F 371 -47.04 17.38 29.67
N ASP F 372 -46.64 18.59 29.23
CA ASP F 372 -45.77 18.68 28.10
C ASP F 372 -44.46 18.04 28.44
N LEU F 373 -43.99 18.26 29.68
CA LEU F 373 -42.72 17.73 30.07
C LEU F 373 -42.84 16.25 30.09
N VAL F 374 -44.00 15.74 30.55
CA VAL F 374 -44.24 14.33 30.66
C VAL F 374 -44.16 13.72 29.30
N MET F 375 -44.71 14.41 28.29
CA MET F 375 -44.80 13.87 26.96
C MET F 375 -43.41 13.61 26.45
N GLN F 376 -42.50 14.56 26.68
CA GLN F 376 -41.14 14.56 26.18
C GLN F 376 -40.35 13.43 26.76
N ALA F 377 -40.64 13.05 28.03
CA ALA F 377 -39.81 12.11 28.73
C ALA F 377 -39.73 10.81 27.99
N ARG F 378 -40.87 10.34 27.44
CA ARG F 378 -40.84 9.12 26.70
C ARG F 378 -42.24 8.95 26.25
N ASN F 379 -43.11 9.73 26.90
CA ASN F 379 -44.53 9.70 26.74
C ASN F 379 -44.92 10.20 25.40
N LEU F 380 -46.25 10.30 25.23
CA LEU F 380 -46.94 10.57 24.01
C LEU F 380 -47.12 12.03 23.76
N ASP F 381 -47.70 12.33 22.58
CA ASP F 381 -48.07 13.64 22.15
C ASP F 381 -49.55 13.73 22.36
N MET F 382 -50.11 14.94 22.44
CA MET F 382 -51.52 15.07 22.74
C MET F 382 -52.23 15.82 21.65
N ARG F 383 -53.49 15.41 21.39
CA ARG F 383 -54.33 16.11 20.46
C ARG F 383 -55.60 16.36 21.20
N GLN F 384 -56.21 17.55 21.04
CA GLN F 384 -57.40 17.79 21.80
C GLN F 384 -58.56 18.00 20.87
N GLN F 385 -59.66 17.26 21.12
CA GLN F 385 -60.91 17.41 20.44
C GLN F 385 -61.55 18.68 20.90
N GLY F 386 -61.32 19.02 22.19
CA GLY F 386 -61.85 20.20 22.81
C GLY F 386 -62.38 19.82 24.16
N ASN F 387 -63.46 19.02 24.24
CA ASN F 387 -63.90 18.58 25.53
C ASN F 387 -63.01 17.46 25.98
N ILE F 388 -62.72 16.53 25.06
CA ILE F 388 -61.95 15.38 25.43
C ILE F 388 -60.68 15.43 24.66
N VAL F 389 -59.59 14.92 25.26
CA VAL F 389 -58.33 14.95 24.59
C VAL F 389 -57.85 13.56 24.37
N ASN F 390 -57.31 13.31 23.15
CA ASN F 390 -56.81 12.00 22.88
C ASN F 390 -55.32 12.10 22.80
N ILE F 391 -54.62 11.20 23.53
CA ILE F 391 -53.19 11.18 23.52
C ILE F 391 -52.78 9.87 22.93
N ALA F 392 -51.80 9.92 21.99
CA ALA F 392 -51.40 8.72 21.32
C ALA F 392 -49.91 8.63 21.31
N PRO F 393 -49.51 7.41 21.10
CA PRO F 393 -48.15 6.96 21.07
C PRO F 393 -47.42 7.49 19.90
N ARG F 394 -48.02 8.45 19.15
CA ARG F 394 -47.34 9.04 18.03
C ARG F 394 -46.13 9.69 18.62
N ASP F 395 -44.99 8.97 18.62
CA ASP F 395 -43.79 9.45 19.24
C ASP F 395 -42.65 8.96 18.42
N GLU F 396 -41.65 9.84 18.26
CA GLU F 396 -40.48 9.52 17.50
C GLU F 396 -39.74 8.40 18.14
N LEU F 397 -39.41 8.57 19.43
CA LEU F 397 -38.49 7.66 20.05
C LEU F 397 -38.98 6.26 20.26
N LEU F 398 -40.15 6.06 20.89
CA LEU F 398 -40.45 4.71 21.26
C LEU F 398 -40.66 3.82 20.09
N ALA F 399 -41.50 4.25 19.14
CA ALA F 399 -41.83 3.34 18.09
C ALA F 399 -40.58 3.01 17.35
N LYS F 400 -39.80 4.04 16.98
CA LYS F 400 -38.67 3.69 16.20
C LYS F 400 -37.60 3.02 16.97
N ASP F 401 -37.41 3.38 18.24
CA ASP F 401 -36.31 2.84 18.99
C ASP F 401 -36.45 1.36 19.01
N LYS F 402 -37.69 0.89 19.27
CA LYS F 402 -37.94 -0.50 19.35
C LYS F 402 -37.72 -1.12 18.01
N ALA F 403 -38.15 -0.41 16.95
CA ALA F 403 -38.01 -0.92 15.62
C ALA F 403 -36.55 -1.08 15.32
N PHE F 404 -35.70 -0.14 15.80
CA PHE F 404 -34.30 -0.22 15.50
C PHE F 404 -33.75 -1.49 16.06
N LEU F 405 -34.10 -1.78 17.32
CA LEU F 405 -33.55 -2.92 17.97
C LEU F 405 -34.01 -4.13 17.22
N GLN F 406 -35.24 -4.09 16.73
CA GLN F 406 -35.81 -5.20 16.03
C GLN F 406 -34.99 -5.48 14.80
N ALA F 407 -34.56 -4.43 14.08
CA ALA F 407 -33.85 -4.64 12.85
C ALA F 407 -32.52 -5.28 13.12
N GLU F 408 -32.19 -6.31 12.30
CA GLU F 408 -30.96 -7.04 12.41
C GLU F 408 -29.82 -6.17 11.96
N LYS F 409 -30.03 -5.40 10.87
CA LYS F 409 -28.96 -4.62 10.33
C LYS F 409 -28.61 -3.51 11.26
N ASP F 410 -27.30 -3.24 11.38
CA ASP F 410 -26.78 -2.23 12.25
C ASP F 410 -27.23 -0.89 11.76
N ILE F 411 -27.22 -0.71 10.42
CA ILE F 411 -27.60 0.55 9.85
C ILE F 411 -29.02 0.82 10.21
N ALA F 412 -29.84 -0.24 10.22
CA ALA F 412 -31.24 -0.13 10.51
C ALA F 412 -31.37 0.43 11.89
N ASP F 413 -30.42 0.10 12.77
CA ASP F 413 -30.46 0.58 14.12
C ASP F 413 -30.54 2.07 14.02
N LEU F 414 -29.98 2.66 12.95
CA LEU F 414 -30.16 4.07 12.79
C LEU F 414 -31.24 4.25 11.76
N GLY F 415 -32.33 4.93 12.14
CA GLY F 415 -33.43 5.16 11.26
C GLY F 415 -34.31 6.13 11.96
N ALA F 416 -35.44 6.54 11.35
CA ALA F 416 -36.18 7.47 12.14
C ALA F 416 -37.57 7.66 11.69
N LEU F 417 -38.43 7.95 12.69
CA LEU F 417 -39.73 8.42 12.37
C LEU F 417 -39.53 9.89 12.40
N TYR F 418 -40.10 10.64 11.46
CA TYR F 418 -39.76 12.02 11.48
C TYR F 418 -41.03 12.79 11.29
N SER F 419 -40.96 14.12 11.48
CA SER F 419 -42.14 14.91 11.27
C SER F 419 -41.81 15.88 10.19
N GLN F 420 -42.79 16.15 9.31
CA GLN F 420 -42.53 17.08 8.25
C GLN F 420 -43.77 17.87 8.04
N ASN F 421 -43.62 19.11 7.51
CA ASN F 421 -44.75 19.95 7.28
C ASN F 421 -44.93 20.06 5.79
N PHE F 422 -46.17 19.85 5.31
CA PHE F 422 -46.44 19.91 3.92
C PHE F 422 -47.25 21.14 3.69
N GLN F 423 -46.80 22.03 2.79
CA GLN F 423 -47.55 23.21 2.51
C GLN F 423 -48.54 22.82 1.44
N LEU F 424 -49.78 23.35 1.51
CA LEU F 424 -50.76 23.07 0.49
C LEU F 424 -51.15 24.39 -0.10
N LYS F 425 -50.57 24.76 -1.26
CA LYS F 425 -50.90 26.03 -1.82
C LYS F 425 -52.26 26.05 -2.48
N TYR F 426 -52.47 25.14 -3.44
CA TYR F 426 -53.63 25.13 -4.29
C TYR F 426 -54.91 24.61 -3.69
N LYS F 427 -54.87 23.52 -2.90
CA LYS F 427 -56.11 22.92 -2.49
C LYS F 427 -56.31 23.02 -1.03
N ASN F 428 -57.57 22.86 -0.59
CA ASN F 428 -57.88 22.91 0.81
C ASN F 428 -57.46 21.62 1.44
N VAL F 429 -56.97 21.72 2.69
CA VAL F 429 -56.39 20.63 3.42
C VAL F 429 -57.39 19.55 3.69
N GLU F 430 -58.63 19.94 4.01
CA GLU F 430 -59.66 19.02 4.41
C GLU F 430 -60.00 18.09 3.29
N GLU F 431 -59.87 18.54 2.04
CA GLU F 431 -60.26 17.72 0.92
C GLU F 431 -59.40 16.49 0.88
N PHE F 432 -58.13 16.63 1.29
CA PHE F 432 -57.15 15.58 1.31
C PHE F 432 -57.52 14.53 2.31
N ARG F 433 -58.27 14.91 3.37
CA ARG F 433 -58.48 14.06 4.51
C ARG F 433 -58.96 12.70 4.11
N SER F 434 -59.92 12.59 3.19
CA SER F 434 -60.46 11.30 2.86
C SER F 434 -59.36 10.39 2.40
N ILE F 435 -58.56 10.85 1.43
CA ILE F 435 -57.53 10.01 0.88
C ILE F 435 -56.49 9.70 1.90
N LEU F 436 -56.06 10.70 2.68
CA LEU F 436 -54.99 10.51 3.62
C LEU F 436 -55.42 9.54 4.68
N ARG F 437 -56.69 9.61 5.10
CA ARG F 437 -57.16 8.72 6.11
C ARG F 437 -57.05 7.32 5.58
N LEU F 438 -57.42 7.13 4.31
CA LEU F 438 -57.45 5.81 3.73
C LEU F 438 -56.06 5.23 3.67
N ASP F 439 -55.07 5.97 3.15
CA ASP F 439 -53.76 5.40 3.02
C ASP F 439 -53.16 5.17 4.37
N ASN F 440 -53.53 6.04 5.33
CA ASN F 440 -53.00 5.95 6.64
C ASN F 440 -53.48 4.66 7.24
N ALA F 441 -54.72 4.26 6.88
CA ALA F 441 -55.19 3.04 7.49
C ALA F 441 -54.64 1.90 6.72
N ASP F 442 -53.44 1.45 7.13
CA ASP F 442 -52.92 0.26 6.52
C ASP F 442 -53.26 -0.77 7.55
N THR F 443 -54.51 -0.68 8.03
CA THR F 443 -55.09 -1.56 8.99
C THR F 443 -56.55 -1.44 8.78
N THR F 444 -57.36 -2.29 9.44
CA THR F 444 -58.77 -2.17 9.25
C THR F 444 -59.24 -1.08 10.16
N GLY F 445 -60.10 -0.19 9.63
CA GLY F 445 -60.62 0.88 10.43
C GLY F 445 -61.62 1.58 9.57
N ASN F 446 -62.89 1.62 10.02
CA ASN F 446 -63.92 2.22 9.23
C ASN F 446 -63.63 3.68 9.10
N ARG F 447 -63.33 4.37 10.22
CA ARG F 447 -63.09 5.78 10.09
C ARG F 447 -62.34 6.23 11.32
N ASN F 448 -61.04 6.55 11.19
CA ASN F 448 -60.29 7.02 12.34
C ASN F 448 -59.39 8.12 11.88
N THR F 449 -59.40 9.26 12.60
CA THR F 449 -58.50 10.32 12.26
C THR F 449 -57.11 9.85 12.58
N LEU F 450 -56.93 9.26 13.78
CA LEU F 450 -55.66 8.71 14.17
C LEU F 450 -55.61 7.38 13.49
N ILE F 451 -54.41 6.87 13.18
CA ILE F 451 -54.57 5.63 12.48
C ILE F 451 -53.48 4.69 12.83
N SER F 452 -53.59 3.45 12.33
CA SER F 452 -52.60 2.47 12.63
C SER F 452 -51.47 2.58 11.69
N GLY F 453 -50.69 1.50 11.58
CA GLY F 453 -49.50 1.56 10.81
C GLY F 453 -48.46 1.98 11.79
N ARG F 454 -48.74 1.67 13.07
CA ARG F 454 -47.87 1.91 14.18
C ARG F 454 -47.52 3.36 14.37
N GLY F 455 -48.54 4.20 14.65
CA GLY F 455 -48.25 5.55 15.07
C GLY F 455 -48.04 6.54 13.97
N SER F 456 -48.81 6.46 12.87
CA SER F 456 -48.66 7.48 11.88
C SER F 456 -49.77 8.47 12.12
N VAL F 457 -49.50 9.78 11.95
CA VAL F 457 -50.56 10.72 12.23
C VAL F 457 -50.49 11.84 11.27
N LEU F 458 -51.67 12.39 10.93
CA LEU F 458 -51.73 13.56 10.11
C LEU F 458 -52.45 14.61 10.89
N ILE F 459 -51.90 15.84 10.92
CA ILE F 459 -52.54 16.90 11.66
C ILE F 459 -52.73 18.05 10.72
N ASP F 460 -53.87 18.77 10.88
CA ASP F 460 -54.16 19.86 9.99
C ASP F 460 -54.08 21.16 10.75
N PRO F 461 -53.11 21.93 10.40
CA PRO F 461 -53.03 23.27 10.93
C PRO F 461 -53.96 24.23 10.26
N ALA F 462 -54.26 25.35 10.95
CA ALA F 462 -55.18 26.36 10.53
C ALA F 462 -54.71 27.03 9.28
N THR F 463 -53.40 27.24 9.11
CA THR F 463 -53.00 27.95 7.94
C THR F 463 -52.84 26.98 6.82
N ASN F 464 -53.78 26.03 6.70
CA ASN F 464 -53.84 25.07 5.64
C ASN F 464 -52.50 24.49 5.29
N THR F 465 -51.87 23.84 6.27
CA THR F 465 -50.69 23.09 6.00
C THR F 465 -50.93 21.79 6.68
N LEU F 466 -50.29 20.70 6.23
CA LEU F 466 -50.50 19.42 6.87
C LEU F 466 -49.21 19.05 7.53
N ILE F 467 -49.28 18.50 8.75
CA ILE F 467 -48.08 18.07 9.40
C ILE F 467 -48.21 16.60 9.56
N VAL F 468 -47.17 15.84 9.15
CA VAL F 468 -47.32 14.44 9.34
C VAL F 468 -46.20 13.96 10.19
N THR F 469 -46.54 13.06 11.14
CA THR F 469 -45.56 12.51 12.02
C THR F 469 -45.64 11.02 11.87
N ASP F 470 -44.51 10.37 11.51
CA ASP F 470 -44.58 8.94 11.39
C ASP F 470 -43.28 8.45 10.85
N THR F 471 -43.28 7.19 10.37
CA THR F 471 -42.11 6.59 9.83
C THR F 471 -41.85 7.23 8.50
N ARG F 472 -40.58 7.21 8.04
CA ARG F 472 -40.20 7.85 6.82
C ARG F 472 -40.95 7.25 5.67
N SER F 473 -41.11 5.93 5.66
CA SER F 473 -41.76 5.32 4.53
C SER F 473 -43.16 5.84 4.43
N VAL F 474 -43.90 5.87 5.56
CA VAL F 474 -45.27 6.28 5.56
C VAL F 474 -45.34 7.73 5.20
N ILE F 475 -44.41 8.55 5.72
CA ILE F 475 -44.44 9.97 5.44
C ILE F 475 -44.22 10.20 3.99
N GLU F 476 -43.33 9.42 3.36
CA GLU F 476 -43.04 9.60 1.97
C GLU F 476 -44.30 9.40 1.19
N LYS F 477 -45.07 8.35 1.52
CA LYS F 477 -46.24 8.03 0.78
C LYS F 477 -47.19 9.17 0.87
N PHE F 478 -47.41 9.69 2.09
CA PHE F 478 -48.35 10.74 2.31
C PHE F 478 -47.94 11.97 1.55
N ARG F 479 -46.63 12.28 1.52
CA ARG F 479 -46.22 13.48 0.85
C ARG F 479 -46.51 13.36 -0.62
N LYS F 480 -46.24 12.18 -1.20
CA LYS F 480 -46.40 12.03 -2.63
C LYS F 480 -47.82 12.31 -2.99
N LEU F 481 -48.78 11.78 -2.23
CA LEU F 481 -50.18 11.97 -2.54
C LEU F 481 -50.57 13.41 -2.39
N ILE F 482 -50.14 14.07 -1.31
CA ILE F 482 -50.54 15.42 -1.05
C ILE F 482 -50.06 16.31 -2.16
N ASP F 483 -48.78 16.18 -2.52
CA ASP F 483 -48.22 17.02 -3.55
C ASP F 483 -48.90 16.70 -4.84
N GLU F 484 -49.22 15.42 -5.05
CA GLU F 484 -49.81 15.02 -6.28
C GLU F 484 -51.14 15.69 -6.44
N LEU F 485 -51.98 15.69 -5.40
CA LEU F 485 -53.28 16.31 -5.54
C LEU F 485 -53.13 17.78 -5.71
N ASP F 486 -52.15 18.38 -5.01
CA ASP F 486 -51.97 19.81 -5.03
C ASP F 486 -51.65 20.25 -6.43
N VAL F 487 -50.85 19.47 -7.17
CA VAL F 487 -50.44 19.90 -8.48
C VAL F 487 -51.62 20.10 -9.39
N PRO F 488 -52.55 19.18 -9.53
CA PRO F 488 -53.64 19.48 -10.39
C PRO F 488 -54.46 20.63 -9.94
N ALA F 489 -54.52 20.87 -8.62
CA ALA F 489 -55.25 22.02 -8.16
C ALA F 489 -54.51 23.21 -8.72
N GLN F 490 -53.17 23.06 -8.79
CA GLN F 490 -52.28 24.10 -9.19
C GLN F 490 -52.59 24.56 -10.59
N GLN F 491 -52.87 23.63 -11.53
CA GLN F 491 -53.12 24.18 -12.82
C GLN F 491 -54.43 24.88 -12.77
N VAL F 492 -54.37 26.22 -12.72
CA VAL F 492 -55.58 26.99 -12.64
C VAL F 492 -55.88 27.51 -14.05
N MET F 493 -56.17 28.73 -14.19
N THR G 202 -0.34 -5.39 48.03
CA THR G 202 -0.53 -3.95 48.15
C THR G 202 -1.66 -3.48 47.25
N ASN G 203 -2.32 -2.40 47.64
CA ASN G 203 -3.42 -1.84 46.87
C ASN G 203 -3.90 -0.52 47.47
N ILE G 204 -4.58 0.28 46.66
CA ILE G 204 -5.10 1.56 47.11
C ILE G 204 -6.62 1.61 47.03
N ASP G 205 -7.23 2.46 47.85
CA ASP G 205 -8.68 2.60 47.87
C ASP G 205 -9.08 4.01 48.28
N PHE G 206 -10.28 4.42 47.87
CA PHE G 206 -10.79 5.75 48.19
C PHE G 206 -12.22 5.68 48.72
N ARG G 207 -12.56 6.59 49.61
CA ARG G 207 -13.90 6.63 50.19
C ARG G 207 -14.16 7.98 50.86
N LYS G 208 -15.43 8.35 50.95
CA LYS G 208 -15.82 9.61 51.58
C LYS G 208 -16.48 9.36 52.93
N ASP G 209 -16.25 10.27 53.87
CA ASP G 209 -16.83 10.16 55.21
C ASP G 209 -16.92 11.53 55.88
N GLY G 210 -17.32 11.54 57.15
CA GLY G 210 -17.44 12.79 57.88
C GLY G 210 -18.28 13.81 57.14
N LYS G 211 -17.65 14.88 56.69
CA LYS G 211 -18.35 15.94 55.96
C LYS G 211 -17.56 16.35 54.71
N ASN G 212 -17.80 15.64 53.62
CA ASN G 212 -17.12 15.93 52.36
C ASN G 212 -15.61 15.75 52.50
N ALA G 213 -15.21 14.66 53.14
CA ALA G 213 -13.80 14.36 53.33
C ALA G 213 -13.34 13.24 52.40
N GLY G 214 -12.13 13.37 51.87
CA GLY G 214 -11.60 12.36 50.97
C GLY G 214 -10.63 11.42 51.67
N ILE G 215 -11.12 10.21 51.99
CA ILE G 215 -10.30 9.22 52.66
C ILE G 215 -9.62 8.30 51.66
N ILE G 216 -8.35 8.00 51.91
CA ILE G 216 -7.58 7.12 51.02
C ILE G 216 -7.04 5.92 51.78
N GLU G 217 -7.81 4.84 51.79
CA GLU G 217 -7.40 3.62 52.47
C GLU G 217 -6.41 2.83 51.64
N LEU G 218 -5.17 2.71 52.14
CA LEU G 218 -4.13 1.99 51.43
C LEU G 218 -3.82 0.66 52.14
N ALA G 219 -3.67 -0.40 51.35
CA ALA G 219 -3.36 -1.71 51.89
C ALA G 219 -1.87 -2.00 51.85
N ALA G 220 -1.24 -2.04 53.02
CA ALA G 220 0.19 -2.30 53.11
C ALA G 220 0.46 -3.66 53.75
N LEU G 221 0.71 -4.66 52.91
CA LEU G 221 0.98 -6.01 53.39
C LEU G 221 2.48 -6.29 53.40
N GLY G 222 3.06 -6.39 54.60
CA GLY G 222 4.48 -6.66 54.72
C GLY G 222 5.24 -5.46 55.24
N PHE G 223 4.54 -4.55 55.91
CA PHE G 223 5.17 -3.35 56.45
C PHE G 223 5.11 -3.35 57.97
N ALA G 224 6.11 -2.74 58.59
CA ALA G 224 6.17 -2.67 60.05
C ALA G 224 6.04 -1.22 60.54
N GLY G 225 7.08 -0.44 60.31
CA GLY G 225 7.08 0.96 60.72
C GLY G 225 6.05 1.78 59.96
N GLN G 226 6.36 3.04 59.74
CA GLN G 226 5.47 3.95 59.02
C GLN G 226 6.19 4.61 57.86
N PRO G 227 5.45 4.84 56.75
CA PRO G 227 6.00 5.46 55.55
C PRO G 227 6.30 6.94 55.76
N ASP G 228 6.81 7.59 54.71
CA ASP G 228 7.14 9.01 54.79
C ASP G 228 6.03 9.86 54.19
N ILE G 229 5.25 10.51 55.05
CA ILE G 229 4.15 11.36 54.61
C ILE G 229 4.64 12.76 54.27
N SER G 230 4.47 13.16 53.02
CA SER G 230 4.89 14.48 52.56
C SER G 230 3.70 15.28 52.04
N GLN G 231 3.14 16.12 52.89
CA GLN G 231 1.99 16.94 52.52
C GLN G 231 2.44 18.15 51.72
N GLN G 232 2.13 18.15 50.42
CA GLN G 232 2.50 19.25 49.55
C GLN G 232 1.28 20.11 49.20
N HIS G 233 1.53 21.28 48.62
CA HIS G 233 0.46 22.19 48.25
C HIS G 233 -0.23 21.70 46.97
N ASP G 234 0.40 20.76 46.28
CA ASP G 234 -0.17 20.23 45.04
C ASP G 234 -0.78 18.85 45.29
N HIS G 235 0.06 17.90 45.70
CA HIS G 235 -0.40 16.54 45.96
C HIS G 235 0.27 15.97 47.21
N ILE G 236 0.11 14.67 47.42
CA ILE G 236 0.70 14.01 48.58
C ILE G 236 1.73 12.98 48.15
N ILE G 237 2.64 12.64 49.07
CA ILE G 237 3.67 11.65 48.78
C ILE G 237 3.82 10.66 49.93
N VAL G 238 3.82 9.38 49.60
CA VAL G 238 3.95 8.32 50.60
C VAL G 238 4.90 7.23 50.12
N THR G 239 6.07 7.16 50.74
CA THR G 239 7.07 6.16 50.38
C THR G 239 7.11 5.03 51.41
N LEU G 240 7.20 3.80 50.93
CA LEU G 240 7.25 2.64 51.81
C LEU G 240 8.47 1.77 51.50
N LYS G 241 9.53 1.95 52.29
CA LYS G 241 10.75 1.19 52.11
C LYS G 241 10.48 -0.31 52.20
N ASN G 242 11.06 -1.07 51.28
CA ASN G 242 10.89 -2.52 51.27
C ASN G 242 9.43 -2.89 51.04
N HIS G 243 8.70 -2.00 50.36
CA HIS G 243 7.29 -2.23 50.08
C HIS G 243 7.02 -2.12 48.58
N THR G 244 8.06 -2.31 47.78
CA THR G 244 7.93 -2.23 46.33
C THR G 244 6.72 -3.02 45.84
N LEU G 245 5.75 -2.31 45.28
CA LEU G 245 4.54 -2.96 44.77
C LEU G 245 4.63 -3.17 43.26
N PRO G 246 3.99 -4.24 42.77
CA PRO G 246 3.98 -4.58 41.35
C PRO G 246 3.16 -3.59 40.52
N THR G 247 3.51 -3.46 39.25
CA THR G 247 2.80 -2.55 38.36
C THR G 247 1.36 -2.98 38.15
N THR G 248 1.05 -4.20 38.58
CA THR G 248 -0.31 -4.74 38.44
C THR G 248 -1.17 -4.34 39.63
N LEU G 249 -0.64 -3.46 40.48
CA LEU G 249 -1.38 -3.00 41.64
C LEU G 249 -1.25 -1.49 41.80
N GLN G 250 -0.64 -0.84 40.82
CA GLN G 250 -0.45 0.60 40.85
C GLN G 250 -1.62 1.32 40.19
N ARG G 251 -2.78 0.66 40.18
CA ARG G 251 -3.98 1.24 39.57
C ARG G 251 -4.32 2.57 40.21
N SER G 252 -4.92 3.46 39.44
CA SER G 252 -5.30 4.78 39.93
C SER G 252 -6.81 4.87 40.13
N LEU G 253 -7.23 5.90 40.86
CA LEU G 253 -8.66 6.10 41.13
C LEU G 253 -9.26 7.10 40.15
N ASP G 254 -10.59 7.16 40.12
CA ASP G 254 -11.30 8.07 39.22
C ASP G 254 -12.37 8.85 39.98
N VAL G 255 -12.06 9.25 41.20
CA VAL G 255 -13.00 10.01 42.03
C VAL G 255 -13.07 11.45 41.58
N ALA G 256 -13.53 11.67 40.35
CA ALA G 256 -13.65 13.01 39.80
C ALA G 256 -15.04 13.58 40.05
N ASP G 257 -15.10 14.84 40.46
CA ASP G 257 -16.39 15.50 40.74
C ASP G 257 -17.10 14.82 41.90
N PHE G 258 -16.33 14.36 42.88
CA PHE G 258 -16.89 13.70 44.05
C PHE G 258 -17.15 14.70 45.18
N LYS G 259 -16.94 15.97 44.89
CA LYS G 259 -17.14 17.02 45.87
C LYS G 259 -16.23 16.83 47.07
N THR G 260 -14.96 16.55 46.81
CA THR G 260 -13.98 16.32 47.88
C THR G 260 -12.69 17.06 47.59
N PRO G 261 -11.86 17.25 48.63
CA PRO G 261 -10.58 17.94 48.51
C PRO G 261 -9.55 17.13 47.74
N VAL G 262 -9.85 15.84 47.55
CA VAL G 262 -8.95 14.96 46.83
C VAL G 262 -9.32 14.88 45.35
N GLN G 263 -8.49 15.48 44.50
CA GLN G 263 -8.72 15.49 43.07
C GLN G 263 -8.84 14.06 42.53
N LYS G 264 -7.80 13.27 42.77
CA LYS G 264 -7.78 11.88 42.31
C LYS G 264 -6.56 11.15 42.85
N VAL G 265 -6.76 9.90 43.26
CA VAL G 265 -5.67 9.08 43.79
C VAL G 265 -4.92 8.38 42.66
N THR G 266 -3.59 8.36 42.78
CA THR G 266 -2.75 7.72 41.77
C THR G 266 -1.64 6.89 42.43
N LEU G 267 -1.58 5.62 42.07
CA LEU G 267 -0.57 4.71 42.62
C LEU G 267 0.53 4.44 41.59
N LYS G 268 1.78 4.48 42.05
CA LYS G 268 2.91 4.22 41.18
C LYS G 268 3.98 3.40 41.89
N ARG G 269 4.47 2.36 41.23
CA ARG G 269 5.50 1.51 41.81
C ARG G 269 6.87 2.17 41.74
N LEU G 270 7.56 2.18 42.87
CA LEU G 270 8.89 2.79 42.95
C LEU G 270 9.98 1.75 42.77
N ASN G 271 11.23 2.19 42.75
CA ASN G 271 12.37 1.29 42.58
C ASN G 271 12.28 0.13 43.55
N ASN G 272 12.37 0.42 44.85
CA ASN G 272 12.31 -0.61 45.88
C ASN G 272 11.22 -0.29 46.89
N ASP G 273 10.55 0.85 46.70
CA ASP G 273 9.48 1.27 47.60
C ASP G 273 8.19 1.49 46.84
N THR G 274 7.17 2.02 47.52
CA THR G 274 5.88 2.28 46.91
C THR G 274 5.46 3.73 47.10
N GLN G 275 5.58 4.52 46.04
CA GLN G 275 5.21 5.93 46.09
C GLN G 275 3.73 6.11 45.80
N LEU G 276 3.12 7.07 46.50
CA LEU G 276 1.69 7.35 46.31
C LEU G 276 1.46 8.82 45.98
N ILE G 277 0.61 9.08 45.00
CA ILE G 277 0.30 10.45 44.60
C ILE G 277 -1.18 10.74 44.75
N ILE G 278 -1.52 11.59 45.73
CA ILE G 278 -2.91 11.95 45.99
C ILE G 278 -3.14 13.43 45.69
N THR G 279 -3.46 13.73 44.43
CA THR G 279 -3.71 15.10 44.01
C THR G 279 -4.83 15.73 44.84
N THR G 280 -4.65 17.00 45.19
CA THR G 280 -5.64 17.71 45.98
C THR G 280 -5.94 19.08 45.38
N ALA G 281 -6.81 19.84 46.03
CA ALA G 281 -7.19 21.16 45.56
C ALA G 281 -7.57 22.08 46.73
N GLY G 282 -7.34 23.38 46.55
CA GLY G 282 -7.67 24.33 47.60
C GLY G 282 -7.06 23.96 48.93
N ASN G 283 -7.42 24.70 49.98
CA ASN G 283 -6.91 24.44 51.31
C ASN G 283 -7.47 23.14 51.87
N TRP G 284 -6.60 22.33 52.48
CA TRP G 284 -7.01 21.06 53.06
C TRP G 284 -6.02 20.60 54.13
N GLU G 285 -6.36 19.53 54.82
CA GLU G 285 -5.50 18.98 55.87
C GLU G 285 -5.37 17.47 55.74
N LEU G 286 -4.18 16.97 56.00
CA LEU G 286 -3.91 15.53 55.92
C LEU G 286 -3.94 14.90 57.29
N VAL G 287 -4.54 13.71 57.39
CA VAL G 287 -4.64 12.99 58.65
C VAL G 287 -4.44 11.49 58.44
N ASN G 288 -3.29 10.99 58.91
CA ASN G 288 -2.97 9.57 58.79
C ASN G 288 -3.52 8.78 59.97
N LYS G 289 -4.03 7.58 59.68
CA LYS G 289 -4.58 6.72 60.72
C LYS G 289 -4.12 5.29 60.55
N SER G 290 -3.63 4.68 61.64
CA SER G 290 -3.15 3.30 61.60
C SER G 290 -4.01 2.40 62.48
N ALA G 291 -5.02 1.79 61.89
CA ALA G 291 -5.92 0.90 62.61
C ALA G 291 -5.25 -0.45 62.88
N ALA G 292 -4.08 -0.65 62.29
CA ALA G 292 -3.34 -1.90 62.47
C ALA G 292 -2.01 -1.85 61.74
N PRO G 293 -1.08 -2.74 62.13
CA PRO G 293 0.24 -2.82 61.51
C PRO G 293 0.19 -3.36 60.09
N GLY G 294 -0.19 -2.51 59.15
CA GLY G 294 -0.28 -2.91 57.76
C GLY G 294 -1.31 -2.13 56.99
N TYR G 295 -2.33 -1.65 57.69
CA TYR G 295 -3.40 -0.88 57.05
C TYR G 295 -3.19 0.61 57.26
N PHE G 296 -2.98 1.34 56.17
CA PHE G 296 -2.77 2.79 56.24
C PHE G 296 -3.97 3.54 55.69
N THR G 297 -4.22 4.73 56.24
CA THR G 297 -5.34 5.55 55.81
C THR G 297 -4.97 7.02 55.78
N PHE G 298 -5.62 7.78 54.92
CA PHE G 298 -5.35 9.21 54.79
C PHE G 298 -6.66 10.00 54.69
N GLN G 299 -7.04 10.65 55.77
CA GLN G 299 -8.26 11.45 55.79
C GLN G 299 -8.01 12.87 55.29
N VAL G 300 -8.31 13.10 54.02
CA VAL G 300 -8.11 14.42 53.41
C VAL G 300 -9.35 15.29 53.60
N LEU G 301 -9.28 16.18 54.58
CA LEU G 301 -10.40 17.09 54.86
C LEU G 301 -10.12 18.49 54.32
N PHE G 319 -31.65 47.54 31.96
CA PHE G 319 -30.20 47.23 32.06
C PHE G 319 -29.49 48.34 32.75
N THR G 320 -29.86 48.59 34.02
CA THR G 320 -29.15 49.57 34.78
C THR G 320 -29.66 49.39 36.15
N GLY G 321 -28.77 49.17 37.14
CA GLY G 321 -29.31 48.92 38.42
C GLY G 321 -28.30 49.24 39.47
N ARG G 322 -28.72 49.09 40.74
CA ARG G 322 -27.90 49.38 41.87
C ARG G 322 -26.76 48.42 41.89
N LYS G 323 -25.63 48.82 42.50
CA LYS G 323 -24.51 47.93 42.56
C LYS G 323 -24.75 46.95 43.66
N ILE G 324 -24.40 45.67 43.43
CA ILE G 324 -24.55 44.66 44.44
C ILE G 324 -23.36 43.73 44.32
N SER G 325 -23.09 42.93 45.36
CA SER G 325 -22.07 41.92 45.21
C SER G 325 -22.84 40.63 45.26
N LEU G 326 -22.70 39.77 44.24
CA LEU G 326 -23.50 38.57 44.26
C LEU G 326 -22.69 37.40 44.67
N ASP G 327 -23.00 36.84 45.85
CA ASP G 327 -22.29 35.67 46.30
C ASP G 327 -23.31 34.60 46.50
N PHE G 328 -23.34 33.58 45.61
CA PHE G 328 -24.27 32.52 45.80
C PHE G 328 -23.48 31.25 45.80
N GLN G 329 -23.52 30.50 46.93
CA GLN G 329 -22.76 29.28 46.98
C GLN G 329 -23.70 28.12 46.86
N ASP G 330 -23.56 27.38 45.76
CA ASP G 330 -24.32 26.20 45.47
C ASP G 330 -25.76 26.44 45.75
N VAL G 331 -26.39 27.38 45.02
CA VAL G 331 -27.78 27.65 45.25
C VAL G 331 -28.52 27.54 43.95
N GLU G 332 -29.84 27.27 44.02
CA GLU G 332 -30.61 27.13 42.83
C GLU G 332 -30.66 28.46 42.16
N ILE G 333 -30.63 28.45 40.82
CA ILE G 333 -30.67 29.65 40.02
C ILE G 333 -31.97 30.31 40.33
N ARG G 334 -33.00 29.49 40.57
CA ARG G 334 -34.31 30.01 40.81
C ARG G 334 -34.28 30.89 42.03
N THR G 335 -33.56 30.45 43.07
CA THR G 335 -33.48 31.22 44.28
C THR G 335 -32.74 32.49 43.99
N ILE G 336 -31.66 32.41 43.20
CA ILE G 336 -30.91 33.59 42.90
C ILE G 336 -31.79 34.54 42.15
N LEU G 337 -32.70 34.00 41.34
CA LEU G 337 -33.60 34.79 40.57
C LEU G 337 -34.48 35.57 41.52
N GLN G 338 -35.03 34.90 42.56
CA GLN G 338 -35.93 35.49 43.51
C GLN G 338 -35.22 36.53 44.30
N ILE G 339 -33.97 36.23 44.71
CA ILE G 339 -33.21 37.08 45.58
C ILE G 339 -33.01 38.40 44.91
N LEU G 340 -32.68 38.38 43.61
CA LEU G 340 -32.45 39.57 42.86
C LEU G 340 -33.70 40.39 42.80
N ALA G 341 -34.85 39.73 42.60
CA ALA G 341 -36.11 40.41 42.50
C ALA G 341 -36.40 41.10 43.80
N LYS G 342 -36.08 40.42 44.93
CA LYS G 342 -36.32 40.92 46.25
C LYS G 342 -35.51 42.17 46.46
N GLU G 343 -34.36 42.23 45.76
CA GLU G 343 -33.39 43.28 45.75
C GLU G 343 -33.95 44.48 45.09
N SER G 344 -35.23 44.40 44.67
CA SER G 344 -35.89 45.46 43.96
C SER G 344 -35.41 45.42 42.55
N GLY G 345 -34.82 44.27 42.13
CA GLY G 345 -34.43 44.15 40.77
C GLY G 345 -35.55 43.47 40.04
N MET G 346 -36.51 44.27 39.53
CA MET G 346 -37.58 43.75 38.73
C MET G 346 -38.30 42.67 39.48
N ASN G 347 -39.29 42.08 38.79
CA ASN G 347 -39.99 40.93 39.31
C ASN G 347 -39.64 39.82 38.37
N ILE G 348 -38.77 38.89 38.80
CA ILE G 348 -38.33 37.87 37.89
C ILE G 348 -39.05 36.60 38.20
N VAL G 349 -39.68 36.02 37.16
CA VAL G 349 -40.37 34.76 37.31
C VAL G 349 -39.83 33.83 36.27
N ALA G 350 -39.35 32.67 36.70
CA ALA G 350 -38.80 31.71 35.80
C ALA G 350 -39.90 30.83 35.33
N SER G 351 -39.54 29.90 34.43
CA SER G 351 -40.45 28.88 34.02
C SER G 351 -40.43 27.93 35.17
N ASP G 352 -40.88 26.70 34.99
CA ASP G 352 -40.74 25.86 36.14
C ASP G 352 -39.39 25.21 36.29
N SER G 353 -39.00 24.38 35.30
CA SER G 353 -37.77 23.63 35.44
C SER G 353 -36.80 24.19 34.46
N VAL G 354 -36.16 25.27 34.88
CA VAL G 354 -35.22 26.01 34.08
C VAL G 354 -33.87 25.38 33.99
N ASN G 355 -33.37 24.77 35.09
CA ASN G 355 -31.99 24.38 35.05
C ASN G 355 -31.70 23.60 36.28
N GLY G 356 -30.90 24.22 37.18
CA GLY G 356 -30.49 23.60 38.39
C GLY G 356 -29.88 24.68 39.24
N LYS G 357 -28.84 24.31 39.99
CA LYS G 357 -28.17 25.14 40.95
C LYS G 357 -26.86 25.59 40.35
N MET G 358 -26.34 26.76 40.77
CA MET G 358 -25.09 27.24 40.25
C MET G 358 -24.36 28.01 41.32
N THR G 359 -23.02 28.15 41.18
CA THR G 359 -22.27 28.89 42.16
C THR G 359 -21.53 30.01 41.50
N LEU G 360 -21.82 31.26 41.90
CA LEU G 360 -21.08 32.40 41.41
C LEU G 360 -20.76 33.29 42.57
N SER G 361 -19.63 34.03 42.46
CA SER G 361 -19.27 34.99 43.47
C SER G 361 -18.74 36.20 42.74
N LEU G 362 -19.45 37.34 42.87
CA LEU G 362 -19.06 38.56 42.21
C LEU G 362 -19.04 39.65 43.22
N LYS G 363 -18.32 40.75 42.90
CA LYS G 363 -18.27 41.87 43.78
C LYS G 363 -18.33 43.11 42.93
N ASP G 364 -18.94 44.18 43.48
CA ASP G 364 -19.04 45.45 42.81
C ASP G 364 -19.64 45.31 41.45
N VAL G 365 -20.83 44.70 41.33
CA VAL G 365 -21.46 44.60 40.04
C VAL G 365 -22.92 44.84 40.17
N PRO G 366 -23.49 45.61 39.29
CA PRO G 366 -24.90 45.89 39.35
C PRO G 366 -25.63 44.60 39.11
N TRP G 367 -26.80 44.42 39.74
CA TRP G 367 -27.50 43.18 39.65
C TRP G 367 -27.84 42.88 38.22
N ASP G 368 -28.14 43.92 37.42
CA ASP G 368 -28.46 43.67 36.05
C ASP G 368 -27.28 43.10 35.34
N GLN G 369 -26.06 43.62 35.59
CA GLN G 369 -24.90 43.10 34.93
C GLN G 369 -24.62 41.71 35.40
N ALA G 370 -24.72 41.47 36.73
CA ALA G 370 -24.41 40.20 37.30
C ALA G 370 -25.36 39.20 36.70
N LEU G 371 -26.61 39.64 36.47
CA LEU G 371 -27.60 38.76 35.93
C LEU G 371 -27.12 38.24 34.60
N ASP G 372 -26.57 39.13 33.74
CA ASP G 372 -26.16 38.69 32.44
C ASP G 372 -25.05 37.70 32.60
N LEU G 373 -24.14 37.96 33.54
CA LEU G 373 -23.01 37.10 33.74
C LEU G 373 -23.53 35.79 34.21
N VAL G 374 -24.55 35.83 35.09
CA VAL G 374 -25.12 34.64 35.66
C VAL G 374 -25.69 33.79 34.56
N MET G 375 -26.35 34.43 33.59
CA MET G 375 -27.03 33.72 32.54
C MET G 375 -26.03 32.89 31.78
N GLN G 376 -24.86 33.49 31.48
CA GLN G 376 -23.82 32.91 30.66
C GLN G 376 -23.23 31.69 31.31
N ALA G 377 -23.16 31.69 32.66
CA ALA G 377 -22.44 30.67 33.37
C ALA G 377 -22.98 29.30 33.04
N ARG G 378 -24.32 29.18 32.97
CA ARG G 378 -24.89 27.91 32.63
C ARG G 378 -26.36 28.17 32.64
N ASN G 379 -26.69 29.32 33.24
CA ASN G 379 -28.02 29.77 33.48
C ASN G 379 -28.69 30.12 32.20
N LEU G 380 -29.92 30.65 32.37
CA LEU G 380 -30.89 30.92 31.35
C LEU G 380 -30.71 32.27 30.73
N ASP G 381 -31.56 32.52 29.71
CA ASP G 381 -31.67 33.78 29.04
C ASP G 381 -32.90 34.43 29.59
N MET G 382 -33.04 35.76 29.45
CA MET G 382 -34.17 36.43 30.06
C MET G 382 -34.97 37.16 29.03
N ARG G 383 -36.30 37.19 29.24
CA ARG G 383 -37.18 37.96 28.40
C ARG G 383 -37.99 38.78 29.34
N GLN G 384 -38.27 40.05 29.01
CA GLN G 384 -39.00 40.84 29.95
C GLN G 384 -40.30 41.27 29.34
N GLN G 385 -41.41 41.04 30.08
CA GLN G 385 -42.73 41.48 29.73
C GLN G 385 -42.78 42.97 29.95
N GLY G 386 -42.03 43.44 30.98
CA GLY G 386 -41.98 44.83 31.35
C GLY G 386 -42.09 44.92 32.84
N ASN G 387 -43.25 44.59 33.43
CA ASN G 387 -43.32 44.58 34.86
C ASN G 387 -42.68 43.33 35.37
N ILE G 388 -43.00 42.20 34.72
CA ILE G 388 -42.51 40.94 35.20
C ILE G 388 -41.62 40.39 34.13
N VAL G 389 -40.58 39.65 34.55
CA VAL G 389 -39.67 39.10 33.59
C VAL G 389 -39.71 37.61 33.66
N ASN G 390 -39.71 36.97 32.49
CA ASN G 390 -39.72 35.53 32.48
C ASN G 390 -38.38 35.08 31.98
N ILE G 391 -37.76 34.15 32.74
CA ILE G 391 -36.49 33.61 32.35
C ILE G 391 -36.68 32.15 32.08
N ALA G 392 -36.12 31.67 30.95
CA ALA G 392 -36.33 30.30 30.57
C ALA G 392 -35.02 29.69 30.20
N PRO G 393 -35.06 28.39 30.26
CA PRO G 393 -33.99 27.48 29.99
C PRO G 393 -33.58 27.49 28.57
N ARG G 394 -34.11 28.45 27.77
CA ARG G 394 -33.72 28.53 26.39
C ARG G 394 -32.25 28.82 26.42
N ASP G 395 -31.44 27.75 26.34
CA ASP G 395 -30.01 27.87 26.45
C ASP G 395 -29.40 26.86 25.54
N GLU G 396 -28.32 27.28 24.87
CA GLU G 396 -27.63 26.42 23.96
C GLU G 396 -27.04 25.26 24.68
N LEU G 397 -26.25 25.54 25.73
CA LEU G 397 -25.48 24.49 26.32
C LEU G 397 -26.23 23.43 27.06
N LEU G 398 -27.12 23.78 27.99
CA LEU G 398 -27.64 22.72 28.80
C LEU G 398 -28.48 21.76 28.05
N ALA G 399 -29.45 22.27 27.27
CA ALA G 399 -30.35 21.36 26.65
C ALA G 399 -29.58 20.48 25.74
N LYS G 400 -28.72 21.07 24.90
CA LYS G 400 -28.07 20.20 23.98
C LYS G 400 -27.04 19.35 24.61
N ASP G 401 -26.33 19.86 25.63
CA ASP G 401 -25.24 19.11 26.18
C ASP G 401 -25.77 17.81 26.66
N LYS G 402 -26.91 17.87 27.35
CA LYS G 402 -27.50 16.69 27.91
C LYS G 402 -27.94 15.81 26.80
N ALA G 403 -28.50 16.41 25.73
CA ALA G 403 -28.96 15.65 24.61
C ALA G 403 -27.81 14.92 24.01
N PHE G 404 -26.63 15.56 23.95
CA PHE G 404 -25.49 14.94 23.33
C PHE G 404 -25.16 13.68 24.07
N LEU G 405 -25.12 13.79 25.40
CA LEU G 405 -24.72 12.66 26.18
C LEU G 405 -25.72 11.58 25.97
N GLN G 406 -26.99 11.96 25.83
CA GLN G 406 -28.05 11.01 25.66
C GLN G 406 -27.82 10.24 24.39
N ALA G 407 -27.39 10.91 23.31
CA ALA G 407 -27.22 10.23 22.06
C ALA G 407 -26.12 9.22 22.14
N GLU G 408 -26.39 8.02 21.60
CA GLU G 408 -25.45 6.93 21.59
C GLU G 408 -24.35 7.23 20.62
N LYS G 409 -24.69 7.81 19.45
CA LYS G 409 -23.70 8.03 18.45
C LYS G 409 -22.77 9.10 18.89
N ASP G 410 -21.47 8.90 18.58
CA ASP G 410 -20.42 9.81 18.95
C ASP G 410 -20.61 11.10 18.22
N ILE G 411 -21.03 11.02 16.94
CA ILE G 411 -21.20 12.19 16.14
C ILE G 411 -22.27 13.01 16.77
N ALA G 412 -23.31 12.34 17.30
CA ALA G 412 -24.43 13.00 17.91
C ALA G 412 -23.92 13.80 19.05
N ASP G 413 -22.85 13.33 19.70
CA ASP G 413 -22.29 14.04 20.82
C ASP G 413 -21.98 15.43 20.32
N LEU G 414 -21.68 15.56 19.02
CA LEU G 414 -21.50 16.88 18.50
C LEU G 414 -22.77 17.24 17.78
N GLY G 415 -23.43 18.33 18.23
CA GLY G 415 -24.66 18.76 17.63
C GLY G 415 -24.94 20.09 18.22
N ALA G 416 -26.06 20.76 17.85
CA ALA G 416 -26.17 22.03 18.50
C ALA G 416 -27.53 22.61 18.39
N LEU G 417 -27.88 23.36 19.44
CA LEU G 417 -29.02 24.20 19.36
C LEU G 417 -28.41 25.48 18.91
N TYR G 418 -29.05 26.19 17.97
CA TYR G 418 -28.34 27.34 17.51
C TYR G 418 -29.33 28.45 17.44
N SER G 419 -28.84 29.68 17.20
CA SER G 419 -29.75 30.79 17.10
C SER G 419 -29.56 31.35 15.73
N GLN G 420 -30.66 31.79 15.11
CA GLN G 420 -30.53 32.35 13.80
C GLN G 420 -31.49 33.48 13.69
N ASN G 421 -31.19 34.45 12.81
CA ASN G 421 -32.06 35.58 12.65
C ASN G 421 -32.69 35.47 11.29
N PHE G 422 -34.03 35.63 11.24
CA PHE G 422 -34.73 35.51 10.00
C PHE G 422 -35.19 36.90 9.65
N GLN G 423 -34.85 37.37 8.45
CA GLN G 423 -35.29 38.68 8.04
C GLN G 423 -36.66 38.48 7.45
N LEU G 424 -37.60 39.41 7.67
CA LEU G 424 -38.90 39.31 7.07
C LEU G 424 -39.09 40.55 6.24
N LYS G 425 -38.86 40.46 4.92
CA LYS G 425 -39.00 41.64 4.12
C LYS G 425 -40.43 42.02 3.86
N TYR G 426 -41.21 41.08 3.30
CA TYR G 426 -42.55 41.33 2.83
C TYR G 426 -43.63 41.43 3.86
N LYS G 427 -43.62 40.56 4.90
CA LYS G 427 -44.77 40.53 5.77
C LYS G 427 -44.41 40.97 7.15
N ASN G 428 -45.44 41.36 7.93
CA ASN G 428 -45.22 41.78 9.29
C ASN G 428 -44.98 40.56 10.13
N VAL G 429 -44.10 40.71 11.12
CA VAL G 429 -43.62 39.64 11.95
C VAL G 429 -44.73 39.06 12.77
N GLU G 430 -45.62 39.92 13.29
CA GLU G 430 -46.66 39.51 14.19
C GLU G 430 -47.61 38.57 13.52
N GLU G 431 -47.81 38.70 12.20
CA GLU G 431 -48.77 37.89 11.51
C GLU G 431 -48.35 36.45 11.61
N PHE G 432 -47.03 36.20 11.60
CA PHE G 432 -46.44 34.90 11.68
C PHE G 432 -46.72 34.25 13.00
N ARG G 433 -46.92 35.07 14.06
CA ARG G 433 -46.96 34.58 15.42
C ARG G 433 -47.90 33.43 15.56
N SER G 434 -49.12 33.50 15.00
CA SER G 434 -50.07 32.45 15.22
C SER G 434 -49.50 31.14 14.77
N ILE G 435 -48.97 31.09 13.52
CA ILE G 435 -48.49 29.85 13.00
C ILE G 435 -47.29 29.38 13.76
N LEU G 436 -46.34 30.30 14.07
CA LEU G 436 -45.13 29.91 14.72
C LEU G 436 -45.41 29.38 16.08
N ARG G 437 -46.39 29.98 16.78
CA ARG G 437 -46.71 29.51 18.09
C ARG G 437 -47.19 28.11 17.99
N LEU G 438 -48.01 27.81 16.96
CA LEU G 438 -48.59 26.51 16.82
C LEU G 438 -47.54 25.47 16.57
N ASP G 439 -46.63 25.70 15.62
CA ASP G 439 -45.64 24.69 15.31
C ASP G 439 -44.72 24.52 16.47
N ASN G 440 -44.48 25.61 17.19
CA ASN G 440 -43.58 25.59 18.29
C ASN G 440 -44.16 24.71 19.34
N ALA G 441 -45.51 24.70 19.46
CA ALA G 441 -46.05 23.88 20.49
C ALA G 441 -46.15 22.50 19.97
N ASP G 442 -45.06 21.72 20.16
CA ASP G 442 -45.14 20.34 19.81
C ASP G 442 -45.37 19.70 21.14
N THR G 443 -46.30 20.33 21.89
CA THR G 443 -46.74 19.90 23.18
C THR G 443 -48.09 20.50 23.34
N THR G 444 -48.82 20.12 24.41
CA THR G 444 -50.12 20.71 24.57
C THR G 444 -49.93 22.05 25.21
N GLY G 445 -50.63 23.07 24.68
CA GLY G 445 -50.53 24.39 25.25
C GLY G 445 -51.52 25.22 24.51
N ASN G 446 -52.49 25.79 25.25
CA ASN G 446 -53.52 26.56 24.62
C ASN G 446 -52.89 27.78 24.00
N ARG G 447 -52.05 28.51 24.76
CA ARG G 447 -51.48 29.69 24.16
C ARG G 447 -50.27 30.06 24.96
N ASN G 448 -49.05 29.87 24.42
CA ASN G 448 -47.86 30.24 25.13
C ASN G 448 -46.90 30.85 24.16
N THR G 449 -46.34 32.02 24.49
CA THR G 449 -45.35 32.61 23.64
C THR G 449 -44.13 31.75 23.70
N LEU G 450 -43.72 31.36 24.93
CA LEU G 450 -42.61 30.49 25.12
C LEU G 450 -43.16 29.13 24.87
N ILE G 451 -42.34 28.16 24.41
CA ILE G 451 -43.07 26.96 24.17
C ILE G 451 -42.23 25.77 24.48
N SER G 452 -42.85 24.59 24.41
CA SER G 452 -42.13 23.39 24.71
C SER G 452 -41.41 22.91 23.51
N GLY G 453 -41.05 21.62 23.52
CA GLY G 453 -40.22 21.11 22.49
C GLY G 453 -38.84 21.31 22.99
N ARG G 454 -38.74 21.36 24.33
CA ARG G 454 -37.51 21.48 25.05
C ARG G 454 -36.73 22.72 24.71
N GLY G 455 -37.31 23.90 24.99
CA GLY G 455 -36.53 25.12 24.91
C GLY G 455 -36.45 25.74 23.56
N SER G 456 -37.54 25.73 22.77
CA SER G 456 -37.46 26.43 21.52
C SER G 456 -38.09 27.78 21.76
N VAL G 457 -37.55 28.86 21.15
CA VAL G 457 -38.14 30.13 21.40
C VAL G 457 -38.09 30.96 20.18
N LEU G 458 -39.10 31.83 20.02
CA LEU G 458 -39.11 32.76 18.93
C LEU G 458 -39.21 34.12 19.54
N ILE G 459 -38.36 35.06 19.07
CA ILE G 459 -38.38 36.40 19.61
C ILE G 459 -38.55 37.34 18.47
N ASP G 460 -39.31 38.43 18.69
CA ASP G 460 -39.58 39.37 17.64
C ASP G 460 -38.90 40.67 17.94
N PRO G 461 -37.91 40.97 17.13
CA PRO G 461 -37.29 42.26 17.22
C PRO G 461 -38.09 43.35 16.56
N ALA G 462 -37.81 44.60 16.96
CA ALA G 462 -38.50 45.78 16.52
C ALA G 462 -38.33 45.99 15.04
N THR G 463 -37.13 45.68 14.49
CA THR G 463 -36.98 45.98 13.10
C THR G 463 -37.49 44.82 12.30
N ASN G 464 -38.65 44.27 12.72
CA ASN G 464 -39.33 43.21 12.03
C ASN G 464 -38.42 42.14 11.54
N THR G 465 -37.70 41.49 12.45
CA THR G 465 -36.93 40.34 12.12
C THR G 465 -37.29 39.36 13.18
N LEU G 466 -37.18 38.05 12.92
CA LEU G 466 -37.49 37.09 13.93
C LEU G 466 -36.22 36.41 14.31
N ILE G 467 -36.02 36.14 15.61
CA ILE G 467 -34.83 35.45 16.02
C ILE G 467 -35.30 34.18 16.63
N VAL G 468 -34.73 33.05 16.20
CA VAL G 468 -35.18 31.84 16.81
C VAL G 468 -34.02 31.17 17.45
N THR G 469 -34.24 30.64 18.67
CA THR G 469 -33.23 29.95 19.38
C THR G 469 -33.76 28.59 19.69
N ASP G 470 -33.06 27.53 19.26
CA ASP G 470 -33.56 26.22 19.59
C ASP G 470 -32.71 25.20 18.89
N THR G 471 -33.23 23.97 18.81
CA THR G 471 -32.53 22.89 18.17
C THR G 471 -32.58 23.14 16.70
N ARG G 472 -31.61 22.58 15.95
CA ARG G 472 -31.50 22.80 14.55
C ARG G 472 -32.73 22.31 13.86
N SER G 473 -33.26 21.15 14.28
CA SER G 473 -34.40 20.62 13.58
C SER G 473 -35.54 21.58 13.71
N VAL G 474 -35.82 22.07 14.93
CA VAL G 474 -36.93 22.94 15.17
C VAL G 474 -36.70 24.23 14.43
N ILE G 475 -35.46 24.74 14.43
CA ILE G 475 -35.19 25.99 13.77
C ILE G 475 -35.43 25.86 12.31
N GLU G 476 -35.06 24.71 11.72
CA GLU G 476 -35.23 24.51 10.31
C GLU G 476 -36.68 24.62 9.99
N LYS G 477 -37.55 24.00 10.80
CA LYS G 477 -38.95 23.99 10.52
C LYS G 477 -39.46 25.39 10.52
N PHE G 478 -39.08 26.17 11.55
CA PHE G 478 -39.56 27.51 11.69
C PHE G 478 -39.11 28.34 10.53
N ARG G 479 -37.85 28.16 10.07
CA ARG G 479 -37.38 28.98 8.99
C ARG G 479 -38.19 28.70 7.75
N LYS G 480 -38.48 27.42 7.49
CA LYS G 480 -39.15 27.07 6.26
C LYS G 480 -40.47 27.76 6.21
N LEU G 481 -41.22 27.76 7.33
CA LEU G 481 -42.52 28.39 7.36
C LEU G 481 -42.42 29.87 7.17
N ILE G 482 -41.47 30.52 7.86
CA ILE G 482 -41.37 31.95 7.82
C ILE G 482 -41.08 32.38 6.41
N ASP G 483 -40.08 31.73 5.77
CA ASP G 483 -39.70 32.12 4.45
C ASP G 483 -40.85 31.83 3.53
N GLU G 484 -41.57 30.72 3.79
CA GLU G 484 -42.63 30.34 2.93
C GLU G 484 -43.68 31.39 2.93
N LEU G 485 -44.09 31.90 4.11
CA LEU G 485 -45.12 32.90 4.15
C LEU G 485 -44.63 34.16 3.52
N ASP G 486 -43.35 34.49 3.74
CA ASP G 486 -42.80 35.72 3.25
C ASP G 486 -42.86 35.75 1.76
N VAL G 487 -42.62 34.62 1.09
CA VAL G 487 -42.57 34.62 -0.35
C VAL G 487 -43.90 35.05 -0.93
N PRO G 488 -45.03 34.53 -0.55
CA PRO G 488 -46.23 35.02 -1.15
C PRO G 488 -46.49 36.45 -0.84
N ALA G 489 -46.02 36.95 0.31
CA ALA G 489 -46.19 38.34 0.59
C ALA G 489 -45.39 39.05 -0.46
N GLN G 490 -44.26 38.43 -0.84
CA GLN G 490 -43.31 38.99 -1.74
C GLN G 490 -43.94 39.25 -3.08
N GLN G 491 -44.78 38.34 -3.59
CA GLN G 491 -45.28 38.68 -4.88
C GLN G 491 -46.25 39.80 -4.69
N VAL G 492 -45.81 41.02 -5.05
CA VAL G 492 -46.64 42.17 -4.89
C VAL G 492 -47.24 42.49 -6.26
N MET G 493 -47.23 43.68 -6.65
N THR H 202 14.70 4.17 45.85
CA THR H 202 14.97 5.58 45.60
C THR H 202 13.78 6.25 44.92
N ASN H 203 13.63 7.56 45.15
CA ASN H 203 12.54 8.32 44.56
C ASN H 203 12.68 9.80 44.86
N ILE H 204 12.01 10.62 44.05
CA ILE H 204 12.06 12.07 44.23
C ILE H 204 10.69 12.64 44.55
N ASP H 205 10.66 13.79 45.21
CA ASP H 205 9.40 14.44 45.58
C ASP H 205 9.57 15.95 45.64
N PHE H 206 8.47 16.68 45.47
CA PHE H 206 8.50 18.14 45.50
C PHE H 206 7.37 18.67 46.39
N ARG H 207 7.63 19.80 47.03
CA ARG H 207 6.64 20.42 47.91
C ARG H 207 7.01 21.87 48.20
N LYS H 208 6.01 22.68 48.52
CA LYS H 208 6.23 24.09 48.83
C LYS H 208 6.04 24.36 50.31
N ASP H 209 6.83 25.28 50.85
CA ASP H 209 6.74 25.63 52.26
C ASP H 209 7.26 27.05 52.50
N GLY H 210 7.34 27.44 53.78
CA GLY H 210 7.83 28.76 54.12
C GLY H 210 7.11 29.86 53.37
N LYS H 211 7.82 30.53 52.47
CA LYS H 211 7.24 31.61 51.68
C LYS H 211 7.62 31.47 50.21
N ASN H 212 6.84 30.70 49.46
CA ASN H 212 7.11 30.50 48.05
C ASN H 212 8.45 29.81 47.83
N ALA H 213 8.72 28.78 48.63
CA ALA H 213 9.97 28.05 48.53
C ALA H 213 9.74 26.68 47.88
N GLY H 214 10.70 26.27 47.03
CA GLY H 214 10.58 24.99 46.36
C GLY H 214 11.42 23.91 47.02
N ILE H 215 10.76 23.05 47.79
CA ILE H 215 11.44 21.97 48.49
C ILE H 215 11.45 20.70 47.65
N ILE H 216 12.59 20.01 47.63
CA ILE H 216 12.72 18.77 46.87
C ILE H 216 13.14 17.62 47.77
N GLU H 217 12.15 16.90 48.30
CA GLU H 217 12.41 15.77 49.18
C GLU H 217 12.80 14.54 48.37
N LEU H 218 14.04 14.09 48.55
CA LEU H 218 14.53 12.91 47.84
C LEU H 218 14.68 11.72 48.79
N ALA H 219 14.25 10.55 48.32
CA ALA H 219 14.34 9.34 49.13
C ALA H 219 15.60 8.54 48.78
N ALA H 220 16.54 8.50 49.71
CA ALA H 220 17.79 7.77 49.49
C ALA H 220 17.87 6.54 50.40
N LEU H 221 17.53 5.39 49.86
CA LEU H 221 17.55 4.14 50.62
C LEU H 221 18.82 3.35 50.31
N GLY H 222 19.72 3.28 51.30
CA GLY H 222 20.97 2.55 51.12
C GLY H 222 22.17 3.47 51.04
N PHE H 223 22.03 4.68 51.57
CA PHE H 223 23.11 5.65 51.56
C PHE H 223 23.58 5.97 52.97
N ALA H 224 24.86 6.28 53.11
CA ALA H 224 25.43 6.60 54.42
C ALA H 224 25.89 8.06 54.47
N GLY H 225 26.97 8.36 53.76
CA GLY H 225 27.48 9.71 53.74
C GLY H 225 26.53 10.69 53.07
N GLN H 226 27.09 11.70 52.41
CA GLN H 226 26.30 12.71 51.73
C GLN H 226 26.73 12.84 50.27
N PRO H 227 25.75 13.10 49.39
CA PRO H 227 26.00 13.25 47.95
C PRO H 227 26.76 14.54 47.64
N ASP H 228 27.04 14.76 46.35
CA ASP H 228 27.76 15.95 45.92
C ASP H 228 26.78 17.02 45.42
N ILE H 229 26.57 18.06 46.23
CA ILE H 229 25.67 19.14 45.86
C ILE H 229 26.39 20.18 45.01
N SER H 230 25.91 20.37 43.79
CA SER H 230 26.49 21.35 42.88
C SER H 230 25.47 22.40 42.48
N GLN H 231 25.49 23.53 43.17
CA GLN H 231 24.57 24.62 42.89
C GLN H 231 25.03 25.42 41.68
N GLN H 232 24.31 25.29 40.57
CA GLN H 232 24.65 26.00 39.34
C GLN H 232 23.68 27.16 39.10
N HIS H 233 24.03 28.02 38.15
CA HIS H 233 23.20 29.17 37.83
C HIS H 233 22.00 28.74 36.98
N ASP H 234 22.06 27.53 36.45
CA ASP H 234 20.98 27.00 35.61
C ASP H 234 20.13 26.00 36.40
N HIS H 235 20.76 24.91 36.84
CA HIS H 235 20.06 23.88 37.60
C HIS H 235 20.93 23.36 38.74
N ILE H 236 20.50 22.27 39.34
CA ILE H 236 21.24 21.67 40.45
C ILE H 236 21.73 20.27 40.08
N ILE H 237 22.76 19.81 40.79
CA ILE H 237 23.33 18.49 40.54
C ILE H 237 23.57 17.75 41.85
N VAL H 238 23.09 16.50 41.92
CA VAL H 238 23.26 15.68 43.11
C VAL H 238 23.64 14.25 42.74
N THR H 239 24.89 13.89 43.02
CA THR H 239 25.38 12.54 42.72
C THR H 239 25.46 11.69 43.98
N LEU H 240 25.03 10.44 43.87
CA LEU H 240 25.05 9.52 45.00
C LEU H 240 25.80 8.24 44.66
N LYS H 241 27.06 8.17 45.05
CA LYS H 241 27.89 7.01 44.78
C LYS H 241 27.26 5.75 45.38
N ASN H 242 27.25 4.67 44.60
CA ASN H 242 26.69 3.41 45.05
C ASN H 242 25.20 3.55 45.33
N HIS H 243 24.56 4.50 44.64
CA HIS H 243 23.13 4.73 44.82
C HIS H 243 22.40 4.65 43.48
N THR H 244 23.00 3.96 42.53
CA THR H 244 22.41 3.80 41.20
C THR H 244 20.95 3.42 41.30
N LEU H 245 20.07 4.31 40.83
CA LEU H 245 18.64 4.06 40.87
C LEU H 245 18.14 3.54 39.51
N PRO H 246 17.10 2.71 39.54
CA PRO H 246 16.51 2.13 38.34
C PRO H 246 15.76 3.18 37.50
N THR H 247 15.67 2.93 36.21
CA THR H 247 14.99 3.85 35.30
C THR H 247 13.50 3.93 35.61
N THR H 248 13.03 3.00 36.45
CA THR H 248 11.62 2.97 36.83
C THR H 248 11.36 3.86 38.03
N LEU H 249 12.36 4.63 38.43
CA LEU H 249 12.24 5.54 39.56
C LEU H 249 12.84 6.90 39.23
N GLN H 250 13.22 7.09 37.97
CA GLN H 250 13.81 8.36 37.54
C GLN H 250 12.73 9.31 37.03
N ARG H 251 11.51 9.11 37.50
CA ARG H 251 10.38 9.96 37.09
C ARG H 251 10.68 11.42 37.39
N SER H 252 10.11 12.30 36.58
CA SER H 252 10.31 13.74 36.75
C SER H 252 9.06 14.41 37.30
N LEU H 253 9.21 15.63 37.78
CA LEU H 253 8.09 16.37 38.35
C LEU H 253 7.48 17.31 37.31
N ASP H 254 6.29 17.84 37.62
CA ASP H 254 5.62 18.76 36.71
C ASP H 254 5.13 20.00 37.46
N VAL H 255 5.93 20.48 38.39
CA VAL H 255 5.59 21.66 39.18
C VAL H 255 5.77 22.93 38.36
N ALA H 256 5.00 23.06 37.29
CA ALA H 256 5.08 24.23 36.43
C ALA H 256 4.07 25.29 36.86
N ASP H 257 4.51 26.55 36.89
CA ASP H 257 3.64 27.66 37.29
C ASP H 257 3.21 27.51 38.74
N PHE H 258 4.11 27.00 39.58
CA PHE H 258 3.82 26.80 40.99
C PHE H 258 4.26 28.02 41.80
N LYS H 259 4.70 29.06 41.11
CA LYS H 259 5.15 30.28 41.76
C LYS H 259 6.33 30.00 42.69
N THR H 260 7.30 29.24 42.20
CA THR H 260 8.47 28.89 42.98
C THR H 260 9.75 29.05 42.17
N PRO H 261 10.90 29.12 42.85
CA PRO H 261 12.20 29.28 42.21
C PRO H 261 12.63 28.02 41.46
N VAL H 262 11.95 26.92 41.74
CA VAL H 262 12.26 25.64 41.09
C VAL H 262 11.39 25.44 39.85
N GLN H 263 12.01 25.53 38.68
CA GLN H 263 11.30 25.34 37.42
C GLN H 263 10.62 23.98 37.37
N LYS H 264 11.41 22.93 37.56
CA LYS H 264 10.88 21.57 37.53
C LYS H 264 11.96 20.56 37.91
N VAL H 265 11.58 19.56 38.70
CA VAL H 265 12.50 18.53 39.14
C VAL H 265 12.61 17.41 38.11
N THR H 266 13.82 16.94 37.88
CA THR H 266 14.06 15.87 36.92
C THR H 266 15.04 14.83 37.48
N LEU H 267 14.62 13.58 37.49
CA LEU H 267 15.45 12.49 38.00
C LEU H 267 16.01 11.66 36.85
N LYS H 268 17.29 11.33 36.93
CA LYS H 268 17.95 10.53 35.90
C LYS H 268 18.92 9.53 36.52
N ARG H 269 18.84 8.29 36.08
CA ARG H 269 19.72 7.24 36.59
C ARG H 269 21.11 7.35 35.98
N LEU H 270 22.13 7.33 36.83
CA LEU H 270 23.51 7.42 36.38
C LEU H 270 24.14 6.04 36.22
N ASN H 271 25.39 6.01 35.75
CA ASN H 271 26.09 4.75 35.57
C ASN H 271 26.02 3.89 36.82
N ASN H 272 26.64 4.37 37.90
CA ASN H 272 26.64 3.64 39.17
C ASN H 272 26.10 4.51 40.29
N ASP H 273 25.76 5.76 39.96
CA ASP H 273 25.22 6.69 40.95
C ASP H 273 23.86 7.21 40.52
N THR H 274 23.34 8.19 41.26
CA THR H 274 22.03 8.76 40.95
C THR H 274 22.13 10.28 40.82
N GLN H 275 22.10 10.76 39.58
CA GLN H 275 22.18 12.20 39.32
C GLN H 275 20.80 12.84 39.39
N LEU H 276 20.74 14.06 39.92
CA LEU H 276 19.48 14.78 40.03
C LEU H 276 19.58 16.16 39.37
N ILE H 277 18.55 16.52 38.62
CA ILE H 277 18.51 17.80 37.93
C ILE H 277 17.32 18.63 38.37
N ILE H 278 17.60 19.71 39.11
CA ILE H 278 16.54 20.58 39.61
C ILE H 278 16.64 21.96 38.97
N THR H 279 16.00 22.11 37.80
CA THR H 279 16.02 23.38 37.09
C THR H 279 15.48 24.51 37.95
N THR H 280 16.12 25.68 37.87
CA THR H 280 15.70 26.83 38.65
C THR H 280 15.60 28.08 37.78
N ALA H 281 15.25 29.21 38.39
CA ALA H 281 15.13 30.47 37.67
C ALA H 281 15.44 31.65 38.57
N GLY H 282 15.94 32.73 37.97
CA GLY H 282 16.29 33.91 38.74
C GLY H 282 17.18 33.60 39.92
N ASN H 283 17.42 34.60 40.75
CA ASN H 283 18.27 34.44 41.93
C ASN H 283 17.60 33.55 42.96
N TRP H 284 18.36 32.62 43.54
CA TRP H 284 17.84 31.71 44.54
C TRP H 284 18.97 31.14 45.40
N GLU H 285 18.59 30.40 46.44
CA GLU H 285 19.58 29.80 47.34
C GLU H 285 19.22 28.34 47.63
N LEU H 286 20.24 27.50 47.70
CA LEU H 286 20.05 26.08 47.97
C LEU H 286 20.32 25.77 49.43
N VAL H 287 19.48 24.91 50.01
CA VAL H 287 19.63 24.52 51.42
C VAL H 287 19.33 23.04 51.61
N ASN H 288 20.37 22.26 51.89
CA ASN H 288 20.21 20.82 52.09
C ASN H 288 19.91 20.52 53.56
N LYS H 289 19.02 19.55 53.78
CA LYS H 289 18.65 19.16 55.13
C LYS H 289 18.60 17.64 55.26
N SER H 290 19.24 17.12 56.31
CA SER H 290 19.27 15.67 56.54
C SER H 290 18.55 15.32 57.85
N ALA H 291 17.27 15.01 57.74
CA ALA H 291 16.47 14.65 58.90
C ALA H 291 16.78 13.24 59.38
N ALA H 292 17.58 12.52 58.58
CA ALA H 292 17.95 11.15 58.92
C ALA H 292 18.90 10.57 57.87
N PRO H 293 19.62 9.50 58.25
CA PRO H 293 20.58 8.85 57.36
C PRO H 293 19.89 8.10 56.22
N GLY H 294 19.46 8.84 55.20
CA GLY H 294 18.80 8.24 54.07
C GLY H 294 17.82 9.19 53.40
N TYR H 295 17.29 10.12 54.17
CA TYR H 295 16.32 11.08 53.64
C TYR H 295 17.00 12.42 53.35
N PHE H 296 17.01 12.81 52.08
CA PHE H 296 17.63 14.06 51.67
C PHE H 296 16.57 15.08 51.26
N THR H 297 16.88 16.36 51.48
CA THR H 297 15.94 17.43 51.14
C THR H 297 16.68 18.65 50.60
N PHE H 298 16.02 19.40 49.75
CA PHE H 298 16.61 20.60 49.15
C PHE H 298 15.62 21.76 49.16
N GLN H 299 15.84 22.70 50.07
CA GLN H 299 14.97 23.87 50.19
C GLN H 299 15.42 24.98 49.24
N VAL H 300 14.78 25.07 48.08
CA VAL H 300 15.11 26.08 47.09
C VAL H 300 14.32 27.37 47.33
N LEU H 301 14.96 28.35 47.96
CA LEU H 301 14.32 29.62 48.25
C LEU H 301 14.77 30.70 47.26
N PHE H 319 -4.11 60.78 23.90
CA PHE H 319 -2.87 60.00 23.70
C PHE H 319 -1.70 60.90 23.83
N THR H 320 -1.51 61.49 25.02
CA THR H 320 -0.34 62.28 25.25
C THR H 320 -0.38 62.56 26.71
N GLY H 321 0.70 62.21 27.43
CA GLY H 321 0.59 62.42 28.84
C GLY H 321 1.95 62.56 29.44
N ARG H 322 1.96 62.80 30.77
CA ARG H 322 3.16 62.99 31.51
C ARG H 322 3.92 61.70 31.50
N LYS H 323 5.26 61.78 31.66
CA LYS H 323 6.04 60.58 31.67
C LYS H 323 5.93 59.97 33.03
N ILE H 324 5.80 58.63 33.11
CA ILE H 324 5.74 57.96 34.37
C ILE H 324 6.50 56.66 34.21
N SER H 325 6.89 56.02 35.32
CA SER H 325 7.44 54.70 35.22
C SER H 325 6.43 53.81 35.84
N LEU H 326 5.95 52.77 35.12
CA LEU H 326 4.91 51.97 35.70
C LEU H 326 5.46 50.68 36.19
N ASP H 327 5.43 50.50 37.53
CA ASP H 327 5.89 49.27 38.09
C ASP H 327 4.75 48.68 38.85
N PHE H 328 4.14 47.60 38.34
CA PHE H 328 3.06 46.99 39.07
C PHE H 328 3.41 45.55 39.24
N GLN H 329 3.56 45.08 40.49
CA GLN H 329 3.91 43.71 40.70
C GLN H 329 2.72 42.97 41.18
N ASP H 330 2.25 42.04 40.34
CA ASP H 330 1.14 41.17 40.60
C ASP H 330 0.01 41.95 41.18
N VAL H 331 -0.54 42.90 40.40
CA VAL H 331 -1.63 43.69 40.90
C VAL H 331 -2.77 43.61 39.93
N GLU H 332 -4.01 43.84 40.42
CA GLU H 332 -5.14 43.76 39.56
C GLU H 332 -5.05 44.88 38.57
N ILE H 333 -5.48 44.61 37.34
CA ILE H 333 -5.46 45.57 36.27
C ILE H 333 -6.34 46.69 36.69
N ARG H 334 -7.41 46.35 37.43
CA ARG H 334 -8.35 47.35 37.84
C ARG H 334 -7.67 48.36 38.69
N THR H 335 -6.78 47.91 39.60
CA THR H 335 -6.08 48.80 40.46
C THR H 335 -5.16 49.65 39.63
N ILE H 336 -4.48 49.04 38.64
CA ILE H 336 -3.59 49.80 37.83
C ILE H 336 -4.37 50.84 37.09
N LEU H 337 -5.61 50.52 36.74
CA LEU H 337 -6.47 51.42 36.05
C LEU H 337 -6.72 52.63 36.93
N GLN H 338 -7.02 52.40 38.22
CA GLN H 338 -7.35 53.45 39.16
C GLN H 338 -6.14 54.29 39.39
N ILE H 339 -4.97 53.65 39.53
CA ILE H 339 -3.75 54.32 39.88
C ILE H 339 -3.44 55.33 38.83
N LEU H 340 -3.60 54.94 37.56
CA LEU H 340 -3.30 55.82 36.46
C LEU H 340 -4.22 57.00 36.50
N ALA H 341 -5.51 56.78 36.81
CA ALA H 341 -6.48 57.83 36.85
C ALA H 341 -6.10 58.80 37.92
N LYS H 342 -5.62 58.28 39.07
CA LYS H 342 -5.24 59.06 40.21
C LYS H 342 -4.09 59.96 39.83
N GLU H 343 -3.29 59.47 38.87
CA GLU H 343 -2.12 60.09 38.29
C GLU H 343 -2.53 61.26 37.48
N SER H 344 -3.83 61.56 37.45
CA SER H 344 -4.37 62.63 36.66
C SER H 344 -4.44 62.17 35.25
N GLY H 345 -4.37 60.84 35.05
CA GLY H 345 -4.53 60.32 33.73
C GLY H 345 -5.97 59.96 33.55
N MET H 346 -6.78 60.95 33.09
CA MET H 346 -8.16 60.70 32.79
C MET H 346 -8.86 60.11 33.99
N ASN H 347 -10.15 59.79 33.78
CA ASN H 347 -10.91 59.09 34.78
C ASN H 347 -11.24 57.77 34.14
N ILE H 348 -10.57 56.69 34.59
CA ILE H 348 -10.77 55.43 33.93
C ILE H 348 -11.66 54.57 34.76
N VAL H 349 -12.75 54.07 34.15
CA VAL H 349 -13.66 53.20 34.83
C VAL H 349 -13.80 51.97 34.01
N ALA H 350 -13.54 50.81 34.62
CA ALA H 350 -13.63 49.56 33.91
C ALA H 350 -15.03 49.06 34.03
N SER H 351 -15.27 47.92 33.38
CA SER H 351 -16.51 47.23 33.53
C SER H 351 -16.36 46.57 34.86
N ASP H 352 -17.17 45.57 35.17
CA ASP H 352 -16.88 44.96 36.44
C ASP H 352 -15.80 43.92 36.41
N SER H 353 -16.02 42.83 35.63
CA SER H 353 -15.08 41.74 35.66
C SER H 353 -14.40 41.72 34.34
N VAL H 354 -13.37 42.55 34.24
CA VAL H 354 -12.60 42.75 33.05
C VAL H 354 -11.59 41.68 32.79
N ASN H 355 -10.93 41.14 33.84
CA ASN H 355 -9.82 40.29 33.57
C ASN H 355 -9.36 39.70 34.85
N GLY H 356 -8.17 40.15 35.29
CA GLY H 356 -7.54 39.67 36.47
C GLY H 356 -6.41 40.59 36.78
N LYS H 357 -5.32 40.02 37.31
CA LYS H 357 -4.16 40.73 37.77
C LYS H 357 -3.07 40.55 36.75
N MET H 358 -2.13 41.53 36.66
CA MET H 358 -1.05 41.41 35.70
C MET H 358 0.18 42.06 36.28
N THR H 359 1.38 41.68 35.76
CA THR H 359 2.60 42.28 36.25
C THR H 359 3.34 42.91 35.11
N LEU H 360 3.57 44.24 35.20
CA LEU H 360 4.38 44.93 34.23
C LEU H 360 5.32 45.84 34.94
N SER H 361 6.50 46.10 34.34
CA SER H 361 7.44 47.04 34.88
C SER H 361 7.99 47.81 33.73
N LEU H 362 7.74 49.14 33.70
CA LEU H 362 8.19 49.99 32.64
C LEU H 362 8.85 51.17 33.25
N LYS H 363 9.69 51.86 32.44
CA LYS H 363 10.36 53.04 32.92
C LYS H 363 10.36 54.03 31.79
N ASP H 364 10.29 55.32 32.15
CA ASP H 364 10.34 56.40 31.19
C ASP H 364 9.29 56.23 30.13
N VAL H 365 8.01 56.07 30.52
CA VAL H 365 6.98 55.96 29.52
C VAL H 365 5.78 56.74 29.96
N PRO H 366 5.18 57.48 29.07
CA PRO H 366 4.02 58.25 29.41
C PRO H 366 2.92 57.28 29.75
N TRP H 367 2.03 57.65 30.70
CA TRP H 367 1.02 56.75 31.16
C TRP H 367 0.15 56.34 30.02
N ASP H 368 -0.11 57.23 29.06
CA ASP H 368 -0.93 56.88 27.95
C ASP H 368 -0.28 55.79 27.16
N GLN H 369 1.05 55.89 26.93
CA GLN H 369 1.72 54.87 26.16
C GLN H 369 1.75 53.58 26.92
N ALA H 370 2.04 53.65 28.24
CA ALA H 370 2.15 52.47 29.05
C ALA H 370 0.83 51.81 29.05
N LEU H 371 -0.26 52.60 29.03
CA LEU H 371 -1.58 52.03 29.04
C LEU H 371 -1.75 51.16 27.85
N ASP H 372 -1.30 51.61 26.65
CA ASP H 372 -1.50 50.82 25.48
C ASP H 372 -0.73 49.54 25.62
N LEU H 373 0.49 49.64 26.18
CA LEU H 373 1.33 48.49 26.31
C LEU H 373 0.65 47.55 27.26
N VAL H 374 0.06 48.12 28.33
CA VAL H 374 -0.60 47.33 29.35
C VAL H 374 -1.71 46.57 28.73
N MET H 375 -2.46 47.20 27.82
CA MET H 375 -3.63 46.59 27.23
C MET H 375 -3.23 45.34 26.52
N GLN H 376 -2.12 45.41 25.76
CA GLN H 376 -1.63 44.35 24.91
C GLN H 376 -1.21 43.16 25.70
N ALA H 377 -0.69 43.37 26.92
CA ALA H 377 -0.09 42.31 27.69
C ALA H 377 -1.07 41.20 27.93
N ARG H 378 -2.32 41.55 28.24
CA ARG H 378 -3.30 40.54 28.45
C ARG H 378 -4.55 41.29 28.77
N ASN H 379 -4.32 42.58 29.07
CA ASN H 379 -5.31 43.50 29.51
C ASN H 379 -6.25 43.83 28.41
N LEU H 380 -7.14 44.79 28.73
CA LEU H 380 -8.29 45.18 27.97
C LEU H 380 -7.96 46.25 26.97
N ASP H 381 -9.00 46.59 26.17
CA ASP H 381 -8.98 47.65 25.22
C ASP H 381 -9.71 48.79 25.87
N MET H 382 -9.52 50.03 25.39
CA MET H 382 -10.12 51.16 26.04
C MET H 382 -11.00 51.92 25.10
N ARG H 383 -12.11 52.46 25.63
CA ARG H 383 -12.97 53.33 24.87
C ARG H 383 -13.15 54.55 25.71
N GLN H 384 -13.16 55.74 25.11
CA GLN H 384 -13.27 56.90 25.93
C GLN H 384 -14.53 57.64 25.59
N GLN H 385 -15.33 57.96 26.62
CA GLN H 385 -16.51 58.78 26.52
C GLN H 385 -16.07 60.19 26.32
N GLY H 386 -14.91 60.56 26.93
CA GLY H 386 -14.34 61.87 26.84
C GLY H 386 -13.90 62.28 28.22
N ASN H 387 -14.84 62.50 29.16
CA ASN H 387 -14.42 62.78 30.50
C ASN H 387 -14.01 61.50 31.16
N ILE H 388 -14.84 60.46 30.98
CA ILE H 388 -14.58 59.22 31.65
C ILE H 388 -14.31 58.20 30.60
N VAL H 389 -13.44 57.23 30.92
CA VAL H 389 -13.10 56.23 29.97
C VAL H 389 -13.52 54.89 30.47
N ASN H 390 -14.12 54.08 29.58
CA ASN H 390 -14.53 52.77 29.99
C ASN H 390 -13.62 51.79 29.31
N ILE H 391 -13.07 50.85 30.11
CA ILE H 391 -12.21 49.83 29.58
C ILE H 391 -12.88 48.52 29.81
N ALA H 392 -12.90 47.67 28.76
CA ALA H 392 -13.59 46.42 28.86
C ALA H 392 -12.72 45.32 28.35
N PRO H 393 -13.11 44.16 28.80
CA PRO H 393 -12.48 42.90 28.54
C PRO H 393 -12.61 42.50 27.12
N ARG H 394 -13.10 43.40 26.24
CA ARG H 394 -13.19 43.09 24.85
C ARG H 394 -11.78 42.82 24.40
N ASP H 395 -11.38 41.53 24.42
CA ASP H 395 -10.04 41.16 24.12
C ASP H 395 -10.08 39.86 23.41
N GLU H 396 -9.22 39.72 22.39
CA GLU H 396 -9.16 38.52 21.62
C GLU H 396 -8.71 37.39 22.47
N LEU H 397 -7.57 37.56 23.16
CA LEU H 397 -6.96 36.43 23.79
C LEU H 397 -7.68 35.87 24.97
N LEU H 398 -8.06 36.68 25.97
CA LEU H 398 -8.54 36.04 27.16
C LEU H 398 -9.82 35.33 26.97
N ALA H 399 -10.81 36.00 26.35
CA ALA H 399 -12.09 35.37 26.29
C ALA H 399 -11.96 34.12 25.50
N LYS H 400 -11.31 34.19 24.33
CA LYS H 400 -11.29 32.99 23.56
C LYS H 400 -10.38 31.97 24.12
N ASP H 401 -9.26 32.36 24.72
CA ASP H 401 -8.29 31.39 25.16
C ASP H 401 -8.97 30.48 26.12
N LYS H 402 -9.73 31.08 27.05
CA LYS H 402 -10.40 30.31 28.05
C LYS H 402 -11.43 29.44 27.39
N ALA H 403 -12.13 30.00 26.38
CA ALA H 403 -13.14 29.26 25.70
C ALA H 403 -12.52 28.07 25.06
N PHE H 404 -11.29 28.22 24.50
CA PHE H 404 -10.66 27.13 23.81
C PHE H 404 -10.46 26.00 24.77
N LEU H 405 -9.93 26.33 25.96
CA LEU H 405 -9.63 25.30 26.90
C LEU H 405 -10.90 24.63 27.28
N GLN H 406 -11.98 25.41 27.37
CA GLN H 406 -13.25 24.89 27.77
C GLN H 406 -13.70 23.86 26.77
N ALA H 407 -13.49 24.12 25.47
CA ALA H 407 -13.97 23.21 24.47
C ALA H 407 -13.23 21.91 24.55
N GLU H 408 -14.00 20.80 24.48
CA GLU H 408 -13.46 19.46 24.53
C GLU H 408 -12.72 19.17 23.27
N LYS H 409 -13.28 19.59 22.11
CA LYS H 409 -12.67 19.26 20.86
C LYS H 409 -11.37 19.98 20.71
N ASP H 410 -10.37 19.29 20.14
CA ASP H 410 -9.06 19.80 19.95
C ASP H 410 -9.13 20.92 18.95
N ILE H 411 -9.95 20.76 17.90
CA ILE H 411 -10.05 21.74 16.88
C ILE H 411 -10.58 22.99 17.50
N ALA H 412 -11.50 22.85 18.45
CA ALA H 412 -12.12 23.96 19.11
C ALA H 412 -11.04 24.74 19.80
N ASP H 413 -9.99 24.05 20.25
CA ASP H 413 -8.91 24.70 20.93
C ASP H 413 -8.42 25.76 19.99
N LEU H 414 -8.56 25.53 18.67
CA LEU H 414 -8.20 26.58 17.76
C LEU H 414 -9.49 27.23 17.34
N GLY H 415 -9.63 28.54 17.60
CA GLY H 415 -10.82 29.26 17.25
C GLY H 415 -10.48 30.69 17.48
N ALA H 416 -11.42 31.63 17.23
CA ALA H 416 -10.96 32.96 17.49
C ALA H 416 -12.06 33.95 17.59
N LEU H 417 -11.79 34.97 18.43
CA LEU H 417 -12.60 36.13 18.40
C LEU H 417 -11.86 37.00 17.46
N TYR H 418 -12.55 37.70 16.55
CA TYR H 418 -11.76 38.41 15.60
C TYR H 418 -12.36 39.77 15.48
N SER H 419 -11.66 40.67 14.78
CA SER H 419 -12.20 41.99 14.60
C SER H 419 -12.34 42.18 13.12
N GLN H 420 -13.42 42.86 12.71
CA GLN H 420 -13.60 43.08 11.31
C GLN H 420 -14.18 44.44 11.14
N ASN H 421 -13.94 45.06 9.96
CA ASN H 421 -14.46 46.37 9.71
C ASN H 421 -15.52 46.25 8.67
N PHE H 422 -16.70 46.86 8.92
CA PHE H 422 -17.78 46.77 8.00
C PHE H 422 -17.94 48.13 7.40
N GLN H 423 -17.91 48.22 6.06
CA GLN H 423 -18.08 49.49 5.42
C GLN H 423 -19.57 49.68 5.29
N LEU H 424 -20.07 50.92 5.48
CA LEU H 424 -21.48 51.18 5.30
C LEU H 424 -21.58 52.23 4.22
N LYS H 425 -21.85 51.81 2.97
CA LYS H 425 -21.92 52.79 1.93
C LYS H 425 -23.19 53.61 1.96
N TYR H 426 -24.34 52.92 1.92
CA TYR H 426 -25.64 53.53 1.76
C TYR H 426 -26.23 54.21 2.97
N LYS H 427 -26.10 53.60 4.17
CA LYS H 427 -26.84 54.14 5.29
C LYS H 427 -25.92 54.68 6.33
N ASN H 428 -26.47 55.54 7.21
CA ASN H 428 -25.70 56.11 8.28
C ASN H 428 -25.53 55.06 9.34
N VAL H 429 -24.35 55.07 9.98
CA VAL H 429 -23.94 54.08 10.93
C VAL H 429 -24.80 54.10 12.14
N GLU H 430 -25.19 55.30 12.60
CA GLU H 430 -25.93 55.47 13.83
C GLU H 430 -27.27 54.82 13.73
N GLU H 431 -27.86 54.76 12.53
CA GLU H 431 -29.19 54.23 12.39
C GLU H 431 -29.19 52.78 12.78
N PHE H 432 -28.07 52.08 12.51
CA PHE H 432 -27.88 50.69 12.80
C PHE H 432 -27.85 50.45 14.27
N ARG H 433 -27.45 51.46 15.06
CA ARG H 433 -27.15 51.29 16.46
C ARG H 433 -28.27 50.60 17.18
N SER H 434 -29.52 50.99 16.96
CA SER H 434 -30.60 50.41 17.72
C SER H 434 -30.61 48.93 17.53
N ILE H 435 -30.59 48.46 16.27
CA ILE H 435 -30.67 47.05 16.01
C ILE H 435 -29.46 46.34 16.54
N LEU H 436 -28.26 46.90 16.31
CA LEU H 436 -27.05 46.23 16.69
C LEU H 436 -26.99 46.10 18.18
N ARG H 437 -27.46 47.12 18.91
CA ARG H 437 -27.42 47.07 20.33
C ARG H 437 -28.29 45.92 20.77
N LEU H 438 -29.45 45.76 20.13
CA LEU H 438 -30.39 44.74 20.52
C LEU H 438 -29.82 43.37 20.33
N ASP H 439 -29.26 43.08 19.14
CA ASP H 439 -28.77 41.74 18.90
C ASP H 439 -27.59 41.47 19.77
N ASN H 440 -26.81 42.54 20.06
CA ASN H 440 -25.63 42.40 20.83
C ASN H 440 -26.05 41.99 22.21
N ALA H 441 -27.21 42.49 22.67
CA ALA H 441 -27.58 42.12 24.01
C ALA H 441 -28.23 40.79 23.95
N ASP H 442 -27.41 39.73 24.07
CA ASP H 442 -27.98 38.43 24.17
C ASP H 442 -27.91 38.18 25.64
N THR H 443 -28.31 39.22 26.39
CA THR H 443 -28.38 39.23 27.82
C THR H 443 -29.37 40.29 28.14
N THR H 444 -29.76 40.40 29.42
CA THR H 444 -30.70 41.43 29.74
C THR H 444 -29.94 42.71 29.90
N GLY H 445 -30.46 43.80 29.30
CA GLY H 445 -29.81 45.07 29.40
C GLY H 445 -30.72 46.05 28.75
N ASN H 446 -31.18 47.06 29.52
CA ASN H 446 -32.10 48.01 28.98
C ASN H 446 -31.43 48.78 27.90
N ARG H 447 -30.19 49.29 28.15
CA ARG H 447 -29.56 50.06 27.12
C ARG H 447 -28.10 50.12 27.44
N ASN H 448 -27.25 49.40 26.67
CA ASN H 448 -25.83 49.46 26.90
C ASN H 448 -25.13 49.48 25.57
N THR H 449 -24.19 50.43 25.40
CA THR H 449 -23.44 50.45 24.18
C THR H 449 -22.55 49.24 24.17
N LEU H 450 -21.87 48.97 25.30
CA LEU H 450 -21.05 47.80 25.43
C LEU H 450 -22.01 46.71 25.74
N ILE H 451 -21.71 45.45 25.40
CA ILE H 451 -22.78 44.57 25.71
C ILE H 451 -22.25 43.24 26.12
N SER H 452 -23.17 42.35 26.56
CA SER H 452 -22.75 41.06 27.00
C SER H 452 -22.65 40.14 25.84
N GLY H 453 -22.69 38.84 26.14
CA GLY H 453 -22.44 37.88 25.12
C GLY H 453 -20.97 37.67 25.16
N ARG H 454 -20.41 37.92 26.35
CA ARG H 454 -19.02 37.73 26.65
C ARG H 454 -18.09 38.53 25.78
N GLY H 455 -18.18 39.87 25.84
CA GLY H 455 -17.18 40.69 25.22
C GLY H 455 -17.40 40.97 23.77
N SER H 456 -18.65 41.20 23.33
CA SER H 456 -18.81 41.58 21.96
C SER H 456 -18.92 43.08 21.95
N VAL H 457 -18.34 43.76 20.93
CA VAL H 457 -18.42 45.19 20.96
C VAL H 457 -18.56 45.71 19.57
N LEU H 458 -19.29 46.83 19.44
CA LEU H 458 -19.41 47.48 18.17
C LEU H 458 -18.91 48.88 18.36
N ILE H 459 -18.05 49.34 17.43
CA ILE H 459 -17.51 50.67 17.54
C ILE H 459 -17.79 51.39 16.26
N ASP H 460 -18.10 52.70 16.36
CA ASP H 460 -18.43 53.46 15.18
C ASP H 460 -17.35 54.46 14.89
N PRO H 461 -16.67 54.23 13.82
CA PRO H 461 -15.72 55.21 13.36
C PRO H 461 -16.36 56.36 12.65
N ALA H 462 -15.62 57.49 12.57
CA ALA H 462 -16.06 58.72 12.00
C ALA H 462 -16.35 58.58 10.54
N THR H 463 -15.56 57.78 9.81
CA THR H 463 -15.82 57.73 8.40
C THR H 463 -16.87 56.70 8.14
N ASN H 464 -17.92 56.69 8.99
CA ASN H 464 -19.07 55.83 8.84
C ASN H 464 -18.71 54.44 8.46
N THR H 465 -17.93 53.76 9.30
CA THR H 465 -17.69 52.36 9.12
C THR H 465 -17.91 51.80 10.48
N LEU H 466 -18.26 50.51 10.59
CA LEU H 466 -18.47 49.92 11.88
C LEU H 466 -17.39 48.92 12.09
N ILE H 467 -16.84 48.85 13.31
CA ILE H 467 -15.83 47.87 13.59
C ILE H 467 -16.39 46.99 14.63
N VAL H 468 -16.34 45.67 14.42
CA VAL H 468 -16.88 44.84 15.46
C VAL H 468 -15.80 43.93 15.93
N THR H 469 -15.74 43.75 17.27
CA THR H 469 -14.77 42.89 17.86
C THR H 469 -15.51 41.90 18.68
N ASP H 470 -15.33 40.60 18.41
CA ASP H 470 -16.04 39.63 19.21
C ASP H 470 -15.80 38.27 18.64
N THR H 471 -16.64 37.31 19.06
CA THR H 471 -16.53 35.95 18.61
C THR H 471 -17.01 35.93 17.20
N ARG H 472 -16.55 34.93 16.42
CA ARG H 472 -16.88 34.83 15.03
C ARG H 472 -18.36 34.69 14.86
N SER H 473 -19.01 33.89 15.72
CA SER H 473 -20.42 33.68 15.54
C SER H 473 -21.13 34.99 15.67
N VAL H 474 -20.81 35.77 16.72
CA VAL H 474 -21.49 37.00 16.98
C VAL H 474 -21.18 37.97 15.87
N ILE H 475 -19.92 38.00 15.40
CA ILE H 475 -19.56 38.93 14.36
C ILE H 475 -20.31 38.61 13.11
N GLU H 476 -20.51 37.32 12.81
CA GLU H 476 -21.20 36.93 11.61
C GLU H 476 -22.58 37.49 11.66
N LYS H 477 -23.25 37.39 12.82
CA LYS H 477 -24.62 37.82 12.93
C LYS H 477 -24.67 39.29 12.66
N PHE H 478 -23.77 40.06 13.28
CA PHE H 478 -23.77 41.48 13.15
C PHE H 478 -23.53 41.87 11.71
N ARG H 479 -22.61 41.17 11.02
CA ARG H 479 -22.34 41.55 9.66
C ARG H 479 -23.56 41.35 8.82
N LYS H 480 -24.27 40.23 9.02
CA LYS H 480 -25.39 39.92 8.17
C LYS H 480 -26.39 41.02 8.27
N LEU H 481 -26.68 41.49 9.50
CA LEU H 481 -27.67 42.53 9.68
C LEU H 481 -27.23 43.81 9.06
N ILE H 482 -25.96 44.20 9.26
CA ILE H 482 -25.49 45.46 8.77
C ILE H 482 -25.58 45.48 7.27
N ASP H 483 -25.09 44.42 6.61
CA ASP H 483 -25.10 44.39 5.18
C ASP H 483 -26.53 44.36 4.72
N GLU H 484 -27.38 43.66 5.47
CA GLU H 484 -28.75 43.51 5.06
C GLU H 484 -29.40 44.86 5.05
N LEU H 485 -29.21 45.69 6.09
CA LEU H 485 -29.85 46.99 6.10
C LEU H 485 -29.27 47.85 5.03
N ASP H 486 -27.95 47.73 4.79
CA ASP H 486 -27.28 48.58 3.85
C ASP H 486 -27.84 48.35 2.48
N VAL H 487 -28.17 47.09 2.13
CA VAL H 487 -28.63 46.82 0.79
C VAL H 487 -29.89 47.56 0.48
N PRO H 488 -30.93 47.56 1.28
CA PRO H 488 -32.06 48.33 0.90
C PRO H 488 -31.79 49.79 0.84
N ALA H 489 -30.84 50.29 1.63
CA ALA H 489 -30.51 51.68 1.53
C ALA H 489 -29.96 51.85 0.14
N GLN H 490 -29.24 50.81 -0.32
CA GLN H 490 -28.54 50.81 -1.56
C GLN H 490 -29.49 51.02 -2.71
N GLN H 491 -30.68 50.39 -2.69
CA GLN H 491 -31.48 50.64 -3.84
C GLN H 491 -31.97 52.05 -3.74
N VAL H 492 -31.35 52.94 -4.55
CA VAL H 492 -31.73 54.32 -4.51
C VAL H 492 -32.65 54.57 -5.70
N MET H 493 -32.44 55.58 -6.42
N THR I 202 30.12 7.16 37.13
CA THR I 202 30.65 8.31 36.41
C THR I 202 29.55 9.21 35.91
N ASN I 203 29.85 10.50 35.77
CA ASN I 203 28.87 11.48 35.30
C ASN I 203 29.52 12.84 35.10
N ILE I 204 28.88 13.68 34.30
CA ILE I 204 29.39 15.02 34.03
C ILE I 204 28.42 16.10 34.52
N ASP I 205 28.95 17.28 34.80
CA ASP I 205 28.13 18.39 35.28
C ASP I 205 28.73 19.73 34.86
N PHE I 206 27.88 20.74 34.77
CA PHE I 206 28.32 22.08 34.37
C PHE I 206 27.77 23.14 35.32
N ARG I 207 28.54 24.20 35.53
CA ARG I 207 28.13 25.29 36.41
C ARG I 207 28.96 26.54 36.17
N LYS I 208 28.40 27.70 36.48
CA LYS I 208 29.10 28.96 36.29
C LYS I 208 29.51 29.56 37.64
N ASP I 209 30.66 30.23 37.66
CA ASP I 209 31.16 30.84 38.88
C ASP I 209 32.11 31.99 38.56
N GLY I 210 32.73 32.56 39.59
CA GLY I 210 33.65 33.65 39.39
C GLY I 210 33.05 34.78 38.57
N LYS I 211 33.58 34.97 37.37
CA LYS I 211 33.08 36.01 36.47
C LYS I 211 32.89 35.49 35.06
N ASN I 212 31.71 34.92 34.81
CA ASN I 212 31.40 34.37 33.50
C ASN I 212 32.35 33.23 33.14
N ALA I 213 32.57 32.33 34.10
CA ALA I 213 33.45 31.19 33.89
C ALA I 213 32.65 29.91 33.75
N GLY I 214 33.09 29.03 32.85
CA GLY I 214 32.40 27.78 32.62
C GLY I 214 33.08 26.62 33.33
N ILE I 215 32.51 26.20 34.46
CA ILE I 215 33.06 25.10 35.24
C ILE I 215 32.42 23.78 34.83
N ILE I 216 33.25 22.74 34.71
CA ILE I 216 32.77 21.42 34.34
C ILE I 216 33.13 20.38 35.39
N GLU I 217 32.22 20.18 36.35
CA GLU I 217 32.44 19.21 37.42
C GLU I 217 32.16 17.79 36.93
N LEU I 218 33.21 16.97 36.90
CA LEU I 218 33.08 15.59 36.45
C LEU I 218 33.21 14.62 37.64
N ALA I 219 32.33 13.61 37.66
CA ALA I 219 32.36 12.63 38.73
C ALA I 219 33.14 11.39 38.32
N ALA I 220 34.30 11.18 38.93
CA ALA I 220 35.13 10.03 38.62
C ALA I 220 35.18 9.05 39.80
N LEU I 221 34.36 8.01 39.71
CA LEU I 221 34.30 7.00 40.77
C LEU I 221 35.11 5.77 40.38
N GLY I 222 36.23 5.56 41.07
CA GLY I 222 37.08 4.42 40.79
C GLY I 222 38.39 4.82 40.14
N PHE I 223 38.78 6.08 40.32
CA PHE I 223 40.03 6.58 39.74
C PHE I 223 41.01 6.96 40.83
N ALA I 224 42.30 6.82 40.53
CA ALA I 224 43.35 7.16 41.49
C ALA I 224 44.18 8.33 41.00
N GLY I 225 44.99 8.09 39.97
CA GLY I 225 45.83 9.15 39.42
C GLY I 225 45.02 10.25 38.77
N GLN I 226 45.59 10.85 37.72
CA GLN I 226 44.91 11.93 37.01
C GLN I 226 44.83 11.62 35.52
N PRO I 227 43.72 12.05 34.88
CA PRO I 227 43.50 11.83 33.45
C PRO I 227 44.43 12.68 32.59
N ASP I 228 44.30 12.54 31.27
CA ASP I 228 45.13 13.29 30.34
C ASP I 228 44.38 14.52 29.82
N ILE I 229 44.76 15.70 30.32
CA ILE I 229 44.12 16.94 29.91
C ILE I 229 44.77 17.49 28.64
N SER I 230 43.97 17.60 27.58
CA SER I 230 44.46 18.12 26.30
C SER I 230 43.70 19.37 25.90
N GLN I 231 44.27 20.53 26.20
CA GLN I 231 43.65 21.79 25.86
C GLN I 231 43.88 22.14 24.40
N GLN I 232 42.80 22.07 23.61
CA GLN I 232 42.88 22.37 22.18
C GLN I 232 42.25 23.72 21.88
N HIS I 233 42.49 24.22 20.66
CA HIS I 233 41.94 25.50 20.25
C HIS I 233 40.46 25.37 19.90
N ASP I 234 39.99 24.14 19.76
CA ASP I 234 38.59 23.89 19.42
C ASP I 234 37.83 23.43 20.66
N HIS I 235 38.23 22.29 21.22
CA HIS I 235 37.57 21.74 22.40
C HIS I 235 38.60 21.16 23.37
N ILE I 236 38.11 20.43 24.36
CA ILE I 236 38.99 19.82 25.36
C ILE I 236 38.92 18.31 25.30
N ILE I 237 39.96 17.64 25.81
CA ILE I 237 40.01 16.19 25.81
C ILE I 237 40.47 15.67 27.17
N VAL I 238 39.72 14.71 27.72
CA VAL I 238 40.05 14.12 29.01
C VAL I 238 39.87 12.61 28.99
N THR I 239 40.98 11.89 29.02
CA THR I 239 40.94 10.43 29.01
C THR I 239 41.21 9.85 30.40
N LEU I 240 40.43 8.84 30.78
CA LEU I 240 40.59 8.20 32.07
C LEU I 240 40.78 6.70 31.93
N LYS I 241 42.04 6.26 31.98
CA LYS I 241 42.36 4.84 31.85
C LYS I 241 41.65 4.03 32.94
N ASN I 242 41.07 2.91 32.53
CA ASN I 242 40.37 2.03 33.46
C ASN I 242 39.16 2.74 34.07
N HIS I 243 38.62 3.71 33.33
CA HIS I 243 37.47 4.47 33.80
C HIS I 243 36.33 4.40 32.79
N THR I 244 36.35 3.37 31.94
CA THR I 244 35.32 3.19 30.93
C THR I 244 33.93 3.39 31.51
N LEU I 245 33.23 4.42 31.06
CA LEU I 245 31.89 4.71 31.54
C LEU I 245 30.84 4.17 30.57
N PRO I 246 29.68 3.78 31.11
CA PRO I 246 28.58 3.24 30.32
C PRO I 246 27.91 4.30 29.45
N THR I 247 27.32 3.87 28.35
CA THR I 247 26.65 4.79 27.43
C THR I 247 25.45 5.45 28.09
N THR I 248 25.05 4.92 29.25
CA THR I 248 23.91 5.46 29.97
C THR I 248 24.34 6.60 30.90
N LEU I 249 25.59 7.02 30.77
CA LEU I 249 26.12 8.11 31.58
C LEU I 249 26.92 9.08 30.73
N GLN I 250 26.89 8.88 29.41
CA GLN I 250 27.62 9.75 28.49
C GLN I 250 26.74 10.91 28.03
N ARG I 251 25.76 11.26 28.85
CA ARG I 251 24.84 12.35 28.52
C ARG I 251 25.61 13.64 28.29
N SER I 252 25.07 14.49 27.43
CA SER I 252 25.72 15.77 27.11
C SER I 252 24.96 16.93 27.77
N LEU I 253 25.61 18.09 27.82
CA LEU I 253 25.01 19.28 28.41
C LEU I 253 24.37 20.16 27.34
N ASP I 254 23.56 21.13 27.78
CA ASP I 254 22.89 22.04 26.86
C ASP I 254 23.06 23.48 27.32
N VAL I 255 24.24 23.81 27.82
CA VAL I 255 24.52 25.16 28.29
C VAL I 255 24.76 26.11 27.13
N ALA I 256 23.74 26.30 26.30
CA ALA I 256 23.84 27.19 25.15
C ALA I 256 23.38 28.59 25.50
N ASP I 257 24.14 29.59 25.06
CA ASP I 257 23.80 30.99 25.32
C ASP I 257 23.88 31.29 26.82
N PHE I 258 24.82 30.65 27.50
CA PHE I 258 25.00 30.84 28.93
C PHE I 258 26.01 31.95 29.21
N LYS I 259 26.46 32.62 28.16
CA LYS I 259 27.44 33.69 28.28
C LYS I 259 28.72 33.19 28.91
N THR I 260 29.21 32.06 28.42
CA THR I 260 30.44 31.46 28.94
C THR I 260 31.35 31.00 27.80
N PRO I 261 32.63 30.79 28.12
CA PRO I 261 33.62 30.34 27.13
C PRO I 261 33.40 28.90 26.70
N VAL I 262 32.57 28.18 27.45
CA VAL I 262 32.28 26.79 27.15
C VAL I 262 31.02 26.67 26.29
N GLN I 263 31.20 26.32 25.03
CA GLN I 263 30.08 26.17 24.11
C GLN I 263 29.07 25.16 24.64
N LYS I 264 29.54 23.94 24.90
CA LYS I 264 28.68 22.89 25.41
C LYS I 264 29.50 21.65 25.78
N VAL I 265 29.15 21.02 26.89
CA VAL I 265 29.84 19.83 27.36
C VAL I 265 29.27 18.58 26.71
N THR I 266 30.15 17.66 26.31
CA THR I 266 29.73 16.42 25.67
C THR I 266 30.51 15.23 26.23
N LEU I 267 29.78 14.23 26.72
CA LEU I 267 30.41 13.03 27.28
C LEU I 267 30.28 11.86 26.32
N LYS I 268 31.36 11.11 26.15
CA LYS I 268 31.37 9.95 25.27
C LYS I 268 32.18 8.81 25.87
N ARG I 269 31.61 7.61 25.85
CA ARG I 269 32.28 6.44 26.40
C ARG I 269 33.35 5.93 25.44
N LEU I 270 34.56 5.71 25.96
CA LEU I 270 35.66 5.22 25.15
C LEU I 270 35.78 3.70 25.25
N ASN I 271 36.72 3.14 24.50
CA ASN I 271 36.95 1.69 24.50
C ASN I 271 37.07 1.17 25.93
N ASN I 272 38.13 1.59 26.62
CA ASN I 272 38.37 1.16 27.99
C ASN I 272 38.51 2.36 28.92
N ASP I 273 38.44 3.57 28.34
CA ASP I 273 38.56 4.79 29.12
C ASP I 273 37.33 5.67 28.93
N THR I 274 37.39 6.89 29.46
CA THR I 274 36.28 7.83 29.35
C THR I 274 36.75 9.15 28.78
N GLN I 275 36.42 9.38 27.50
CA GLN I 275 36.81 10.61 26.82
C GLN I 275 35.77 11.70 27.06
N LEU I 276 36.25 12.93 27.20
CA LEU I 276 35.36 14.07 27.43
C LEU I 276 35.61 15.17 26.39
N ILE I 277 34.52 15.73 25.87
CA ILE I 277 34.61 16.79 24.87
C ILE I 277 33.93 18.06 25.36
N ILE I 278 34.73 19.08 25.65
CA ILE I 278 34.20 20.36 26.13
C ILE I 278 34.45 21.46 25.11
N THR I 279 33.53 21.61 24.17
CA THR I 279 33.64 22.63 23.14
C THR I 279 33.77 24.02 23.75
N THR I 280 34.63 24.84 23.16
CA THR I 280 34.86 26.19 23.65
C THR I 280 34.81 27.20 22.51
N ALA I 281 35.03 28.48 22.84
CA ALA I 281 35.02 29.54 21.85
C ALA I 281 35.93 30.68 22.24
N GLY I 282 36.48 31.37 21.25
CA GLY I 282 37.38 32.47 21.53
C GLY I 282 38.50 32.10 22.47
N ASN I 283 39.30 33.09 22.88
CA ASN I 283 40.41 32.85 23.79
C ASN I 283 39.91 32.47 25.18
N TRP I 284 40.54 31.45 25.77
CA TRP I 284 40.15 30.99 27.10
C TRP I 284 41.30 30.24 27.76
N GLU I 285 41.12 29.89 29.03
CA GLU I 285 42.15 29.15 29.77
C GLU I 285 41.52 27.99 30.55
N LEU I 286 42.23 26.87 30.59
CA LEU I 286 41.75 25.70 31.31
C LEU I 286 42.40 25.58 32.67
N VAL I 287 41.61 25.21 33.68
CA VAL I 287 42.13 25.06 35.04
C VAL I 287 41.50 23.85 35.73
N ASN I 288 42.31 22.82 35.94
CA ASN I 288 41.84 21.59 36.59
C ASN I 288 41.99 21.69 38.10
N LYS I 289 41.00 21.17 38.82
CA LYS I 289 41.01 21.20 40.28
C LYS I 289 40.60 19.86 40.85
N SER I 290 41.38 19.34 41.80
CA SER I 290 41.10 18.06 42.42
C SER I 290 40.80 18.23 43.91
N ALA I 291 39.53 18.39 44.25
CA ALA I 291 39.11 18.56 45.63
C ALA I 291 39.16 17.24 46.39
N ALA I 292 39.39 16.15 45.66
CA ALA I 292 39.46 14.83 46.26
C ALA I 292 39.79 13.77 45.23
N PRO I 293 40.27 12.60 45.69
CA PRO I 293 40.64 11.49 44.81
C PRO I 293 39.42 10.84 44.16
N GLY I 294 38.90 11.49 43.13
CA GLY I 294 37.74 10.96 42.43
C GLY I 294 36.90 12.04 41.79
N TYR I 295 36.95 13.23 42.37
CA TYR I 295 36.17 14.36 41.86
C TYR I 295 37.05 15.29 41.03
N PHE I 296 36.74 15.40 39.74
CA PHE I 296 37.50 16.25 38.83
C PHE I 296 36.69 17.49 38.45
N THR I 297 37.39 18.58 38.19
CA THR I 297 36.75 19.84 37.82
C THR I 297 37.56 20.58 36.76
N PHE I 298 36.88 21.36 35.94
CA PHE I 298 37.53 22.13 34.89
C PHE I 298 36.98 23.55 34.82
N GLN I 299 37.76 24.50 35.32
CA GLN I 299 37.34 25.90 35.32
C GLN I 299 37.73 26.58 34.01
N VAL I 300 36.77 26.67 33.09
CA VAL I 300 37.02 27.30 31.80
C VAL I 300 36.75 28.79 31.85
N LEU I 301 37.81 29.58 31.98
CA LEU I 301 37.69 31.03 32.04
C LEU I 301 38.05 31.68 30.71
N PHE I 319 21.50 61.57 5.43
CA PHE I 319 22.32 60.37 5.14
C PHE I 319 23.68 60.80 4.69
N THR I 320 24.41 61.51 5.56
CA THR I 320 25.75 61.85 5.24
C THR I 320 26.30 62.38 6.50
N GLY I 321 27.43 61.83 7.00
CA GLY I 321 27.87 62.32 8.25
C GLY I 321 29.33 62.07 8.41
N ARG I 322 29.87 62.54 9.56
CA ARG I 322 31.26 62.42 9.87
C ARG I 322 31.57 60.97 10.03
N LYS I 323 32.84 60.59 9.81
CA LYS I 323 33.22 59.22 9.97
C LYS I 323 33.41 58.96 11.42
N ILE I 324 32.95 57.79 11.91
CA ILE I 324 33.13 57.43 13.29
C ILE I 324 33.40 55.94 13.32
N SER I 325 33.95 55.43 14.43
CA SER I 325 34.05 54.00 14.56
C SER I 325 33.10 53.66 15.67
N LEU I 326 32.14 52.75 15.42
CA LEU I 326 31.18 52.49 16.46
C LEU I 326 31.49 51.21 17.15
N ASP I 327 31.87 51.31 18.43
CA ASP I 327 32.13 50.12 19.20
C ASP I 327 31.21 50.14 20.36
N PHE I 328 30.18 49.27 20.37
CA PHE I 328 29.30 49.23 21.50
C PHE I 328 29.26 47.81 21.98
N GLN I 329 29.70 47.57 23.23
CA GLN I 329 29.70 46.23 23.73
C GLN I 329 28.59 46.07 24.70
N ASP I 330 27.62 45.22 24.31
CA ASP I 330 26.48 44.87 25.11
C ASP I 330 25.88 46.10 25.71
N VAL I 331 25.38 47.03 24.86
CA VAL I 331 24.79 48.23 25.37
C VAL I 331 23.42 48.38 24.80
N GLU I 332 22.54 49.12 25.51
CA GLU I 332 21.20 49.29 25.04
C GLU I 332 21.26 50.10 23.79
N ILE I 333 20.38 49.77 22.83
CA ILE I 333 20.29 50.44 21.57
C ILE I 333 19.97 51.87 21.87
N ARG I 334 19.17 52.08 22.92
CA ARG I 334 18.73 53.39 23.26
C ARG I 334 19.93 54.24 23.57
N THR I 335 20.91 53.68 24.30
CA THR I 335 22.08 54.41 24.66
C THR I 335 22.86 54.70 23.40
N ILE I 336 22.95 53.72 22.49
CA ILE I 336 23.69 53.94 21.29
C ILE I 336 23.03 55.04 20.51
N LEU I 337 21.70 55.12 20.61
CA LEU I 337 20.95 56.12 19.93
C LEU I 337 21.36 57.47 20.46
N GLN I 338 21.47 57.62 21.79
CA GLN I 338 21.79 58.86 22.43
C GLN I 338 23.20 59.26 22.09
N ILE I 339 24.11 58.27 22.10
CA ILE I 339 25.51 58.52 21.91
C ILE I 339 25.71 59.14 20.57
N LEU I 340 25.03 58.60 19.54
CA LEU I 340 25.15 59.08 18.20
C LEU I 340 24.68 60.51 18.14
N ALA I 341 23.57 60.81 18.83
CA ALA I 341 23.00 62.14 18.82
C ALA I 341 23.98 63.10 19.42
N LYS I 342 24.67 62.66 20.49
CA LYS I 342 25.61 63.46 21.22
C LYS I 342 26.76 63.79 20.30
N GLU I 343 27.01 62.88 19.36
CA GLU I 343 28.03 62.91 18.34
C GLU I 343 27.72 63.98 17.35
N SER I 344 26.62 64.73 17.59
CA SER I 344 26.17 65.75 16.70
C SER I 344 25.49 65.08 15.55
N GLY I 345 25.11 63.80 15.73
CA GLY I 345 24.37 63.13 14.71
C GLY I 345 22.92 63.29 15.02
N MET I 346 22.32 64.40 14.53
CA MET I 346 20.90 64.60 14.69
C MET I 346 20.52 64.54 16.14
N ASN I 347 19.21 64.67 16.39
CA ASN I 347 18.67 64.48 17.70
C ASN I 347 17.78 63.28 17.59
N ILE I 348 18.24 62.13 18.13
CA ILE I 348 17.48 60.93 17.95
C ILE I 348 16.73 60.62 19.20
N VAL I 349 15.40 60.44 19.06
CA VAL I 349 14.58 60.09 20.18
C VAL I 349 13.83 58.85 19.82
N ALA I 350 13.93 57.81 20.65
CA ALA I 350 13.28 56.57 20.39
C ALA I 350 11.93 56.64 21.01
N SER I 351 11.16 55.56 20.80
CA SER I 351 9.90 55.40 21.47
C SER I 351 10.32 54.99 22.84
N ASP I 352 9.42 54.41 23.63
CA ASP I 352 9.95 54.00 24.90
C ASP I 352 10.61 52.65 24.89
N SER I 353 9.84 51.59 24.55
CA SER I 353 10.39 50.26 24.64
C SER I 353 10.54 49.75 23.27
N VAL I 354 11.67 50.13 22.65
CA VAL I 354 11.99 49.81 21.31
C VAL I 354 12.51 48.42 21.11
N ASN I 355 13.31 47.89 22.07
CA ASN I 355 13.97 46.66 21.77
C ASN I 355 14.66 46.20 22.99
N GLY I 356 16.01 46.26 22.95
CA GLY I 356 16.84 45.83 24.02
C GLY I 356 18.23 46.32 23.74
N LYS I 357 19.23 45.52 24.11
CA LYS I 357 20.62 45.83 24.02
C LYS I 357 21.21 45.09 22.84
N MET I 358 22.29 45.63 22.23
CA MET I 358 22.90 44.96 21.11
C MET I 358 24.38 45.22 21.12
N THR I 359 25.17 44.35 20.43
CA THR I 359 26.59 44.56 20.40
C THR I 359 27.05 44.66 18.97
N LEU I 360 27.65 45.80 18.60
CA LEU I 360 28.24 45.96 17.29
C LEU I 360 29.58 46.60 17.45
N SER I 361 30.50 46.30 16.50
CA SER I 361 31.79 46.93 16.49
C SER I 361 32.11 47.22 15.05
N LEU I 362 32.23 48.53 14.71
CA LEU I 362 32.51 48.94 13.36
C LEU I 362 33.66 49.90 13.41
N LYS I 363 34.32 50.08 12.25
CA LYS I 363 35.42 51.00 12.16
C LYS I 363 35.30 51.71 10.84
N ASP I 364 35.73 52.99 10.82
CA ASP I 364 35.73 53.77 9.61
C ASP I 364 34.39 53.79 8.96
N VAL I 365 33.33 54.18 9.70
CA VAL I 365 32.03 54.25 9.08
C VAL I 365 31.32 55.48 9.57
N PRO I 366 30.68 56.20 8.69
CA PRO I 366 29.97 57.39 9.10
C PRO I 366 28.84 56.96 9.98
N TRP I 367 28.46 57.79 10.97
CA TRP I 367 27.47 57.41 11.92
C TRP I 367 26.18 57.12 11.22
N ASP I 368 25.87 57.87 10.14
CA ASP I 368 24.65 57.62 9.45
C ASP I 368 24.67 56.25 8.86
N GLN I 369 25.80 55.82 8.26
CA GLN I 369 25.86 54.51 7.68
C GLN I 369 25.77 53.46 8.76
N ALA I 370 26.52 53.66 9.87
CA ALA I 370 26.57 52.70 10.93
C ALA I 370 25.18 52.55 11.47
N LEU I 371 24.43 53.67 11.51
CA LEU I 371 23.10 53.63 12.03
C LEU I 371 22.29 52.66 11.22
N ASP I 372 22.40 52.69 9.88
CA ASP I 372 21.60 51.81 9.08
C ASP I 372 21.98 50.40 9.38
N LEU I 373 23.30 50.16 9.54
CA LEU I 373 23.76 48.82 9.78
C LEU I 373 23.23 48.39 11.10
N VAL I 374 23.21 49.31 12.08
CA VAL I 374 22.77 49.03 13.41
C VAL I 374 21.34 48.61 13.37
N MET I 375 20.54 49.28 12.53
CA MET I 375 19.12 49.04 12.48
C MET I 375 18.88 47.61 12.08
N GLN I 376 19.63 47.14 11.08
CA GLN I 376 19.48 45.84 10.46
C GLN I 376 19.79 44.74 11.43
N ALA I 377 20.75 44.98 12.36
CA ALA I 377 21.25 43.94 13.21
C ALA I 377 20.15 43.32 14.01
N ARG I 378 19.23 44.15 14.53
CA ARG I 378 18.13 43.61 15.28
C ARG I 378 17.34 44.80 15.67
N ASN I 379 18.01 45.95 15.51
CA ASN I 379 17.54 47.24 15.91
C ASN I 379 16.40 47.66 15.05
N LEU I 380 15.97 48.91 15.31
CA LEU I 380 14.80 49.54 14.79
C LEU I 380 15.04 50.22 13.48
N ASP I 381 13.93 50.75 12.92
CA ASP I 381 13.92 51.54 11.72
C ASP I 381 13.80 52.96 12.18
N MET I 382 14.16 53.94 11.33
CA MET I 382 14.16 55.32 11.77
C MET I 382 13.26 56.14 10.90
N ARG I 383 12.60 57.13 11.53
CA ARG I 383 11.80 58.09 10.80
C ARG I 383 12.27 59.43 11.27
N GLN I 384 12.40 60.41 10.37
CA GLN I 384 12.90 61.66 10.82
C GLN I 384 11.87 62.73 10.62
N GLN I 385 11.59 63.50 11.69
CA GLN I 385 10.73 64.65 11.66
C GLN I 385 11.45 65.75 10.95
N GLY I 386 12.79 65.78 11.10
CA GLY I 386 13.64 66.77 10.49
C GLY I 386 14.61 67.24 11.53
N ASN I 387 14.16 67.95 12.58
CA ASN I 387 15.09 68.32 13.61
C ASN I 387 15.32 67.12 14.49
N ILE I 388 14.22 66.43 14.84
CA ILE I 388 14.34 65.33 15.75
C ILE I 388 13.94 64.10 15.01
N VAL I 389 14.56 62.96 15.36
CA VAL I 389 14.25 61.74 14.68
C VAL I 389 13.67 60.77 15.65
N ASN I 390 12.60 60.06 15.21
CA ASN I 390 12.01 59.09 16.08
C ASN I 390 12.32 57.74 15.51
N ILE I 391 12.83 56.83 16.37
CA ILE I 391 13.13 55.50 15.95
C ILE I 391 12.25 54.58 16.72
N ALA I 392 11.63 53.61 16.00
CA ALA I 392 10.69 52.74 16.64
C ALA I 392 11.00 51.32 16.26
N PRO I 393 10.47 50.48 17.11
CA PRO I 393 10.59 49.06 17.08
C PRO I 393 9.88 48.47 15.92
N ARG I 394 9.40 49.31 14.97
CA ARG I 394 8.74 48.79 13.81
C ARG I 394 9.78 47.97 13.12
N ASP I 395 9.79 46.65 13.39
CA ASP I 395 10.79 45.77 12.87
C ASP I 395 10.14 44.46 12.61
N GLU I 396 10.52 43.84 11.49
CA GLU I 396 9.99 42.58 11.11
C GLU I 396 10.35 41.53 12.10
N LEU I 397 11.66 41.41 12.38
CA LEU I 397 12.11 40.28 13.14
C LEU I 397 11.71 40.24 14.58
N LEU I 398 11.95 41.31 15.36
CA LEU I 398 11.75 41.13 16.77
C LEU I 398 10.33 40.89 17.13
N ALA I 399 9.42 41.73 16.62
CA ALA I 399 8.07 41.60 17.09
C ALA I 399 7.57 40.26 16.69
N LYS I 400 7.77 39.88 15.42
CA LYS I 400 7.19 38.64 15.06
C LYS I 400 7.90 37.47 15.63
N ASP I 401 9.24 37.55 15.77
CA ASP I 401 9.98 36.39 16.21
C ASP I 401 9.45 35.99 17.54
N LYS I 402 9.24 36.98 18.42
CA LYS I 402 8.78 36.71 19.73
C LYS I 402 7.40 36.16 19.66
N ALA I 403 6.58 36.72 18.75
CA ALA I 403 5.22 36.28 18.60
C ALA I 403 5.23 34.84 18.19
N PHE I 404 6.18 34.44 17.31
CA PHE I 404 6.20 33.09 16.83
C PHE I 404 6.39 32.17 17.99
N LEU I 405 7.36 32.50 18.85
CA LEU I 405 7.69 31.63 19.93
C LEU I 405 6.49 31.54 20.81
N GLN I 406 5.76 32.66 20.95
CA GLN I 406 4.61 32.71 21.80
C GLN I 406 3.59 31.73 21.30
N ALA I 407 3.39 31.66 19.97
CA ALA I 407 2.36 30.80 19.44
C ALA I 407 2.69 29.37 19.70
N GLU I 408 1.67 28.61 20.16
CA GLU I 408 1.79 27.21 20.46
C GLU I 408 1.94 26.43 19.18
N LYS I 409 1.17 26.81 18.14
CA LYS I 409 1.19 26.05 16.93
C LYS I 409 2.50 26.23 16.24
N ASP I 410 3.00 25.12 15.66
CA ASP I 410 4.26 25.09 14.98
C ASP I 410 4.18 25.96 13.76
N ILE I 411 3.03 25.89 13.06
CA ILE I 411 2.86 26.65 11.86
C ILE I 411 2.96 28.09 12.20
N ALA I 412 2.41 28.47 13.36
CA ALA I 412 2.39 29.83 13.81
C ALA I 412 3.81 30.28 13.93
N ASP I 413 4.72 29.37 14.28
CA ASP I 413 6.10 29.70 14.42
C ASP I 413 6.51 30.32 13.12
N LEU I 414 5.87 29.92 12.01
CA LEU I 414 6.17 30.58 10.78
C LEU I 414 5.05 31.55 10.53
N GLY I 415 5.38 32.85 10.43
CA GLY I 415 4.40 33.87 10.21
C GLY I 415 5.18 35.11 9.92
N ALA I 416 4.50 36.25 9.66
CA ALA I 416 5.38 37.34 9.40
C ALA I 416 4.71 38.66 9.48
N LEU I 417 5.53 39.66 9.89
CA LEU I 417 5.11 41.01 9.75
C LEU I 417 5.69 41.36 8.43
N TYR I 418 4.96 42.08 7.58
CA TYR I 418 5.54 42.27 6.29
C TYR I 418 5.34 43.71 5.94
N SER I 419 5.99 44.15 4.84
CA SER I 419 5.81 45.51 4.43
C SER I 419 5.23 45.47 3.06
N GLN I 420 4.30 46.39 2.77
CA GLN I 420 3.72 46.40 1.46
C GLN I 420 3.52 47.82 1.07
N ASN I 421 3.50 48.08 -0.26
CA ASN I 421 3.32 49.42 -0.74
C ASN I 421 1.97 49.49 -1.38
N PHE I 422 1.17 50.51 -1.02
CA PHE I 422 -0.14 50.65 -1.55
C PHE I 422 -0.10 51.84 -2.46
N GLN I 423 -0.50 51.66 -3.73
CA GLN I 423 -0.53 52.77 -4.64
C GLN I 423 -1.86 53.44 -4.43
N LEU I 424 -1.90 54.78 -4.49
CA LEU I 424 -3.15 55.50 -4.36
C LEU I 424 -3.31 56.29 -5.62
N LYS I 425 -4.11 55.78 -6.58
CA LYS I 425 -4.26 56.50 -7.80
C LYS I 425 -5.15 57.71 -7.68
N TYR I 426 -6.39 57.48 -7.22
CA TYR I 426 -7.44 58.47 -7.20
C TYR I 426 -7.36 59.52 -6.13
N LYS I 427 -7.01 59.16 -4.87
CA LYS I 427 -7.13 60.12 -3.82
C LYS I 427 -5.81 60.47 -3.25
N ASN I 428 -5.75 61.63 -2.56
CA ASN I 428 -4.53 62.06 -1.94
C ASN I 428 -4.31 61.25 -0.69
N VAL I 429 -3.03 60.96 -0.42
CA VAL I 429 -2.60 60.09 0.63
C VAL I 429 -2.96 60.64 1.97
N GLU I 430 -2.82 61.95 2.15
CA GLU I 430 -3.01 62.61 3.41
C GLU I 430 -4.43 62.47 3.87
N GLU I 431 -5.39 62.41 2.93
CA GLU I 431 -6.77 62.36 3.31
C GLU I 431 -7.04 61.11 4.09
N PHE I 432 -6.33 60.02 3.75
CA PHE I 432 -6.45 58.74 4.37
C PHE I 432 -5.98 58.78 5.79
N ARG I 433 -5.06 59.72 6.12
CA ARG I 433 -4.36 59.71 7.38
C ARG I 433 -5.31 59.61 8.53
N SER I 434 -6.41 60.38 8.54
CA SER I 434 -7.28 60.37 9.69
C SER I 434 -7.76 58.98 9.96
N ILE I 435 -8.30 58.31 8.92
CA ILE I 435 -8.86 57.00 9.12
C ILE I 435 -7.80 56.02 9.49
N LEU I 436 -6.64 56.06 8.80
CA LEU I 436 -5.61 55.08 9.03
C LEU I 436 -5.08 55.22 10.42
N ARG I 437 -4.96 56.46 10.91
CA ARG I 437 -4.46 56.66 12.24
C ARG I 437 -5.40 56.00 13.19
N LEU I 438 -6.71 56.16 12.96
CA LEU I 438 -7.70 55.64 13.87
C LEU I 438 -7.64 54.14 13.93
N ASP I 439 -7.63 53.45 12.78
CA ASP I 439 -7.64 52.01 12.82
C ASP I 439 -6.36 51.50 13.38
N ASN I 440 -5.27 52.25 13.14
CA ASN I 440 -3.99 51.85 13.58
C ASN I 440 -4.00 51.87 15.08
N ALA I 441 -4.75 52.84 15.66
CA ALA I 441 -4.72 52.88 17.10
C ALA I 441 -5.69 51.89 17.60
N ASP I 442 -5.21 50.64 17.80
CA ASP I 442 -6.05 49.67 18.42
C ASP I 442 -5.55 49.70 19.83
N THR I 443 -5.36 50.94 20.32
CA THR I 443 -4.93 51.24 21.65
C THR I 443 -5.41 52.62 21.90
N THR I 444 -5.29 53.11 23.15
CA THR I 444 -5.74 54.44 23.39
C THR I 444 -4.65 55.37 22.96
N GLY I 445 -5.02 56.44 22.23
CA GLY I 445 -4.04 57.39 21.79
C GLY I 445 -4.81 58.49 21.14
N ASN I 446 -4.67 59.72 21.67
CA ASN I 446 -5.42 60.82 21.15
C ASN I 446 -4.96 61.08 19.75
N ARG I 447 -3.63 61.16 19.52
CA ARG I 447 -3.21 61.44 18.18
C ARG I 447 -1.77 61.03 18.06
N ASN I 448 -1.48 59.93 17.34
CA ASN I 448 -0.10 59.51 17.17
C ASN I 448 0.07 59.05 15.76
N THR I 449 1.12 59.53 15.07
CA THR I 449 1.39 59.06 13.75
C THR I 449 1.83 57.63 13.86
N LEU I 450 2.76 57.36 14.80
CA LEU I 450 3.21 56.02 15.05
C LEU I 450 2.15 55.42 15.90
N ILE I 451 1.96 54.09 15.86
CA ILE I 451 0.85 53.73 16.69
C ILE I 451 1.10 52.40 17.32
N SER I 452 0.19 52.00 18.22
CA SER I 452 0.35 50.75 18.89
C SER I 452 -0.21 49.66 18.06
N GLY I 453 -0.51 48.53 18.72
CA GLY I 453 -0.91 47.38 18.00
C GLY I 453 0.36 46.66 17.72
N ARG I 454 1.35 46.92 18.59
CA ARG I 454 2.64 46.31 18.56
C ARG I 454 3.40 46.54 17.28
N GLY I 455 3.71 47.81 16.98
CA GLY I 455 4.63 48.08 15.90
C GLY I 455 4.02 48.15 14.54
N SER I 456 2.81 48.73 14.39
CA SER I 456 2.30 48.88 13.06
C SER I 456 2.61 50.29 12.65
N VAL I 457 2.96 50.51 11.36
CA VAL I 457 3.30 51.85 10.99
C VAL I 457 2.84 52.12 9.61
N LEU I 458 2.45 53.38 9.35
CA LEU I 458 2.09 53.78 8.03
C LEU I 458 3.00 54.91 7.65
N ILE I 459 3.58 54.86 6.44
CA ILE I 459 4.47 55.91 6.02
C ILE I 459 3.98 56.42 4.71
N ASP I 460 4.12 57.75 4.49
CA ASP I 460 3.62 58.35 3.28
C ASP I 460 4.77 58.82 2.44
N PRO I 461 4.94 58.16 1.34
CA PRO I 461 5.91 58.63 0.38
C PRO I 461 5.42 59.79 -0.44
N ALA I 462 6.36 60.54 -1.04
CA ALA I 462 6.12 61.73 -1.80
C ALA I 462 5.32 61.42 -3.03
N THR I 463 5.55 60.26 -3.67
CA THR I 463 4.82 60.05 -4.88
C THR I 463 3.50 59.44 -4.55
N ASN I 464 2.84 59.96 -3.49
CA ASN I 464 1.53 59.56 -3.07
C ASN I 464 1.32 58.08 -3.12
N THR I 465 2.13 57.34 -2.35
CA THR I 465 1.90 55.95 -2.17
C THR I 465 2.01 55.76 -0.70
N LEU I 466 1.36 54.72 -0.13
CA LEU I 466 1.46 54.50 1.28
C LEU I 466 2.22 53.24 1.48
N ILE I 467 3.12 53.21 2.48
CA ILE I 467 3.85 52.00 2.75
C ILE I 467 3.45 51.60 4.12
N VAL I 468 3.05 50.32 4.29
CA VAL I 468 2.70 49.96 5.62
C VAL I 468 3.57 48.82 6.05
N THR I 469 4.05 48.89 7.31
CA THR I 469 4.88 47.87 7.85
C THR I 469 4.21 47.38 9.10
N ASP I 470 3.91 46.07 9.17
CA ASP I 470 3.29 45.59 10.38
C ASP I 470 2.93 44.15 10.19
N THR I 471 2.05 43.65 11.08
CA THR I 471 1.62 42.30 11.02
C THR I 471 0.69 42.17 9.86
N ARG I 472 0.55 40.95 9.31
CA ARG I 472 -0.25 40.72 8.15
C ARG I 472 -1.67 41.09 8.42
N SER I 473 -2.18 40.74 9.61
CA SER I 473 -3.56 41.02 9.87
C SER I 473 -3.79 42.50 9.80
N VAL I 474 -2.93 43.29 10.46
CA VAL I 474 -3.10 44.72 10.52
C VAL I 474 -2.94 45.28 9.14
N ILE I 475 -1.96 44.77 8.36
CA ILE I 475 -1.74 45.29 7.04
C ILE I 475 -2.93 45.04 6.18
N GLU I 476 -3.57 43.87 6.33
CA GLU I 476 -4.71 43.54 5.53
C GLU I 476 -5.77 44.56 5.77
N LYS I 477 -6.00 44.92 7.04
CA LYS I 477 -7.06 45.82 7.37
C LYS I 477 -6.80 47.12 6.71
N PHE I 478 -5.56 47.63 6.82
CA PHE I 478 -5.21 48.91 6.28
C PHE I 478 -5.38 48.91 4.79
N ARG I 479 -5.00 47.81 4.12
CA ARG I 479 -5.11 47.80 2.69
C ARG I 479 -6.55 47.90 2.29
N LYS I 480 -7.43 47.16 2.98
CA LYS I 480 -8.81 47.12 2.58
C LYS I 480 -9.37 48.50 2.63
N LEU I 481 -9.08 49.27 3.69
CA LEU I 481 -9.61 50.60 3.82
C LEU I 481 -9.07 51.51 2.75
N ILE I 482 -7.75 51.45 2.49
CA ILE I 482 -7.15 52.34 1.55
C ILE I 482 -7.74 52.12 0.19
N ASP I 483 -7.82 50.85 -0.23
CA ASP I 483 -8.33 50.56 -1.54
C ASP I 483 -9.77 50.95 -1.58
N GLU I 484 -10.48 50.75 -0.46
CA GLU I 484 -11.88 51.04 -0.43
C GLU I 484 -12.09 52.49 -0.68
N LEU I 485 -11.34 53.38 -0.01
CA LEU I 485 -11.54 54.79 -0.20
C LEU I 485 -11.16 55.18 -1.59
N ASP I 486 -10.09 54.56 -2.12
CA ASP I 486 -9.57 54.91 -3.41
C ASP I 486 -10.62 54.64 -4.45
N VAL I 487 -11.38 53.55 -4.32
CA VAL I 487 -12.33 53.21 -5.35
C VAL I 487 -13.36 54.29 -5.53
N PRO I 488 -14.01 54.81 -4.52
CA PRO I 488 -14.94 55.85 -4.79
C PRO I 488 -14.32 57.07 -5.35
N ALA I 489 -13.05 57.34 -5.01
CA ALA I 489 -12.40 58.47 -5.60
C ALA I 489 -12.33 58.17 -7.07
N GLN I 490 -12.14 56.87 -7.38
CA GLN I 490 -11.94 56.40 -8.71
C GLN I 490 -13.12 56.72 -9.57
N GLN I 491 -14.37 56.55 -9.06
CA GLN I 491 -15.41 56.86 -9.98
C GLN I 491 -15.42 58.34 -10.17
N VAL I 492 -14.90 58.78 -11.33
CA VAL I 492 -14.83 60.19 -11.60
C VAL I 492 -16.00 60.53 -12.52
N MET I 493 -15.78 61.23 -13.54
N THR J 202 41.76 2.76 24.18
CA THR J 202 42.32 3.48 23.05
C THR J 202 41.41 4.61 22.61
N ASN J 203 41.99 5.66 22.04
CA ASN J 203 41.23 6.81 21.57
C ASN J 203 42.12 7.79 20.83
N ILE J 204 41.51 8.64 20.01
CA ILE J 204 42.24 9.64 19.24
C ILE J 204 41.84 11.05 19.63
N ASP J 205 42.74 12.00 19.41
CA ASP J 205 42.48 13.40 19.74
C ASP J 205 43.25 14.33 18.81
N PHE J 206 42.74 15.55 18.65
CA PHE J 206 43.38 16.54 17.78
C PHE J 206 43.51 17.88 18.50
N ARG J 207 44.56 18.62 18.17
CA ARG J 207 44.80 19.93 18.78
C ARG J 207 45.81 20.73 17.96
N LYS J 208 45.74 22.05 18.07
CA LYS J 208 46.66 22.92 17.35
C LYS J 208 47.65 23.57 18.31
N ASP J 209 48.87 23.77 17.83
CA ASP J 209 49.91 24.39 18.65
C ASP J 209 50.98 25.05 17.76
N GLY J 210 52.04 25.53 18.39
CA GLY J 210 53.11 26.17 17.64
C GLY J 210 52.60 27.26 16.72
N LYS J 211 52.71 27.02 15.42
CA LYS J 211 52.25 27.99 14.43
C LYS J 211 51.44 27.31 13.32
N ASN J 212 50.15 27.16 13.56
CA ASN J 212 49.26 26.52 12.60
C ASN J 212 49.67 25.07 12.36
N ALA J 213 49.96 24.36 13.44
CA ALA J 213 50.36 22.96 13.35
C ALA J 213 49.22 22.04 13.80
N GLY J 214 49.07 20.92 13.11
CA GLY J 214 48.02 19.97 13.45
C GLY J 214 48.55 18.80 14.26
N ILE J 215 48.31 18.83 15.58
CA ILE J 215 48.76 17.77 16.46
C ILE J 215 47.68 16.71 16.63
N ILE J 216 48.10 15.45 16.61
CA ILE J 216 47.16 14.34 16.78
C ILE J 216 47.56 13.47 17.96
N GLU J 217 47.02 13.77 19.13
CA GLU J 217 47.31 13.01 20.34
C GLU J 217 46.51 11.73 20.38
N LEU J 218 47.20 10.59 20.31
CA LEU J 218 46.55 9.29 20.33
C LEU J 218 46.80 8.58 21.67
N ALA J 219 45.75 7.98 22.22
CA ALA J 219 45.86 7.26 23.48
C ALA J 219 46.06 5.77 23.26
N ALA J 220 47.26 5.29 23.58
CA ALA J 220 47.58 3.87 23.40
C ALA J 220 47.75 3.18 24.75
N LEU J 221 46.69 2.50 25.20
CA LEU J 221 46.72 1.80 26.48
C LEU J 221 46.97 0.31 26.27
N GLY J 222 48.17 -0.15 26.67
CA GLY J 222 48.50 -1.55 26.52
C GLY J 222 49.57 -1.77 25.47
N PHE J 223 50.33 -0.73 25.16
CA PHE J 223 51.39 -0.82 24.16
C PHE J 223 52.76 -0.61 24.79
N ALA J 224 53.76 -1.26 24.21
CA ALA J 224 55.13 -1.16 24.72
C ALA J 224 56.04 -0.46 23.71
N GLY J 225 56.34 -1.16 22.62
CA GLY J 225 57.19 -0.60 21.59
C GLY J 225 56.56 0.58 20.88
N GLN J 226 56.86 0.73 19.60
CA GLN J 226 56.32 1.83 18.81
C GLN J 226 55.66 1.30 17.54
N PRO J 227 54.56 1.96 17.13
CA PRO J 227 53.81 1.57 15.93
C PRO J 227 54.58 1.86 14.65
N ASP J 228 53.97 1.53 13.51
CA ASP J 228 54.60 1.75 12.22
C ASP J 228 54.09 3.04 11.58
N ILE J 229 54.93 4.07 11.60
CA ILE J 229 54.57 5.37 11.02
C ILE J 229 54.86 5.39 9.53
N SER J 230 53.82 5.59 8.73
CA SER J 230 53.96 5.64 7.28
C SER J 230 53.49 6.98 6.74
N GLN J 231 54.43 7.90 6.53
CA GLN J 231 54.11 9.22 6.02
C GLN J 231 53.91 9.18 4.51
N GLN J 232 52.66 9.34 4.08
CA GLN J 232 52.32 9.33 2.66
C GLN J 232 52.03 10.74 2.15
N HIS J 233 51.96 10.88 0.83
CA HIS J 233 51.69 12.17 0.22
C HIS J 233 50.20 12.52 0.33
N ASP J 234 49.39 11.52 0.67
CA ASP J 234 47.95 11.74 0.81
C ASP J 234 47.56 11.82 2.28
N HIS J 235 47.80 10.73 3.02
CA HIS J 235 47.46 10.69 4.44
C HIS J 235 48.55 9.97 5.23
N ILE J 236 48.26 9.66 6.48
CA ILE J 236 49.21 8.98 7.34
C ILE J 236 48.70 7.60 7.75
N ILE J 237 49.63 6.72 8.14
CA ILE J 237 49.26 5.38 8.56
C ILE J 237 50.00 4.98 9.83
N VAL J 238 49.25 4.48 10.81
CA VAL J 238 49.83 4.07 12.09
C VAL J 238 49.23 2.74 12.55
N THR J 239 50.03 1.69 12.50
CA THR J 239 49.59 0.36 12.92
C THR J 239 50.15 0.01 14.30
N LEU J 240 49.30 -0.57 15.14
CA LEU J 240 49.71 -0.97 16.48
C LEU J 240 49.41 -2.44 16.74
N LYS J 241 50.43 -3.28 16.58
CA LYS J 241 50.28 -4.71 16.80
C LYS J 241 49.79 -5.00 18.21
N ASN J 242 48.82 -5.90 18.32
CA ASN J 242 48.27 -6.28 19.61
C ASN J 242 47.59 -5.08 20.28
N HIS J 243 47.12 -4.14 19.46
CA HIS J 243 46.46 -2.95 19.97
C HIS J 243 45.07 -2.80 19.36
N THR J 244 44.51 -3.91 18.88
CA THR J 244 43.20 -3.89 18.26
C THR J 244 42.20 -3.11 19.11
N LEU J 245 41.71 -2.00 18.57
CA LEU J 245 40.75 -1.16 19.29
C LEU J 245 39.32 -1.46 18.83
N PRO J 246 38.36 -1.31 19.75
CA PRO J 246 36.95 -1.56 19.47
C PRO J 246 36.35 -0.50 18.53
N THR J 247 35.32 -0.90 17.80
CA THR J 247 34.66 0.01 16.86
C THR J 247 33.99 1.16 17.59
N THR J 248 33.89 1.04 18.91
CA THR J 248 33.26 2.08 19.73
C THR J 248 34.29 3.14 20.13
N LEU J 249 35.48 3.05 19.55
CA LEU J 249 36.53 4.01 19.85
C LEU J 249 37.24 4.46 18.57
N GLN J 250 36.70 4.05 17.43
CA GLN J 250 37.28 4.40 16.14
C GLN J 250 36.65 5.69 15.60
N ARG J 251 36.15 6.52 16.52
CA ARG J 251 35.52 7.78 16.13
C ARG J 251 36.50 8.65 15.35
N SER J 252 35.96 9.46 14.45
CA SER J 252 36.78 10.34 13.62
C SER J 252 36.65 11.79 14.08
N LEU J 253 37.58 12.63 13.62
CA LEU J 253 37.57 14.05 13.98
C LEU J 253 36.88 14.88 12.91
N ASP J 254 36.57 16.13 13.24
CA ASP J 254 35.91 17.03 12.31
C ASP J 254 36.62 18.38 12.27
N VAL J 255 37.94 18.35 12.32
CA VAL J 255 38.74 19.58 12.29
C VAL J 255 38.82 20.14 10.88
N ALA J 256 37.67 20.53 10.34
CA ALA J 256 37.61 21.09 8.99
C ALA J 256 37.72 22.60 9.02
N ASP J 257 38.51 23.16 8.12
CA ASP J 257 38.70 24.62 8.05
C ASP J 257 39.36 25.13 9.32
N PHE J 258 40.27 24.34 9.88
CA PHE J 258 40.97 24.73 11.10
C PHE J 258 42.29 25.43 10.77
N LYS J 259 42.51 25.68 9.49
CA LYS J 259 43.72 26.34 9.04
C LYS J 259 44.96 25.54 9.42
N THR J 260 44.91 24.24 9.17
CA THR J 260 46.03 23.35 9.50
C THR J 260 46.32 22.39 8.36
N PRO J 261 47.52 21.80 8.36
CA PRO J 261 47.95 20.85 7.33
C PRO J 261 47.19 19.53 7.41
N VAL J 262 46.51 19.32 8.53
CA VAL J 262 45.75 18.09 8.74
C VAL J 262 44.29 18.28 8.31
N GLN J 263 43.92 17.64 7.20
CA GLN J 263 42.57 17.73 6.68
C GLN J 263 41.56 17.26 7.73
N LYS J 264 41.73 16.03 8.21
CA LYS J 264 40.84 15.47 9.21
C LYS J 264 41.36 14.12 9.69
N VAL J 265 41.25 13.88 10.99
CA VAL J 265 41.70 12.62 11.58
C VAL J 265 40.60 11.56 11.51
N THR J 266 41.00 10.33 11.17
CA THR J 266 40.06 9.23 11.06
C THR J 266 40.62 7.96 11.71
N LEU J 267 39.87 7.40 12.64
CA LEU J 267 40.28 6.19 13.34
C LEU J 267 39.50 4.98 12.83
N LYS J 268 40.22 3.88 12.60
CA LYS J 268 39.60 2.65 12.13
C LYS J 268 40.21 1.42 12.80
N ARG J 269 39.35 0.53 13.28
CA ARG J 269 39.82 -0.68 13.95
C ARG J 269 40.30 -1.71 12.93
N LEU J 270 41.49 -2.24 13.17
CA LEU J 270 42.07 -3.24 12.27
C LEU J 270 41.80 -4.65 12.77
N ASN J 271 42.22 -5.65 12.00
CA ASN J 271 42.02 -7.05 12.36
C ASN J 271 42.48 -7.30 13.79
N ASN J 272 43.78 -7.16 14.03
CA ASN J 272 44.35 -7.39 15.35
C ASN J 272 45.13 -6.17 15.82
N ASP J 273 45.20 -5.15 14.96
CA ASP J 273 45.92 -3.92 15.29
C ASP J 273 45.00 -2.72 15.17
N THR J 274 45.58 -1.52 15.30
CA THR J 274 44.81 -0.28 15.22
C THR J 274 45.40 0.65 14.18
N GLN J 275 44.73 0.74 13.03
CA GLN J 275 45.18 1.60 11.94
C GLN J 275 44.65 3.02 12.12
N LEU J 276 45.47 4.00 11.76
CA LEU J 276 45.07 5.40 11.88
C LEU J 276 45.23 6.12 10.54
N ILE J 277 44.23 6.92 10.18
CA ILE J 277 44.27 7.67 8.93
C ILE J 277 44.17 9.17 9.18
N ILE J 278 45.28 9.87 8.95
CA ILE J 278 45.33 11.32 9.16
C ILE J 278 45.51 12.05 7.84
N THR J 279 44.39 12.34 7.17
CA THR J 279 44.43 13.04 5.89
C THR J 279 45.14 14.38 6.02
N THR J 280 45.95 14.71 5.01
CA THR J 280 46.69 15.96 5.01
C THR J 280 46.55 16.69 3.68
N ALA J 281 47.21 17.84 3.55
CA ALA J 281 47.15 18.63 2.34
C ALA J 281 48.44 19.43 2.13
N GLY J 282 48.78 19.67 0.87
CA GLY J 282 49.99 20.42 0.57
C GLY J 282 51.21 19.85 1.25
N ASN J 283 52.34 20.55 1.14
CA ASN J 283 53.58 20.10 1.74
C ASN J 283 53.51 20.20 3.27
N TRP J 284 53.98 19.15 3.94
CA TRP J 284 53.97 19.12 5.40
C TRP J 284 55.01 18.13 5.93
N GLU J 285 55.19 18.12 7.24
CA GLU J 285 56.16 17.22 7.87
C GLU J 285 55.55 16.53 9.08
N LEU J 286 55.88 15.26 9.26
CA LEU J 286 55.37 14.48 10.39
C LEU J 286 56.39 14.40 11.50
N VAL J 287 55.93 14.53 12.75
CA VAL J 287 56.81 14.47 13.91
C VAL J 287 56.15 13.71 15.06
N ASN J 288 56.66 12.51 15.34
CA ASN J 288 56.13 11.69 16.41
C ASN J 288 56.81 12.01 17.74
N LYS J 289 56.02 12.02 18.81
CA LYS J 289 56.54 12.31 20.14
C LYS J 289 55.99 11.33 21.17
N SER J 290 56.88 10.76 21.98
CA SER J 290 56.47 9.81 23.01
C SER J 290 56.77 10.35 24.40
N ALA J 291 55.79 11.00 25.00
CA ALA J 291 55.94 11.58 26.33
C ALA J 291 55.87 10.49 27.40
N ALA J 292 55.53 9.27 26.99
CA ALA J 292 55.43 8.15 27.91
C ALA J 292 55.08 6.87 27.17
N PRO J 293 55.33 5.72 27.82
CA PRO J 293 55.05 4.41 27.24
C PRO J 293 53.56 4.12 27.14
N GLY J 294 52.91 4.71 26.14
CA GLY J 294 51.48 4.51 25.96
C GLY J 294 50.82 5.68 25.28
N TYR J 295 51.39 6.86 25.46
CA TYR J 295 50.83 8.08 24.86
C TYR J 295 51.59 8.45 23.59
N PHE J 296 50.90 8.43 22.46
CA PHE J 296 51.50 8.76 21.17
C PHE J 296 51.00 10.11 20.67
N THR J 297 51.85 10.82 19.94
CA THR J 297 51.49 12.13 19.39
C THR J 297 52.06 12.32 18.00
N PHE J 298 51.39 13.12 17.19
CA PHE J 298 51.83 13.39 15.82
C PHE J 298 51.70 14.88 15.50
N GLN J 299 52.83 15.57 15.49
CA GLN J 299 52.85 16.99 15.18
C GLN J 299 52.94 17.24 13.68
N VAL J 300 51.79 17.48 13.06
CA VAL J 300 51.74 17.73 11.61
C VAL J 300 51.94 19.21 11.30
N LEU J 301 53.15 19.57 10.91
CA LEU J 301 53.47 20.96 10.58
C LEU J 301 53.52 21.16 9.07
N PHE J 319 38.33 49.70 -18.54
CA PHE J 319 38.64 48.26 -18.67
C PHE J 319 39.81 48.08 -19.56
N THR J 320 40.97 48.63 -19.15
CA THR J 320 42.16 48.40 -19.90
C THR J 320 43.24 48.93 -19.04
N GLY J 321 44.26 48.11 -18.72
CA GLY J 321 45.22 48.64 -17.82
C GLY J 321 46.52 47.92 -17.99
N ARG J 322 47.52 48.37 -17.21
CA ARG J 322 48.84 47.83 -17.25
C ARG J 322 48.78 46.42 -16.76
N LYS J 323 49.74 45.58 -17.20
CA LYS J 323 49.73 44.21 -16.75
C LYS J 323 50.35 44.18 -15.38
N ILE J 324 49.77 43.36 -14.48
CA ILE J 324 50.31 43.22 -13.16
C ILE J 324 50.14 41.77 -12.76
N SER J 325 50.87 41.32 -11.73
CA SER J 325 50.62 40.00 -11.23
C SER J 325 50.04 40.24 -9.86
N LEU J 326 48.85 39.70 -9.57
CA LEU J 326 48.28 40.00 -8.28
C LEU J 326 48.43 38.85 -7.35
N ASP J 327 49.23 39.04 -6.30
CA ASP J 327 49.40 38.00 -5.32
C ASP J 327 48.97 38.57 -4.01
N PHE J 328 47.81 38.14 -3.48
CA PHE J 328 47.41 38.63 -2.21
C PHE J 328 47.15 37.43 -1.35
N GLN J 329 47.90 37.30 -0.23
CA GLN J 329 47.70 36.15 0.61
C GLN J 329 46.98 36.59 1.85
N ASP J 330 45.74 36.09 1.99
CA ASP J 330 44.90 36.33 3.12
C ASP J 330 44.91 37.77 3.47
N VAL J 331 44.42 38.64 2.55
CA VAL J 331 44.41 40.04 2.83
C VAL J 331 43.03 40.56 2.63
N GLU J 332 42.70 41.69 3.29
CA GLU J 332 41.38 42.24 3.16
C GLU J 332 41.23 42.72 1.76
N ILE J 333 40.01 42.56 1.21
CA ILE J 333 39.69 42.96 -0.13
C ILE J 333 39.90 44.44 -0.18
N ARG J 334 39.60 45.11 0.94
CA ARG J 334 39.70 46.54 0.98
C ARG J 334 41.12 46.94 0.70
N THR J 335 42.08 46.21 1.28
CA THR J 335 43.47 46.54 1.08
C THR J 335 43.81 46.29 -0.35
N ILE J 336 43.31 45.19 -0.93
CA ILE J 336 43.62 44.91 -2.30
C ILE J 336 43.07 45.99 -3.16
N LEU J 337 41.93 46.56 -2.74
CA LEU J 337 41.30 47.62 -3.46
C LEU J 337 42.24 48.81 -3.48
N GLN J 338 42.83 49.16 -2.32
CA GLN J 338 43.68 50.30 -2.17
C GLN J 338 44.93 50.10 -2.97
N ILE J 339 45.48 48.87 -2.92
CA ILE J 339 46.74 48.56 -3.53
C ILE J 339 46.63 48.80 -5.00
N LEU J 340 45.52 48.36 -5.61
CA LEU J 340 45.31 48.52 -7.01
C LEU J 340 45.25 49.97 -7.36
N ALA J 341 44.58 50.78 -6.52
CA ALA J 341 44.43 52.19 -6.77
C ALA J 341 45.79 52.83 -6.75
N LYS J 342 46.65 52.38 -5.81
CA LYS J 342 47.97 52.91 -5.63
C LYS J 342 48.78 52.64 -6.87
N GLU J 343 48.43 51.53 -7.55
CA GLU J 343 49.00 51.02 -8.75
C GLU J 343 48.69 51.92 -9.89
N SER J 344 47.98 53.03 -9.61
CA SER J 344 47.56 53.97 -10.60
C SER J 344 46.37 53.38 -11.28
N GLY J 345 45.73 52.38 -10.64
CA GLY J 345 44.54 51.85 -11.20
C GLY J 345 43.38 52.56 -10.58
N MET J 346 42.98 53.70 -11.19
CA MET J 346 41.83 54.42 -10.73
C MET J 346 41.97 54.77 -9.28
N ASN J 347 40.91 55.40 -8.75
CA ASN J 347 40.82 55.67 -7.34
C ASN J 347 39.66 54.86 -6.87
N ILE J 348 39.93 53.75 -6.15
CA ILE J 348 38.85 52.88 -5.77
C ILE J 348 38.52 53.11 -4.33
N VAL J 349 37.23 53.38 -4.06
CA VAL J 349 36.78 53.58 -2.70
C VAL J 349 35.64 52.64 -2.48
N ALA J 350 35.74 51.81 -1.45
CA ALA J 350 34.71 50.86 -1.15
C ALA J 350 33.72 51.51 -0.25
N SER J 351 32.67 50.75 0.07
CA SER J 351 31.73 51.18 1.06
C SER J 351 32.45 50.92 2.34
N ASP J 352 31.77 50.87 3.47
CA ASP J 352 32.55 50.54 4.62
C ASP J 352 32.77 49.06 4.83
N SER J 353 31.67 48.30 5.03
CA SER J 353 31.82 46.90 5.36
C SER J 353 31.34 46.13 4.19
N VAL J 354 32.24 45.96 3.23
CA VAL J 354 31.99 45.30 1.98
C VAL J 354 31.99 43.80 2.08
N ASN J 355 32.90 43.21 2.90
CA ASN J 355 33.04 41.79 2.81
C ASN J 355 33.95 41.35 3.89
N GLY J 356 35.17 40.92 3.48
CA GLY J 356 36.15 40.42 4.37
C GLY J 356 37.44 40.34 3.60
N LYS J 357 38.23 39.31 3.91
CA LYS J 357 39.54 39.08 3.38
C LYS J 357 39.45 37.98 2.36
N MET J 358 40.36 37.97 1.36
CA MET J 358 40.34 36.93 0.35
C MET J 358 41.74 36.64 -0.10
N THR J 359 41.97 35.44 -0.68
CA THR J 359 43.29 35.11 -1.15
C THR J 359 43.25 34.78 -2.61
N LEU J 360 43.98 35.54 -3.44
CA LEU J 360 44.09 35.23 -4.85
C LEU J 360 45.53 35.37 -5.24
N SER J 361 45.94 34.59 -6.27
CA SER J 361 47.27 34.70 -6.80
C SER J 361 47.15 34.58 -8.29
N LEU J 362 47.50 35.67 -9.02
CA LEU J 362 47.41 35.70 -10.45
C LEU J 362 48.72 36.17 -10.99
N LYS J 363 48.97 35.89 -12.29
CA LYS J 363 50.17 36.33 -12.91
C LYS J 363 49.82 36.76 -14.30
N ASP J 364 50.54 37.77 -14.82
CA ASP J 364 50.35 38.26 -16.16
C ASP J 364 48.93 38.64 -16.41
N VAL J 365 48.34 39.51 -15.56
CA VAL J 365 46.99 39.93 -15.81
C VAL J 365 46.86 41.39 -15.53
N PRO J 366 46.19 42.12 -16.38
CA PRO J 366 46.02 43.54 -16.16
C PRO J 366 45.19 43.71 -14.93
N TRP J 367 45.43 44.79 -14.16
CA TRP J 367 44.76 44.97 -12.91
C TRP J 367 43.28 45.04 -13.14
N ASP J 368 42.84 45.63 -14.27
CA ASP J 368 41.43 45.71 -14.51
C ASP J 368 40.86 44.34 -14.66
N GLN J 369 41.55 43.43 -15.38
CA GLN J 369 41.04 42.10 -15.55
C GLN J 369 41.04 41.37 -14.23
N ALA J 370 42.15 41.50 -13.47
CA ALA J 370 42.30 40.80 -12.23
C ALA J 370 41.19 41.26 -11.32
N LEU J 371 40.84 42.56 -11.41
CA LEU J 371 39.82 43.09 -10.57
C LEU J 371 38.54 42.34 -10.81
N ASP J 372 38.19 42.08 -12.09
CA ASP J 372 36.95 41.42 -12.36
C ASP J 372 37.01 40.04 -11.78
N LEU J 373 38.16 39.38 -11.90
CA LEU J 373 38.30 38.04 -11.42
C LEU J 373 38.15 38.08 -9.94
N VAL J 374 38.74 39.12 -9.31
CA VAL J 374 38.71 39.26 -7.88
C VAL J 374 37.29 39.38 -7.42
N MET J 375 36.48 40.13 -8.17
CA MET J 375 35.12 40.40 -7.77
C MET J 375 34.37 39.10 -7.66
N GLN J 376 34.57 38.21 -8.66
CA GLN J 376 33.87 36.96 -8.80
C GLN J 376 34.17 36.03 -7.67
N ALA J 377 35.41 36.08 -7.14
CA ALA J 377 35.86 35.11 -6.19
C ALA J 377 34.97 35.08 -4.98
N ARG J 378 34.56 36.27 -4.50
CA ARG J 378 33.68 36.30 -3.37
C ARG J 378 33.45 37.75 -3.14
N ASN J 379 34.31 38.54 -3.80
CA ASN J 379 34.38 39.95 -3.68
C ASN J 379 33.18 40.59 -4.30
N LEU J 380 33.25 41.94 -4.32
CA LEU J 380 32.19 42.83 -4.66
C LEU J 380 32.13 43.11 -6.13
N ASP J 381 31.10 43.90 -6.51
CA ASP J 381 30.90 44.39 -7.84
C ASP J 381 31.35 45.83 -7.80
N MET J 382 31.65 46.43 -8.96
CA MET J 382 32.18 47.78 -8.96
C MET J 382 31.31 48.69 -9.76
N ARG J 383 31.21 49.96 -9.30
CA ARG J 383 30.51 50.98 -10.03
C ARG J 383 31.46 52.11 -10.12
N GLN J 384 31.54 52.81 -11.26
CA GLN J 384 32.50 53.86 -11.34
C GLN J 384 31.80 55.17 -11.57
N GLN J 385 32.13 56.18 -10.73
CA GLN J 385 31.67 57.53 -10.86
C GLN J 385 32.38 58.14 -12.03
N GLY J 386 33.65 57.72 -12.25
CA GLY J 386 34.48 58.21 -13.32
C GLY J 386 35.84 58.48 -12.76
N ASN J 387 36.00 59.49 -11.89
CA ASN J 387 37.28 59.69 -11.28
C ASN J 387 37.45 58.68 -10.19
N ILE J 388 36.40 58.50 -9.38
CA ILE J 388 36.52 57.63 -8.25
C ILE J 388 35.55 56.51 -8.47
N VAL J 389 35.91 55.31 -7.98
CA VAL J 389 35.06 54.17 -8.17
C VAL J 389 34.60 53.67 -6.84
N ASN J 390 33.30 53.33 -6.76
CA ASN J 390 32.80 52.81 -5.53
C ASN J 390 32.50 51.36 -5.74
N ILE J 391 33.00 50.51 -4.81
CA ILE J 391 32.76 49.10 -4.89
C ILE J 391 31.96 48.72 -3.68
N ALA J 392 30.89 47.92 -3.89
CA ALA J 392 30.03 47.57 -2.81
C ALA J 392 29.78 46.10 -2.82
N PRO J 393 29.37 45.67 -1.66
CA PRO J 393 29.06 44.31 -1.31
C PRO J 393 27.86 43.81 -2.02
N ARG J 394 27.35 44.58 -3.01
CA ARG J 394 26.21 44.12 -3.75
C ARG J 394 26.67 42.87 -4.44
N ASP J 395 26.40 41.72 -3.79
CA ASP J 395 26.88 40.45 -4.29
C ASP J 395 25.83 39.43 -3.97
N GLU J 396 25.62 38.53 -4.92
CA GLU J 396 24.65 37.49 -4.76
C GLU J 396 25.03 36.58 -3.65
N LEU J 397 26.27 36.05 -3.70
CA LEU J 397 26.62 35.01 -2.79
C LEU J 397 26.75 35.38 -1.35
N LEU J 398 27.52 36.42 -1.00
CA LEU J 398 27.77 36.58 0.40
C LEU J 398 26.56 36.94 1.18
N ALA J 399 25.81 37.95 0.71
CA ALA J 399 24.73 38.40 1.52
C ALA J 399 23.76 37.28 1.68
N LYS J 400 23.40 36.62 0.57
CA LYS J 400 22.41 35.61 0.75
C LYS J 400 22.92 34.41 1.43
N ASP J 401 24.19 34.03 1.19
CA ASP J 401 24.69 32.79 1.73
C ASP J 401 24.55 32.85 3.21
N LYS J 402 24.94 33.99 3.78
CA LYS J 402 24.90 34.16 5.20
C LYS J 402 23.48 34.14 5.65
N ALA J 403 22.59 34.77 4.86
CA ALA J 403 21.20 34.82 5.21
C ALA J 403 20.67 33.43 5.24
N PHE J 404 21.11 32.57 4.31
CA PHE J 404 20.58 31.23 4.25
C PHE J 404 20.90 30.53 5.53
N LEU J 405 22.16 30.65 5.97
CA LEU J 405 22.57 29.94 7.14
C LEU J 405 21.78 30.45 8.28
N GLN J 406 21.49 31.75 8.28
CA GLN J 406 20.76 32.37 9.35
C GLN J 406 19.40 31.75 9.44
N ALA J 407 18.74 31.50 8.30
CA ALA J 407 17.40 30.98 8.32
C ALA J 407 17.38 29.60 8.89
N GLU J 408 16.41 29.36 9.80
CA GLU J 408 16.24 28.09 10.45
C GLU J 408 15.72 27.09 9.46
N LYS J 409 14.77 27.51 8.60
CA LYS J 409 14.16 26.59 7.70
C LYS J 409 15.15 26.15 6.67
N ASP J 410 15.09 24.86 6.32
CA ASP J 410 15.98 24.25 5.37
C ASP J 410 15.72 24.84 4.02
N ILE J 411 14.43 25.07 3.70
CA ILE J 411 14.08 25.58 2.42
C ILE J 411 14.69 26.94 2.29
N ALA J 412 14.70 27.70 3.40
CA ALA J 412 15.23 29.03 3.41
C ALA J 412 16.66 28.97 3.03
N ASP J 413 17.33 27.86 3.37
CA ASP J 413 18.73 27.71 3.04
C ASP J 413 18.82 27.88 1.55
N LEU J 414 17.75 27.54 0.81
CA LEU J 414 17.78 27.81 -0.59
C LEU J 414 16.96 29.05 -0.80
N GLY J 415 17.59 30.10 -1.36
CA GLY J 415 16.91 31.34 -1.60
C GLY J 415 17.85 32.14 -2.42
N ALA J 416 17.48 33.38 -2.82
CA ALA J 416 18.49 34.02 -3.62
C ALA J 416 18.28 35.48 -3.75
N LEU J 417 19.42 36.17 -3.86
CA LEU J 417 19.38 37.53 -4.28
C LEU J 417 19.56 37.40 -5.75
N TYR J 418 18.80 38.16 -6.55
CA TYR J 418 18.94 37.89 -7.95
C TYR J 418 19.03 39.21 -8.63
N SER J 419 19.36 39.18 -9.94
CA SER J 419 19.43 40.42 -10.66
C SER J 419 18.43 40.33 -11.76
N GLN J 420 17.76 41.45 -12.05
CA GLN J 420 16.79 41.41 -13.11
C GLN J 420 16.87 42.70 -13.84
N ASN J 421 16.47 42.71 -15.12
CA ASN J 421 16.52 43.91 -15.90
C ASN J 421 15.10 44.33 -16.16
N PHE J 422 14.80 45.62 -15.92
CA PHE J 422 13.48 46.11 -16.10
C PHE J 422 13.53 47.02 -17.30
N GLN J 423 12.68 46.77 -18.30
CA GLN J 423 12.67 47.61 -19.46
C GLN J 423 11.74 48.75 -19.11
N LEU J 424 12.06 49.99 -19.54
CA LEU J 424 11.17 51.10 -19.30
C LEU J 424 10.81 51.65 -20.65
N LYS J 425 9.63 51.28 -21.18
CA LYS J 425 9.27 51.77 -22.48
C LYS J 425 8.85 53.22 -22.48
N TYR J 426 7.83 53.54 -21.66
CA TYR J 426 7.18 54.82 -21.66
C TYR J 426 7.91 55.96 -21.00
N LYS J 427 8.55 55.73 -19.83
CA LYS J 427 9.08 56.86 -19.10
C LYS J 427 10.57 56.82 -19.03
N ASN J 428 11.18 57.98 -18.75
CA ASN J 428 12.60 58.06 -18.62
C ASN J 428 13.00 57.47 -17.30
N VAL J 429 14.16 56.80 -17.30
CA VAL J 429 14.65 56.04 -16.19
C VAL J 429 14.94 56.92 -15.02
N GLU J 430 15.51 58.11 -15.28
CA GLU J 430 15.95 59.01 -14.25
C GLU J 430 14.80 59.48 -13.42
N GLU J 431 13.60 59.59 -14.01
CA GLU J 431 12.47 60.11 -13.30
C GLU J 431 12.16 59.21 -12.14
N PHE J 432 12.37 57.90 -12.33
CA PHE J 432 12.12 56.88 -11.35
C PHE J 432 13.04 57.02 -10.17
N ARG J 433 14.24 57.61 -10.39
CA ARG J 433 15.29 57.58 -9.41
C ARG J 433 14.81 58.05 -8.07
N SER J 434 14.05 59.15 -7.99
CA SER J 434 13.67 59.66 -6.71
C SER J 434 12.93 58.61 -5.93
N ILE J 435 11.90 58.00 -6.55
CA ILE J 435 11.11 57.04 -5.84
C ILE J 435 11.91 55.83 -5.49
N LEU J 436 12.73 55.32 -6.45
CA LEU J 436 13.46 54.11 -6.22
C LEU J 436 14.45 54.31 -5.12
N ARG J 437 15.07 55.50 -5.06
CA ARG J 437 16.02 55.74 -4.03
C ARG J 437 15.34 55.65 -2.71
N LEU J 438 14.11 56.22 -2.63
CA LEU J 438 13.40 56.26 -1.39
C LEU J 438 13.05 54.88 -0.90
N ASP J 439 12.48 54.03 -1.77
CA ASP J 439 12.07 52.72 -1.31
C ASP J 439 13.28 51.91 -0.98
N ASN J 440 14.37 52.16 -1.70
CA ASN J 440 15.57 51.42 -1.51
C ASN J 440 16.08 51.73 -0.15
N ALA J 441 15.88 52.99 0.31
CA ALA J 441 16.41 53.28 1.61
C ALA J 441 15.44 52.82 2.62
N ASP J 442 15.59 51.54 3.04
CA ASP J 442 14.78 51.07 4.11
C ASP J 442 15.71 51.18 5.27
N THR J 443 16.40 52.34 5.31
CA THR J 443 17.32 52.70 6.33
C THR J 443 17.37 54.19 6.29
N THR J 444 18.04 54.83 7.27
CA THR J 444 18.10 56.26 7.22
C THR J 444 19.19 56.63 6.27
N GLY J 445 18.90 57.60 5.38
CA GLY J 445 19.90 58.05 4.45
C GLY J 445 19.29 59.20 3.73
N ASN J 446 19.94 60.38 3.83
CA ASN J 446 19.39 61.56 3.22
C ASN J 446 19.40 61.37 1.73
N ARG J 447 20.53 60.93 1.15
CA ARG J 447 20.52 60.77 -0.28
C ARG J 447 21.66 59.87 -0.64
N ASN J 448 21.37 58.62 -1.07
CA ASN J 448 22.43 57.72 -1.46
C ASN J 448 21.97 56.96 -2.67
N THR J 449 22.81 56.91 -3.72
CA THR J 449 22.46 56.13 -4.87
C THR J 449 22.50 54.69 -4.47
N LEU J 450 23.57 54.28 -3.76
CA LEU J 450 23.69 52.95 -3.27
C LEU J 450 22.87 52.94 -2.03
N ILE J 451 22.31 51.78 -1.63
CA ILE J 451 21.51 51.99 -0.47
C ILE J 451 21.56 50.81 0.43
N SER J 452 20.95 50.94 1.61
CA SER J 452 20.98 49.87 2.55
C SER J 452 19.88 48.91 2.26
N GLY J 453 19.53 48.11 3.27
CA GLY J 453 18.60 47.05 3.04
C GLY J 453 19.44 45.89 2.65
N ARG J 454 20.70 45.94 3.12
CA ARG J 454 21.68 44.92 2.93
C ARG J 454 21.98 44.62 1.50
N GLY J 455 22.51 45.61 0.76
CA GLY J 455 23.04 45.33 -0.56
C GLY J 455 22.04 45.36 -1.66
N SER J 456 21.07 46.30 -1.65
CA SER J 456 20.19 46.36 -2.78
C SER J 456 20.73 47.47 -3.66
N VAL J 457 20.67 47.30 -5.00
CA VAL J 457 21.21 48.34 -5.81
C VAL J 457 20.40 48.49 -7.04
N LEU J 458 20.32 49.73 -7.55
CA LEU J 458 19.65 49.98 -8.79
C LEU J 458 20.65 50.62 -9.69
N ILE J 459 20.74 50.14 -10.95
CA ILE J 459 21.69 50.70 -11.88
C ILE J 459 20.94 51.10 -13.10
N ASP J 460 21.35 52.23 -13.72
CA ASP J 460 20.66 52.72 -14.88
C ASP J 460 21.53 52.60 -16.09
N PRO J 461 21.13 51.72 -16.96
CA PRO J 461 21.80 51.63 -18.23
C PRO J 461 21.40 52.71 -19.19
N ALA J 462 22.25 52.95 -20.21
CA ALA J 462 22.11 53.98 -21.19
C ALA J 462 20.87 53.75 -22.02
N THR J 463 20.53 52.49 -22.34
CA THR J 463 19.40 52.33 -23.20
C THR J 463 18.16 52.30 -22.37
N ASN J 464 18.09 53.21 -21.37
CA ASN J 464 16.94 53.39 -20.53
C ASN J 464 16.33 52.11 -20.08
N THR J 465 17.10 51.28 -19.37
CA THR J 465 16.57 50.12 -18.75
C THR J 465 17.12 50.19 -17.37
N LEU J 466 16.45 49.58 -16.38
CA LEU J 466 16.97 49.60 -15.04
C LEU J 466 17.37 48.21 -14.68
N ILE J 467 18.50 48.05 -13.99
CA ILE J 467 18.91 46.74 -13.58
C ILE J 467 18.91 46.76 -12.10
N VAL J 468 18.27 45.78 -11.47
CA VAL J 468 18.30 45.81 -10.05
C VAL J 468 18.91 44.55 -9.55
N THR J 469 19.79 44.67 -8.54
CA THR J 469 20.43 43.54 -7.96
C THR J 469 20.12 43.56 -6.50
N ASP J 470 19.52 42.49 -5.97
CA ASP J 470 19.25 42.50 -4.56
C ASP J 470 18.46 41.27 -4.22
N THR J 471 17.84 41.29 -3.03
CA THR J 471 17.04 40.19 -2.57
C THR J 471 15.78 40.19 -3.37
N ARG J 472 15.13 39.02 -3.48
CA ARG J 472 13.95 38.88 -4.27
C ARG J 472 12.87 39.77 -3.75
N SER J 473 12.73 39.87 -2.42
CA SER J 473 11.65 40.66 -1.90
C SER J 473 11.84 42.08 -2.33
N VAL J 474 13.06 42.63 -2.17
CA VAL J 474 13.32 44.00 -2.49
C VAL J 474 13.15 44.20 -3.97
N ILE J 475 13.61 43.23 -4.80
CA ILE J 475 13.51 43.39 -6.22
C ILE J 475 12.07 43.42 -6.62
N GLU J 476 11.23 42.61 -5.98
CA GLU J 476 9.84 42.56 -6.33
C GLU J 476 9.25 43.92 -6.12
N LYS J 477 9.57 44.57 -4.99
CA LYS J 477 8.99 45.83 -4.67
C LYS J 477 9.37 46.81 -5.73
N PHE J 478 10.66 46.85 -6.10
CA PHE J 478 11.14 47.80 -7.05
C PHE J 478 10.47 47.58 -8.38
N ARG J 479 10.28 46.31 -8.79
CA ARG J 479 9.69 46.08 -10.07
C ARG J 479 8.28 46.60 -10.09
N LYS J 480 7.54 46.37 -9.00
CA LYS J 480 6.14 46.76 -8.99
C LYS J 480 6.04 48.23 -9.21
N LEU J 481 6.88 49.03 -8.53
CA LEU J 481 6.82 50.46 -8.66
C LEU J 481 7.19 50.90 -10.05
N ILE J 482 8.27 50.32 -10.62
CA ILE J 482 8.74 50.75 -11.90
C ILE J 482 7.68 50.50 -12.93
N ASP J 483 7.10 49.28 -12.93
CA ASP J 483 6.11 48.96 -13.92
C ASP J 483 4.92 49.82 -13.69
N GLU J 484 4.60 50.11 -12.41
CA GLU J 484 3.45 50.87 -12.11
C GLU J 484 3.57 52.23 -12.69
N LEU J 485 4.73 52.90 -12.53
CA LEU J 485 4.88 54.23 -13.07
C LEU J 485 4.86 54.19 -14.56
N ASP J 486 5.46 53.14 -15.15
CA ASP J 486 5.57 53.04 -16.57
C ASP J 486 4.21 52.97 -17.18
N VAL J 487 3.26 52.27 -16.55
CA VAL J 487 1.96 52.09 -17.15
C VAL J 487 1.28 53.42 -17.35
N PRO J 488 1.18 54.31 -16.40
CA PRO J 488 0.54 55.54 -16.71
C PRO J 488 1.25 56.34 -17.74
N ALA J 489 2.58 56.19 -17.84
CA ALA J 489 3.28 56.89 -18.88
C ALA J 489 2.75 56.32 -20.16
N GLN J 490 2.46 55.00 -20.12
CA GLN J 490 2.04 54.25 -21.26
C GLN J 490 0.77 54.81 -21.83
N GLN J 491 -0.20 55.20 -21.00
CA GLN J 491 -1.37 55.67 -21.66
C GLN J 491 -1.03 56.99 -22.26
N VAL J 492 -0.84 57.00 -23.59
CA VAL J 492 -0.48 58.21 -24.27
C VAL J 492 -1.75 58.76 -24.91
N MET J 493 -1.70 59.15 -26.11
N THR K 202 46.52 -7.85 10.49
CA THR K 202 46.84 -7.60 9.09
C THR K 202 46.19 -6.32 8.61
N ASN K 203 46.81 -5.68 7.61
CA ASN K 203 46.28 -4.44 7.05
C ASN K 203 47.10 -4.00 5.85
N ILE K 204 46.50 -3.15 5.01
CA ILE K 204 47.18 -2.65 3.82
C ILE K 204 47.35 -1.14 3.87
N ASP K 205 48.35 -0.63 3.16
CA ASP K 205 48.62 0.80 3.12
C ASP K 205 49.24 1.20 1.80
N PHE K 206 49.08 2.47 1.43
CA PHE K 206 49.62 2.99 0.18
C PHE K 206 50.36 4.31 0.42
N ARG K 207 51.40 4.55 -0.38
CA ARG K 207 52.19 5.77 -0.26
C ARG K 207 53.03 5.99 -1.50
N LYS K 208 53.37 7.24 -1.78
CA LYS K 208 54.19 7.59 -2.93
C LYS K 208 55.60 8.00 -2.51
N ASP K 209 56.59 7.66 -3.32
CA ASP K 209 57.97 8.00 -3.03
C ASP K 209 58.80 8.05 -4.31
N GLY K 210 60.11 8.24 -4.15
CA GLY K 210 60.99 8.31 -5.30
C GLY K 210 60.53 9.31 -6.34
N LYS K 211 60.11 8.81 -7.49
CA LYS K 211 59.63 9.68 -8.57
C LYS K 211 58.33 9.14 -9.17
N ASN K 212 57.20 9.51 -8.56
CA ASN K 212 55.90 9.06 -9.04
C ASN K 212 55.78 7.54 -8.94
N ALA K 213 56.21 6.99 -7.81
CA ALA K 213 56.15 5.55 -7.60
C ALA K 213 55.03 5.20 -6.62
N GLY K 214 54.34 4.09 -6.89
CA GLY K 214 53.26 3.67 -6.03
C GLY K 214 53.68 2.56 -5.07
N ILE K 215 53.93 2.91 -3.82
CA ILE K 215 54.34 1.95 -2.81
C ILE K 215 53.14 1.40 -2.06
N ILE K 216 53.14 0.09 -1.82
CA ILE K 216 52.05 -0.56 -1.10
C ILE K 216 52.57 -1.28 0.14
N GLU K 217 52.58 -0.58 1.27
CA GLU K 217 53.04 -1.16 2.52
C GLU K 217 51.97 -2.04 3.14
N LEU K 218 52.26 -3.35 3.23
CA LEU K 218 51.32 -4.29 3.80
C LEU K 218 51.80 -4.78 5.17
N ALA K 219 50.88 -4.86 6.13
CA ALA K 219 51.21 -5.31 7.47
C ALA K 219 50.91 -6.80 7.63
N ALA K 220 51.95 -7.60 7.76
CA ALA K 220 51.78 -9.05 7.93
C ALA K 220 52.21 -9.49 9.33
N LEU K 221 51.23 -9.65 10.21
CA LEU K 221 51.50 -10.06 11.58
C LEU K 221 51.23 -11.55 11.76
N GLY K 222 52.32 -12.32 11.95
CA GLY K 222 52.18 -13.75 12.13
C GLY K 222 52.71 -14.54 10.94
N PHE K 223 53.57 -13.91 10.16
CA PHE K 223 54.15 -14.56 8.98
C PHE K 223 55.65 -14.75 9.14
N ALA K 224 56.18 -15.81 8.54
CA ALA K 224 57.61 -16.10 8.62
C ALA K 224 58.26 -15.98 7.24
N GLY K 225 57.97 -16.93 6.37
CA GLY K 225 58.53 -16.91 5.03
C GLY K 225 58.04 -15.74 4.21
N GLN K 226 57.93 -15.95 2.90
CA GLN K 226 57.47 -14.90 2.00
C GLN K 226 56.29 -15.39 1.16
N PRO K 227 55.35 -14.46 0.87
CA PRO K 227 54.16 -14.78 0.09
C PRO K 227 54.49 -15.03 -1.38
N ASP K 228 53.46 -15.33 -2.18
CA ASP K 228 53.64 -15.60 -3.59
C ASP K 228 53.34 -14.35 -4.42
N ILE K 229 54.38 -13.70 -4.93
CA ILE K 229 54.22 -12.50 -5.74
C ILE K 229 53.97 -12.85 -7.20
N SER K 230 52.81 -12.46 -7.71
CA SER K 230 52.46 -12.72 -9.10
C SER K 230 52.23 -11.43 -9.86
N GLN K 231 53.25 -10.97 -10.57
CA GLN K 231 53.16 -9.74 -11.34
C GLN K 231 52.45 -9.98 -12.66
N GLN K 232 51.22 -9.47 -12.77
CA GLN K 232 50.43 -9.63 -13.99
C GLN K 232 50.38 -8.34 -14.79
N HIS K 233 49.90 -8.43 -16.03
CA HIS K 233 49.82 -7.26 -16.90
C HIS K 233 48.62 -6.39 -16.51
N ASP K 234 47.74 -6.94 -15.69
CA ASP K 234 46.55 -6.22 -15.25
C ASP K 234 46.72 -5.72 -13.81
N HIS K 235 46.88 -6.67 -12.88
CA HIS K 235 47.06 -6.32 -11.48
C HIS K 235 48.12 -7.21 -10.83
N ILE K 236 48.19 -7.16 -9.51
CA ILE K 236 49.16 -7.97 -8.77
C ILE K 236 48.45 -8.97 -7.86
N ILE K 237 49.17 -10.03 -7.49
CA ILE K 237 48.61 -11.06 -6.62
C ILE K 237 49.60 -11.43 -5.52
N VAL K 238 49.12 -11.44 -4.27
CA VAL K 238 49.97 -11.80 -3.14
C VAL K 238 49.22 -12.70 -2.17
N THR K 239 49.63 -13.96 -2.12
CA THR K 239 49.00 -14.94 -1.23
C THR K 239 49.88 -15.21 0.00
N LEU K 240 49.25 -15.28 1.16
CA LEU K 240 49.96 -15.54 2.40
C LEU K 240 49.38 -16.73 3.14
N LYS K 241 50.00 -17.89 2.98
CA LYS K 241 49.54 -19.11 3.62
C LYS K 241 49.50 -18.94 5.14
N ASN K 242 48.41 -19.39 5.76
CA ASN K 242 48.27 -19.30 7.20
C ASN K 242 48.23 -17.84 7.65
N HIS K 243 47.78 -16.96 6.74
CA HIS K 243 47.70 -15.54 7.05
C HIS K 243 46.28 -15.01 6.80
N THR K 244 45.32 -15.92 6.82
CA THR K 244 43.92 -15.55 6.60
C THR K 244 43.54 -14.32 7.41
N LEU K 245 43.23 -13.23 6.73
CA LEU K 245 42.84 -12.00 7.39
C LEU K 245 41.32 -11.85 7.43
N PRO K 246 40.82 -11.18 8.48
CA PRO K 246 39.39 -10.96 8.67
C PRO K 246 38.82 -9.97 7.66
N THR K 247 37.54 -10.09 7.37
CA THR K 247 36.87 -9.20 6.42
C THR K 247 36.85 -7.76 6.93
N THR K 248 37.17 -7.60 8.21
CA THR K 248 37.19 -6.27 8.82
C THR K 248 38.54 -5.59 8.61
N LEU K 249 39.39 -6.20 7.80
CA LEU K 249 40.71 -5.64 7.51
C LEU K 249 41.02 -5.73 6.02
N GLN K 250 40.02 -6.13 5.24
CA GLN K 250 40.20 -6.25 3.79
C GLN K 250 39.82 -4.95 3.09
N ARG K 251 39.90 -3.85 3.82
CA ARG K 251 39.57 -2.53 3.27
C ARG K 251 40.42 -2.24 2.03
N SER K 252 39.85 -1.47 1.11
CA SER K 252 40.55 -1.11 -0.12
C SER K 252 41.00 0.35 -0.09
N LEU K 253 41.89 0.70 -0.99
CA LEU K 253 42.41 2.07 -1.07
C LEU K 253 41.65 2.88 -2.12
N ASP K 254 41.85 4.20 -2.09
CA ASP K 254 41.18 5.08 -3.05
C ASP K 254 42.19 6.06 -3.66
N VAL K 255 43.38 5.57 -3.95
CA VAL K 255 44.43 6.40 -4.54
C VAL K 255 44.17 6.62 -6.02
N ALA K 256 43.06 7.28 -6.34
CA ALA K 256 42.70 7.56 -7.72
C ALA K 256 43.23 8.92 -8.15
N ASP K 257 43.80 8.98 -9.36
CA ASP K 257 44.34 10.23 -9.90
C ASP K 257 45.51 10.71 -9.05
N PHE K 258 46.30 9.77 -8.54
CA PHE K 258 47.45 10.09 -7.71
C PHE K 258 48.71 10.21 -8.57
N LYS K 259 48.54 10.11 -9.88
CA LYS K 259 49.67 10.21 -10.81
C LYS K 259 50.68 9.10 -10.55
N THR K 260 50.19 7.88 -10.38
CA THR K 260 51.05 6.73 -10.11
C THR K 260 50.65 5.54 -10.97
N PRO K 261 51.57 4.56 -11.11
CA PRO K 261 51.33 3.35 -11.89
C PRO K 261 50.32 2.43 -11.24
N VAL K 262 50.03 2.68 -9.97
CA VAL K 262 49.07 1.86 -9.22
C VAL K 262 47.67 2.48 -9.29
N GLN K 263 46.78 1.83 -10.03
CA GLN K 263 45.41 2.30 -10.16
C GLN K 263 44.74 2.43 -8.80
N LYS K 264 44.72 1.33 -8.06
CA LYS K 264 44.10 1.32 -6.73
C LYS K 264 44.35 -0.02 -6.03
N VAL K 265 44.63 0.04 -4.74
CA VAL K 265 44.89 -1.16 -3.95
C VAL K 265 43.58 -1.76 -3.43
N THR K 266 43.49 -3.08 -3.48
CA THR K 266 42.30 -3.78 -3.02
C THR K 266 42.67 -5.01 -2.20
N LEU K 267 42.15 -5.08 -0.98
CA LEU K 267 42.43 -6.21 -0.09
C LEU K 267 41.22 -7.13 0.00
N LYS K 268 41.47 -8.43 -0.08
CA LYS K 268 40.41 -9.44 0.00
C LYS K 268 40.85 -10.64 0.82
N ARG K 269 40.00 -11.07 1.74
CA ARG K 269 40.30 -12.22 2.58
C ARG K 269 40.11 -13.52 1.82
N LEU K 270 41.10 -14.40 1.88
CA LEU K 270 41.03 -15.68 1.19
C LEU K 270 40.56 -16.78 2.13
N ASN K 271 40.41 -17.99 1.60
CA ASN K 271 39.96 -19.12 2.39
C ASN K 271 40.78 -19.26 3.66
N ASN K 272 42.08 -19.55 3.49
CA ASN K 272 42.98 -19.71 4.64
C ASN K 272 44.18 -18.78 4.50
N ASP K 273 44.23 -18.04 3.40
CA ASP K 273 45.33 -17.11 3.15
C ASP K 273 44.81 -15.70 2.94
N THR K 274 45.71 -14.79 2.56
CA THR K 274 45.33 -13.39 2.33
C THR K 274 45.76 -12.94 0.95
N GLN K 275 44.79 -12.85 0.03
CA GLN K 275 45.06 -12.42 -1.34
C GLN K 275 45.03 -10.90 -1.44
N LEU K 276 45.92 -10.36 -2.26
CA LEU K 276 45.99 -8.91 -2.46
C LEU K 276 45.89 -8.56 -3.95
N ILE K 277 45.09 -7.54 -4.25
CA ILE K 277 44.90 -7.10 -5.63
C ILE K 277 45.32 -5.65 -5.81
N ILE K 278 46.43 -5.44 -6.52
CA ILE K 278 46.94 -4.10 -6.75
C ILE K 278 46.86 -3.74 -8.23
N THR K 279 45.71 -3.20 -8.64
CA THR K 279 45.50 -2.81 -10.03
C THR K 279 46.56 -1.82 -10.49
N THR K 280 47.03 -1.99 -11.73
CA THR K 280 48.05 -1.11 -12.28
C THR K 280 47.66 -0.64 -13.68
N ALA K 281 48.52 0.15 -14.30
CA ALA K 281 48.28 0.66 -15.64
C ALA K 281 49.58 0.90 -16.39
N GLY K 282 49.53 0.77 -17.72
CA GLY K 282 50.72 0.96 -18.53
C GLY K 282 51.88 0.13 -18.05
N ASN K 283 53.05 0.35 -18.66
CA ASN K 283 54.25 -0.39 -18.30
C ASN K 283 54.73 0.00 -16.90
N TRP K 284 55.10 -1.00 -16.10
CA TRP K 284 55.58 -0.75 -14.75
C TRP K 284 56.42 -1.93 -14.25
N GLU K 285 57.03 -1.75 -13.08
CA GLU K 285 57.87 -2.80 -12.50
C GLU K 285 57.54 -2.99 -11.01
N LEU K 286 57.55 -4.23 -10.57
CA LEU K 286 57.26 -4.55 -9.17
C LEU K 286 58.54 -4.78 -8.40
N VAL K 287 58.58 -4.27 -7.17
CA VAL K 287 59.76 -4.42 -6.31
C VAL K 287 59.35 -4.67 -4.87
N ASN K 288 59.57 -5.89 -4.39
CA ASN K 288 59.22 -6.25 -3.01
C ASN K 288 60.38 -5.95 -2.07
N LYS K 289 60.05 -5.46 -0.88
CA LYS K 289 61.06 -5.14 0.12
C LYS K 289 60.64 -5.64 1.50
N SER K 290 61.55 -6.33 2.18
CA SER K 290 61.28 -6.86 3.51
C SER K 290 62.18 -6.21 4.56
N ALA K 291 61.68 -5.15 5.17
CA ALA K 291 62.43 -4.43 6.19
C ALA K 291 62.45 -5.20 7.51
N ALA K 292 61.65 -6.27 7.57
CA ALA K 292 61.57 -7.09 8.77
C ALA K 292 60.63 -8.28 8.56
N PRO K 293 60.77 -9.30 9.42
CA PRO K 293 59.95 -10.51 9.34
C PRO K 293 58.50 -10.25 9.73
N GLY K 294 57.73 -9.68 8.81
CA GLY K 294 56.34 -9.38 9.06
C GLY K 294 55.84 -8.20 8.27
N TYR K 295 56.74 -7.29 7.94
CA TYR K 295 56.38 -6.09 7.19
C TYR K 295 56.73 -6.26 5.71
N PHE K 296 55.71 -6.24 4.86
CA PHE K 296 55.90 -6.39 3.43
C PHE K 296 55.65 -5.07 2.70
N THR K 297 56.36 -4.86 1.60
CA THR K 297 56.21 -3.64 0.81
C THR K 297 56.30 -3.93 -0.68
N PHE K 298 55.64 -3.11 -1.48
CA PHE K 298 55.65 -3.27 -2.93
C PHE K 298 55.84 -1.93 -3.63
N GLN K 299 57.04 -1.70 -4.14
CA GLN K 299 57.35 -0.46 -4.84
C GLN K 299 56.97 -0.55 -6.31
N VAL K 300 55.81 -0.04 -6.66
CA VAL K 300 55.33 -0.06 -8.04
C VAL K 300 55.81 1.16 -8.81
N LEU K 301 56.87 0.99 -9.60
CA LEU K 301 57.43 2.08 -10.39
C LEU K 301 57.01 1.97 -11.85
N PHE K 319 41.87 28.34 -41.55
CA PHE K 319 41.69 26.89 -41.33
C PHE K 319 42.39 26.14 -42.41
N THR K 320 43.71 26.30 -42.50
CA THR K 320 44.47 25.53 -43.44
C THR K 320 45.88 25.80 -43.08
N GLY K 321 46.67 24.74 -42.81
CA GLY K 321 48.00 25.05 -42.39
C GLY K 321 48.90 23.90 -42.68
N ARG K 322 50.19 24.10 -42.35
CA ARG K 322 51.21 23.13 -42.59
C ARG K 322 50.92 21.94 -41.70
N LYS K 323 51.41 20.75 -42.11
CA LYS K 323 51.18 19.59 -41.31
C LYS K 323 52.18 19.60 -40.20
N ILE K 324 51.76 19.23 -38.98
CA ILE K 324 52.65 19.15 -37.86
C ILE K 324 52.24 17.96 -37.04
N SER K 325 53.12 17.47 -36.15
CA SER K 325 52.69 16.46 -35.22
C SER K 325 52.72 17.13 -33.90
N LEU K 326 51.59 17.12 -33.15
CA LEU K 326 51.61 17.84 -31.91
C LEU K 326 51.73 16.90 -30.76
N ASP K 327 52.88 16.99 -30.06
CA ASP K 327 53.07 16.16 -28.90
C ASP K 327 53.30 17.07 -27.75
N PHE K 328 52.32 17.19 -26.83
CA PHE K 328 52.53 18.03 -25.69
C PHE K 328 52.26 17.19 -24.48
N GLN K 329 53.27 17.00 -23.61
CA GLN K 329 53.06 16.19 -22.45
C GLN K 329 52.97 17.07 -21.26
N ASP K 330 51.78 17.08 -20.65
CA ASP K 330 51.47 17.81 -19.46
C ASP K 330 52.01 19.20 -19.56
N VAL K 331 51.49 19.99 -20.53
CA VAL K 331 51.97 21.34 -20.68
C VAL K 331 50.81 22.27 -20.66
N GLU K 332 51.05 23.55 -20.28
CA GLU K 332 49.98 24.49 -20.22
C GLU K 332 49.49 24.72 -21.61
N ILE K 333 48.18 24.90 -21.75
CA ILE K 333 47.55 25.14 -23.02
C ILE K 333 48.12 26.41 -23.55
N ARG K 334 48.42 27.34 -22.63
CA ARG K 334 48.93 28.62 -23.04
C ARG K 334 50.21 28.43 -23.77
N THR K 335 51.08 27.53 -23.29
CA THR K 335 52.34 27.29 -23.92
C THR K 335 52.08 26.67 -25.26
N ILE K 336 51.13 25.73 -25.35
CA ILE K 336 50.85 25.11 -26.60
C ILE K 336 50.37 26.14 -27.56
N LEU K 337 49.65 27.14 -27.05
CA LEU K 337 49.14 28.21 -27.85
C LEU K 337 50.30 28.96 -28.46
N GLN K 338 51.33 29.28 -27.65
CA GLN K 338 52.47 30.05 -28.07
C GLN K 338 53.24 29.26 -29.08
N ILE K 339 53.42 27.96 -28.82
CA ILE K 339 54.25 27.11 -29.62
C ILE K 339 53.71 27.09 -31.01
N LEU K 340 52.39 26.98 -31.15
CA LEU K 340 51.76 26.93 -32.43
C LEU K 340 51.99 28.21 -33.17
N ALA K 341 51.91 29.35 -32.45
CA ALA K 341 52.09 30.65 -33.05
C ALA K 341 53.48 30.75 -33.58
N LYS K 342 54.46 30.21 -32.81
CA LYS K 342 55.85 30.26 -33.13
C LYS K 342 56.07 29.49 -34.41
N GLU K 343 55.22 28.48 -34.62
CA GLU K 343 55.17 27.57 -35.74
C GLU K 343 54.74 28.30 -36.95
N SER K 344 54.52 29.62 -36.84
CA SER K 344 54.06 30.44 -37.91
C SER K 344 52.60 30.20 -38.06
N GLY K 345 51.97 29.63 -37.02
CA GLY K 345 50.55 29.47 -37.05
C GLY K 345 49.93 30.65 -36.38
N MET K 346 49.67 31.72 -37.17
CA MET K 346 49.00 32.88 -36.66
C MET K 346 49.73 33.42 -35.46
N ASN K 347 49.13 34.48 -34.87
CA ASN K 347 49.62 35.02 -33.64
C ASN K 347 48.51 34.78 -32.66
N ILE K 348 48.70 33.80 -31.75
CA ILE K 348 47.62 33.46 -30.86
C ILE K 348 47.87 34.05 -29.52
N VAL K 349 46.89 34.82 -29.01
CA VAL K 349 47.00 35.40 -27.71
C VAL K 349 45.80 35.00 -26.93
N ALA K 350 46.01 34.40 -25.76
CA ALA K 350 44.92 33.95 -24.94
C ALA K 350 44.53 35.07 -24.04
N SER K 351 43.48 34.82 -23.24
CA SER K 351 43.10 35.73 -22.22
C SER K 351 44.12 35.47 -21.15
N ASP K 352 43.87 35.88 -19.91
CA ASP K 352 44.88 35.50 -18.97
C ASP K 352 44.74 34.11 -18.41
N SER K 353 43.61 33.85 -17.71
CA SER K 353 43.47 32.58 -17.05
C SER K 353 42.41 31.82 -17.76
N VAL K 354 42.84 31.16 -18.84
CA VAL K 354 42.01 30.42 -19.72
C VAL K 354 41.63 29.07 -19.21
N ASN K 355 42.55 28.35 -18.52
CA ASN K 355 42.26 26.99 -18.23
C ASN K 355 43.32 26.46 -17.34
N GLY K 356 44.15 25.56 -17.91
CA GLY K 356 45.21 24.92 -17.21
C GLY K 356 46.06 24.24 -18.22
N LYS K 357 46.60 23.07 -17.85
CA LYS K 357 47.53 22.29 -18.62
C LYS K 357 46.79 21.13 -19.21
N MET K 358 47.26 20.61 -20.37
CA MET K 358 46.59 19.48 -20.98
C MET K 358 47.62 18.63 -21.68
N THR K 359 47.29 17.33 -21.94
CA THR K 359 48.22 16.47 -22.62
C THR K 359 47.58 15.91 -23.85
N LEU K 360 48.17 16.19 -25.03
CA LEU K 360 47.71 15.61 -26.26
C LEU K 360 48.89 15.14 -27.05
N SER K 361 48.69 14.09 -27.87
CA SER K 361 49.73 13.62 -28.74
C SER K 361 49.08 13.28 -30.04
N LEU K 362 49.45 14.01 -31.13
CA LEU K 362 48.88 13.80 -32.43
C LEU K 362 50.00 13.67 -33.40
N LYS K 363 49.70 13.08 -34.57
CA LYS K 363 50.69 12.93 -35.60
C LYS K 363 50.01 13.19 -36.92
N ASP K 364 50.76 13.77 -37.86
CA ASP K 364 50.28 14.04 -39.19
C ASP K 364 49.01 14.84 -39.16
N VAL K 365 49.02 16.00 -38.48
CA VAL K 365 47.84 16.83 -38.47
C VAL K 365 48.23 18.27 -38.61
N PRO K 366 47.54 19.01 -39.43
CA PRO K 366 47.86 20.40 -39.60
C PRO K 366 47.58 21.09 -38.29
N TRP K 367 48.37 22.14 -37.96
CA TRP K 367 48.25 22.78 -36.69
C TRP K 367 46.87 23.33 -36.53
N ASP K 368 46.24 23.81 -37.62
CA ASP K 368 44.92 24.34 -37.51
C ASP K 368 43.98 23.26 -37.09
N GLN K 369 44.10 22.05 -37.67
CA GLN K 369 43.20 20.98 -37.30
C GLN K 369 43.45 20.56 -35.89
N ALA K 370 44.74 20.43 -35.50
CA ALA K 370 45.10 19.97 -34.20
C ALA K 370 44.56 20.95 -33.22
N LEU K 371 44.57 22.24 -33.58
CA LEU K 371 44.09 23.26 -32.69
C LEU K 371 42.66 22.98 -32.37
N ASP K 372 41.83 22.63 -33.37
CA ASP K 372 40.44 22.41 -33.10
C ASP K 372 40.30 21.24 -32.17
N LEU K 373 41.12 20.20 -32.41
CA LEU K 373 41.03 19.01 -31.61
C LEU K 373 41.42 19.38 -30.22
N VAL K 374 42.45 20.24 -30.09
CA VAL K 374 42.96 20.65 -28.81
C VAL K 374 41.88 21.34 -28.06
N MET K 375 41.10 22.19 -28.74
CA MET K 375 40.09 22.99 -28.10
C MET K 375 39.10 22.09 -27.43
N GLN K 376 38.69 21.02 -28.14
CA GLN K 376 37.65 20.10 -27.72
C GLN K 376 38.06 19.35 -26.49
N ALA K 377 39.36 19.05 -26.34
CA ALA K 377 39.83 18.19 -25.30
C ALA K 377 39.44 18.70 -23.95
N ARG K 378 39.56 20.02 -23.74
CA ARG K 378 39.18 20.58 -22.48
C ARG K 378 39.45 22.03 -22.63
N ASN K 379 40.22 22.33 -23.69
CA ASN K 379 40.71 23.62 -24.01
C ASN K 379 39.61 24.51 -24.45
N LEU K 380 40.03 25.71 -24.88
CA LEU K 380 39.21 26.85 -25.18
C LEU K 380 38.74 26.85 -26.60
N ASP K 381 37.90 27.86 -26.91
CA ASP K 381 37.40 28.15 -28.21
C ASP K 381 38.22 29.30 -28.72
N MET K 382 38.27 29.54 -30.04
CA MET K 382 39.11 30.57 -30.57
C MET K 382 38.31 31.57 -31.34
N ARG K 383 38.73 32.85 -31.25
CA ARG K 383 38.14 33.89 -32.05
C ARG K 383 39.29 34.58 -32.71
N GLN K 384 39.15 34.97 -33.98
CA GLN K 384 40.28 35.58 -34.61
C GLN K 384 39.93 36.99 -35.01
N GLN K 385 40.81 37.94 -34.63
CA GLN K 385 40.73 39.32 -35.01
C GLN K 385 41.13 39.41 -36.45
N GLY K 386 42.08 38.53 -36.87
CA GLY K 386 42.58 38.49 -38.21
C GLY K 386 44.07 38.35 -38.14
N ASN K 387 44.80 39.39 -37.66
CA ASN K 387 46.21 39.22 -37.50
C ASN K 387 46.46 38.44 -36.24
N ILE K 388 45.75 38.81 -35.17
CA ILE K 388 45.99 38.17 -33.91
C ILE K 388 44.74 37.45 -33.54
N VAL K 389 44.89 36.32 -32.83
CA VAL K 389 43.76 35.55 -32.45
C VAL K 389 43.65 35.49 -30.97
N ASN K 390 42.42 35.67 -30.44
CA ASN K 390 42.25 35.60 -29.03
C ASN K 390 41.50 34.34 -28.73
N ILE K 391 42.03 33.56 -27.76
CA ILE K 391 41.39 32.34 -27.36
C ILE K 391 40.99 32.50 -25.93
N ALA K 392 39.74 32.10 -25.61
CA ALA K 392 39.24 32.30 -24.29
C ALA K 392 38.59 31.04 -23.80
N PRO K 393 38.51 31.01 -22.50
CA PRO K 393 37.98 29.95 -21.71
C PRO K 393 36.52 29.78 -21.90
N ARG K 394 35.92 30.49 -22.89
CA ARG K 394 34.52 30.33 -23.15
C ARG K 394 34.35 28.89 -23.53
N ASP K 395 34.01 28.05 -22.53
CA ASP K 395 33.91 26.64 -22.74
C ASP K 395 32.81 26.14 -21.88
N GLU K 396 32.03 25.19 -22.45
CA GLU K 396 30.93 24.62 -21.74
C GLU K 396 31.41 23.87 -20.55
N LEU K 397 32.35 22.94 -20.76
CA LEU K 397 32.68 22.02 -19.72
C LEU K 397 33.40 22.59 -18.54
N LEU K 398 34.50 23.33 -18.72
CA LEU K 398 35.25 23.65 -17.54
C LEU K 398 34.54 24.56 -16.62
N ALA K 399 33.98 25.66 -17.15
CA ALA K 399 33.41 26.61 -16.24
C ALA K 399 32.29 25.95 -15.52
N LYS K 400 31.40 25.27 -16.26
CA LYS K 400 30.29 24.74 -15.54
C LYS K 400 30.65 23.58 -14.70
N ASP K 401 31.60 22.74 -15.14
CA ASP K 401 31.88 21.53 -14.41
C ASP K 401 32.28 21.91 -13.03
N LYS K 402 33.16 22.92 -12.94
CA LYS K 402 33.65 23.35 -11.68
C LYS K 402 32.52 23.92 -10.88
N ALA K 403 31.63 24.68 -11.55
CA ALA K 403 30.52 25.28 -10.88
C ALA K 403 29.67 24.21 -10.31
N PHE K 404 29.49 23.08 -11.03
CA PHE K 404 28.63 22.03 -10.56
C PHE K 404 29.16 21.52 -9.26
N LEU K 405 30.48 21.26 -9.22
CA LEU K 405 31.05 20.68 -8.05
C LEU K 405 30.87 21.65 -6.93
N GLN K 406 30.98 22.95 -7.24
CA GLN K 406 30.87 23.97 -6.25
C GLN K 406 29.50 23.91 -5.62
N ALA K 407 28.45 23.70 -6.44
CA ALA K 407 27.12 23.71 -5.91
C ALA K 407 26.91 22.56 -4.98
N GLU K 408 26.29 22.85 -3.82
CA GLU K 408 25.99 21.87 -2.81
C GLU K 408 24.91 20.96 -3.29
N LYS K 409 23.87 21.52 -3.95
CA LYS K 409 22.76 20.72 -4.35
C LYS K 409 23.17 19.78 -5.43
N ASP K 410 22.64 18.54 -5.37
CA ASP K 410 22.94 17.50 -6.29
C ASP K 410 22.41 17.88 -7.63
N ILE K 411 21.21 18.48 -7.67
CA ILE K 411 20.60 18.85 -8.90
C ILE K 411 21.47 19.85 -9.57
N ALA K 412 22.08 20.74 -8.78
CA ALA K 412 22.92 21.78 -9.29
C ALA K 412 24.07 21.14 -10.01
N ASP K 413 24.48 19.95 -9.54
CA ASP K 413 25.56 19.25 -10.16
C ASP K 413 25.19 19.10 -11.61
N LEU K 414 23.88 19.03 -11.90
CA LEU K 414 23.49 18.99 -13.28
C LEU K 414 23.04 20.39 -13.62
N GLY K 415 23.71 21.02 -14.61
CA GLY K 415 23.36 22.36 -15.01
C GLY K 415 24.14 22.59 -16.25
N ALA K 416 24.03 23.79 -16.88
CA ALA K 416 24.83 23.86 -18.06
C ALA K 416 25.01 25.26 -18.55
N LEU K 417 26.19 25.45 -19.16
CA LEU K 417 26.38 26.64 -19.93
C LEU K 417 26.00 26.18 -21.29
N TYR K 418 25.26 26.99 -22.05
CA TYR K 418 24.82 26.44 -23.29
C TYR K 418 25.04 27.48 -24.33
N SER K 419 24.87 27.10 -25.61
CA SER K 419 25.04 28.06 -26.65
C SER K 419 23.74 28.13 -27.37
N GLN K 420 23.35 29.34 -27.79
CA GLN K 420 22.11 29.46 -28.50
C GLN K 420 22.30 30.48 -29.56
N ASN K 421 21.50 30.38 -30.65
CA ASN K 421 21.60 31.32 -31.72
C ASN K 421 20.36 32.16 -31.72
N PHE K 422 20.54 33.49 -31.79
CA PHE K 422 19.43 34.38 -31.75
C PHE K 422 19.31 34.97 -33.13
N GLN K 423 18.13 34.85 -33.75
CA GLN K 423 17.95 35.42 -35.06
C GLN K 423 17.56 36.85 -34.82
N LEU K 424 18.05 37.79 -35.66
CA LEU K 424 17.65 39.18 -35.54
C LEU K 424 17.01 39.55 -36.84
N LYS K 425 15.66 39.54 -36.91
CA LYS K 425 15.04 39.87 -38.15
C LYS K 425 15.06 41.34 -38.46
N TYR K 426 14.52 42.15 -37.54
CA TYR K 426 14.30 43.57 -37.74
C TYR K 426 15.49 44.47 -37.65
N LYS K 427 16.40 44.24 -36.68
CA LYS K 427 17.44 45.22 -36.48
C LYS K 427 18.79 44.66 -36.79
N ASN K 428 19.76 45.57 -37.02
CA ASN K 428 21.11 45.16 -37.31
C ASN K 428 21.75 44.72 -36.02
N VAL K 429 22.60 43.69 -36.13
CA VAL K 429 23.22 43.03 -35.02
C VAL K 429 24.13 43.95 -34.28
N GLU K 430 24.87 44.80 -35.01
CA GLU K 430 25.88 45.65 -34.44
C GLU K 430 25.26 46.65 -33.52
N GLU K 431 24.02 47.07 -33.77
CA GLU K 431 23.39 48.08 -32.97
C GLU K 431 23.25 47.58 -31.56
N PHE K 432 23.01 46.27 -31.41
CA PHE K 432 22.84 45.61 -30.14
C PHE K 432 24.11 45.63 -29.34
N ARG K 433 25.27 45.70 -30.02
CA ARG K 433 26.55 45.49 -29.40
C ARG K 433 26.71 46.34 -28.17
N SER K 434 26.36 47.62 -28.23
CA SER K 434 26.60 48.48 -27.09
C SER K 434 25.92 47.92 -25.88
N ILE K 435 24.61 47.61 -25.99
CA ILE K 435 23.87 47.15 -24.86
C ILE K 435 24.38 45.82 -24.40
N LEU K 436 24.64 44.89 -25.34
CA LEU K 436 25.03 43.56 -24.97
C LEU K 436 26.35 43.59 -24.28
N ARG K 437 27.26 44.47 -24.72
CA ARG K 437 28.55 44.54 -24.11
C ARG K 437 28.36 44.97 -22.68
N LEU K 438 27.44 45.92 -22.45
CA LEU K 438 27.24 46.46 -21.13
C LEU K 438 26.72 45.41 -20.20
N ASP K 439 25.67 44.67 -20.60
CA ASP K 439 25.09 43.71 -19.68
C ASP K 439 26.06 42.60 -19.46
N ASN K 440 26.87 42.29 -20.49
CA ASN K 440 27.79 41.22 -20.42
C ASN K 440 28.81 41.58 -19.38
N ALA K 441 29.14 42.89 -19.27
CA ALA K 441 30.14 43.21 -18.30
C ALA K 441 29.48 43.32 -16.98
N ASP K 442 29.41 42.18 -16.27
CA ASP K 442 28.92 42.24 -14.93
C ASP K 442 30.19 42.22 -14.14
N THR K 443 31.14 43.04 -14.62
CA THR K 443 32.43 43.24 -14.03
C THR K 443 32.86 44.58 -14.51
N THR K 444 33.98 45.10 -13.97
CA THR K 444 34.41 46.38 -14.45
C THR K 444 35.16 46.16 -15.71
N GLY K 445 34.88 46.98 -16.74
CA GLY K 445 35.57 46.86 -17.99
C GLY K 445 35.10 48.00 -18.83
N ASN K 446 36.05 48.87 -19.25
CA ASN K 446 35.67 50.02 -20.01
C ASN K 446 35.11 49.58 -21.32
N ARG K 447 35.80 48.65 -22.03
CA ARG K 447 35.27 48.25 -23.30
C ARG K 447 35.92 46.95 -23.67
N ASN K 448 35.16 45.83 -23.62
CA ASN K 448 35.72 44.56 -24.00
C ASN K 448 34.67 43.80 -24.76
N THR K 449 35.06 43.26 -25.94
CA THR K 449 34.13 42.46 -26.68
C THR K 449 33.90 41.19 -25.90
N LEU K 450 35.00 40.57 -25.42
CA LEU K 450 34.90 39.39 -24.61
C LEU K 450 34.58 39.91 -23.25
N ILE K 451 33.90 39.13 -22.39
CA ILE K 451 33.64 39.83 -21.18
C ILE K 451 33.67 38.89 -20.03
N SER K 452 33.56 39.45 -18.81
CA SER K 452 33.60 38.63 -17.64
C SER K 452 32.25 38.09 -17.35
N GLY K 453 32.06 37.68 -16.09
CA GLY K 453 30.85 37.00 -15.75
C GLY K 453 31.16 35.57 -15.99
N ARG K 454 32.46 35.25 -15.90
CA ARG K 454 32.98 33.92 -16.04
C ARG K 454 32.68 33.27 -17.36
N GLY K 455 33.17 33.86 -18.46
CA GLY K 455 33.12 33.17 -19.72
C GLY K 455 31.85 33.35 -20.49
N SER K 456 31.24 34.55 -20.49
CA SER K 456 30.09 34.71 -21.32
C SER K 456 30.57 35.36 -22.59
N VAL K 457 30.02 34.98 -23.76
CA VAL K 457 30.52 35.59 -24.96
C VAL K 457 29.41 35.78 -25.92
N LEU K 458 29.51 36.86 -26.72
CA LEU K 458 28.55 37.09 -27.76
C LEU K 458 29.32 37.15 -29.04
N ILE K 459 28.83 36.44 -30.08
CA ILE K 459 29.52 36.45 -31.35
C ILE K 459 28.54 36.85 -32.40
N ASP K 460 29.01 37.62 -33.40
CA ASP K 460 28.12 38.10 -34.43
C ASP K 460 28.46 37.44 -35.73
N PRO K 461 27.56 36.63 -36.18
CA PRO K 461 27.69 36.06 -37.49
C PRO K 461 27.30 37.02 -38.59
N ALA K 462 27.79 36.74 -39.82
CA ALA K 462 27.60 37.55 -40.97
C ALA K 462 26.15 37.63 -41.36
N THR K 463 25.39 36.54 -41.19
CA THR K 463 24.03 36.63 -41.64
C THR K 463 23.19 37.20 -40.55
N ASN K 464 23.72 38.24 -39.87
CA ASN K 464 23.03 38.98 -38.85
C ASN K 464 22.28 38.10 -37.90
N THR K 465 23.00 37.21 -37.22
CA THR K 465 22.40 36.45 -36.15
C THR K 465 23.39 36.57 -35.05
N LEU K 466 22.96 36.44 -33.79
CA LEU K 466 23.89 36.53 -32.70
C LEU K 466 23.98 35.18 -32.07
N ILE K 467 25.19 34.76 -31.69
CA ILE K 467 25.33 33.49 -31.04
C ILE K 467 25.85 33.78 -29.68
N VAL K 468 25.21 33.23 -28.64
CA VAL K 468 25.75 33.52 -27.35
C VAL K 468 26.10 32.24 -26.69
N THR K 469 27.28 32.23 -26.02
CA THR K 469 27.74 31.07 -25.33
C THR K 469 27.97 31.47 -23.92
N ASP K 470 27.31 30.80 -22.96
CA ASP K 470 27.55 31.18 -21.59
C ASP K 470 26.61 30.40 -20.71
N THR K 471 26.47 30.86 -19.46
CA THR K 471 25.62 30.23 -18.51
C THR K 471 24.21 30.53 -18.91
N ARG K 472 23.27 29.67 -18.50
CA ARG K 472 21.89 29.81 -18.88
C ARG K 472 21.35 31.11 -18.38
N SER K 473 21.70 31.50 -17.14
CA SER K 473 21.15 32.71 -16.61
C SER K 473 21.56 33.86 -17.47
N VAL K 474 22.86 33.95 -17.81
CA VAL K 474 23.36 35.05 -18.57
C VAL K 474 22.76 35.01 -19.95
N ILE K 475 22.63 33.82 -20.55
CA ILE K 475 22.09 33.73 -21.87
C ILE K 475 20.67 34.19 -21.88
N GLU K 476 19.91 33.87 -20.82
CA GLU K 476 18.52 34.26 -20.77
C GLU K 476 18.45 35.75 -20.81
N LYS K 477 19.31 36.44 -20.05
CA LYS K 477 19.25 37.87 -19.97
C LYS K 477 19.50 38.43 -21.33
N PHE K 478 20.54 37.94 -22.01
CA PHE K 478 20.91 38.45 -23.30
C PHE K 478 19.79 38.24 -24.28
N ARG K 479 19.13 37.07 -24.24
CA ARG K 479 18.09 36.83 -25.19
C ARG K 479 16.97 37.81 -24.99
N LYS K 480 16.61 38.07 -23.73
CA LYS K 480 15.47 38.92 -23.47
C LYS K 480 15.71 40.26 -24.07
N LEU K 481 16.93 40.82 -23.90
CA LEU K 481 17.23 42.12 -24.42
C LEU K 481 17.20 42.14 -25.92
N ILE K 482 17.81 41.12 -26.56
CA ILE K 482 17.91 41.10 -27.99
C ILE K 482 16.53 41.06 -28.58
N ASP K 483 15.68 40.15 -28.08
CA ASP K 483 14.36 40.02 -28.63
C ASP K 483 13.61 41.29 -28.36
N GLU K 484 13.85 41.89 -27.19
CA GLU K 484 13.12 43.06 -26.82
C GLU K 484 13.43 44.16 -27.79
N LEU K 485 14.70 44.38 -28.14
CA LEU K 485 15.02 45.45 -29.06
C LEU K 485 14.47 45.13 -30.41
N ASP K 486 14.52 43.85 -30.81
CA ASP K 486 14.11 43.46 -32.12
C ASP K 486 12.65 43.76 -32.30
N VAL K 487 11.82 43.58 -31.26
CA VAL K 487 10.41 43.77 -31.43
C VAL K 487 10.09 45.19 -31.82
N PRO K 488 10.59 46.22 -31.18
CA PRO K 488 10.25 47.52 -31.65
C PRO K 488 10.76 47.80 -33.02
N ALA K 489 11.86 47.17 -33.42
CA ALA K 489 12.33 47.36 -34.76
C ALA K 489 11.26 46.79 -35.64
N GLN K 490 10.64 45.70 -35.14
CA GLN K 490 9.67 44.94 -35.86
C GLN K 490 8.48 45.79 -36.21
N GLN K 491 8.01 46.66 -35.30
CA GLN K 491 6.86 47.39 -35.74
C GLN K 491 7.33 48.37 -36.77
N VAL K 492 7.05 48.05 -38.05
CA VAL K 492 7.47 48.91 -39.11
C VAL K 492 6.27 49.74 -39.53
N MET K 493 6.01 49.85 -40.76
N THR L 202 43.13 -21.82 -0.28
CA THR L 202 43.00 -21.96 -1.71
C THR L 202 42.61 -20.65 -2.37
N ASN L 203 42.99 -20.48 -3.63
CA ASN L 203 42.68 -19.25 -4.37
C ASN L 203 43.12 -19.37 -5.81
N ILE L 204 42.54 -18.54 -6.67
CA ILE L 204 42.87 -18.54 -8.09
C ILE L 204 43.47 -17.21 -8.53
N ASP L 205 44.26 -17.23 -9.60
CA ASP L 205 44.89 -16.02 -10.11
C ASP L 205 45.11 -16.13 -11.62
N PHE L 206 45.18 -14.97 -12.27
CA PHE L 206 45.39 -14.93 -13.72
C PHE L 206 46.49 -13.94 -14.08
N ARG L 207 47.22 -14.24 -15.15
CA ARG L 207 48.31 -13.39 -15.61
C ARG L 207 48.71 -13.72 -17.05
N LYS L 208 49.26 -12.75 -17.75
CA LYS L 208 49.69 -12.94 -19.12
C LYS L 208 51.22 -12.98 -19.22
N ASP L 209 51.73 -13.80 -20.13
CA ASP L 209 53.17 -13.92 -20.32
C ASP L 209 53.49 -14.41 -21.73
N GLY L 210 54.77 -14.67 -21.99
CA GLY L 210 55.17 -15.15 -23.30
C GLY L 210 54.69 -14.25 -24.42
N LYS L 211 53.77 -14.78 -25.23
CA LYS L 211 53.21 -14.02 -26.34
C LYS L 211 51.70 -14.16 -26.40
N ASN L 212 51.00 -13.31 -25.66
CA ASN L 212 49.55 -13.34 -25.62
C ASN L 212 49.04 -14.67 -25.06
N ALA L 213 49.66 -15.12 -23.97
CA ALA L 213 49.28 -16.37 -23.34
C ALA L 213 48.52 -16.11 -22.05
N GLY L 214 47.49 -16.93 -21.79
CA GLY L 214 46.70 -16.77 -20.58
C GLY L 214 47.10 -17.76 -19.50
N ILE L 215 47.85 -17.29 -18.51
CA ILE L 215 48.30 -18.12 -17.42
C ILE L 215 47.33 -18.06 -16.24
N ILE L 216 47.05 -19.22 -15.64
CA ILE L 216 46.14 -19.29 -14.51
C ILE L 216 46.82 -19.91 -13.30
N GLU L 217 47.42 -19.06 -12.47
CA GLU L 217 48.10 -19.51 -11.26
C GLU L 217 47.10 -19.83 -10.15
N LEU L 218 47.03 -21.10 -9.77
CA LEU L 218 46.12 -21.53 -8.72
C LEU L 218 46.88 -21.89 -7.44
N ALA L 219 46.36 -21.45 -6.30
CA ALA L 219 47.00 -21.74 -5.03
C ALA L 219 46.37 -22.95 -4.36
N ALA L 220 47.12 -24.05 -4.28
CA ALA L 220 46.63 -25.27 -3.66
C ALA L 220 47.37 -25.56 -2.36
N LEU L 221 46.75 -25.20 -1.25
CA LEU L 221 47.35 -25.41 0.07
C LEU L 221 46.76 -26.65 0.73
N GLY L 222 47.56 -27.70 0.85
CA GLY L 222 47.11 -28.93 1.47
C GLY L 222 46.96 -30.06 0.46
N PHE L 223 47.64 -29.94 -0.67
CA PHE L 223 47.57 -30.96 -1.71
C PHE L 223 48.92 -31.64 -1.91
N ALA L 224 48.89 -32.91 -2.30
CA ALA L 224 50.12 -33.66 -2.51
C ALA L 224 50.27 -34.05 -3.98
N GLY L 225 49.44 -34.98 -4.43
CA GLY L 225 49.49 -35.42 -5.82
C GLY L 225 49.09 -34.32 -6.78
N GLN L 226 48.48 -34.72 -7.90
CA GLN L 226 48.05 -33.77 -8.92
C GLN L 226 46.57 -33.94 -9.23
N PRO L 227 45.89 -32.82 -9.52
CA PRO L 227 44.46 -32.83 -9.84
C PRO L 227 44.19 -33.46 -11.21
N ASP L 228 42.91 -33.51 -11.58
CA ASP L 228 42.51 -34.08 -12.85
C ASP L 228 42.29 -32.99 -13.90
N ILE L 229 43.23 -32.86 -14.83
CA ILE L 229 43.15 -31.85 -15.88
C ILE L 229 42.33 -32.36 -17.05
N SER L 230 41.23 -31.68 -17.34
CA SER L 230 40.35 -32.06 -18.45
C SER L 230 40.24 -30.94 -19.46
N GLN L 231 41.05 -31.01 -20.51
CA GLN L 231 41.04 -30.00 -21.55
C GLN L 231 39.88 -30.22 -22.51
N GLN L 232 38.89 -29.33 -22.45
CA GLN L 232 37.72 -29.42 -23.30
C GLN L 232 37.76 -28.37 -24.41
N HIS L 233 36.88 -28.52 -25.40
CA HIS L 233 36.83 -27.58 -26.51
C HIS L 233 36.13 -26.29 -26.09
N ASP L 234 35.47 -26.32 -24.94
CA ASP L 234 34.75 -25.15 -24.44
C ASP L 234 35.54 -24.49 -23.31
N HIS L 235 35.75 -25.23 -22.22
CA HIS L 235 36.48 -24.72 -21.07
C HIS L 235 37.40 -25.80 -20.49
N ILE L 236 37.94 -25.52 -19.31
CA ILE L 236 38.84 -26.47 -18.65
C ILE L 236 38.24 -26.96 -17.34
N ILE L 237 38.71 -28.12 -16.88
CA ILE L 237 38.23 -28.70 -15.64
C ILE L 237 39.39 -29.19 -14.78
N VAL L 238 39.38 -28.80 -13.50
CA VAL L 238 40.43 -29.21 -12.57
C VAL L 238 39.84 -29.59 -11.22
N THR L 239 39.87 -30.88 -10.92
CA THR L 239 39.35 -31.38 -9.65
C THR L 239 40.47 -31.71 -8.67
N LEU L 240 40.29 -31.33 -7.42
CA LEU L 240 41.29 -31.60 -6.39
C LEU L 240 40.68 -32.34 -5.21
N LYS L 241 40.86 -33.66 -5.19
CA LYS L 241 40.33 -34.48 -4.11
C LYS L 241 40.87 -34.02 -2.76
N ASN L 242 39.98 -33.94 -1.78
CA ASN L 242 40.36 -33.53 -0.43
C ASN L 242 40.89 -32.10 -0.43
N HIS L 243 40.43 -31.30 -1.41
CA HIS L 243 40.85 -29.92 -1.52
C HIS L 243 39.65 -28.98 -1.53
N THR L 244 38.53 -29.46 -0.99
CA THR L 244 37.31 -28.66 -0.93
C THR L 244 37.59 -27.25 -0.44
N LEU L 245 37.37 -26.27 -1.31
CA LEU L 245 37.60 -24.88 -0.96
C LEU L 245 36.30 -24.19 -0.57
N PRO L 246 36.39 -23.21 0.34
CA PRO L 246 35.23 -22.46 0.83
C PRO L 246 34.65 -21.54 -0.24
N THR L 247 33.37 -21.25 -0.14
CA THR L 247 32.70 -20.38 -1.10
C THR L 247 33.25 -18.96 -1.04
N THR L 248 34.03 -18.68 0.01
CA THR L 248 34.62 -17.36 0.18
C THR L 248 35.95 -17.25 -0.57
N LEU L 249 36.26 -18.27 -1.36
CA LEU L 249 37.50 -18.28 -2.13
C LEU L 249 37.25 -18.75 -3.56
N GLN L 250 35.97 -18.91 -3.91
CA GLN L 250 35.60 -19.35 -5.24
C GLN L 250 35.38 -18.15 -6.17
N ARG L 251 36.02 -17.04 -5.84
CA ARG L 251 35.89 -15.82 -6.64
C ARG L 251 36.31 -16.08 -8.08
N SER L 252 35.70 -15.35 -9.00
CA SER L 252 36.00 -15.50 -10.43
C SER L 252 36.82 -14.32 -10.94
N LEU L 253 37.42 -14.49 -12.11
CA LEU L 253 38.23 -13.44 -12.72
C LEU L 253 37.42 -12.62 -13.72
N ASP L 254 37.97 -11.48 -14.13
CA ASP L 254 37.29 -10.61 -15.08
C ASP L 254 38.25 -10.19 -16.19
N VAL L 255 39.09 -11.12 -16.63
CA VAL L 255 40.06 -10.84 -17.70
C VAL L 255 39.38 -10.82 -19.06
N ALA L 256 38.46 -9.89 -19.25
CA ALA L 256 37.74 -9.76 -20.50
C ALA L 256 38.44 -8.78 -21.44
N ASP L 257 38.56 -9.15 -22.71
CA ASP L 257 39.20 -8.31 -23.71
C ASP L 257 40.69 -8.13 -23.39
N PHE L 258 41.30 -9.17 -22.84
CA PHE L 258 42.71 -9.14 -22.48
C PHE L 258 43.58 -9.64 -23.63
N LYS L 259 42.95 -9.91 -24.77
CA LYS L 259 43.66 -10.40 -25.95
C LYS L 259 44.36 -11.72 -25.64
N THR L 260 43.63 -12.63 -25.01
CA THR L 260 44.18 -13.94 -24.66
C THR L 260 43.19 -15.06 -25.00
N PRO L 261 43.69 -16.30 -25.08
CA PRO L 261 42.87 -17.47 -25.39
C PRO L 261 41.93 -17.83 -24.25
N VAL L 262 42.17 -17.26 -23.08
CA VAL L 262 41.35 -17.52 -21.91
C VAL L 262 40.24 -16.48 -21.77
N GLN L 263 39.01 -16.89 -22.03
CA GLN L 263 37.86 -16.00 -21.94
C GLN L 263 37.76 -15.39 -20.54
N LYS L 264 37.69 -16.25 -19.53
CA LYS L 264 37.59 -15.79 -18.16
C LYS L 264 37.68 -16.97 -17.18
N VAL L 265 38.40 -16.77 -16.08
CA VAL L 265 38.57 -17.81 -15.08
C VAL L 265 37.41 -17.80 -14.08
N THR L 266 36.93 -18.99 -13.73
CA THR L 266 35.83 -19.11 -12.78
C THR L 266 36.11 -20.22 -11.76
N LEU L 267 36.04 -19.87 -10.49
CA LEU L 267 36.28 -20.84 -9.42
C LEU L 267 34.97 -21.24 -8.75
N LYS L 268 34.80 -22.53 -8.50
CA LYS L 268 33.60 -23.05 -7.86
C LYS L 268 33.94 -24.16 -6.88
N ARG L 269 33.37 -24.08 -5.68
CA ARG L 269 33.61 -25.08 -4.65
C ARG L 269 32.81 -26.34 -4.92
N LEU L 270 33.48 -27.49 -4.88
CA LEU L 270 32.82 -28.77 -5.12
C LEU L 270 32.42 -29.42 -3.81
N ASN L 271 31.76 -30.58 -3.91
CA ASN L 271 31.31 -31.31 -2.73
C ASN L 271 32.45 -31.48 -1.74
N ASN L 272 33.47 -32.25 -2.14
CA ASN L 272 34.62 -32.50 -1.29
C ASN L 272 35.92 -32.11 -1.99
N ASP L 273 35.79 -31.66 -3.25
CA ASP L 273 36.95 -31.24 -4.02
C ASP L 273 36.81 -29.80 -4.49
N THR L 274 37.73 -29.36 -5.34
CA THR L 274 37.70 -28.00 -5.86
C THR L 274 37.74 -27.99 -7.38
N GLN L 275 36.58 -27.73 -7.99
CA GLN L 275 36.47 -27.69 -9.45
C GLN L 275 36.84 -26.31 -9.98
N LEU L 276 37.50 -26.29 -11.13
CA LEU L 276 37.90 -25.03 -11.75
C LEU L 276 37.39 -24.94 -13.19
N ILE L 277 36.86 -23.78 -13.56
CA ILE L 277 36.35 -23.57 -14.90
C ILE L 277 37.07 -22.42 -15.60
N ILE L 278 37.88 -22.76 -16.60
CA ILE L 278 38.63 -21.76 -17.35
C ILE L 278 38.14 -21.68 -18.79
N THR L 279 37.12 -20.86 -19.02
CA THR L 279 36.56 -20.68 -20.35
C THR L 279 37.63 -20.24 -21.34
N THR L 280 37.58 -20.79 -22.55
CA THR L 280 38.54 -20.46 -23.58
C THR L 280 37.84 -20.15 -24.91
N ALA L 281 38.64 -19.85 -25.94
CA ALA L 281 38.10 -19.54 -27.25
C ALA L 281 39.06 -19.93 -28.35
N GLY L 282 38.53 -20.28 -29.52
CA GLY L 282 39.37 -20.68 -30.63
C GLY L 282 40.35 -21.77 -30.27
N ASN L 283 41.25 -22.10 -31.19
CA ASN L 283 42.24 -23.13 -30.96
C ASN L 283 43.26 -22.69 -29.92
N TRP L 284 43.59 -23.58 -28.99
CA TRP L 284 44.55 -23.27 -27.94
C TRP L 284 45.16 -24.55 -27.36
N GLU L 285 46.14 -24.40 -26.50
CA GLU L 285 46.80 -25.55 -25.87
C GLU L 285 46.97 -25.32 -24.36
N LEU L 286 46.78 -26.38 -23.60
CA LEU L 286 46.91 -26.31 -22.15
C LEU L 286 48.26 -26.83 -21.69
N VAL L 287 48.87 -26.14 -20.73
CA VAL L 287 50.18 -26.55 -20.20
C VAL L 287 50.24 -26.35 -18.69
N ASN L 288 50.26 -27.46 -17.96
CA ASN L 288 50.32 -27.42 -16.50
C ASN L 288 51.76 -27.38 -16.02
N LYS L 289 52.01 -26.58 -14.98
CA LYS L 289 53.35 -26.45 -14.42
C LYS L 289 53.31 -26.51 -12.90
N SER L 290 54.17 -27.34 -12.31
CA SER L 290 54.23 -27.49 -10.86
C SER L 290 55.58 -27.02 -10.32
N ALA L 291 55.65 -25.75 -9.93
CA ALA L 291 56.87 -25.17 -9.40
C ALA L 291 57.11 -25.63 -7.97
N ALA L 292 56.13 -26.31 -7.39
CA ALA L 292 56.24 -26.81 -6.02
C ALA L 292 55.00 -27.60 -5.63
N PRO L 293 55.13 -28.43 -4.58
CA PRO L 293 54.02 -29.26 -4.09
C PRO L 293 52.93 -28.43 -3.42
N GLY L 294 52.09 -27.81 -4.24
CA GLY L 294 51.01 -26.99 -3.72
C GLY L 294 50.62 -25.88 -4.66
N TYR L 295 51.57 -25.43 -5.46
CA TYR L 295 51.32 -24.34 -6.41
C TYR L 295 51.08 -24.89 -7.81
N PHE L 296 49.88 -24.68 -8.33
CA PHE L 296 49.52 -25.15 -9.67
C PHE L 296 49.41 -23.99 -10.65
N THR L 297 49.72 -24.26 -11.91
CA THR L 297 49.67 -23.23 -12.95
C THR L 297 49.15 -23.81 -14.26
N PHE L 298 48.51 -22.97 -15.05
CA PHE L 298 47.98 -23.39 -16.34
C PHE L 298 48.28 -22.36 -17.43
N GLN L 299 49.24 -22.68 -18.29
CA GLN L 299 49.63 -21.79 -19.37
C GLN L 299 48.76 -22.01 -20.60
N VAL L 300 47.74 -21.18 -20.76
CA VAL L 300 46.83 -21.30 -21.90
C VAL L 300 47.33 -20.49 -23.09
N LEU L 301 47.97 -21.17 -24.04
CA LEU L 301 48.50 -20.52 -25.23
C LEU L 301 47.60 -20.75 -26.43
N PHE L 319 31.17 3.23 -57.45
CA PHE L 319 30.68 2.00 -56.78
C PHE L 319 30.73 0.86 -57.75
N THR L 320 31.93 0.52 -58.22
CA THR L 320 32.06 -0.63 -59.05
C THR L 320 33.53 -0.82 -59.17
N GLY L 321 34.04 -2.02 -58.83
CA GLY L 321 35.45 -2.13 -58.88
C GLY L 321 35.84 -3.56 -59.04
N ARG L 322 37.17 -3.78 -59.15
CA ARG L 322 37.73 -5.08 -59.34
C ARG L 322 37.45 -5.89 -58.12
N LYS L 323 37.41 -7.22 -58.27
CA LYS L 323 37.16 -8.06 -57.13
C LYS L 323 38.44 -8.20 -56.38
N ILE L 324 38.37 -8.16 -55.03
CA ILE L 324 39.54 -8.34 -54.22
C ILE L 324 39.12 -9.13 -53.00
N SER L 325 40.07 -9.72 -52.28
CA SER L 325 39.72 -10.33 -51.02
C SER L 325 40.40 -9.47 -49.99
N LEU L 326 39.64 -8.94 -49.02
CA LEU L 326 40.28 -8.05 -48.08
C LEU L 326 40.53 -8.74 -46.79
N ASP L 327 41.81 -8.94 -46.47
CA ASP L 327 42.16 -9.55 -45.22
C ASP L 327 43.01 -8.58 -44.48
N PHE L 328 42.48 -7.95 -43.41
CA PHE L 328 43.30 -7.04 -42.66
C PHE L 328 43.24 -7.49 -41.23
N GLN L 329 44.39 -7.87 -40.65
CA GLN L 329 44.38 -8.31 -39.29
C GLN L 329 44.95 -7.25 -38.42
N ASP L 330 44.09 -6.70 -37.55
CA ASP L 330 44.43 -5.70 -36.59
C ASP L 330 45.26 -4.64 -37.23
N VAL L 331 44.70 -3.91 -38.21
CA VAL L 331 45.45 -2.89 -38.87
C VAL L 331 44.67 -1.61 -38.81
N GLU L 332 45.37 -0.46 -38.90
CA GLU L 332 44.70 0.80 -38.83
C GLU L 332 43.85 0.93 -40.05
N ILE L 333 42.66 1.54 -39.89
CA ILE L 333 41.73 1.74 -40.95
C ILE L 333 42.42 2.60 -41.96
N ARG L 334 43.27 3.51 -41.48
CA ARG L 334 43.93 4.43 -42.35
C ARG L 334 44.78 3.66 -43.31
N THR L 335 45.48 2.61 -42.83
CA THR L 335 46.32 1.83 -43.68
C THR L 335 45.46 1.10 -44.66
N ILE L 336 44.31 0.57 -44.21
CA ILE L 336 43.46 -0.14 -45.12
C ILE L 336 42.98 0.80 -46.17
N LEU L 337 42.80 2.07 -45.80
CA LEU L 337 42.35 3.07 -46.72
C LEU L 337 43.40 3.24 -47.80
N GLN L 338 44.68 3.31 -47.41
CA GLN L 338 45.77 3.53 -48.33
C GLN L 338 45.92 2.35 -49.23
N ILE L 339 45.79 1.14 -48.65
CA ILE L 339 46.02 -0.09 -49.37
C ILE L 339 45.07 -0.17 -50.50
N LEU L 340 43.79 0.17 -50.24
CA LEU L 340 42.77 0.11 -51.24
C LEU L 340 43.09 1.07 -52.36
N ALA L 341 43.57 2.27 -52.01
CA ALA L 341 43.89 3.29 -52.98
C ALA L 341 45.00 2.78 -53.86
N LYS L 342 45.98 2.08 -53.25
CA LYS L 342 47.14 1.57 -53.94
C LYS L 342 46.67 0.55 -54.95
N GLU L 343 45.56 -0.11 -54.62
CA GLU L 343 44.87 -1.13 -55.36
C GLU L 343 44.28 -0.55 -56.59
N SER L 344 44.50 0.77 -56.81
CA SER L 344 43.94 1.48 -57.91
C SER L 344 42.51 1.76 -57.59
N GLY L 345 42.14 1.65 -56.30
CA GLY L 345 40.81 2.00 -55.92
C GLY L 345 40.82 3.43 -55.48
N MET L 346 40.62 4.35 -56.46
CA MET L 346 40.51 5.75 -56.14
C MET L 346 41.72 6.21 -55.39
N ASN L 347 41.69 7.50 -55.00
CA ASN L 347 42.70 8.05 -54.14
C ASN L 347 41.98 8.42 -52.88
N ILE L 348 42.18 7.62 -51.81
CA ILE L 348 41.42 7.86 -50.62
C ILE L 348 42.28 8.56 -49.62
N VAL L 349 41.79 9.71 -49.11
CA VAL L 349 42.51 10.45 -48.12
C VAL L 349 41.57 10.65 -46.96
N ALA L 350 41.99 10.25 -45.76
CA ALA L 350 41.17 10.38 -44.60
C ALA L 350 41.45 11.71 -44.00
N SER L 351 40.72 12.00 -42.92
CA SER L 351 40.98 13.17 -42.13
C SER L 351 42.18 12.76 -41.34
N ASP L 352 42.50 13.46 -40.26
CA ASP L 352 43.63 12.93 -39.55
C ASP L 352 43.31 11.82 -38.59
N SER L 353 42.46 12.11 -37.58
CA SER L 353 42.20 11.12 -36.56
C SER L 353 40.81 10.67 -36.72
N VAL L 354 40.64 9.71 -37.63
CA VAL L 354 39.38 9.17 -38.00
C VAL L 354 38.83 8.16 -37.04
N ASN L 355 39.71 7.31 -36.44
CA ASN L 355 39.16 6.22 -35.70
C ASN L 355 40.27 5.52 -35.01
N GLY L 356 40.56 4.30 -35.49
CA GLY L 356 41.57 3.47 -34.93
C GLY L 356 41.80 2.34 -35.90
N LYS L 357 42.09 1.15 -35.36
CA LYS L 357 42.43 -0.03 -36.08
C LYS L 357 41.24 -0.95 -36.10
N MET L 358 41.12 -1.81 -37.14
CA MET L 358 40.00 -2.72 -37.20
C MET L 358 40.44 -4.00 -37.86
N THR L 359 39.70 -5.11 -37.63
CA THR L 359 40.06 -6.35 -38.25
C THR L 359 38.91 -6.87 -39.06
N LEU L 360 39.10 -7.05 -40.38
CA LEU L 360 38.10 -7.65 -41.22
C LEU L 360 38.76 -8.64 -42.11
N SER L 361 38.01 -9.69 -42.52
CA SER L 361 38.51 -10.66 -43.45
C SER L 361 37.38 -10.97 -44.38
N LEU L 362 37.55 -10.64 -45.69
CA LEU L 362 36.53 -10.87 -46.67
C LEU L 362 37.16 -11.58 -47.83
N LYS L 363 36.32 -12.23 -48.66
CA LYS L 363 36.81 -12.91 -49.82
C LYS L 363 35.83 -12.67 -50.92
N ASP L 364 36.35 -12.60 -52.17
CA ASP L 364 35.52 -12.42 -53.33
C ASP L 364 34.63 -11.23 -53.21
N VAL L 365 35.19 -10.04 -52.92
CA VAL L 365 34.36 -8.87 -52.84
C VAL L 365 35.07 -7.72 -53.49
N PRO L 366 34.38 -6.94 -54.28
CA PRO L 366 34.99 -5.81 -54.92
C PRO L 366 35.39 -4.84 -53.85
N TRP L 367 36.49 -4.09 -54.05
CA TRP L 367 37.00 -3.23 -53.04
C TRP L 367 35.97 -2.20 -52.68
N ASP L 368 35.18 -1.75 -53.67
CA ASP L 368 34.18 -0.77 -53.37
C ASP L 368 33.17 -1.34 -52.42
N GLN L 369 32.74 -2.60 -52.64
CA GLN L 369 31.77 -3.19 -51.76
C GLN L 369 32.37 -3.40 -50.40
N ALA L 370 33.62 -3.91 -50.35
CA ALA L 370 34.26 -4.21 -49.10
C ALA L 370 34.38 -2.94 -48.34
N LEU L 371 34.63 -1.83 -49.06
CA LEU L 371 34.79 -0.56 -48.41
C LEU L 371 33.53 -0.24 -47.65
N ASP L 372 32.35 -0.46 -48.26
CA ASP L 372 31.14 -0.11 -47.58
C ASP L 372 31.00 -0.96 -46.36
N LEU L 373 31.37 -2.25 -46.48
CA LEU L 373 31.23 -3.15 -45.37
C LEU L 373 32.16 -2.69 -44.30
N VAL L 374 33.36 -2.25 -44.70
CA VAL L 374 34.38 -1.82 -43.79
C VAL L 374 33.87 -0.65 -43.01
N MET L 375 33.16 0.26 -43.68
CA MET L 375 32.70 1.48 -43.06
C MET L 375 31.79 1.14 -41.92
N GLN L 376 30.88 0.18 -42.15
CA GLN L 376 29.84 -0.22 -41.23
C GLN L 376 30.41 -0.82 -39.98
N ALA L 377 31.56 -1.54 -40.11
CA ALA L 377 32.08 -2.30 -39.01
C ALA L 377 32.35 -1.44 -37.82
N ARG L 378 32.90 -0.23 -38.04
CA ARG L 378 33.14 0.65 -36.95
C ARG L 378 33.73 1.85 -37.58
N ASN L 379 34.14 1.65 -38.84
CA ASN L 379 34.84 2.60 -39.64
C ASN L 379 33.94 3.73 -40.01
N LEU L 380 34.51 4.60 -40.86
CA LEU L 380 33.99 5.87 -41.25
C LEU L 380 33.09 5.78 -42.44
N ASP L 381 32.51 6.95 -42.80
CA ASP L 381 31.69 7.14 -43.95
C ASP L 381 32.57 7.81 -44.96
N MET L 382 32.22 7.76 -46.26
CA MET L 382 33.10 8.31 -47.27
C MET L 382 32.39 9.36 -48.06
N ARG L 383 33.15 10.40 -48.46
CA ARG L 383 32.64 11.42 -49.34
C ARG L 383 33.63 11.52 -50.45
N GLN L 384 33.18 11.68 -51.70
CA GLN L 384 34.15 11.72 -52.75
C GLN L 384 34.10 13.05 -53.44
N GLN L 385 35.27 13.69 -53.59
CA GLN L 385 35.45 14.90 -54.33
C GLN L 385 35.34 14.58 -55.79
N GLY L 386 35.81 13.36 -56.16
CA GLY L 386 35.79 12.88 -57.51
C GLY L 386 37.11 12.25 -57.79
N ASN L 387 38.21 13.02 -57.85
CA ASN L 387 39.49 12.39 -58.03
C ASN L 387 39.93 11.83 -56.71
N ILE L 388 39.76 12.62 -55.64
CA ILE L 388 40.23 12.19 -54.35
C ILE L 388 39.04 12.04 -53.48
N VAL L 389 39.11 11.08 -52.54
CA VAL L 389 37.99 10.86 -51.66
C VAL L 389 38.41 11.12 -50.26
N ASN L 390 37.52 11.81 -49.50
CA ASN L 390 37.84 12.08 -48.13
C ASN L 390 36.92 11.24 -47.30
N ILE L 391 37.50 10.52 -46.32
CA ILE L 391 36.74 9.71 -45.43
C ILE L 391 36.91 10.27 -44.06
N ALA L 392 35.78 10.41 -43.32
CA ALA L 392 35.85 11.02 -42.02
C ALA L 392 35.08 10.18 -41.05
N PRO L 393 35.45 10.44 -39.82
CA PRO L 393 34.95 9.80 -38.64
C PRO L 393 33.53 10.13 -38.39
N ARG L 394 32.85 10.80 -39.35
CA ARG L 394 31.46 11.11 -39.17
C ARG L 394 30.78 9.79 -39.05
N ASP L 395 30.58 9.32 -37.81
CA ASP L 395 30.02 8.02 -37.56
C ASP L 395 29.19 8.12 -36.34
N GLU L 396 28.04 7.43 -36.38
CA GLU L 396 27.13 7.43 -35.28
C GLU L 396 27.76 6.80 -34.08
N LEU L 397 28.27 5.57 -34.26
CA LEU L 397 28.67 4.80 -33.12
C LEU L 397 29.88 5.29 -32.38
N LEU L 398 31.01 5.54 -33.06
CA LEU L 398 32.18 5.79 -32.27
C LEU L 398 32.10 7.04 -31.49
N ALA L 399 31.73 8.15 -32.14
CA ALA L 399 31.80 9.39 -31.44
C ALA L 399 30.86 9.33 -30.29
N LYS L 400 29.62 8.88 -30.54
CA LYS L 400 28.73 8.93 -29.43
C LYS L 400 29.01 7.89 -28.41
N ASP L 401 29.47 6.70 -28.82
CA ASP L 401 29.63 5.63 -27.87
C ASP L 401 30.58 6.09 -26.83
N LYS L 402 31.68 6.73 -27.27
CA LYS L 402 32.67 7.18 -26.36
C LYS L 402 32.10 8.26 -25.50
N ALA L 403 31.28 9.14 -26.10
CA ALA L 403 30.68 10.21 -25.37
C ALA L 403 29.81 9.64 -24.30
N PHE L 404 29.09 8.53 -24.60
CA PHE L 404 28.19 7.97 -23.63
C PHE L 404 28.97 7.56 -22.43
N LEU L 405 30.09 6.87 -22.66
CA LEU L 405 30.85 6.35 -21.57
C LEU L 405 31.34 7.51 -20.77
N GLN L 406 31.69 8.60 -21.46
CA GLN L 406 32.22 9.76 -20.81
C GLN L 406 31.19 10.31 -19.86
N ALA L 407 29.91 10.34 -20.27
CA ALA L 407 28.90 10.92 -19.44
C ALA L 407 28.71 10.12 -18.20
N GLU L 408 28.63 10.83 -17.04
CA GLU L 408 28.45 10.22 -15.76
C GLU L 408 27.05 9.68 -15.64
N LYS L 409 26.06 10.44 -16.16
CA LYS L 409 24.70 10.03 -16.00
C LYS L 409 24.43 8.82 -16.83
N ASP L 410 23.63 7.90 -16.26
CA ASP L 410 23.29 6.65 -16.89
C ASP L 410 22.46 6.94 -18.10
N ILE L 411 21.54 7.92 -17.98
CA ILE L 411 20.67 8.24 -19.07
C ILE L 411 21.51 8.71 -20.21
N ALA L 412 22.57 9.46 -19.90
CA ALA L 412 23.45 10.02 -20.89
C ALA L 412 24.04 8.88 -21.66
N ASP L 413 24.24 7.74 -21.00
CA ASP L 413 24.80 6.59 -21.65
C ASP L 413 23.92 6.33 -22.83
N LEU L 414 22.63 6.67 -22.74
CA LEU L 414 21.81 6.52 -23.90
C LEU L 414 21.67 7.89 -24.50
N GLY L 415 22.10 8.05 -25.76
CA GLY L 415 22.03 9.32 -26.44
C GLY L 415 22.37 9.02 -27.86
N ALA L 416 22.38 10.04 -28.74
CA ALA L 416 22.72 9.61 -30.06
C ALA L 416 23.09 10.72 -30.96
N LEU L 417 24.00 10.37 -31.90
CA LEU L 417 24.24 11.24 -33.00
C LEU L 417 23.30 10.71 -34.01
N TYR L 418 22.61 11.57 -34.75
CA TYR L 418 21.63 10.99 -35.62
C TYR L 418 21.76 11.66 -36.94
N SER L 419 21.06 11.13 -37.97
CA SER L 419 21.12 11.76 -39.25
C SER L 419 19.73 12.15 -39.59
N GLN L 420 19.57 13.33 -40.22
CA GLN L 420 18.25 13.74 -40.58
C GLN L 420 18.33 14.41 -41.91
N ASN L 421 17.22 14.40 -42.67
CA ASN L 421 17.20 15.02 -43.96
C ASN L 421 16.33 16.24 -43.87
N PHE L 422 16.83 17.38 -44.37
CA PHE L 422 16.10 18.60 -44.31
C PHE L 422 15.69 18.91 -45.71
N GLN L 423 14.39 19.11 -45.94
CA GLN L 423 13.94 19.45 -47.26
C GLN L 423 14.06 20.95 -47.36
N LEU L 424 14.46 21.47 -48.53
CA LEU L 424 14.54 22.91 -48.71
C LEU L 424 13.63 23.23 -49.85
N LYS L 425 12.40 23.69 -49.56
CA LYS L 425 11.50 23.98 -50.64
C LYS L 425 11.82 25.27 -51.36
N TYR L 426 11.88 26.37 -50.60
CA TYR L 426 12.00 27.71 -51.13
C TYR L 426 13.36 28.12 -51.63
N LYS L 427 14.45 27.78 -50.91
CA LYS L 427 15.72 28.34 -51.28
C LYS L 427 16.67 27.30 -51.75
N ASN L 428 17.71 27.73 -52.49
CA ASN L 428 18.70 26.82 -52.98
C ASN L 428 19.60 26.43 -51.85
N VAL L 429 20.04 25.17 -51.87
CA VAL L 429 20.79 24.55 -50.82
C VAL L 429 22.12 25.21 -50.64
N GLU L 430 22.77 25.57 -51.75
CA GLU L 430 24.10 26.10 -51.75
C GLU L 430 24.15 27.41 -51.02
N GLU L 431 23.06 28.19 -51.05
CA GLU L 431 23.06 29.49 -50.44
C GLU L 431 23.28 29.35 -48.97
N PHE L 432 22.75 28.26 -48.38
CA PHE L 432 22.85 27.96 -46.98
C PHE L 432 24.27 27.67 -46.58
N ARG L 433 25.10 27.19 -47.54
CA ARG L 433 26.40 26.66 -47.23
C ARG L 433 27.20 27.61 -46.40
N SER L 434 27.22 28.91 -46.72
CA SER L 434 28.07 29.81 -45.99
C SER L 434 27.72 29.77 -44.53
N ILE L 435 26.42 29.93 -44.21
CA ILE L 435 26.02 29.99 -42.83
C ILE L 435 26.26 28.67 -42.16
N LEU L 436 25.91 27.56 -42.82
CA LEU L 436 26.02 26.26 -42.20
C LEU L 436 27.45 25.95 -41.92
N ARG L 437 28.35 26.35 -42.82
CA ARG L 437 29.74 26.08 -42.61
C ARG L 437 30.17 26.79 -41.37
N LEU L 438 29.71 28.04 -41.20
CA LEU L 438 30.14 28.85 -40.09
C LEU L 438 29.69 28.25 -38.79
N ASP L 439 28.40 27.88 -38.66
CA ASP L 439 27.94 27.37 -37.40
C ASP L 439 28.57 26.04 -37.12
N ASN L 440 28.85 25.29 -38.19
CA ASN L 440 29.41 24.00 -38.05
C ASN L 440 30.77 24.16 -37.46
N ALA L 441 31.47 25.25 -37.84
CA ALA L 441 32.80 25.38 -37.30
C ALA L 441 32.69 25.96 -35.94
N ASP L 442 32.55 25.07 -34.94
CA ASP L 442 32.59 25.55 -33.60
C ASP L 442 33.99 25.23 -33.20
N THR L 443 34.91 25.56 -34.13
CA THR L 443 36.32 25.38 -33.98
C THR L 443 36.92 26.36 -34.93
N THR L 444 38.25 26.54 -34.88
CA THR L 444 38.83 27.47 -35.79
C THR L 444 39.01 26.76 -37.10
N GLY L 445 38.63 27.43 -38.20
CA GLY L 445 38.79 26.83 -39.50
C GLY L 445 38.40 27.89 -40.48
N ASN L 446 39.34 28.26 -41.37
CA ASN L 446 39.07 29.31 -42.30
C ASN L 446 37.99 28.86 -43.23
N ARG L 447 38.12 27.63 -43.80
CA ARG L 447 37.09 27.22 -44.71
C ARG L 447 37.17 25.73 -44.84
N ASN L 448 36.19 24.99 -44.27
CA ASN L 448 36.21 23.54 -44.40
C ASN L 448 34.81 23.09 -44.61
N THR L 449 34.59 22.23 -45.63
CA THR L 449 33.29 21.69 -45.84
C THR L 449 32.99 20.76 -44.69
N LEU L 450 33.96 19.89 -44.35
CA LEU L 450 33.83 19.00 -43.24
C LEU L 450 34.16 19.84 -42.05
N ILE L 451 33.62 19.53 -40.87
CA ILE L 451 33.99 20.49 -39.88
C ILE L 451 34.16 19.84 -38.56
N SER L 452 34.63 20.61 -37.57
CA SER L 452 34.85 20.07 -36.27
C SER L 452 33.59 20.11 -35.49
N GLY L 453 33.73 20.03 -34.16
CA GLY L 453 32.58 19.91 -33.34
C GLY L 453 32.37 18.45 -33.22
N ARG L 454 33.47 17.71 -33.39
CA ARG L 454 33.53 16.28 -33.27
C ARG L 454 32.62 15.55 -34.21
N GLY L 455 32.86 15.70 -35.53
CA GLY L 455 32.18 14.85 -36.47
C GLY L 455 30.82 15.32 -36.90
N SER L 456 30.62 16.64 -37.09
CA SER L 456 29.34 17.04 -37.60
C SER L 456 29.52 17.23 -39.08
N VAL L 457 28.51 16.86 -39.90
CA VAL L 457 28.71 17.01 -41.31
C VAL L 457 27.44 17.41 -41.96
N LEU L 458 27.56 18.21 -43.03
CA LEU L 458 26.41 18.57 -43.81
C LEU L 458 26.67 18.11 -45.21
N ILE L 459 25.68 17.44 -45.83
CA ILE L 459 25.86 16.96 -47.18
C ILE L 459 24.73 17.48 -48.00
N ASP L 460 25.03 17.83 -49.28
CA ASP L 460 24.02 18.40 -50.13
C ASP L 460 23.68 17.43 -51.23
N PRO L 461 22.49 16.93 -51.16
CA PRO L 461 22.00 16.11 -52.24
C PRO L 461 21.54 16.92 -53.42
N ALA L 462 21.48 16.26 -54.60
CA ALA L 462 21.14 16.85 -55.86
C ALA L 462 19.73 17.37 -55.85
N THR L 463 18.80 16.68 -55.18
CA THR L 463 17.46 17.16 -55.27
C THR L 463 17.25 18.19 -54.20
N ASN L 464 18.24 19.08 -54.02
CA ASN L 464 18.18 20.19 -53.11
C ASN L 464 17.58 19.83 -51.79
N THR L 465 18.20 18.88 -51.09
CA THR L 465 17.84 18.60 -49.74
C THR L 465 19.13 18.57 -49.02
N LEU L 466 19.14 18.84 -47.70
CA LEU L 466 20.38 18.80 -46.97
C LEU L 466 20.30 17.64 -46.03
N ILE L 467 21.40 16.89 -45.87
CA ILE L 467 21.39 15.80 -44.94
C ILE L 467 22.41 16.15 -43.91
N VAL L 468 22.03 16.07 -42.62
CA VAL L 468 23.04 16.38 -41.66
C VAL L 468 23.23 15.20 -40.78
N THR L 469 24.51 14.90 -40.47
CA THR L 469 24.83 13.80 -39.62
C THR L 469 25.65 14.36 -38.49
N ASP L 470 25.19 14.15 -37.24
CA ASP L 470 25.99 14.67 -36.15
C ASP L 470 25.23 14.45 -34.88
N THR L 471 25.67 15.16 -33.82
CA THR L 471 25.05 15.06 -32.54
C THR L 471 23.73 15.77 -32.62
N ARG L 472 22.78 15.39 -31.75
CA ARG L 472 21.46 15.94 -31.77
C ARG L 472 21.51 17.42 -31.55
N SER L 473 22.36 17.87 -30.62
CA SER L 473 22.38 19.28 -30.34
C SER L 473 22.78 20.03 -31.57
N VAL L 474 23.85 19.58 -32.25
CA VAL L 474 24.35 20.27 -33.41
C VAL L 474 23.33 20.20 -34.50
N ILE L 475 22.67 19.04 -34.66
CA ILE L 475 21.70 18.90 -35.72
C ILE L 475 20.56 19.83 -35.49
N GLU L 476 20.14 20.00 -34.22
CA GLU L 476 19.04 20.87 -33.92
C GLU L 476 19.37 22.25 -34.38
N LYS L 477 20.60 22.71 -34.11
CA LYS L 477 20.97 24.05 -34.43
C LYS L 477 20.87 24.23 -35.90
N PHE L 478 21.44 23.27 -36.67
CA PHE L 478 21.47 23.37 -38.09
C PHE L 478 20.08 23.39 -38.65
N ARG L 479 19.17 22.58 -38.09
CA ARG L 479 17.84 22.54 -38.63
C ARG L 479 17.18 23.87 -38.44
N LYS L 480 17.36 24.48 -37.25
CA LYS L 480 16.66 25.71 -36.96
C LYS L 480 17.05 26.74 -37.97
N LEU L 481 18.35 26.85 -38.29
CA LEU L 481 18.81 27.84 -39.23
C LEU L 481 18.28 27.58 -40.60
N ILE L 482 18.32 26.31 -41.06
CA ILE L 482 17.91 25.99 -42.39
C ILE L 482 16.46 26.33 -42.57
N ASP L 483 15.62 25.90 -41.62
CA ASP L 483 14.21 26.15 -41.74
C ASP L 483 13.98 27.62 -41.66
N GLU L 484 14.77 28.31 -40.82
CA GLU L 484 14.57 29.71 -40.63
C GLU L 484 14.81 30.42 -41.92
N LEU L 485 15.90 30.11 -42.65
CA LEU L 485 16.16 30.80 -43.88
C LEU L 485 15.12 30.46 -44.89
N ASP L 486 14.67 29.19 -44.89
CA ASP L 486 13.73 28.72 -45.88
C ASP L 486 12.45 29.50 -45.75
N VAL L 487 12.02 29.82 -44.53
CA VAL L 487 10.75 30.47 -44.36
C VAL L 487 10.73 31.80 -45.06
N PRO L 488 11.68 32.69 -44.89
CA PRO L 488 11.58 33.91 -45.62
C PRO L 488 11.63 33.73 -47.09
N ALA L 489 12.32 32.69 -47.57
CA ALA L 489 12.33 32.45 -48.98
C ALA L 489 10.90 32.14 -49.34
N GLN L 490 10.21 31.46 -48.40
CA GLN L 490 8.89 30.97 -48.59
C GLN L 490 7.94 32.11 -48.86
N GLN L 491 8.06 33.24 -48.13
CA GLN L 491 7.10 34.24 -48.46
C GLN L 491 7.43 34.77 -49.81
N VAL L 492 6.65 34.35 -50.82
CA VAL L 492 6.91 34.78 -52.16
C VAL L 492 5.92 35.90 -52.47
N MET L 493 5.29 35.85 -53.56
N LYS M 84 36.82 -49.73 -61.07
CA LYS M 84 35.46 -49.26 -60.79
C LYS M 84 35.39 -47.74 -60.81
N GLU M 85 35.84 -47.10 -59.74
CA GLU M 85 35.83 -45.65 -59.65
C GLU M 85 36.68 -45.15 -58.48
N THR M 86 37.13 -43.90 -58.60
CA THR M 86 37.96 -43.23 -57.59
C THR M 86 37.71 -43.73 -56.16
N LEU M 87 36.45 -43.99 -55.83
CA LEU M 87 36.08 -44.45 -54.48
C LEU M 87 36.98 -45.58 -53.99
N GLU M 88 37.65 -46.25 -54.93
CA GLU M 88 38.55 -47.36 -54.61
C GLU M 88 39.84 -46.86 -53.99
N LYS M 89 39.83 -45.60 -53.58
CA LYS M 89 41.00 -44.99 -52.94
C LYS M 89 40.63 -44.52 -51.53
N PHE M 90 39.38 -44.75 -51.15
CA PHE M 90 38.88 -44.35 -49.84
C PHE M 90 38.40 -45.57 -49.06
N SER M 91 38.41 -45.46 -47.74
CA SER M 91 37.97 -46.57 -46.88
C SER M 91 36.47 -46.52 -46.68
N LEU M 92 35.98 -47.31 -45.73
CA LEU M 92 34.55 -47.35 -45.43
C LEU M 92 34.27 -46.61 -44.12
N GLU M 93 35.28 -46.47 -43.28
CA GLU M 93 35.12 -45.76 -42.02
C GLU M 93 34.79 -44.31 -42.29
N ASN M 94 35.33 -43.80 -43.39
CA ASN M 94 35.14 -42.40 -43.79
C ASN M 94 33.90 -42.24 -44.66
N MET M 95 33.25 -43.36 -44.98
CA MET M 95 32.04 -43.32 -45.80
C MET M 95 30.79 -43.37 -44.95
N ARG M 96 30.01 -42.28 -45.01
CA ARG M 96 28.78 -42.19 -44.26
C ARG M 96 27.70 -41.43 -45.01
N TYR M 97 26.49 -41.50 -44.48
CA TYR M 97 25.34 -40.81 -45.05
C TYR M 97 25.45 -39.31 -44.77
N VAL M 98 25.61 -38.52 -45.82
CA VAL M 98 25.78 -37.08 -45.68
C VAL M 98 24.64 -36.29 -46.31
N GLY M 99 23.87 -36.93 -47.16
CA GLY M 99 22.76 -36.26 -47.81
C GLY M 99 21.92 -37.19 -48.63
N ILE M 100 20.80 -36.69 -49.15
CA ILE M 100 19.91 -37.50 -49.96
C ILE M 100 19.82 -36.94 -51.37
N LEU M 101 18.98 -37.55 -52.20
CA LEU M 101 18.82 -37.12 -53.59
C LEU M 101 17.82 -37.97 -54.33
N LYS M 102 16.61 -37.42 -54.52
CA LYS M 102 15.58 -38.13 -55.23
C LYS M 102 14.99 -37.28 -56.36
N SER M 103 14.10 -37.91 -57.13
CA SER M 103 13.43 -37.24 -58.23
C SER M 103 12.11 -37.93 -58.52
N GLY M 104 11.03 -37.37 -57.97
CA GLY M 104 9.71 -37.95 -58.17
C GLY M 104 9.35 -38.94 -57.08
N GLN M 105 10.04 -40.08 -57.08
CA GLN M 105 9.79 -41.12 -56.09
C GLN M 105 10.86 -42.21 -56.14
N LYS M 106 11.99 -41.91 -56.79
CA LYS M 106 13.06 -42.89 -56.89
C LYS M 106 13.87 -42.95 -55.59
N VAL M 107 13.92 -41.81 -54.90
CA VAL M 107 14.64 -41.68 -53.63
C VAL M 107 15.99 -42.38 -53.61
N SER M 108 17.05 -41.57 -53.71
CA SER M 108 18.41 -42.10 -53.67
C SER M 108 19.18 -41.54 -52.47
N GLY M 109 20.20 -42.27 -52.05
CA GLY M 109 21.01 -41.85 -50.92
C GLY M 109 22.37 -41.29 -51.33
N PHE M 110 22.74 -40.18 -50.72
CA PHE M 110 24.00 -39.49 -50.98
C PHE M 110 25.00 -39.71 -49.85
N ILE M 111 26.08 -40.41 -50.19
CA ILE M 111 27.13 -40.71 -49.22
C ILE M 111 28.39 -39.90 -49.53
N GLU M 112 29.32 -39.89 -48.58
CA GLU M 112 30.58 -39.14 -48.74
C GLU M 112 31.73 -39.82 -47.98
N ALA M 113 32.88 -39.87 -48.66
CA ALA M 113 34.08 -40.48 -48.12
C ALA M 113 35.25 -39.50 -48.12
N GLU M 114 35.79 -39.21 -46.95
CA GLU M 114 36.91 -38.28 -46.83
C GLU M 114 36.71 -37.04 -47.71
N GLY M 115 35.52 -36.47 -47.65
CA GLY M 115 35.22 -35.28 -48.45
C GLY M 115 34.59 -35.62 -49.77
N TYR M 116 35.07 -36.68 -50.40
CA TYR M 116 34.56 -37.14 -51.68
C TYR M 116 33.07 -37.44 -51.58
N VAL M 117 32.29 -36.78 -52.42
CA VAL M 117 30.85 -36.97 -52.39
C VAL M 117 30.40 -37.88 -53.53
N TYR M 118 29.66 -38.92 -53.21
CA TYR M 118 29.18 -39.87 -54.21
C TYR M 118 27.85 -40.47 -53.79
N THR M 119 26.86 -40.34 -54.68
CA THR M 119 25.52 -40.85 -54.40
C THR M 119 25.37 -42.30 -54.79
N VAL M 120 24.25 -42.89 -54.39
CA VAL M 120 23.94 -44.29 -54.67
C VAL M 120 22.44 -44.54 -54.58
N GLY M 121 21.93 -45.24 -55.57
CA GLY M 121 20.51 -45.56 -55.62
C GLY M 121 20.27 -47.04 -55.77
N VAL M 122 19.01 -47.44 -55.90
CA VAL M 122 18.67 -48.86 -56.03
C VAL M 122 19.63 -49.57 -56.98
N GLY M 123 20.52 -50.38 -56.43
CA GLY M 123 21.46 -51.09 -57.26
C GLY M 123 22.61 -50.22 -57.73
N ASN M 124 23.49 -49.85 -56.79
CA ASN M 124 24.65 -49.03 -57.12
C ASN M 124 25.91 -49.56 -56.45
N TYR M 125 26.96 -48.73 -56.47
CA TYR M 125 28.26 -49.07 -55.89
C TYR M 125 28.67 -48.06 -54.81
N LEU M 126 29.30 -48.60 -53.76
CA LEU M 126 29.78 -47.77 -52.66
C LEU M 126 30.83 -48.54 -51.85
N GLY M 127 31.04 -48.09 -50.61
CA GLY M 127 31.99 -48.74 -49.72
C GLY M 127 33.43 -48.68 -50.18
N GLN M 128 34.34 -49.23 -49.38
CA GLN M 128 35.75 -49.22 -49.71
C GLN M 128 36.09 -50.32 -50.72
N ASN M 129 35.90 -51.57 -50.32
CA ASN M 129 36.19 -52.71 -51.20
C ASN M 129 35.22 -52.75 -52.36
N TYR M 130 34.21 -53.62 -52.27
CA TYR M 130 33.21 -53.73 -53.32
C TYR M 130 31.81 -53.53 -52.76
N GLY M 131 31.43 -52.27 -52.57
CA GLY M 131 30.12 -51.96 -52.03
C GLY M 131 29.05 -51.92 -53.10
N ARG M 132 27.87 -52.40 -52.75
CA ARG M 132 26.73 -52.43 -53.67
C ARG M 132 25.42 -52.22 -52.93
N ILE M 133 24.78 -51.09 -53.21
CA ILE M 133 23.51 -50.76 -52.56
C ILE M 133 22.34 -51.41 -53.29
N GLU M 134 21.30 -51.77 -52.55
CA GLU M 134 20.15 -52.42 -53.15
C GLU M 134 18.89 -51.57 -53.07
N SER M 135 18.65 -50.96 -51.91
CA SER M 135 17.46 -50.14 -51.70
C SER M 135 17.74 -48.97 -50.77
N ILE M 136 16.86 -47.97 -50.82
CA ILE M 136 16.99 -46.80 -49.98
C ILE M 136 15.74 -46.60 -49.12
N THR M 137 15.83 -45.75 -48.12
CA THR M 137 14.69 -45.48 -47.23
C THR M 137 14.88 -44.18 -46.46
N ASP M 138 13.79 -43.68 -45.89
CA ASP M 138 13.81 -42.43 -45.14
C ASP M 138 14.76 -42.51 -43.95
N ASP M 139 15.77 -41.66 -43.95
CA ASP M 139 16.75 -41.61 -42.85
C ASP M 139 17.52 -42.92 -42.73
N SER M 140 17.61 -43.68 -43.82
CA SER M 140 18.35 -44.94 -43.80
C SER M 140 18.42 -45.57 -45.19
N ILE M 141 19.51 -46.29 -45.45
CA ILE M 141 19.68 -46.97 -46.74
C ILE M 141 20.13 -48.42 -46.55
N VAL M 142 19.63 -49.30 -47.40
CA VAL M 142 19.99 -50.72 -47.34
C VAL M 142 20.98 -51.08 -48.44
N LEU M 143 22.23 -51.32 -48.04
CA LEU M 143 23.27 -51.67 -48.99
C LEU M 143 23.77 -53.10 -48.78
N ASN M 144 24.87 -53.41 -49.46
CA ASN M 144 25.49 -54.73 -49.41
C ASN M 144 26.81 -54.69 -50.15
N GLU M 145 27.90 -54.66 -49.38
CA GLU M 145 29.23 -54.60 -49.96
C GLU M 145 29.86 -55.97 -50.08
N LEU M 146 31.16 -55.95 -50.32
CA LEU M 146 31.99 -57.14 -50.47
C LEU M 146 33.38 -56.86 -49.93
N ILE M 147 33.66 -57.40 -48.75
CA ILE M 147 34.96 -57.24 -48.11
C ILE M 147 35.53 -58.58 -47.66
N GLU M 148 36.84 -58.69 -47.66
CA GLU M 148 37.49 -59.92 -47.22
C GLU M 148 37.24 -60.16 -45.73
N ASP M 149 36.81 -61.37 -45.39
CA ASP M 149 36.53 -61.72 -44.00
C ASP M 149 35.91 -63.11 -43.88
N SER M 150 35.84 -63.61 -42.64
CA SER M 150 35.26 -64.92 -42.37
C SER M 150 36.01 -66.04 -43.08
N THR M 151 37.11 -65.67 -43.73
CA THR M 151 37.95 -66.64 -44.43
C THR M 151 39.29 -66.04 -44.80
N GLY M 152 39.27 -64.75 -45.09
CA GLY M 152 40.46 -64.04 -45.50
C GLY M 152 40.42 -63.76 -46.98
N ASN M 153 39.20 -63.66 -47.49
CA ASN M 153 38.95 -63.43 -48.91
C ASN M 153 37.65 -62.66 -49.09
N TRP M 154 37.61 -61.84 -50.13
CA TRP M 154 36.45 -61.00 -50.42
C TRP M 154 35.16 -61.77 -50.23
N VAL M 155 34.22 -61.16 -49.53
CA VAL M 155 32.92 -61.77 -49.25
C VAL M 155 31.88 -60.70 -48.98
N SER M 156 30.75 -60.80 -49.67
CA SER M 156 29.68 -59.81 -49.55
C SER M 156 29.27 -59.57 -48.12
N ARG M 157 28.34 -58.64 -47.93
CA ARG M 157 27.85 -58.29 -46.59
C ARG M 157 26.84 -57.15 -46.65
N LYS M 158 25.57 -57.49 -46.44
CA LYS M 158 24.50 -56.49 -46.48
C LYS M 158 24.51 -55.70 -45.18
N ALA M 159 23.80 -54.57 -45.14
CA ALA M 159 23.75 -53.73 -43.94
C ALA M 159 23.11 -52.39 -44.23
N GLU M 160 22.26 -51.92 -43.32
CA GLU M 160 21.59 -50.64 -43.52
C GLU M 160 22.23 -49.54 -42.70
N LEU M 161 22.25 -48.32 -43.21
CA LEU M 161 22.84 -47.22 -42.46
C LEU M 161 21.76 -46.23 -42.02
N LEU M 162 21.94 -45.67 -40.82
CA LEU M 162 20.98 -44.71 -40.28
C LEU M 162 21.51 -43.29 -40.46
N LEU M 163 20.79 -42.50 -41.24
CA LEU M 163 21.17 -41.12 -41.54
C LEU M 163 21.83 -40.45 -40.35
N ASN M 164 23.10 -40.11 -40.50
CA ASN M 164 23.87 -39.46 -39.46
C ASN M 164 23.98 -37.96 -39.71
N SER M 165 23.03 -37.20 -39.19
CA SER M 165 23.02 -35.76 -39.37
C SER M 165 23.52 -35.05 -38.12
N LYS N 84 -1.87 -70.08 -51.42
CA LYS N 84 -2.86 -69.12 -50.94
C LYS N 84 -2.50 -67.71 -51.38
N GLU N 85 -1.55 -67.08 -50.70
CA GLU N 85 -1.13 -65.73 -51.03
C GLU N 85 0.17 -65.36 -50.32
N THR N 86 0.89 -64.39 -50.92
CA THR N 86 2.16 -63.88 -50.40
C THR N 86 2.29 -63.99 -48.88
N LEU N 87 1.21 -63.71 -48.16
CA LEU N 87 1.21 -63.75 -46.69
C LEU N 87 1.88 -65.02 -46.16
N GLU N 88 1.96 -66.05 -46.99
CA GLU N 88 2.56 -67.32 -46.62
C GLU N 88 4.08 -67.20 -46.52
N LYS N 89 4.57 -65.98 -46.51
CA LYS N 89 6.00 -65.71 -46.40
C LYS N 89 6.28 -64.89 -45.15
N PHE N 90 5.23 -64.59 -44.40
CA PHE N 90 5.34 -63.80 -43.18
C PHE N 90 4.85 -64.59 -41.98
N SER N 91 5.33 -64.25 -40.80
CA SER N 91 4.93 -64.94 -39.58
C SER N 91 3.66 -64.33 -39.01
N LEU N 92 3.33 -64.70 -37.78
CA LEU N 92 2.14 -64.16 -37.12
C LEU N 92 2.54 -63.15 -36.06
N GLU N 93 3.78 -63.23 -35.59
CA GLU N 93 4.26 -62.28 -34.59
C GLU N 93 4.28 -60.87 -35.17
N ASN N 94 4.54 -60.81 -36.48
CA ASN N 94 4.61 -59.54 -37.20
C ASN N 94 3.25 -59.11 -37.72
N MET N 95 2.25 -59.96 -37.52
CA MET N 95 0.89 -59.65 -37.97
C MET N 95 0.04 -59.10 -36.85
N ARG N 96 -0.37 -57.83 -37.02
CA ARG N 96 -1.19 -57.17 -36.02
C ARG N 96 -2.21 -56.23 -36.65
N TYR N 97 -3.14 -55.76 -35.83
CA TYR N 97 -4.16 -54.82 -36.25
C TYR N 97 -3.55 -53.43 -36.46
N VAL N 98 -3.54 -52.97 -37.70
CA VAL N 98 -2.94 -51.68 -38.03
C VAL N 98 -3.96 -50.67 -38.53
N GLY N 99 -5.12 -51.15 -38.94
CA GLY N 99 -6.14 -50.25 -39.43
C GLY N 99 -7.46 -50.96 -39.69
N ILE N 100 -8.49 -50.20 -40.03
CA ILE N 100 -9.80 -50.78 -40.31
C ILE N 100 -10.21 -50.50 -41.74
N LEU N 101 -11.42 -50.91 -42.11
CA LEU N 101 -11.91 -50.71 -43.47
C LEU N 101 -13.30 -51.28 -43.64
N LYS N 102 -14.29 -50.38 -43.66
CA LYS N 102 -15.67 -50.80 -43.83
C LYS N 102 -16.35 -50.02 -44.97
N SER N 103 -17.58 -50.42 -45.26
CA SER N 103 -18.37 -49.77 -46.29
C SER N 103 -19.86 -49.99 -46.01
N GLY N 104 -20.48 -48.99 -45.38
CA GLY N 104 -21.88 -49.08 -45.05
C GLY N 104 -22.11 -49.66 -43.67
N GLN N 105 -21.82 -50.95 -43.52
CA GLN N 105 -21.99 -51.63 -42.24
C GLN N 105 -21.35 -53.02 -42.25
N LYS N 106 -20.48 -53.27 -43.22
CA LYS N 106 -19.82 -54.57 -43.32
C LYS N 106 -18.67 -54.67 -42.32
N VAL N 107 -18.07 -53.51 -42.03
CA VAL N 107 -16.95 -53.40 -41.08
C VAL N 107 -15.93 -54.53 -41.22
N SER N 108 -14.78 -54.19 -41.83
CA SER N 108 -13.70 -55.14 -41.99
C SER N 108 -12.45 -54.68 -41.25
N GLY N 109 -11.58 -55.63 -40.92
CA GLY N 109 -10.35 -55.33 -40.22
C GLY N 109 -9.12 -55.38 -41.11
N PHE N 110 -8.27 -54.37 -40.96
CA PHE N 110 -7.04 -54.25 -41.74
C PHE N 110 -5.81 -54.59 -40.90
N ILE N 111 -5.15 -55.69 -41.29
CA ILE N 111 -3.96 -56.16 -40.59
C ILE N 111 -2.71 -55.92 -41.44
N GLU N 112 -1.55 -56.06 -40.81
CA GLU N 112 -0.27 -55.86 -41.50
C GLU N 112 0.83 -56.75 -40.91
N ALA N 113 1.62 -57.33 -41.82
CA ALA N 113 2.71 -58.23 -41.47
C ALA N 113 4.03 -57.74 -42.05
N GLU N 114 5.00 -57.45 -41.20
CA GLU N 114 6.31 -56.97 -41.66
C GLU N 114 6.17 -55.93 -42.78
N GLY N 115 5.28 -54.97 -42.57
CA GLY N 115 5.08 -53.92 -43.58
C GLY N 115 3.96 -54.26 -44.53
N TYR N 116 3.88 -55.52 -44.93
CA TYR N 116 2.85 -55.99 -45.84
C TYR N 116 1.47 -55.71 -45.26
N VAL N 117 0.66 -54.99 -46.03
CA VAL N 117 -0.67 -54.65 -45.56
C VAL N 117 -1.72 -55.53 -46.23
N TYR N 118 -2.57 -56.16 -45.44
CA TYR N 118 -3.61 -57.05 -45.96
C TYR N 118 -4.83 -57.05 -45.05
N THR N 119 -5.98 -56.74 -45.65
CA THR N 119 -7.23 -56.67 -44.89
C THR N 119 -7.90 -58.03 -44.79
N VAL N 120 -8.93 -58.09 -43.95
CA VAL N 120 -9.70 -59.31 -43.72
C VAL N 120 -11.08 -58.98 -43.17
N GLY N 121 -12.08 -59.63 -43.74
CA GLY N 121 -13.46 -59.43 -43.33
C GLY N 121 -14.14 -60.72 -42.97
N VAL N 122 -15.42 -60.66 -42.64
CA VAL N 122 -16.16 -61.86 -42.27
C VAL N 122 -15.82 -63.03 -43.18
N GLY N 123 -15.07 -64.00 -42.67
CA GLY N 123 -14.71 -65.14 -43.48
C GLY N 123 -13.60 -64.84 -44.47
N ASN N 124 -12.39 -64.64 -43.94
CA ASN N 124 -11.22 -64.36 -44.79
C ASN N 124 -10.01 -65.17 -44.36
N TYR N 125 -8.84 -64.79 -44.88
CA TYR N 125 -7.58 -65.46 -44.59
C TYR N 125 -6.55 -64.48 -44.01
N LEU N 126 -5.77 -65.00 -43.04
CA LEU N 126 -4.74 -64.21 -42.39
C LEU N 126 -3.73 -65.13 -41.70
N GLY N 127 -2.99 -64.56 -40.75
CA GLY N 127 -2.03 -65.33 -39.98
C GLY N 127 -0.87 -65.87 -40.81
N GLN N 128 0.06 -66.54 -40.15
CA GLN N 128 1.22 -67.11 -40.83
C GLN N 128 0.88 -68.43 -41.53
N ASN N 129 0.49 -69.43 -40.74
CA ASN N 129 0.13 -70.74 -41.29
C ASN N 129 -1.16 -70.64 -42.10
N TYR N 130 -2.27 -71.06 -41.50
CA TYR N 130 -3.56 -71.00 -42.18
C TYR N 130 -4.56 -70.21 -41.35
N GLY N 131 -4.48 -68.90 -41.44
CA GLY N 131 -5.39 -68.05 -40.69
C GLY N 131 -6.71 -67.82 -41.40
N ARG N 132 -7.78 -67.77 -40.63
CA ARG N 132 -9.12 -67.57 -41.18
C ARG N 132 -9.99 -66.78 -40.21
N ILE N 133 -10.35 -65.57 -40.62
CA ILE N 133 -11.16 -64.67 -39.79
C ILE N 133 -12.64 -65.00 -39.97
N GLU N 134 -13.42 -64.82 -38.91
CA GLU N 134 -14.85 -65.12 -38.97
C GLU N 134 -15.71 -63.87 -38.81
N SER N 135 -15.35 -63.01 -37.86
CA SER N 135 -16.12 -61.80 -37.59
C SER N 135 -15.22 -60.65 -37.15
N ILE N 136 -15.74 -59.43 -37.26
CA ILE N 136 -15.01 -58.24 -36.85
C ILE N 136 -15.79 -57.46 -35.80
N THR N 137 -15.13 -56.52 -35.14
CA THR N 137 -15.76 -55.70 -34.11
C THR N 137 -14.96 -54.44 -33.83
N ASP N 138 -15.61 -53.48 -33.16
CA ASP N 138 -14.98 -52.21 -32.84
C ASP N 138 -13.75 -52.40 -31.96
N ASP N 139 -12.59 -51.98 -32.48
CA ASP N 139 -11.33 -52.08 -31.74
C ASP N 139 -10.96 -53.53 -31.45
N SER N 140 -11.48 -54.46 -32.26
CA SER N 140 -11.16 -55.88 -32.07
C SER N 140 -11.73 -56.74 -33.18
N ILE N 141 -11.06 -57.84 -33.50
CA ILE N 141 -11.53 -58.75 -34.52
C ILE N 141 -11.47 -60.21 -34.05
N VAL N 142 -12.45 -60.99 -34.45
CA VAL N 142 -12.51 -62.42 -34.08
C VAL N 142 -12.10 -63.30 -35.25
N LEU N 143 -10.91 -63.90 -35.14
CA LEU N 143 -10.40 -64.76 -36.18
C LEU N 143 -10.29 -66.21 -35.70
N ASN N 144 -9.62 -67.01 -36.53
CA ASN N 144 -9.41 -68.43 -36.26
C ASN N 144 -8.47 -69.01 -37.29
N GLU N 145 -7.22 -69.22 -36.88
CA GLU N 145 -6.22 -69.75 -37.78
C GLU N 145 -6.07 -71.26 -37.66
N LEU N 146 -4.98 -71.75 -38.23
CA LEU N 146 -4.63 -73.16 -38.24
C LEU N 146 -3.11 -73.30 -38.19
N ILE N 147 -2.60 -73.67 -37.02
CA ILE N 147 -1.17 -73.86 -36.82
C ILE N 147 -0.89 -75.21 -36.16
N GLU N 148 0.26 -75.79 -36.48
CA GLU N 148 0.66 -77.06 -35.89
C GLU N 148 0.87 -76.90 -34.38
N ASP N 149 0.26 -77.80 -33.60
CA ASP N 149 0.39 -77.75 -32.14
C ASP N 149 -0.51 -78.78 -31.47
N SER N 150 -0.29 -78.99 -30.17
CA SER N 150 -1.08 -79.93 -29.39
C SER N 150 -0.96 -81.35 -29.92
N THR N 151 -0.09 -81.53 -30.90
CA THR N 151 0.14 -82.86 -31.49
C THR N 151 1.39 -82.85 -32.35
N GLY N 152 1.63 -81.71 -32.99
CA GLY N 152 2.76 -81.56 -33.88
C GLY N 152 2.29 -81.58 -35.32
N ASN N 153 1.05 -81.13 -35.49
CA ASN N 153 0.40 -81.10 -36.81
C ASN N 153 -0.61 -79.97 -36.85
N TRP N 154 -0.77 -79.40 -38.04
CA TRP N 154 -1.68 -78.27 -38.25
C TRP N 154 -2.99 -78.47 -37.50
N VAL N 155 -3.42 -77.45 -36.79
CA VAL N 155 -4.67 -77.50 -36.01
C VAL N 155 -5.20 -76.09 -35.81
N SER N 156 -6.49 -75.92 -36.11
CA SER N 156 -7.12 -74.61 -36.02
C SER N 156 -6.92 -73.96 -34.66
N ARG N 157 -7.44 -72.74 -34.51
CA ARG N 157 -7.31 -72.00 -33.25
C ARG N 157 -7.92 -70.61 -33.37
N LYS N 158 -9.09 -70.43 -32.74
CA LYS N 158 -9.78 -69.14 -32.79
C LYS N 158 -9.10 -68.17 -31.83
N ALA N 159 -9.42 -66.88 -31.93
CA ALA N 159 -8.81 -65.87 -31.06
C ALA N 159 -9.12 -64.48 -31.55
N GLU N 160 -9.42 -63.57 -30.62
CA GLU N 160 -9.75 -62.20 -31.01
C GLU N 160 -8.57 -61.27 -30.73
N LEU N 161 -8.40 -60.25 -31.57
CA LEU N 161 -7.31 -59.31 -31.35
C LEU N 161 -7.84 -57.94 -30.94
N LEU N 162 -7.12 -57.27 -30.06
CA LEU N 162 -7.52 -55.95 -29.58
C LEU N 162 -6.71 -54.87 -30.30
N LEU N 163 -7.41 -54.04 -31.06
CA LEU N 163 -6.79 -52.96 -31.83
C LEU N 163 -5.59 -52.36 -31.10
N ASN N 164 -4.41 -52.53 -31.68
CA ASN N 164 -3.17 -52.02 -31.11
C ASN N 164 -2.75 -50.73 -31.81
N SER N 165 -3.21 -49.60 -31.30
CA SER N 165 -2.89 -48.31 -31.88
C SER N 165 -1.81 -47.61 -31.07
N LYS O 84 -38.91 -73.09 -26.47
CA LYS O 84 -39.37 -71.77 -26.05
C LYS O 84 -38.81 -70.69 -26.96
N GLU O 85 -37.55 -70.33 -26.76
CA GLU O 85 -36.91 -69.31 -27.57
C GLU O 85 -35.39 -69.29 -27.37
N THR O 86 -34.68 -68.79 -28.38
CA THR O 86 -33.22 -68.67 -28.39
C THR O 86 -32.61 -68.53 -26.99
N LEU O 87 -33.26 -67.76 -26.13
CA LEU O 87 -32.76 -67.52 -24.77
C LEU O 87 -32.33 -68.82 -24.08
N GLU O 88 -32.84 -69.94 -24.57
CA GLU O 88 -32.52 -71.26 -24.01
C GLU O 88 -31.10 -71.68 -24.37
N LYS O 89 -30.31 -70.72 -24.83
CA LYS O 89 -28.92 -70.97 -25.19
C LYS O 89 -28.00 -70.08 -24.36
N PHE O 90 -28.61 -69.29 -23.47
CA PHE O 90 -27.87 -68.38 -22.62
C PHE O 90 -28.12 -68.70 -21.14
N SER O 91 -27.17 -68.34 -20.28
CA SER O 91 -27.32 -68.60 -18.85
C SER O 91 -28.09 -67.48 -18.17
N LEU O 92 -28.07 -67.47 -16.84
CA LEU O 92 -28.75 -66.43 -16.08
C LEU O 92 -27.75 -65.45 -15.51
N GLU O 93 -26.50 -65.87 -15.37
CA GLU O 93 -25.45 -65.00 -14.87
C GLU O 93 -25.24 -63.83 -15.81
N ASN O 94 -25.45 -64.11 -17.10
CA ASN O 94 -25.27 -63.11 -18.15
C ASN O 94 -26.56 -62.32 -18.39
N MET O 95 -27.62 -62.71 -17.70
CA MET O 95 -28.91 -62.02 -17.85
C MET O 95 -29.13 -61.00 -16.75
N ARG O 96 -29.21 -59.73 -17.16
CA ARG O 96 -29.42 -58.64 -16.22
C ARG O 96 -30.28 -57.54 -16.82
N TYR O 97 -30.69 -56.62 -15.95
CA TYR O 97 -31.50 -55.47 -16.34
C TYR O 97 -30.63 -54.46 -17.10
N VAL O 98 -30.92 -54.27 -18.38
CA VAL O 98 -30.14 -53.37 -19.22
C VAL O 98 -30.94 -52.18 -19.71
N GLY O 99 -32.26 -52.28 -19.63
CA GLY O 99 -33.10 -51.19 -20.08
C GLY O 99 -34.55 -51.42 -19.77
N ILE O 100 -35.38 -50.41 -20.03
CA ILE O 100 -36.81 -50.52 -19.78
C ILE O 100 -37.59 -50.39 -21.07
N LEU O 101 -38.92 -50.40 -20.97
CA LEU O 101 -39.78 -50.30 -22.14
C LEU O 101 -41.24 -50.36 -21.77
N LYS O 102 -41.89 -49.18 -21.79
CA LYS O 102 -43.30 -49.10 -21.47
C LYS O 102 -44.08 -48.36 -22.56
N SER O 103 -45.39 -48.35 -22.39
CA SER O 103 -46.28 -47.67 -23.32
C SER O 103 -47.57 -47.28 -22.61
N GLY O 104 -47.64 -46.03 -22.15
CA GLY O 104 -48.81 -45.55 -21.46
C GLY O 104 -48.70 -45.74 -19.96
N GLN O 105 -48.74 -46.99 -19.52
CA GLN O 105 -48.65 -47.31 -18.10
C GLN O 105 -48.47 -48.81 -17.88
N LYS O 106 -48.09 -49.54 -18.93
CA LYS O 106 -47.90 -50.98 -18.82
C LYS O 106 -46.54 -51.29 -18.16
N VAL O 107 -45.59 -50.40 -18.39
CA VAL O 107 -44.23 -50.52 -17.85
C VAL O 107 -43.67 -51.94 -17.92
N SER O 108 -42.76 -52.15 -18.87
CA SER O 108 -42.12 -53.45 -19.03
C SER O 108 -40.61 -53.33 -18.81
N GLY O 109 -39.98 -54.45 -18.46
CA GLY O 109 -38.55 -54.48 -18.22
C GLY O 109 -37.77 -55.13 -19.35
N PHE O 110 -36.68 -54.48 -19.73
CA PHE O 110 -35.80 -54.96 -20.81
C PHE O 110 -34.51 -55.55 -20.25
N ILE O 111 -34.36 -56.86 -20.47
CA ILE O 111 -33.18 -57.58 -20.00
C ILE O 111 -32.29 -57.96 -21.18
N GLU O 112 -31.06 -58.40 -20.87
CA GLU O 112 -30.11 -58.80 -21.90
C GLU O 112 -29.16 -59.89 -21.38
N ALA O 113 -28.94 -60.88 -22.25
CA ALA O 113 -28.07 -62.02 -21.96
C ALA O 113 -26.96 -62.15 -22.98
N GLU O 114 -25.71 -62.07 -22.54
CA GLU O 114 -24.57 -62.19 -23.45
C GLU O 114 -24.79 -61.40 -24.74
N GLY O 115 -25.24 -60.16 -24.60
CA GLY O 115 -25.49 -59.32 -25.77
C GLY O 115 -26.91 -59.41 -26.26
N TYR O 116 -27.46 -60.61 -26.23
CA TYR O 116 -28.84 -60.84 -26.66
C TYR O 116 -29.79 -59.99 -25.86
N VAL O 117 -30.58 -59.18 -26.55
CA VAL O 117 -31.52 -58.30 -25.88
C VAL O 117 -32.94 -58.87 -25.97
N TYR O 118 -33.61 -58.99 -24.83
CA TYR O 118 -34.95 -59.53 -24.78
C TYR O 118 -35.74 -58.92 -23.61
N THR O 119 -36.89 -58.34 -23.95
CA THR O 119 -37.73 -57.69 -22.96
C THR O 119 -38.68 -58.67 -22.29
N VAL O 120 -39.33 -58.21 -21.23
CA VAL O 120 -40.28 -59.01 -20.46
C VAL O 120 -41.24 -58.11 -19.69
N GLY O 121 -42.52 -58.46 -19.76
CA GLY O 121 -43.55 -57.70 -19.09
C GLY O 121 -44.40 -58.58 -18.20
N VAL O 122 -45.42 -58.01 -17.58
CA VAL O 122 -46.29 -58.76 -16.68
C VAL O 122 -46.62 -60.13 -17.28
N GLY O 123 -46.05 -61.18 -16.72
CA GLY O 123 -46.32 -62.52 -17.24
C GLY O 123 -45.58 -62.81 -18.52
N ASN O 124 -44.25 -62.97 -18.42
CA ASN O 124 -43.43 -63.29 -19.58
C ASN O 124 -42.42 -64.38 -19.26
N TYR O 125 -41.44 -64.54 -20.16
CA TYR O 125 -40.40 -65.55 -20.03
C TYR O 125 -39.00 -64.91 -20.05
N LEU O 126 -38.11 -65.48 -19.22
CA LEU O 126 -36.74 -65.01 -19.12
C LEU O 126 -35.85 -66.09 -18.48
N GLY O 127 -34.71 -65.65 -17.97
CA GLY O 127 -33.80 -66.56 -17.29
C GLY O 127 -33.20 -67.62 -18.19
N GLN O 128 -32.32 -68.44 -17.63
CA GLN O 128 -31.67 -69.50 -18.40
C GLN O 128 -32.59 -70.71 -18.57
N ASN O 129 -32.95 -71.35 -17.46
CA ASN O 129 -33.83 -72.52 -17.49
C ASN O 129 -35.23 -72.12 -17.92
N TYR O 130 -36.14 -72.00 -16.96
CA TYR O 130 -37.51 -71.62 -17.26
C TYR O 130 -37.91 -70.38 -16.46
N GLY O 131 -37.50 -69.21 -16.95
CA GLY O 131 -37.82 -67.98 -16.27
C GLY O 131 -39.19 -67.43 -16.64
N ARG O 132 -39.86 -66.86 -15.66
CA ARG O 132 -41.20 -66.30 -15.87
C ARG O 132 -41.42 -65.08 -14.98
N ILE O 133 -41.54 -63.92 -15.62
CA ILE O 133 -41.74 -62.67 -14.91
C ILE O 133 -43.21 -62.46 -14.58
N GLU O 134 -43.50 -61.82 -13.45
CA GLU O 134 -44.89 -61.59 -13.05
C GLU O 134 -45.25 -60.11 -13.04
N SER O 135 -44.37 -59.29 -12.51
CA SER O 135 -44.62 -57.85 -12.41
C SER O 135 -43.34 -57.03 -12.58
N ILE O 136 -43.52 -55.75 -12.89
CA ILE O 136 -42.38 -54.85 -13.06
C ILE O 136 -42.50 -53.67 -12.11
N THR O 137 -41.42 -52.91 -11.95
CA THR O 137 -41.41 -51.74 -11.07
C THR O 137 -40.24 -50.81 -11.38
N ASP O 138 -40.33 -49.59 -10.88
CA ASP O 138 -39.29 -48.58 -11.12
C ASP O 138 -37.94 -49.03 -10.58
N ASP O 139 -36.97 -49.16 -11.48
CA ASP O 139 -35.61 -49.56 -11.11
C ASP O 139 -35.59 -50.97 -10.52
N SER O 140 -36.58 -51.79 -10.86
CA SER O 140 -36.63 -53.17 -10.35
C SER O 140 -37.77 -53.96 -10.97
N ILE O 141 -37.57 -55.27 -11.13
CA ILE O 141 -38.62 -56.12 -11.68
C ILE O 141 -38.80 -57.38 -10.84
N VAL O 142 -40.04 -57.83 -10.72
CA VAL O 142 -40.35 -59.04 -9.95
C VAL O 142 -40.64 -60.22 -10.87
N LEU O 143 -39.69 -61.17 -10.91
CA LEU O 143 -39.85 -62.34 -11.75
C LEU O 143 -39.98 -63.61 -10.92
N ASN O 144 -39.89 -64.74 -11.62
CA ASN O 144 -40.00 -66.05 -11.02
C ASN O 144 -39.68 -67.12 -12.06
N GLU O 145 -38.47 -67.68 -11.94
CA GLU O 145 -38.03 -68.69 -12.87
C GLU O 145 -38.28 -70.10 -12.36
N LEU O 146 -37.64 -71.05 -13.04
CA LEU O 146 -37.72 -72.46 -12.72
C LEU O 146 -36.38 -73.13 -13.04
N ILE O 147 -35.63 -73.42 -11.98
CA ILE O 147 -34.33 -74.08 -12.12
C ILE O 147 -34.22 -75.28 -11.20
N GLU O 148 -33.46 -76.29 -11.63
CA GLU O 148 -33.26 -77.48 -10.82
C GLU O 148 -32.51 -77.14 -9.53
N ASP O 149 -33.04 -77.59 -8.39
CA ASP O 149 -32.40 -77.32 -7.10
C ASP O 149 -33.27 -77.82 -5.95
N SER O 150 -32.68 -77.84 -4.75
CA SER O 150 -33.38 -78.27 -3.54
C SER O 150 -33.86 -79.71 -3.64
N THR O 151 -33.47 -80.38 -4.73
CA THR O 151 -33.83 -81.78 -4.94
C THR O 151 -33.00 -82.38 -6.08
N GLY O 152 -32.70 -81.54 -7.05
CA GLY O 152 -31.95 -81.98 -8.21
C GLY O 152 -32.87 -82.09 -9.40
N ASN O 153 -33.92 -81.28 -9.37
CA ASN O 153 -34.93 -81.26 -10.42
C ASN O 153 -35.54 -79.87 -10.53
N TRP O 154 -35.94 -79.52 -11.75
CA TRP O 154 -36.51 -78.20 -12.02
C TRP O 154 -37.48 -77.78 -10.94
N VAL O 155 -37.34 -76.55 -10.46
CA VAL O 155 -38.19 -76.01 -9.41
C VAL O 155 -38.21 -74.49 -9.49
N SER O 156 -39.42 -73.93 -9.48
CA SER O 156 -39.60 -72.49 -9.61
C SER O 156 -38.77 -71.71 -8.59
N ARG O 157 -38.84 -70.39 -8.68
CA ARG O 157 -38.09 -69.52 -7.77
C ARG O 157 -38.29 -68.06 -8.12
N LYS O 158 -39.07 -67.35 -7.29
CA LYS O 158 -39.34 -65.93 -7.52
C LYS O 158 -38.14 -65.11 -7.10
N ALA O 159 -38.10 -63.83 -7.48
CA ALA O 159 -36.97 -62.96 -7.14
C ALA O 159 -37.02 -61.67 -7.91
N GLU O 160 -36.72 -60.55 -7.24
CA GLU O 160 -36.76 -59.25 -7.91
C GLU O 160 -35.36 -58.77 -8.23
N LEU O 161 -35.20 -58.06 -9.34
CA LEU O 161 -33.88 -57.55 -9.70
C LEU O 161 -33.84 -56.02 -9.59
N LEU O 162 -32.70 -55.50 -9.15
CA LEU O 162 -32.53 -54.06 -9.00
C LEU O 162 -31.75 -53.50 -10.18
N LEU O 163 -32.41 -52.63 -10.95
CA LEU O 163 -31.81 -52.01 -12.13
C LEU O 163 -30.32 -51.75 -11.95
N ASN O 164 -29.51 -52.44 -12.74
CA ASN O 164 -28.06 -52.29 -12.68
C ASN O 164 -27.56 -51.41 -13.82
N SER O 165 -27.49 -50.11 -13.55
CA SER O 165 -27.03 -49.15 -14.55
C SER O 165 -25.59 -48.75 -14.29
N LYS P 84 -64.40 -57.97 7.09
CA LYS P 84 -64.29 -56.52 7.21
C LYS P 84 -63.80 -55.90 5.91
N GLU P 85 -62.50 -55.98 5.65
CA GLU P 85 -61.92 -55.43 4.44
C GLU P 85 -60.48 -55.92 4.23
N THR P 86 -60.06 -55.90 2.96
CA THR P 86 -58.72 -56.32 2.54
C THR P 86 -57.65 -56.14 3.62
N LEU P 87 -57.72 -55.04 4.37
CA LEU P 87 -56.74 -54.74 5.42
C LEU P 87 -56.48 -55.95 6.32
N GLU P 88 -57.41 -56.90 6.32
CA GLU P 88 -57.31 -58.11 7.13
C GLU P 88 -56.26 -59.06 6.56
N LYS P 89 -55.46 -58.56 5.65
CA LYS P 89 -54.40 -59.35 5.02
C LYS P 89 -53.04 -58.70 5.30
N PHE P 90 -53.06 -57.60 6.03
CA PHE P 90 -51.85 -56.87 6.37
C PHE P 90 -51.66 -56.81 7.88
N SER P 91 -50.42 -56.66 8.32
CA SER P 91 -50.13 -56.57 9.75
C SER P 91 -50.27 -55.14 10.24
N LEU P 92 -49.80 -54.90 11.46
CA LEU P 92 -49.86 -53.56 12.05
C LEU P 92 -48.47 -52.90 12.02
N GLU P 93 -47.43 -53.72 11.94
CA GLU P 93 -46.08 -53.19 11.88
C GLU P 93 -45.89 -52.37 10.62
N ASN P 94 -46.59 -52.79 9.57
CA ASN P 94 -46.52 -52.14 8.26
C ASN P 94 -47.53 -51.01 8.15
N MET P 95 -48.36 -50.84 9.18
CA MET P 95 -49.37 -49.79 9.18
C MET P 95 -48.90 -48.57 9.94
N ARG P 96 -48.75 -47.46 9.21
CA ARG P 96 -48.32 -46.22 9.82
C ARG P 96 -48.99 -45.01 9.18
N TYR P 97 -48.81 -43.86 9.82
CA TYR P 97 -49.34 -42.59 9.34
C TYR P 97 -48.55 -42.12 8.12
N VAL P 98 -49.19 -42.08 6.97
CA VAL P 98 -48.53 -41.69 5.73
C VAL P 98 -49.08 -40.41 5.14
N GLY P 99 -50.26 -40.01 5.59
CA GLY P 99 -50.87 -38.80 5.08
C GLY P 99 -52.13 -38.43 5.81
N ILE P 100 -52.69 -37.26 5.50
CA ILE P 100 -53.90 -36.81 6.14
C ILE P 100 -55.02 -36.65 5.11
N LEU P 101 -56.18 -36.17 5.56
CA LEU P 101 -57.32 -35.99 4.67
C LEU P 101 -58.53 -35.45 5.42
N LYS P 102 -58.78 -34.15 5.23
CA LYS P 102 -59.91 -33.52 5.86
C LYS P 102 -60.78 -32.77 4.86
N SER P 103 -61.89 -32.25 5.35
CA SER P 103 -62.82 -31.48 4.54
C SER P 103 -63.63 -30.54 5.41
N GLY P 104 -63.18 -29.29 5.48
CA GLY P 104 -63.86 -28.29 6.29
C GLY P 104 -63.30 -28.22 7.70
N GLN P 105 -63.54 -29.28 8.48
CA GLN P 105 -63.05 -29.34 9.85
C GLN P 105 -63.23 -30.73 10.44
N LYS P 106 -63.46 -31.73 9.59
CA LYS P 106 -63.64 -33.09 10.06
C LYS P 106 -62.30 -33.74 10.40
N VAL P 107 -61.26 -33.30 9.68
CA VAL P 107 -59.90 -33.80 9.86
C VAL P 107 -59.82 -35.31 10.06
N SER P 108 -59.38 -36.00 9.01
CA SER P 108 -59.22 -37.45 9.06
C SER P 108 -57.76 -37.85 8.83
N GLY P 109 -57.40 -39.02 9.32
CA GLY P 109 -56.04 -39.52 9.17
C GLY P 109 -55.91 -40.61 8.12
N PHE P 110 -54.88 -40.48 7.29
CA PHE P 110 -54.59 -41.42 6.21
C PHE P 110 -53.41 -42.32 6.56
N ILE P 111 -53.71 -43.61 6.70
CA ILE P 111 -52.70 -44.61 7.03
C ILE P 111 -52.41 -45.50 5.83
N GLU P 112 -51.33 -46.27 5.92
CA GLU P 112 -50.93 -47.18 4.83
C GLU P 112 -50.21 -48.42 5.37
N ALA P 113 -50.59 -49.57 4.79
CA ALA P 113 -50.03 -50.85 5.18
C ALA P 113 -49.43 -51.57 3.97
N GLU P 114 -48.13 -51.86 4.03
CA GLU P 114 -47.45 -52.54 2.93
C GLU P 114 -47.87 -51.98 1.58
N GLY P 115 -47.89 -50.67 1.46
CA GLY P 115 -48.27 -50.02 0.20
C GLY P 115 -49.74 -49.69 0.15
N TYR P 116 -50.56 -50.58 0.68
CA TYR P 116 -52.01 -50.39 0.70
C TYR P 116 -52.35 -49.12 1.45
N VAL P 117 -53.07 -48.22 0.78
CA VAL P 117 -53.44 -46.96 1.39
C VAL P 117 -54.90 -46.99 1.85
N TYR P 118 -55.13 -46.65 3.10
CA TYR P 118 -56.48 -46.65 3.66
C TYR P 118 -56.61 -45.60 4.76
N THR P 119 -57.60 -44.72 4.59
CA THR P 119 -57.83 -43.64 5.54
C THR P 119 -58.72 -44.08 6.68
N VAL P 120 -58.81 -43.22 7.69
CA VAL P 120 -59.63 -43.47 8.88
C VAL P 120 -59.97 -42.16 9.59
N GLY P 121 -61.24 -42.04 9.95
CA GLY P 121 -61.71 -40.85 10.62
C GLY P 121 -62.41 -41.18 11.92
N VAL P 122 -62.96 -40.18 12.59
CA VAL P 122 -63.65 -40.39 13.87
C VAL P 122 -64.54 -41.64 13.80
N GLY P 123 -64.12 -42.71 14.46
CA GLY P 123 -64.90 -43.91 14.45
C GLY P 123 -64.77 -44.70 13.16
N ASN P 124 -63.58 -45.29 12.95
CA ASN P 124 -63.34 -46.09 11.76
C ASN P 124 -62.62 -47.40 12.11
N TYR P 125 -62.11 -48.06 11.08
CA TYR P 125 -61.40 -49.34 11.20
C TYR P 125 -59.98 -49.25 10.64
N LEU P 126 -59.06 -49.93 11.35
CA LEU P 126 -57.67 -49.97 10.93
C LEU P 126 -56.95 -51.15 11.60
N GLY P 127 -55.63 -51.06 11.65
CA GLY P 127 -54.82 -52.10 12.29
C GLY P 127 -54.90 -53.45 11.61
N GLN P 128 -54.15 -54.42 12.14
CA GLN P 128 -54.13 -55.76 11.57
C GLN P 128 -55.35 -56.57 12.01
N ASN P 129 -55.46 -56.82 13.30
CA ASN P 129 -56.59 -57.58 13.85
C ASN P 129 -57.88 -56.80 13.71
N TYR P 130 -58.33 -56.18 14.79
CA TYR P 130 -59.56 -55.39 14.77
C TYR P 130 -59.29 -53.97 15.25
N GLY P 131 -58.77 -53.14 14.35
CA GLY P 131 -58.47 -51.76 14.70
C GLY P 131 -59.68 -50.85 14.56
N ARG P 132 -59.79 -49.91 15.47
CA ARG P 132 -60.90 -48.95 15.46
C ARG P 132 -60.45 -47.59 15.98
N ILE P 133 -60.46 -46.61 15.09
CA ILE P 133 -60.05 -45.25 15.44
C ILE P 133 -61.20 -44.48 16.07
N GLU P 134 -60.89 -43.58 16.99
CA GLU P 134 -61.93 -42.81 17.66
C GLU P 134 -61.85 -41.32 17.33
N SER P 135 -60.63 -40.77 17.35
CA SER P 135 -60.43 -39.35 17.09
C SER P 135 -59.11 -39.09 16.37
N ILE P 136 -59.02 -37.91 15.75
CA ILE P 136 -57.81 -37.53 15.04
C ILE P 136 -57.25 -36.22 15.60
N THR P 137 -56.02 -35.89 15.24
CA THR P 137 -55.38 -34.66 15.71
C THR P 137 -54.19 -34.28 14.84
N ASP P 138 -53.74 -33.04 14.97
CA ASP P 138 -52.62 -32.53 14.19
C ASP P 138 -51.35 -33.33 14.46
N ASP P 139 -50.82 -33.96 13.41
CA ASP P 139 -49.58 -34.74 13.52
C ASP P 139 -49.75 -35.92 14.47
N SER P 140 -50.99 -36.39 14.65
CA SER P 140 -51.24 -37.53 15.52
C SER P 140 -52.70 -37.96 15.49
N ILE P 141 -52.94 -39.25 15.68
CA ILE P 141 -54.30 -39.78 15.69
C ILE P 141 -54.54 -40.71 16.88
N VAL P 142 -55.73 -40.65 17.45
CA VAL P 142 -56.08 -41.50 18.59
C VAL P 142 -56.99 -42.65 18.15
N LEU P 143 -56.42 -43.86 18.15
CA LEU P 143 -57.17 -45.03 17.75
C LEU P 143 -57.36 -46.00 18.92
N ASN P 144 -57.83 -47.20 18.58
CA ASN P 144 -58.10 -48.25 19.54
C ASN P 144 -58.46 -49.53 18.82
N GLU P 145 -57.50 -50.46 18.77
CA GLU P 145 -57.70 -51.72 18.09
C GLU P 145 -58.14 -52.82 19.03
N LEU P 146 -58.06 -54.04 18.52
CA LEU P 146 -58.42 -55.25 19.23
C LEU P 146 -57.52 -56.39 18.79
N ILE P 147 -56.56 -56.73 19.65
CA ILE P 147 -55.63 -57.82 19.38
C ILE P 147 -55.55 -58.80 20.54
N GLU P 148 -55.29 -60.06 20.24
CA GLU P 148 -55.17 -61.07 21.28
C GLU P 148 -53.95 -60.78 22.16
N ASP P 149 -54.16 -60.80 23.48
CA ASP P 149 -53.08 -60.54 24.43
C ASP P 149 -53.60 -60.46 25.87
N SER P 150 -52.66 -60.47 26.82
CA SER P 150 -52.99 -60.39 28.24
C SER P 150 -53.86 -61.56 28.68
N THR P 151 -54.07 -62.51 27.78
CA THR P 151 -54.85 -63.70 28.08
C THR P 151 -54.67 -64.76 27.00
N GLY P 152 -54.50 -64.29 25.77
CA GLY P 152 -54.35 -65.17 24.64
C GLY P 152 -55.61 -65.17 23.81
N ASN P 153 -56.32 -64.05 23.88
CA ASN P 153 -57.59 -63.86 23.19
C ASN P 153 -57.78 -62.40 22.84
N TRP P 154 -58.46 -62.15 21.72
CA TRP P 154 -58.70 -60.80 21.23
C TRP P 154 -59.08 -59.86 22.37
N VAL P 155 -58.45 -58.71 22.41
CA VAL P 155 -58.70 -57.70 23.44
C VAL P 155 -58.32 -56.32 22.94
N SER P 156 -59.24 -55.38 23.10
CA SER P 156 -59.04 -54.01 22.61
C SER P 156 -57.74 -53.41 23.10
N ARG P 157 -57.46 -52.19 22.66
CA ARG P 157 -56.23 -51.49 23.05
C ARG P 157 -56.12 -50.14 22.34
N LYS P 158 -56.33 -49.07 23.11
CA LYS P 158 -56.27 -47.72 22.55
C LYS P 158 -54.81 -47.31 22.39
N ALA P 159 -54.55 -46.24 21.65
CA ALA P 159 -53.18 -45.78 21.42
C ALA P 159 -53.12 -44.71 20.35
N GLU P 160 -52.32 -43.67 20.56
CA GLU P 160 -52.22 -42.60 19.58
C GLU P 160 -50.94 -42.72 18.77
N LEU P 161 -50.98 -42.33 17.51
CA LEU P 161 -49.78 -42.40 16.68
C LEU P 161 -49.28 -41.00 16.33
N LEU P 162 -47.96 -40.85 16.27
CA LEU P 162 -47.35 -39.56 15.95
C LEU P 162 -46.90 -39.54 14.50
N LEU P 163 -47.51 -38.65 13.71
CA LEU P 163 -47.21 -38.53 12.29
C LEU P 163 -45.74 -38.79 11.99
N ASN P 164 -45.48 -39.85 11.25
CA ASN P 164 -44.12 -40.23 10.88
C ASN P 164 -43.81 -39.80 9.45
N SER P 165 -43.29 -38.60 9.30
CA SER P 165 -42.96 -38.07 7.98
C SER P 165 -41.46 -38.16 7.72
N LYS Q 84 -71.49 -28.76 40.26
CA LYS Q 84 -70.94 -27.45 39.92
C LYS Q 84 -70.78 -27.30 38.42
N GLU Q 85 -69.72 -27.88 37.86
CA GLU Q 85 -69.46 -27.81 36.44
C GLU Q 85 -68.39 -28.81 36.01
N THR Q 86 -68.43 -29.18 34.72
CA THR Q 86 -67.49 -30.12 34.11
C THR Q 86 -66.12 -30.14 34.77
N LEU Q 87 -65.61 -28.97 35.15
CA LEU Q 87 -64.29 -28.85 35.78
C LEU Q 87 -64.09 -29.89 36.89
N GLU Q 88 -65.19 -30.41 37.41
CA GLU Q 88 -65.15 -31.41 38.48
C GLU Q 88 -64.68 -32.76 37.96
N LYS Q 89 -64.13 -32.76 36.75
CA LYS Q 89 -63.61 -33.97 36.14
C LYS Q 89 -62.13 -33.82 35.85
N PHE Q 90 -61.58 -32.66 36.21
CA PHE Q 90 -60.17 -32.36 35.99
C PHE Q 90 -59.47 -32.09 37.31
N SER Q 91 -58.16 -32.31 37.34
CA SER Q 91 -57.38 -32.07 38.56
C SER Q 91 -56.95 -30.62 38.64
N LEU Q 92 -56.03 -30.33 39.56
CA LEU Q 92 -55.51 -28.98 39.72
C LEU Q 92 -54.10 -28.87 39.16
N GLU Q 93 -53.42 -30.01 39.04
CA GLU Q 93 -52.07 -30.02 38.48
C GLU Q 93 -52.11 -29.58 37.02
N ASN Q 94 -53.22 -29.91 36.36
CA ASN Q 94 -53.42 -29.57 34.96
C ASN Q 94 -54.05 -28.21 34.79
N MET Q 95 -54.39 -27.57 35.90
CA MET Q 95 -55.01 -26.24 35.86
C MET Q 95 -53.99 -25.15 36.10
N ARG Q 96 -53.80 -24.32 35.06
CA ARG Q 96 -52.85 -23.22 35.14
C ARG Q 96 -53.33 -21.99 34.38
N TYR Q 97 -52.63 -20.89 34.59
CA TYR Q 97 -52.92 -19.63 33.92
C TYR Q 97 -52.49 -19.71 32.45
N VAL Q 98 -53.46 -19.66 31.54
CA VAL Q 98 -53.17 -19.77 30.12
C VAL Q 98 -53.51 -18.51 29.35
N GLY Q 99 -54.32 -17.64 29.96
CA GLY Q 99 -54.69 -16.41 29.29
C GLY Q 99 -55.47 -15.48 30.19
N ILE Q 100 -55.75 -14.28 29.71
CA ILE Q 100 -56.50 -13.31 30.49
C ILE Q 100 -57.80 -12.96 29.79
N LEU Q 101 -58.55 -12.02 30.37
CA LEU Q 101 -59.83 -11.62 29.80
C LEU Q 101 -60.50 -10.55 30.64
N LYS Q 102 -60.44 -9.31 30.15
CA LYS Q 102 -61.06 -8.20 30.86
C LYS Q 102 -61.97 -7.40 29.94
N SER Q 103 -62.65 -6.43 30.54
CA SER Q 103 -63.55 -5.55 29.80
C SER Q 103 -63.71 -4.23 30.55
N GLY Q 104 -62.93 -3.23 30.13
CA GLY Q 104 -62.98 -1.94 30.76
C GLY Q 104 -61.98 -1.81 31.89
N GLN Q 105 -62.22 -2.54 32.98
CA GLN Q 105 -61.33 -2.51 34.13
C GLN Q 105 -61.68 -3.62 35.13
N LYS Q 106 -62.45 -4.60 34.69
CA LYS Q 106 -62.84 -5.70 35.57
C LYS Q 106 -61.70 -6.71 35.72
N VAL Q 107 -60.90 -6.81 34.66
CA VAL Q 107 -59.74 -7.72 34.60
C VAL Q 107 -60.03 -9.09 35.21
N SER Q 108 -60.20 -10.09 34.33
CA SER Q 108 -60.44 -11.46 34.76
C SER Q 108 -59.31 -12.38 34.28
N GLY Q 109 -59.15 -13.50 34.97
CA GLY Q 109 -58.12 -14.46 34.62
C GLY Q 109 -58.67 -15.70 33.93
N PHE Q 110 -57.99 -16.10 32.87
CA PHE Q 110 -58.38 -17.27 32.07
C PHE Q 110 -57.45 -18.45 32.34
N ILE Q 111 -58.03 -19.50 32.92
CA ILE Q 111 -57.29 -20.71 33.25
C ILE Q 111 -57.70 -21.86 32.33
N GLU Q 112 -56.91 -22.93 32.35
CA GLU Q 112 -57.17 -24.10 31.51
C GLU Q 112 -56.69 -25.39 32.18
N ALA Q 113 -57.55 -26.42 32.08
CA ALA Q 113 -57.28 -27.73 32.67
C ALA Q 113 -57.34 -28.82 31.61
N GLU Q 114 -56.25 -29.54 31.41
CA GLU Q 114 -56.20 -30.61 30.41
C GLU Q 114 -56.89 -30.21 29.11
N GLY Q 115 -56.57 -29.01 28.63
CA GLY Q 115 -57.17 -28.53 27.38
C GLY Q 115 -58.41 -27.70 27.63
N TYR Q 116 -59.23 -28.14 28.58
CA TYR Q 116 -60.46 -27.44 28.93
C TYR Q 116 -60.15 -26.00 29.34
N VAL Q 117 -60.78 -25.06 28.65
CA VAL Q 117 -60.54 -23.66 28.95
C VAL Q 117 -61.70 -23.08 29.75
N TYR Q 118 -61.39 -22.45 30.87
CA TYR Q 118 -62.41 -21.86 31.75
C TYR Q 118 -61.85 -20.65 32.48
N THR Q 119 -62.55 -19.52 32.33
CA THR Q 119 -62.13 -18.27 32.94
C THR Q 119 -62.65 -18.14 34.36
N VAL Q 120 -62.15 -17.14 35.07
CA VAL Q 120 -62.54 -16.85 36.45
C VAL Q 120 -62.24 -15.40 36.80
N GLY Q 121 -63.21 -14.76 37.43
CA GLY Q 121 -63.08 -13.38 37.84
C GLY Q 121 -63.36 -13.19 39.31
N VAL Q 122 -63.33 -11.95 39.78
CA VAL Q 122 -63.57 -11.67 41.19
C VAL Q 122 -64.73 -12.50 41.73
N GLY Q 123 -64.43 -13.50 42.54
CA GLY Q 123 -65.49 -14.34 43.09
C GLY Q 123 -66.03 -15.34 42.10
N ASN Q 124 -65.20 -16.34 41.76
CA ASN Q 124 -65.61 -17.39 40.83
C ASN Q 124 -65.22 -18.78 41.34
N TYR Q 125 -65.29 -19.76 40.45
CA TYR Q 125 -64.98 -21.15 40.76
C TYR Q 125 -63.88 -21.69 39.84
N LEU Q 126 -63.00 -22.51 40.44
CA LEU Q 126 -61.89 -23.11 39.71
C LEU Q 126 -61.36 -24.33 40.48
N GLY Q 127 -60.12 -24.71 40.15
CA GLY Q 127 -59.47 -25.82 40.83
C GLY Q 127 -60.15 -27.16 40.62
N GLN Q 128 -59.56 -28.21 41.18
CA GLN Q 128 -60.12 -29.55 41.04
C GLN Q 128 -61.29 -29.78 42.00
N ASN Q 129 -61.01 -29.72 43.30
CA ASN Q 129 -62.05 -29.92 44.32
C ASN Q 129 -63.04 -28.77 44.30
N TYR Q 130 -62.89 -27.84 45.24
CA TYR Q 130 -63.78 -26.68 45.31
C TYR Q 130 -62.98 -25.39 45.26
N GLY Q 131 -62.59 -24.99 44.06
CA GLY Q 131 -61.82 -23.77 43.91
C GLY Q 131 -62.69 -22.53 43.82
N ARG Q 132 -62.22 -21.45 44.42
CA ARG Q 132 -62.96 -20.18 44.43
C ARG Q 132 -62.00 -19.00 44.40
N ILE Q 133 -62.04 -18.26 43.30
CA ILE Q 133 -61.16 -17.11 43.11
C ILE Q 133 -61.77 -15.88 43.76
N GLU Q 134 -60.92 -14.99 44.27
CA GLU Q 134 -61.41 -13.78 44.94
C GLU Q 134 -61.02 -12.51 44.18
N SER Q 135 -59.77 -12.44 43.72
CA SER Q 135 -59.28 -11.26 43.01
C SER Q 135 -58.28 -11.62 41.93
N ILE Q 136 -58.08 -10.70 40.99
CA ILE Q 136 -57.13 -10.91 39.91
C ILE Q 136 -56.08 -9.81 39.90
N THR Q 137 -55.00 -10.01 39.15
CA THR Q 137 -53.92 -9.03 39.06
C THR Q 137 -53.05 -9.27 37.83
N ASP Q 138 -52.26 -8.26 37.48
CA ASP Q 138 -51.39 -8.35 36.32
C ASP Q 138 -50.37 -9.47 36.46
N ASP Q 139 -50.43 -10.44 35.54
CA ASP Q 139 -49.51 -11.57 35.54
C ASP Q 139 -49.66 -12.42 36.80
N SER Q 140 -50.83 -12.37 37.43
CA SER Q 140 -51.08 -13.16 38.64
C SER Q 140 -52.52 -13.05 39.11
N ILE Q 141 -53.04 -14.11 39.72
CA ILE Q 141 -54.39 -14.10 40.24
C ILE Q 141 -54.46 -14.64 41.66
N VAL Q 142 -55.31 -14.06 42.48
CA VAL Q 142 -55.48 -14.50 43.88
C VAL Q 142 -56.76 -15.31 44.05
N LEU Q 143 -56.59 -16.62 44.24
CA LEU Q 143 -57.73 -17.50 44.41
C LEU Q 143 -57.77 -18.10 45.82
N ASN Q 144 -58.64 -19.09 45.98
CA ASN Q 144 -58.84 -19.78 47.24
C ASN Q 144 -59.77 -20.95 47.05
N GLU Q 145 -59.18 -22.15 47.02
CA GLU Q 145 -59.96 -23.36 46.81
C GLU Q 145 -60.33 -24.04 48.11
N LEU Q 146 -60.78 -25.28 47.97
CA LEU Q 146 -61.19 -26.12 49.08
C LEU Q 146 -60.85 -27.58 48.76
N ILE Q 147 -59.79 -28.07 49.40
CA ILE Q 147 -59.35 -29.45 49.22
C ILE Q 147 -59.16 -30.15 50.56
N GLU Q 148 -59.38 -31.45 50.59
CA GLU Q 148 -59.20 -32.23 51.80
C GLU Q 148 -57.72 -32.23 52.21
N ASP Q 149 -57.47 -31.93 53.49
CA ASP Q 149 -56.09 -31.90 54.00
C ASP Q 149 -56.04 -31.38 55.43
N SER Q 150 -54.88 -31.54 56.06
CA SER Q 150 -54.67 -31.08 57.43
C SER Q 150 -55.62 -31.76 58.41
N THR Q 151 -56.38 -32.73 57.90
CA THR Q 151 -57.32 -33.48 58.74
C THR Q 151 -57.82 -34.71 58.01
N GLY Q 152 -57.95 -34.57 56.69
CA GLY Q 152 -58.45 -35.64 55.86
C GLY Q 152 -59.88 -35.35 55.43
N ASN Q 153 -60.16 -34.06 55.36
CA ASN Q 153 -61.49 -33.57 55.00
C ASN Q 153 -61.37 -32.22 54.31
N TRP Q 154 -62.29 -31.97 53.38
CA TRP Q 154 -62.30 -30.73 52.60
C TRP Q 154 -61.99 -29.52 53.47
N VAL Q 155 -61.08 -28.69 53.01
CA VAL Q 155 -60.67 -27.48 53.74
C VAL Q 155 -60.13 -26.45 52.77
N SER Q 156 -60.64 -25.22 52.89
CA SER Q 156 -60.24 -24.15 51.98
C SER Q 156 -58.73 -23.97 51.92
N ARG Q 157 -58.29 -23.03 51.08
CA ARG Q 157 -56.86 -22.75 50.92
C ARG Q 157 -56.63 -21.69 49.85
N LYS Q 158 -56.26 -20.49 50.30
CA LYS Q 158 -56.02 -19.38 49.38
C LYS Q 158 -54.65 -19.57 48.72
N ALA Q 159 -54.37 -18.80 47.67
CA ALA Q 159 -53.09 -18.92 46.96
C ALA Q 159 -53.12 -18.16 45.65
N GLU Q 160 -52.03 -17.46 45.34
CA GLU Q 160 -51.98 -16.69 44.10
C GLU Q 160 -51.14 -17.41 43.05
N LEU Q 161 -51.51 -17.28 41.78
CA LEU Q 161 -50.73 -17.92 40.73
C LEU Q 161 -50.02 -16.88 39.87
N LEU Q 162 -48.81 -17.23 39.43
CA LEU Q 162 -48.01 -16.33 38.60
C LEU Q 162 -48.10 -16.75 37.14
N LEU Q 163 -48.67 -15.86 36.32
CA LEU Q 163 -48.85 -16.11 34.89
C LEU Q 163 -47.71 -16.93 34.31
N ASN Q 164 -48.03 -18.14 33.86
CA ASN Q 164 -47.05 -19.05 33.27
C ASN Q 164 -47.14 -19.03 31.75
N SER Q 165 -46.39 -18.14 31.13
CA SER Q 165 -46.40 -18.02 29.68
C SER Q 165 -45.17 -18.69 29.08
N LYS R 84 -58.28 6.71 64.15
CA LYS R 84 -57.54 7.66 63.32
C LYS R 84 -57.87 7.45 61.85
N GLU R 85 -57.28 6.44 61.24
CA GLU R 85 -57.51 6.15 59.83
C GLU R 85 -56.98 4.76 59.45
N THR R 86 -57.57 4.21 58.38
CA THR R 86 -57.20 2.89 57.84
C THR R 86 -55.74 2.51 58.10
N LEU R 87 -54.83 3.47 57.98
CA LEU R 87 -53.40 3.23 58.17
C LEU R 87 -53.12 2.42 59.44
N GLU R 88 -54.07 2.42 60.37
CA GLU R 88 -53.95 1.70 61.63
C GLU R 88 -54.09 0.20 61.42
N LYS R 89 -54.00 -0.23 60.16
CA LYS R 89 -54.10 -1.63 59.82
C LYS R 89 -52.82 -2.09 59.11
N PHE R 90 -51.88 -1.15 58.97
CA PHE R 90 -50.62 -1.42 58.30
C PHE R 90 -49.45 -1.17 59.26
N SER R 91 -48.33 -1.83 59.01
CA SER R 91 -47.15 -1.66 59.85
C SER R 91 -46.32 -0.47 59.39
N LEU R 92 -45.10 -0.37 59.91
CA LEU R 92 -44.20 0.71 59.53
C LEU R 92 -43.11 0.20 58.61
N GLU R 93 -42.85 -1.10 58.65
CA GLU R 93 -41.85 -1.70 57.79
C GLU R 93 -42.26 -1.55 56.33
N ASN R 94 -43.57 -1.58 56.12
CA ASN R 94 -44.14 -1.47 54.77
C ASN R 94 -44.38 -0.02 54.39
N MET R 95 -44.13 0.89 55.32
CA MET R 95 -44.32 2.32 55.06
C MET R 95 -43.01 3.00 54.68
N ARG R 96 -42.97 3.50 53.44
CA ARG R 96 -41.78 4.18 52.95
C ARG R 96 -42.14 5.33 52.02
N TYR R 97 -41.12 6.13 51.70
CA TYR R 97 -41.27 7.26 50.80
C TYR R 97 -41.41 6.76 49.36
N VAL R 98 -42.58 6.98 48.76
CA VAL R 98 -42.85 6.51 47.41
C VAL R 98 -43.06 7.64 46.42
N GLY R 99 -43.33 8.83 46.94
CA GLY R 99 -43.55 9.97 46.07
C GLY R 99 -43.68 11.26 46.83
N ILE R 100 -43.76 12.37 46.11
CA ILE R 100 -43.89 13.67 46.74
C ILE R 100 -45.21 14.33 46.35
N LEU R 101 -45.42 15.57 46.80
CA LEU R 101 -46.65 16.29 46.49
C LEU R 101 -46.66 17.66 47.13
N LYS R 102 -46.42 18.69 46.31
CA LYS R 102 -46.42 20.05 46.79
C LYS R 102 -47.33 20.94 45.96
N SER R 103 -47.47 22.18 46.41
CA SER R 103 -48.29 23.17 45.71
C SER R 103 -47.80 24.57 46.06
N GLY R 104 -46.97 25.13 45.18
CA GLY R 104 -46.44 26.45 45.40
C GLY R 104 -45.12 26.42 46.13
N GLN R 105 -45.16 26.04 47.41
CA GLN R 105 -43.96 25.97 48.23
C GLN R 105 -44.23 25.27 49.56
N LYS R 106 -45.36 24.55 49.64
CA LYS R 106 -45.71 23.86 50.88
C LYS R 106 -44.91 22.55 51.00
N VAL R 107 -44.59 21.98 49.85
CA VAL R 107 -43.83 20.72 49.76
C VAL R 107 -44.26 19.68 50.79
N SER R 108 -44.99 18.67 50.31
CA SER R 108 -45.44 17.58 51.17
C SER R 108 -44.86 16.25 50.71
N GLY R 109 -44.78 15.29 51.63
CA GLY R 109 -44.25 13.98 51.31
C GLY R 109 -45.32 12.91 51.18
N PHE R 110 -45.19 12.11 50.14
CA PHE R 110 -46.14 11.02 49.85
C PHE R 110 -45.54 9.66 50.19
N ILE R 111 -46.16 9.02 51.19
CA ILE R 111 -45.71 7.71 51.65
C ILE R 111 -46.71 6.63 51.23
N GLU R 112 -46.30 5.36 51.36
CA GLU R 112 -47.16 4.24 51.00
C GLU R 112 -46.85 3.01 51.87
N ALA R 113 -47.94 2.36 52.30
CA ALA R 113 -47.87 1.17 53.14
C ALA R 113 -48.59 -0.01 52.50
N GLU R 114 -47.88 -1.09 52.24
CA GLU R 114 -48.48 -2.28 51.62
C GLU R 114 -49.43 -1.90 50.49
N GLY R 115 -48.98 -1.02 49.61
CA GLY R 115 -49.81 -0.59 48.49
C GLY R 115 -50.62 0.65 48.80
N TYR R 116 -51.13 0.73 50.01
CA TYR R 116 -51.92 1.88 50.46
C TYR R 116 -51.10 3.15 50.33
N VAL R 117 -51.64 4.11 49.59
CA VAL R 117 -50.93 5.36 49.39
C VAL R 117 -51.54 6.45 50.27
N TYR R 118 -50.69 7.14 51.04
CA TYR R 118 -51.14 8.19 51.93
C TYR R 118 -50.05 9.25 52.12
N THR R 119 -50.42 10.49 51.82
CA THR R 119 -49.48 11.60 51.92
C THR R 119 -49.42 12.18 53.33
N VAL R 120 -48.45 13.05 53.56
CA VAL R 120 -48.25 13.71 54.84
C VAL R 120 -47.45 15.00 54.67
N GLY R 121 -47.93 16.05 55.33
CA GLY R 121 -47.29 17.34 55.26
C GLY R 121 -46.98 17.89 56.63
N VAL R 122 -46.45 19.10 56.70
CA VAL R 122 -46.10 19.71 57.97
C VAL R 122 -47.19 19.46 59.01
N GLY R 123 -46.91 18.59 59.98
CA GLY R 123 -47.91 18.31 61.00
C GLY R 123 -49.01 17.39 60.51
N ASN R 124 -48.67 16.12 60.29
CA ASN R 124 -49.64 15.13 59.84
C ASN R 124 -49.50 13.82 60.61
N TYR R 125 -50.16 12.78 60.09
CA TYR R 125 -50.15 11.45 60.70
C TYR R 125 -49.62 10.40 59.72
N LEU R 126 -48.86 9.44 60.28
CA LEU R 126 -48.30 8.35 59.49
C LEU R 126 -47.89 7.19 60.41
N GLY R 127 -47.01 6.35 59.90
CA GLY R 127 -46.50 5.22 60.68
C GLY R 127 -47.55 4.20 61.05
N GLN R 128 -47.12 3.13 61.72
CA GLN R 128 -48.05 2.08 62.13
C GLN R 128 -48.82 2.47 63.38
N ASN R 129 -48.11 2.67 64.49
CA ASN R 129 -48.75 3.05 65.75
C ASN R 129 -49.32 4.45 65.66
N TYR R 130 -48.61 5.42 66.22
CA TYR R 130 -49.07 6.81 66.18
C TYR R 130 -48.00 7.70 65.56
N GLY R 131 -47.95 7.71 64.23
CA GLY R 131 -46.97 8.52 63.53
C GLY R 131 -47.44 9.95 63.33
N ARG R 132 -46.50 10.88 63.43
CA ARG R 132 -46.80 12.30 63.27
C ARG R 132 -45.62 13.04 62.64
N ILE R 133 -45.84 13.52 61.42
CA ILE R 133 -44.80 14.23 60.69
C ILE R 133 -44.76 15.69 61.09
N GLU R 134 -43.58 16.30 61.07
CA GLU R 134 -43.45 17.70 61.46
C GLU R 134 -43.02 18.59 60.30
N SER R 135 -42.04 18.12 59.53
CA SER R 135 -41.51 18.90 58.41
C SER R 135 -41.09 18.00 57.25
N ILE R 136 -40.97 18.60 56.07
CA ILE R 136 -40.55 17.86 54.88
C ILE R 136 -39.31 18.50 54.28
N THR R 137 -38.65 17.78 53.36
CA THR R 137 -37.44 18.29 52.71
C THR R 137 -37.14 17.52 51.43
N ASP R 138 -36.28 18.09 50.60
CA ASP R 138 -35.91 17.48 49.32
C ASP R 138 -35.27 16.12 49.52
N ASP R 139 -35.90 15.09 48.97
CA ASP R 139 -35.40 13.72 49.06
C ASP R 139 -35.34 13.23 50.50
N SER R 140 -36.17 13.82 51.38
CA SER R 140 -36.19 13.41 52.78
C SER R 140 -37.29 14.12 53.56
N ILE R 141 -37.84 13.44 54.57
CA ILE R 141 -38.87 14.04 55.40
C ILE R 141 -38.59 13.82 56.88
N VAL R 142 -38.92 14.81 57.69
CA VAL R 142 -38.71 14.73 59.15
C VAL R 142 -40.02 14.48 59.87
N LEU R 143 -40.17 13.25 60.39
CA LEU R 143 -41.38 12.89 61.11
C LEU R 143 -41.09 12.61 62.58
N ASN R 144 -42.10 12.05 63.24
CA ASN R 144 -42.03 11.73 64.66
C ASN R 144 -43.27 10.94 65.06
N GLU R 145 -43.08 9.63 65.23
CA GLU R 145 -44.18 8.77 65.59
C GLU R 145 -44.26 8.53 67.09
N LEU R 146 -45.06 7.52 67.44
CA LEU R 146 -45.28 7.10 68.81
C LEU R 146 -45.49 5.59 68.85
N ILE R 147 -44.46 4.89 69.30
CA ILE R 147 -44.52 3.43 69.42
C ILE R 147 -44.07 2.97 70.80
N GLU R 148 -44.63 1.86 71.26
CA GLU R 148 -44.27 1.31 72.56
C GLU R 148 -42.81 0.86 72.55
N ASP R 149 -42.05 1.29 73.57
CA ASP R 149 -40.64 0.92 73.67
C ASP R 149 -39.95 1.64 74.82
N SER R 150 -38.74 1.20 75.15
CA SER R 150 -37.94 1.80 76.22
C SER R 150 -38.65 1.71 77.57
N THR R 151 -39.78 1.00 77.59
CA THR R 151 -40.54 0.80 78.82
C THR R 151 -41.59 -0.29 78.63
N GLY R 152 -42.12 -0.36 77.42
CA GLY R 152 -43.16 -1.31 77.10
C GLY R 152 -44.49 -0.61 76.99
N ASN R 153 -44.42 0.66 76.63
CA ASN R 153 -45.60 1.50 76.49
C ASN R 153 -45.35 2.57 75.44
N TRP R 154 -46.43 2.95 74.76
CA TRP R 154 -46.35 3.94 73.68
C TRP R 154 -45.44 5.10 74.05
N VAL R 155 -44.55 5.46 73.14
CA VAL R 155 -43.60 6.55 73.35
C VAL R 155 -43.15 7.11 72.02
N SER R 156 -43.23 8.44 71.90
CA SER R 156 -42.88 9.12 70.66
C SER R 156 -41.50 8.74 70.15
N ARG R 157 -41.14 9.28 68.99
CA ARG R 157 -39.84 8.99 68.39
C ARG R 157 -39.70 9.68 67.04
N LYS R 158 -38.88 10.73 67.00
CA LYS R 158 -38.66 11.49 65.77
C LYS R 158 -37.71 10.71 64.86
N ALA R 159 -37.61 11.11 63.59
CA ALA R 159 -36.74 10.41 62.64
C ALA R 159 -37.00 10.87 61.23
N GLU R 160 -35.93 11.07 60.44
CA GLU R 160 -36.10 11.52 59.06
C GLU R 160 -35.92 10.37 58.09
N LEU R 161 -36.64 10.38 56.98
CA LEU R 161 -36.49 9.32 56.00
C LEU R 161 -35.85 9.85 54.72
N LEU R 162 -35.01 9.03 54.09
CA LEU R 162 -34.33 9.41 52.86
C LEU R 162 -35.04 8.79 51.66
N LEU R 163 -35.58 9.64 50.80
CA LEU R 163 -36.31 9.21 49.61
C LEU R 163 -35.71 7.94 49.01
N ASN R 164 -36.49 6.86 49.04
CA ASN R 164 -36.06 5.59 48.50
C ASN R 164 -36.67 5.34 47.12
N SER R 165 -35.96 5.77 46.08
CA SER R 165 -36.43 5.61 44.71
C SER R 165 -35.72 4.45 44.04
N LYS S 84 -28.32 38.95 72.38
CA LYS S 84 -27.68 39.39 71.14
C LYS S 84 -28.54 39.05 69.94
N GLU S 85 -28.50 37.79 69.51
CA GLU S 85 -29.28 37.34 68.37
C GLU S 85 -29.32 35.81 68.27
N THR S 86 -30.37 35.32 67.61
CA THR S 86 -30.59 33.88 67.40
C THR S 86 -29.30 33.05 67.36
N LEU S 87 -28.26 33.60 66.73
CA LEU S 87 -26.98 32.89 66.60
C LEU S 87 -26.51 32.29 67.93
N GLU S 88 -27.05 32.81 69.04
CA GLU S 88 -26.71 32.34 70.37
C GLU S 88 -27.32 30.97 70.65
N LYS S 89 -27.80 30.32 69.60
CA LYS S 89 -28.40 29.00 69.72
C LYS S 89 -27.61 28.00 68.85
N PHE S 90 -26.57 28.49 68.21
CA PHE S 90 -25.74 27.67 67.35
C PHE S 90 -24.29 27.66 67.84
N SER S 91 -23.56 26.61 67.52
CA SER S 91 -22.16 26.50 67.93
C SER S 91 -21.25 27.20 66.94
N LEU S 92 -19.95 26.97 67.08
CA LEU S 92 -18.96 27.57 66.18
C LEU S 92 -18.45 26.53 65.19
N GLU S 93 -18.57 25.26 65.54
CA GLU S 93 -18.12 24.19 64.65
C GLU S 93 -18.95 24.20 63.38
N ASN S 94 -20.21 24.60 63.53
CA ASN S 94 -21.15 24.65 62.41
C ASN S 94 -21.10 25.99 61.70
N MET S 95 -20.29 26.92 62.22
CA MET S 95 -20.16 28.24 61.62
C MET S 95 -18.93 28.32 60.74
N ARG S 96 -19.18 28.53 59.44
CA ARG S 96 -18.10 28.64 58.48
C ARG S 96 -18.41 29.65 57.38
N TYR S 97 -17.39 29.96 56.59
CA TYR S 97 -17.51 30.87 55.46
C TYR S 97 -18.27 30.20 54.33
N VAL S 98 -19.46 30.71 54.02
CA VAL S 98 -20.30 30.12 52.98
C VAL S 98 -20.51 31.05 51.80
N GLY S 99 -20.24 32.32 52.00
CA GLY S 99 -20.42 33.29 50.93
C GLY S 99 -19.92 34.66 51.29
N ILE S 100 -19.92 35.57 50.32
CA ILE S 100 -19.46 36.93 50.56
C ILE S 100 -20.59 37.92 50.35
N LEU S 101 -20.28 39.21 50.46
CA LEU S 101 -21.29 40.25 50.29
C LEU S 101 -20.70 41.63 50.49
N LYS S 102 -20.48 42.33 49.37
CA LYS S 102 -19.94 43.67 49.42
C LYS S 102 -20.80 44.65 48.63
N SER S 103 -20.42 45.92 48.72
CA SER S 103 -21.11 46.99 48.01
C SER S 103 -20.17 48.16 47.79
N GLY S 104 -19.57 48.21 46.60
CA GLY S 104 -18.64 49.28 46.28
C GLY S 104 -17.21 48.92 46.62
N GLN S 105 -16.92 48.82 47.92
CA GLN S 105 -15.59 48.48 48.37
C GLN S 105 -15.57 48.18 49.87
N LYS S 106 -16.74 47.95 50.46
CA LYS S 106 -16.83 47.66 51.88
C LYS S 106 -16.43 46.21 52.17
N VAL S 107 -16.70 45.35 51.19
CA VAL S 107 -16.40 43.92 51.28
C VAL S 107 -16.72 43.31 52.64
N SER S 108 -17.82 42.55 52.68
CA SER S 108 -18.23 41.88 53.90
C SER S 108 -18.25 40.36 53.71
N GLY S 109 -18.13 39.64 54.81
CA GLY S 109 -18.13 38.19 54.77
C GLY S 109 -19.43 37.57 55.24
N PHE S 110 -19.91 36.59 54.49
CA PHE S 110 -21.15 35.88 54.77
C PHE S 110 -20.88 34.48 55.33
N ILE S 111 -21.27 34.30 56.60
CA ILE S 111 -21.08 33.02 57.28
C ILE S 111 -22.42 32.32 57.48
N GLU S 112 -22.35 31.05 57.86
CA GLU S 112 -23.57 30.24 58.07
C GLU S 112 -23.34 29.17 59.15
N ALA S 113 -24.35 29.05 60.02
CA ALA S 113 -24.32 28.09 61.12
C ALA S 113 -25.52 27.16 61.07
N GLU S 114 -25.28 25.86 60.95
CA GLU S 114 -26.36 24.88 60.89
C GLU S 114 -27.49 25.34 59.98
N GLY S 115 -27.14 25.83 58.81
CA GLY S 115 -28.15 26.30 57.86
C GLY S 115 -28.42 27.78 57.99
N TYR S 116 -28.44 28.27 59.23
CA TYR S 116 -28.68 29.68 59.51
C TYR S 116 -27.64 30.54 58.82
N VAL S 117 -28.10 31.46 57.99
CA VAL S 117 -27.19 32.32 57.26
C VAL S 117 -27.12 33.71 57.91
N TYR S 118 -25.91 34.16 58.20
CA TYR S 118 -25.71 35.46 58.83
C TYR S 118 -24.38 36.07 58.41
N THR S 119 -24.46 37.30 57.87
CA THR S 119 -23.27 38.00 57.40
C THR S 119 -22.58 38.76 58.51
N VAL S 120 -21.39 39.26 58.21
CA VAL S 120 -20.58 40.02 59.15
C VAL S 120 -19.56 40.89 58.41
N GLY S 121 -19.48 42.14 58.83
CA GLY S 121 -18.56 43.08 58.22
C GLY S 121 -17.66 43.73 59.24
N VAL S 122 -16.82 44.66 58.82
CA VAL S 122 -15.89 45.34 59.72
C VAL S 122 -16.59 45.70 61.04
N GLY S 123 -16.26 44.97 62.10
CA GLY S 123 -16.87 45.26 63.38
C GLY S 123 -18.29 44.73 63.50
N ASN S 124 -18.41 43.40 63.56
CA ASN S 124 -19.71 42.76 63.70
C ASN S 124 -19.68 41.65 64.74
N TYR S 125 -20.74 40.84 64.75
CA TYR S 125 -20.91 39.73 65.68
C TYR S 125 -21.06 38.40 64.95
N LEU S 126 -20.45 37.36 65.55
CA LEU S 126 -20.52 36.01 64.99
C LEU S 126 -20.15 34.98 66.07
N GLY S 127 -19.78 33.79 65.61
CA GLY S 127 -19.37 32.72 66.52
C GLY S 127 -20.48 32.23 67.43
N GLN S 128 -20.16 31.23 68.25
CA GLN S 128 -21.14 30.67 69.17
C GLN S 128 -21.29 31.54 70.42
N ASN S 129 -20.23 31.67 71.19
CA ASN S 129 -20.25 32.49 72.41
C ASN S 129 -20.41 33.96 72.08
N TYR S 130 -19.30 34.70 72.11
CA TYR S 130 -19.33 36.12 71.79
C TYR S 130 -18.34 36.45 70.68
N GLY S 131 -18.75 36.18 69.45
CA GLY S 131 -17.89 36.44 68.31
C GLY S 131 -17.98 37.88 67.83
N ARG S 132 -16.85 38.42 67.42
CA ARG S 132 -16.78 39.79 66.93
C ARG S 132 -15.73 39.93 65.83
N ILE S 133 -16.21 40.22 64.62
CA ILE S 133 -15.32 40.36 63.47
C ILE S 133 -14.75 41.77 63.40
N GLU S 134 -13.52 41.90 62.90
CA GLU S 134 -12.89 43.21 62.82
C GLU S 134 -12.65 43.65 61.38
N SER S 135 -12.16 42.72 60.54
CA SER S 135 -11.86 43.04 59.15
C SER S 135 -12.13 41.85 58.24
N ILE S 136 -12.26 42.14 56.94
CA ILE S 136 -12.50 41.10 55.96
C ILE S 136 -11.41 41.11 54.88
N THR S 137 -11.35 40.06 54.09
CA THR S 137 -10.34 39.96 53.02
C THR S 137 -10.73 38.92 51.98
N ASP S 138 -10.08 38.97 50.83
CA ASP S 138 -10.36 38.05 49.73
C ASP S 138 -10.10 36.61 50.15
N ASP S 139 -11.15 35.79 50.10
CA ASP S 139 -11.04 34.37 50.45
C ASP S 139 -10.63 34.18 51.90
N SER S 140 -10.91 35.16 52.75
CA SER S 140 -10.56 35.05 54.17
C SER S 140 -11.08 36.25 54.97
N ILE S 141 -11.41 36.01 56.23
CA ILE S 141 -11.89 37.08 57.10
C ILE S 141 -11.19 37.07 58.46
N VAL S 142 -10.92 38.24 59.00
CA VAL S 142 -10.26 38.36 60.30
C VAL S 142 -11.26 38.74 61.39
N LEU S 143 -11.55 37.77 62.26
CA LEU S 143 -12.49 38.00 63.34
C LEU S 143 -11.80 37.92 64.71
N ASN S 144 -12.64 37.89 65.74
CA ASN S 144 -12.18 37.84 67.13
C ASN S 144 -13.37 37.63 68.04
N GLU S 145 -13.51 36.40 68.53
CA GLU S 145 -14.62 36.06 69.40
C GLU S 145 -14.24 36.15 70.87
N LEU S 146 -15.11 35.58 71.69
CA LEU S 146 -14.96 35.53 73.13
C LEU S 146 -15.56 34.24 73.67
N ILE S 147 -14.68 33.30 74.02
CA ILE S 147 -15.09 32.02 74.57
C ILE S 147 -14.35 31.70 75.86
N GLU S 148 -15.00 30.96 76.75
CA GLU S 148 -14.38 30.57 78.00
C GLU S 148 -13.19 29.64 77.75
N ASP S 149 -12.05 29.95 78.36
CA ASP S 149 -10.85 29.12 78.19
C ASP S 149 -9.63 29.77 78.86
N SER S 150 -8.56 28.98 78.97
CA SER S 150 -7.31 29.45 79.57
C SER S 150 -7.51 29.87 81.02
N THR S 151 -8.71 29.63 81.54
CA THR S 151 -9.03 29.94 82.93
C THR S 151 -10.33 29.29 83.35
N GLY S 152 -11.25 29.19 82.40
CA GLY S 152 -12.55 28.62 82.65
C GLY S 152 -13.59 29.72 82.70
N ASN S 153 -13.30 30.79 81.97
CA ASN S 153 -14.16 31.97 81.92
C ASN S 153 -14.01 32.65 80.57
N TRP S 154 -15.10 33.26 80.11
CA TRP S 154 -15.13 33.94 78.81
C TRP S 154 -13.86 34.74 78.58
N VAL S 155 -13.28 34.58 77.41
CA VAL S 155 -12.05 35.28 77.04
C VAL S 155 -11.94 35.39 75.53
N SER S 156 -11.68 36.60 75.05
CA SER S 156 -11.60 36.87 73.62
C SER S 156 -10.65 35.93 72.91
N ARG S 157 -10.57 36.08 71.59
CA ARG S 157 -9.69 35.24 70.77
C ARG S 157 -9.84 35.56 69.29
N LYS S 158 -8.82 36.23 68.73
CA LYS S 158 -8.84 36.62 67.32
C LYS S 158 -8.52 35.40 66.47
N ALA S 159 -8.76 35.49 65.16
CA ALA S 159 -8.50 34.36 64.26
C ALA S 159 -9.09 34.60 62.89
N GLU S 160 -8.35 34.27 61.84
CA GLU S 160 -8.85 34.48 60.48
C GLU S 160 -9.34 33.17 59.87
N LEU S 161 -10.36 33.24 59.03
CA LEU S 161 -10.86 32.03 58.40
C LEU S 161 -10.58 32.05 56.90
N LEU S 162 -10.28 30.87 56.34
CA LEU S 162 -9.99 30.75 54.92
C LEU S 162 -11.20 30.21 54.18
N LEU S 163 -11.75 31.02 53.28
CA LEU S 163 -12.93 30.66 52.50
C LEU S 163 -12.96 29.18 52.16
N ASN S 164 -13.94 28.48 52.70
CA ASN S 164 -14.10 27.05 52.47
C ASN S 164 -15.18 26.79 51.42
N SER S 165 -14.79 26.74 50.17
CA SER S 165 -15.73 26.51 49.08
C SER S 165 -15.65 25.06 48.60
N LYS T 84 10.37 59.30 62.73
CA LYS T 84 10.63 59.25 61.29
C LYS T 84 9.36 59.01 60.50
N GLU T 85 8.89 57.76 60.47
CA GLU T 85 7.68 57.42 59.75
C GLU T 85 7.19 56.02 60.12
N THR T 86 5.88 55.81 59.92
CA THR T 86 5.20 54.53 60.20
C THR T 86 6.11 53.32 60.08
N LEU T 87 6.98 53.32 59.06
CA LEU T 87 7.90 52.20 58.81
C LEU T 87 8.59 51.73 60.10
N GLU T 88 8.64 52.60 61.10
CA GLU T 88 9.27 52.30 62.38
C GLU T 88 8.44 51.32 63.19
N LYS T 89 7.46 50.70 62.54
CA LYS T 89 6.60 49.72 63.18
C LYS T 89 6.73 48.37 62.48
N PHE T 90 7.58 48.32 61.46
CA PHE T 90 7.81 47.11 60.69
C PHE T 90 9.27 46.68 60.77
N SER T 91 9.52 45.39 60.58
CA SER T 91 10.88 44.87 60.63
C SER T 91 11.56 45.01 59.28
N LEU T 92 12.70 44.35 59.13
CA LEU T 92 13.44 44.39 57.86
C LEU T 92 13.29 43.07 57.12
N GLU T 93 12.94 42.01 57.85
CA GLU T 93 12.73 40.71 57.22
C GLU T 93 11.56 40.77 56.26
N ASN T 94 10.59 41.62 56.62
CA ASN T 94 9.38 41.79 55.82
C ASN T 94 9.55 42.87 54.76
N MET T 95 10.71 43.52 54.77
CA MET T 95 10.99 44.57 53.79
C MET T 95 11.82 44.05 52.63
N ARG T 96 11.20 44.08 51.44
CA ARG T 96 11.88 43.61 50.24
C ARG T 96 11.50 44.44 49.02
N TYR T 97 12.23 44.21 47.94
CA TYR T 97 11.99 44.89 46.67
C TYR T 97 10.73 44.33 46.01
N VAL T 98 9.70 45.16 45.90
CA VAL T 98 8.42 44.72 45.33
C VAL T 98 8.08 45.43 44.03
N GLY T 99 8.75 46.54 43.77
CA GLY T 99 8.49 47.28 42.55
C GLY T 99 9.45 48.43 42.35
N ILE T 100 9.37 49.08 41.20
CA ILE T 100 10.25 50.21 40.91
C ILE T 100 9.43 51.48 40.72
N LEU T 101 10.11 52.57 40.37
CA LEU T 101 9.44 53.85 40.17
C LEU T 101 10.42 54.94 39.80
N LYS T 102 10.43 55.29 38.51
CA LYS T 102 11.31 56.33 38.02
C LYS T 102 10.54 57.39 37.24
N SER T 103 11.26 58.43 36.85
CA SER T 103 10.70 59.52 36.07
C SER T 103 11.80 60.22 35.28
N GLY T 104 11.94 59.83 34.01
CA GLY T 104 12.95 60.41 33.16
C GLY T 104 14.25 59.63 33.20
N GLN T 105 14.93 59.69 34.35
CA GLN T 105 16.19 58.98 34.52
C GLN T 105 16.64 58.99 35.99
N LYS T 106 15.72 59.30 36.89
CA LYS T 106 16.06 59.34 38.31
C LYS T 106 16.10 57.93 38.90
N VAL T 107 15.29 57.05 38.31
CA VAL T 107 15.18 55.64 38.73
C VAL T 107 15.19 55.46 40.25
N SER T 108 14.01 55.17 40.80
CA SER T 108 13.87 54.92 42.23
C SER T 108 13.37 53.50 42.48
N GLY T 109 13.66 53.00 43.68
CA GLY T 109 13.24 51.67 44.06
C GLY T 109 12.05 51.66 45.02
N PHE T 110 11.10 50.78 44.73
CA PHE T 110 9.89 50.63 45.53
C PHE T 110 9.93 49.36 46.38
N ILE T 111 9.96 49.57 47.70
CA ILE T 111 10.02 48.47 48.65
C ILE T 111 8.69 48.34 49.39
N GLU T 112 8.51 47.22 50.09
CA GLU T 112 7.28 46.96 50.84
C GLU T 112 7.56 46.10 52.08
N ALA T 113 6.92 46.50 53.18
CA ALA T 113 7.05 45.83 54.47
C ALA T 113 5.70 45.39 55.00
N GLU T 114 5.52 44.10 55.21
CA GLU T 114 4.25 43.57 55.72
C GLU T 114 3.05 44.23 55.05
N GLY T 115 3.10 44.33 53.73
CA GLY T 115 1.99 44.95 52.99
C GLY T 115 2.22 46.42 52.75
N TYR T 116 2.75 47.11 53.76
CA TYR T 116 3.03 48.54 53.67
C TYR T 116 3.97 48.81 52.50
N VAL T 117 3.53 49.68 51.60
CA VAL T 117 4.34 50.00 50.44
C VAL T 117 5.00 51.36 50.61
N TYR T 118 6.31 51.41 50.43
CA TYR T 118 7.08 52.65 50.58
C TYR T 118 8.30 52.65 49.66
N THR T 119 8.38 53.70 48.84
CA THR T 119 9.47 53.82 47.88
C THR T 119 10.69 54.48 48.50
N VAL T 120 11.79 54.45 47.77
CA VAL T 120 13.06 55.04 48.20
C VAL T 120 13.96 55.33 47.00
N GLY T 121 14.53 56.53 47.00
CA GLY T 121 15.41 56.95 45.93
C GLY T 121 16.74 57.41 46.45
N VAL T 122 17.61 57.88 45.56
CA VAL T 122 18.93 58.34 45.96
C VAL T 122 18.87 59.16 47.24
N GLY T 123 19.33 58.59 48.34
CA GLY T 123 19.30 59.31 49.60
C GLY T 123 17.93 59.35 50.24
N ASN T 124 17.47 58.18 50.71
CA ASN T 124 16.16 58.09 51.37
C ASN T 124 16.24 57.26 52.65
N TYR T 125 15.06 56.89 53.16
CA TYR T 125 14.94 56.12 54.39
C TYR T 125 14.17 54.82 54.15
N LEU T 126 14.63 53.76 54.84
CA LEU T 126 14.01 52.44 54.73
C LEU T 126 14.41 51.57 55.92
N GLY T 127 14.26 50.26 55.75
CA GLY T 127 14.65 49.31 56.79
C GLY T 127 13.83 49.43 58.06
N GLN T 128 14.11 48.55 59.02
CA GLN T 128 13.40 48.56 60.29
C GLN T 128 13.92 49.64 61.23
N ASN T 129 15.19 49.53 61.62
CA ASN T 129 15.81 50.51 62.51
C ASN T 129 15.97 51.85 61.81
N TYR T 130 17.17 52.14 61.34
CA TYR T 130 17.43 53.40 60.64
C TYR T 130 18.02 53.13 59.27
N GLY T 131 17.16 52.80 58.32
CA GLY T 131 17.62 52.53 56.97
C GLY T 131 17.77 53.78 56.13
N ARG T 132 18.80 53.79 55.29
CA ARG T 132 19.08 54.94 54.43
C ARG T 132 19.67 54.48 53.11
N ILE T 133 18.92 54.69 52.03
CA ILE T 133 19.35 54.28 50.69
C ILE T 133 20.23 55.36 50.08
N GLU T 134 21.20 54.95 49.27
CA GLU T 134 22.11 55.90 48.64
C GLU T 134 21.95 55.95 47.12
N SER T 135 21.84 54.78 46.49
CA SER T 135 21.72 54.69 45.04
C SER T 135 20.83 53.53 44.62
N ILE T 136 20.34 53.59 43.38
CA ILE T 136 19.50 52.54 42.83
C ILE T 136 20.11 51.97 41.56
N THR T 137 19.61 50.83 41.11
CA THR T 137 20.11 50.19 39.89
C THR T 137 19.11 49.17 39.35
N ASP T 138 19.32 48.78 38.09
CA ASP T 138 18.43 47.83 37.44
C ASP T 138 18.41 46.49 38.16
N ASP T 139 17.22 46.11 38.64
CA ASP T 139 17.04 44.84 39.34
C ASP T 139 17.85 44.79 40.62
N SER T 140 18.18 45.95 41.19
CA SER T 140 18.95 45.99 42.43
C SER T 140 19.08 47.42 42.96
N ILE T 141 19.16 47.56 44.28
CA ILE T 141 19.32 48.87 44.89
C ILE T 141 20.42 48.86 45.96
N VAL T 142 21.17 49.93 46.05
CA VAL T 142 22.25 50.06 47.04
C VAL T 142 21.83 50.96 48.20
N LEU T 143 21.59 50.34 49.36
CA LEU T 143 21.18 51.09 50.53
C LEU T 143 22.25 51.03 51.63
N ASN T 144 21.85 51.49 52.81
CA ASN T 144 22.72 51.54 53.97
C ASN T 144 21.92 51.95 55.19
N GLU T 145 21.61 50.96 56.03
CA GLU T 145 20.82 51.22 57.23
C GLU T 145 21.69 51.43 58.45
N LEU T 146 21.03 51.38 59.60
CA LEU T 146 21.65 51.55 60.90
C LEU T 146 20.94 50.67 61.93
N ILE T 147 21.59 49.57 62.29
CA ILE T 147 21.05 48.64 63.27
C ILE T 147 22.07 48.33 64.36
N GLU T 148 21.59 48.06 65.57
CA GLU T 148 22.46 47.71 66.67
C GLU T 148 23.18 46.39 66.39
N ASP T 149 24.50 46.38 66.57
CA ASP T 149 25.29 45.16 66.33
C ASP T 149 26.78 45.44 66.44
N SER T 150 27.57 44.36 66.50
CA SER T 150 29.02 44.47 66.59
C SER T 150 29.46 45.18 67.86
N THR T 151 28.49 45.49 68.72
CA THR T 151 28.78 46.15 69.99
C THR T 151 27.57 46.10 70.90
N GLY T 152 26.39 46.15 70.29
CA GLY T 152 25.15 46.15 71.04
C GLY T 152 24.54 47.53 71.04
N ASN T 153 24.85 48.26 69.98
CA ASN T 153 24.39 49.64 69.81
C ASN T 153 24.25 49.96 68.33
N TRP T 154 23.29 50.82 68.02
CA TRP T 154 23.01 51.21 66.64
C TRP T 154 24.29 51.45 65.85
N VAL T 155 24.36 50.87 64.67
CA VAL T 155 25.54 51.01 63.80
C VAL T 155 25.14 50.79 62.36
N SER T 156 25.56 51.72 61.50
CA SER T 156 25.19 51.66 60.08
C SER T 156 25.54 50.33 59.45
N ARG T 157 25.21 50.19 58.17
CA ARG T 157 25.48 48.95 57.43
C ARG T 157 24.93 49.03 56.01
N LYS T 158 25.83 49.17 55.04
CA LYS T 158 25.44 49.27 53.64
C LYS T 158 25.09 47.88 53.12
N ALA T 159 24.46 47.80 51.95
CA ALA T 159 24.07 46.51 51.38
C ALA T 159 23.13 46.69 50.21
N GLU T 160 23.33 45.92 49.14
CA GLU T 160 22.48 46.04 47.96
C GLU T 160 21.47 44.90 47.91
N LEU T 161 20.28 45.17 47.39
CA LEU T 161 19.28 44.12 47.28
C LEU T 161 19.02 43.76 45.83
N LEU T 162 18.78 42.48 45.58
CA LEU T 162 18.52 41.99 44.22
C LEU T 162 17.02 41.79 44.02
N LEU T 163 16.45 42.56 43.10
CA LEU T 163 15.02 42.50 42.79
C LEU T 163 14.47 41.09 42.92
N ASN T 164 13.57 40.90 43.88
CA ASN T 164 12.95 39.61 44.13
C ASN T 164 11.55 39.56 43.53
N SER T 165 11.46 39.14 42.28
CA SER T 165 10.18 39.06 41.59
C SER T 165 9.68 37.62 41.55
N LYS U 84 47.40 62.31 37.78
CA LYS U 84 47.14 61.90 36.40
C LYS U 84 45.66 61.99 36.08
N GLU U 85 44.88 61.02 36.53
CA GLU U 85 43.45 61.00 36.29
C GLU U 85 42.75 59.96 37.16
N THR U 86 41.45 60.20 37.39
CA THR U 86 40.59 59.32 38.19
C THR U 86 41.02 57.86 38.19
N LEU U 87 41.45 57.36 37.03
CA LEU U 87 41.87 55.97 36.89
C LEU U 87 42.81 55.53 38.02
N GLU U 88 43.43 56.50 38.67
CA GLU U 88 44.36 56.23 39.77
C GLU U 88 43.62 55.79 41.03
N LYS U 89 42.34 55.44 40.86
CA LYS U 89 41.52 54.98 41.96
C LYS U 89 41.01 53.56 41.68
N PHE U 90 41.42 53.03 40.53
CA PHE U 90 41.01 51.70 40.12
C PHE U 90 42.23 50.79 39.93
N SER U 91 42.03 49.49 40.06
CA SER U 91 43.13 48.54 39.90
C SER U 91 43.31 48.16 38.44
N LEU U 92 44.10 47.12 38.19
CA LEU U 92 44.33 46.66 36.83
C LEU U 92 43.57 45.37 36.57
N GLU U 93 43.21 44.65 37.63
CA GLU U 93 42.45 43.43 37.49
C GLU U 93 41.08 43.73 36.90
N ASN U 94 40.58 44.91 37.23
CA ASN U 94 39.26 45.36 36.77
C ASN U 94 39.36 46.08 35.44
N MET U 95 40.58 46.26 34.95
CA MET U 95 40.80 46.94 33.67
C MET U 95 40.99 45.95 32.53
N ARG U 96 40.04 45.98 31.59
CA ARG U 96 40.10 45.08 30.44
C ARG U 96 39.56 45.75 29.18
N TYR U 97 39.79 45.07 28.06
CA TYR U 97 39.32 45.54 26.76
C TYR U 97 37.81 45.36 26.65
N VAL U 98 37.07 46.46 26.58
CA VAL U 98 35.62 46.41 26.52
C VAL U 98 35.06 46.94 25.20
N GLY U 99 35.89 47.67 24.47
CA GLY U 99 35.44 48.22 23.20
C GLY U 99 36.55 48.88 22.43
N ILE U 100 36.26 49.29 21.20
CA ILE U 100 37.26 49.95 20.38
C ILE U 100 36.82 51.37 20.05
N LEU U 101 37.62 52.06 19.23
CA LEU U 101 37.31 53.44 18.85
C LEU U 101 38.36 54.02 17.93
N LYS U 102 38.02 54.09 16.64
CA LYS U 102 38.93 54.64 15.66
C LYS U 102 38.27 55.73 14.82
N SER U 103 39.08 56.36 13.98
CA SER U 103 38.60 57.42 13.10
C SER U 103 39.51 57.51 11.88
N GLY U 104 39.10 56.87 10.79
CA GLY U 104 39.88 56.88 9.57
C GLY U 104 40.84 55.71 9.50
N GLN U 105 41.86 55.73 10.35
CA GLN U 105 42.85 54.67 10.39
C GLN U 105 43.76 54.79 11.61
N LYS U 106 43.33 55.57 12.60
CA LYS U 106 44.13 55.76 13.81
C LYS U 106 43.98 54.55 14.74
N VAL U 107 42.80 53.93 14.68
CA VAL U 107 42.46 52.76 15.50
C VAL U 107 42.93 52.87 16.94
N SER U 108 41.98 53.13 17.84
CA SER U 108 42.29 53.23 19.26
C SER U 108 41.53 52.16 20.05
N GLY U 109 42.06 51.82 21.22
CA GLY U 109 41.44 50.81 22.07
C GLY U 109 40.70 51.41 23.26
N PHE U 110 39.51 50.89 23.50
CA PHE U 110 38.65 51.34 24.60
C PHE U 110 38.63 50.32 25.73
N ILE U 111 39.17 50.75 26.88
CA ILE U 111 39.24 49.89 28.06
C ILE U 111 38.26 50.39 29.13
N GLU U 112 38.03 49.56 30.14
CA GLU U 112 37.12 49.90 31.24
C GLU U 112 37.55 49.24 32.55
N ALA U 113 37.47 50.05 33.61
CA ALA U 113 37.84 49.63 34.96
C ALA U 113 36.69 49.80 35.93
N GLU U 114 36.23 48.72 36.55
CA GLU U 114 35.13 48.79 37.50
C GLU U 114 34.01 49.70 37.01
N GLY U 115 33.62 49.53 35.76
CA GLY U 115 32.56 50.35 35.18
C GLY U 115 33.08 51.58 34.48
N TYR U 116 34.09 52.19 35.06
CA TYR U 116 34.72 53.38 34.49
C TYR U 116 35.23 53.09 33.10
N VAL U 117 34.77 53.87 32.13
CA VAL U 117 35.18 53.66 30.75
C VAL U 117 36.22 54.70 30.35
N TYR U 118 37.35 54.24 29.81
CA TYR U 118 38.42 55.13 29.40
C TYR U 118 39.21 54.52 28.23
N THR U 119 39.29 55.29 27.15
CA THR U 119 39.97 54.84 25.95
C THR U 119 41.47 55.13 26.00
N VAL U 120 42.20 54.57 25.05
CA VAL U 120 43.64 54.74 24.94
C VAL U 120 44.12 54.46 23.52
N GLY U 121 44.97 55.35 23.02
CA GLY U 121 45.50 55.23 21.68
C GLY U 121 47.01 55.27 21.68
N VAL U 122 47.61 55.23 20.49
CA VAL U 122 49.06 55.24 20.37
C VAL U 122 49.67 56.26 21.34
N GLY U 123 50.31 55.77 22.40
CA GLY U 123 50.92 56.68 23.36
C GLY U 123 49.91 57.32 24.28
N ASN U 124 49.34 56.52 25.19
CA ASN U 124 48.37 57.02 26.16
C ASN U 124 48.65 56.47 27.55
N TYR U 125 47.66 56.65 28.44
CA TYR U 125 47.75 56.21 29.83
C TYR U 125 46.62 55.25 30.19
N LEU U 126 46.97 54.24 31.01
CA LEU U 126 46.01 53.25 31.46
C LEU U 126 46.54 52.53 32.71
N GLY U 127 45.98 51.35 32.96
CA GLY U 127 46.42 50.54 34.09
C GLY U 127 46.16 51.17 35.44
N GLN U 128 46.49 50.45 36.51
CA GLN U 128 46.29 50.95 37.87
C GLN U 128 47.39 51.93 38.27
N ASN U 129 48.63 51.45 38.33
CA ASN U 129 49.76 52.29 38.70
C ASN U 129 50.04 53.33 37.63
N TYR U 130 51.04 53.08 36.80
CA TYR U 130 51.39 54.01 35.73
C TYR U 130 51.37 53.29 34.38
N GLY U 131 50.18 53.12 33.82
CA GLY U 131 50.05 52.46 32.55
C GLY U 131 50.25 53.39 31.37
N ARG U 132 50.88 52.88 30.33
CA ARG U 132 51.15 53.66 29.12
C ARG U 132 51.11 52.78 27.88
N ILE U 133 50.12 53.05 27.03
CA ILE U 133 49.93 52.28 25.81
C ILE U 133 50.81 52.82 24.70
N GLU U 134 51.28 51.95 23.81
CA GLU U 134 52.15 52.38 22.72
C GLU U 134 51.49 52.20 21.35
N SER U 135 50.85 51.05 21.15
CA SER U 135 50.22 50.74 19.86
C SER U 135 48.95 49.91 20.05
N ILE U 136 48.12 49.91 19.01
CA ILE U 136 46.88 49.15 19.04
C ILE U 136 46.83 48.17 17.88
N THR U 137 45.90 47.22 17.92
CA THR U 137 45.76 46.23 16.86
C THR U 137 44.39 45.55 16.91
N ASP U 138 44.03 44.88 15.82
CA ASP U 138 42.74 44.21 15.72
C ASP U 138 42.59 43.13 16.78
N ASP U 139 41.59 43.29 17.64
CA ASP U 139 41.32 42.32 18.70
C ASP U 139 42.48 42.23 19.69
N SER U 140 43.28 43.28 19.79
CA SER U 140 44.42 43.28 20.72
C SER U 140 45.12 44.63 20.75
N ILE U 141 45.67 44.98 21.91
CA ILE U 141 46.40 46.24 22.04
C ILE U 141 47.74 46.03 22.75
N VAL U 142 48.75 46.78 22.32
CA VAL U 142 50.09 46.69 22.91
C VAL U 142 50.37 47.88 23.82
N LEU U 143 50.38 47.61 25.13
CA LEU U 143 50.63 48.66 26.10
C LEU U 143 51.94 48.43 26.85
N ASN U 144 52.12 49.22 27.91
CA ASN U 144 53.31 49.16 28.73
C ASN U 144 53.12 50.06 29.95
N GLU U 145 52.86 49.42 31.09
CA GLU U 145 52.64 50.15 32.32
C GLU U 145 53.90 50.28 33.16
N LEU U 146 53.69 50.68 34.40
CA LEU U 146 54.74 50.85 35.39
C LEU U 146 54.21 50.50 36.77
N ILE U 147 54.61 49.33 37.26
CA ILE U 147 54.20 48.86 38.58
C ILE U 147 55.40 48.40 39.40
N GLU U 148 55.30 48.56 40.71
CA GLU U 148 56.38 48.14 41.60
C GLU U 148 56.55 46.62 41.55
N ASP U 149 57.80 46.16 41.36
CA ASP U 149 58.08 44.73 41.29
C ASP U 149 59.54 44.47 40.92
N SER U 150 59.96 43.22 41.07
CA SER U 150 61.32 42.80 40.74
C SER U 150 62.36 43.54 41.58
N THR U 151 61.87 44.33 42.54
CA THR U 151 62.75 45.08 43.44
C THR U 151 61.96 45.63 44.63
N GLY U 152 60.72 45.98 44.35
CA GLY U 152 59.85 46.56 45.36
C GLY U 152 59.70 48.04 45.12
N ASN U 153 59.82 48.41 43.85
CA ASN U 153 59.72 49.80 43.43
C ASN U 153 59.18 49.87 42.01
N TRP U 154 58.46 50.94 41.73
CA TRP U 154 57.83 51.14 40.41
C TRP U 154 58.78 50.75 39.29
N VAL U 155 58.28 49.97 38.34
CA VAL U 155 59.07 49.52 37.20
C VAL U 155 58.15 49.19 36.04
N SER U 156 58.49 49.73 34.86
CA SER U 156 57.67 49.55 33.67
C SER U 156 57.39 48.08 33.38
N ARG U 157 56.61 47.84 32.33
CA ARG U 157 56.25 46.47 31.94
C ARG U 157 55.30 46.47 30.76
N LYS U 158 55.81 46.10 29.59
CA LYS U 158 55.00 46.06 28.37
C LYS U 158 54.13 44.81 28.39
N ALA U 159 53.14 44.75 27.50
CA ALA U 159 52.22 43.60 27.45
C ALA U 159 51.03 43.88 26.57
N GLU U 160 50.63 42.89 25.76
CA GLU U 160 49.50 43.09 24.86
C GLU U 160 48.26 42.40 25.41
N LEU U 161 47.08 42.97 25.17
CA LEU U 161 45.85 42.35 25.64
C LEU U 161 45.02 41.84 24.47
N LEU U 162 44.36 40.70 24.67
CA LEU U 162 43.52 40.10 23.64
C LEU U 162 42.06 40.41 23.91
N LEU U 163 41.45 41.16 22.98
CA LEU U 163 40.05 41.56 23.10
C LEU U 163 39.20 40.49 23.77
N ASN U 164 38.67 40.81 24.94
CA ASN U 164 37.84 39.89 25.70
C ASN U 164 36.36 40.24 25.54
N SER U 165 35.73 39.65 24.53
CA SER U 165 34.32 39.90 24.25
C SER U 165 33.46 38.75 24.77
N LYS V 84 72.89 47.19 4.22
CA LYS V 84 72.07 46.65 3.14
C LYS V 84 70.65 47.20 3.21
N GLU V 85 69.84 46.67 4.11
CA GLU V 85 68.46 47.12 4.27
C GLU V 85 67.84 46.59 5.57
N THR V 86 66.83 47.31 6.04
CA THR V 86 66.08 46.97 7.27
C THR V 86 66.06 45.47 7.57
N LEU V 87 65.91 44.65 6.53
CA LEU V 87 65.84 43.19 6.70
C LEU V 87 66.95 42.66 7.62
N GLU V 88 68.01 43.45 7.78
CA GLU V 88 69.14 43.09 8.63
C GLU V 88 68.78 43.18 10.10
N LYS V 89 67.50 43.28 10.38
CA LYS V 89 67.00 43.36 11.75
C LYS V 89 66.05 42.19 12.03
N PHE V 90 65.87 41.34 11.02
CA PHE V 90 64.99 40.19 11.14
C PHE V 90 65.77 38.90 10.91
N SER V 91 65.28 37.80 11.46
CA SER V 91 65.94 36.50 11.30
C SER V 91 65.49 35.83 10.02
N LEU V 92 65.83 34.55 9.88
CA LEU V 92 65.44 33.78 8.70
C LEU V 92 64.30 32.83 9.04
N GLU V 93 64.15 32.50 10.32
CA GLU V 93 63.07 31.62 10.75
C GLU V 93 61.73 32.27 10.47
N ASN V 94 61.72 33.60 10.57
CA ASN V 94 60.50 34.39 10.36
C ASN V 94 60.33 34.76 8.90
N MET V 95 61.31 34.40 8.07
CA MET V 95 61.25 34.71 6.64
C MET V 95 60.76 33.53 5.84
N ARG V 96 59.59 33.71 5.21
CA ARG V 96 59.00 32.66 4.40
C ARG V 96 58.28 33.22 3.18
N TYR V 97 57.90 32.32 2.29
CA TYR V 97 57.17 32.66 1.08
C TYR V 97 55.73 33.02 1.43
N VAL V 98 55.35 34.27 1.23
CA VAL V 98 54.01 34.73 1.57
C VAL V 98 53.21 35.17 0.35
N GLY V 99 53.89 35.40 -0.75
CA GLY V 99 53.21 35.83 -1.96
C GLY V 99 54.13 35.90 -3.15
N ILE V 100 53.57 36.15 -4.33
CA ILE V 100 54.35 36.24 -5.54
C ILE V 100 54.25 37.63 -6.14
N LEU V 101 54.87 37.83 -7.30
CA LEU V 101 54.85 39.13 -7.97
C LEU V 101 55.64 39.11 -9.26
N LYS V 102 54.91 39.06 -10.38
CA LYS V 102 55.55 39.05 -11.68
C LYS V 102 54.97 40.14 -12.59
N SER V 103 55.58 40.26 -13.76
CA SER V 103 55.15 41.23 -14.76
C SER V 103 55.57 40.77 -16.15
N GLY V 104 54.64 40.12 -16.85
CA GLY V 104 54.93 39.63 -18.18
C GLY V 104 55.43 38.20 -18.16
N GLN V 105 56.65 38.02 -17.64
CA GLN V 105 57.25 36.69 -17.56
C GLN V 105 58.52 36.71 -16.71
N LYS V 106 58.70 37.76 -15.92
CA LYS V 106 59.88 37.87 -15.07
C LYS V 106 59.73 37.00 -13.82
N VAL V 107 58.47 36.84 -13.39
CA VAL V 107 58.13 36.04 -12.21
C VAL V 107 59.08 36.24 -11.04
N SER V 108 58.60 36.98 -10.03
CA SER V 108 59.39 37.23 -8.83
C SER V 108 58.69 36.67 -7.60
N GLY V 109 59.47 36.39 -6.56
CA GLY V 109 58.93 35.85 -5.33
C GLY V 109 58.84 36.88 -4.21
N PHE V 110 57.71 36.89 -3.52
CA PHE V 110 57.44 37.80 -2.42
C PHE V 110 57.53 37.09 -1.07
N ILE V 111 58.53 37.50 -0.28
CA ILE V 111 58.75 36.92 1.04
C ILE V 111 58.38 37.92 2.13
N GLU V 112 58.30 37.43 3.36
CA GLU V 112 57.94 38.27 4.51
C GLU V 112 58.60 37.77 5.80
N ALA V 113 59.12 38.74 6.57
CA ALA V 113 59.80 38.46 7.82
C ALA V 113 59.15 39.23 8.97
N GLU V 114 58.65 38.51 9.97
CA GLU V 114 58.01 39.14 11.12
C GLU V 114 57.09 40.28 10.70
N GLY V 115 56.27 40.03 9.69
CA GLY V 115 55.34 41.05 9.21
C GLY V 115 55.91 41.86 8.07
N TYR V 116 57.19 42.17 8.15
CA TYR V 116 57.88 42.93 7.12
C TYR V 116 57.79 42.22 5.79
N VAL V 117 57.26 42.91 4.79
CA VAL V 117 57.10 42.32 3.48
C VAL V 117 58.18 42.82 2.53
N TYR V 118 58.88 41.90 1.88
CA TYR V 118 59.95 42.25 0.96
C TYR V 118 60.08 41.20 -0.14
N THR V 119 60.00 41.67 -1.39
CA THR V 119 60.08 40.79 -2.55
C THR V 119 61.51 40.53 -2.97
N VAL V 120 61.68 39.58 -3.88
CA VAL V 120 62.99 39.20 -4.40
C VAL V 120 62.85 38.51 -5.76
N GLY V 121 63.68 38.93 -6.69
CA GLY V 121 63.66 38.37 -8.03
C GLY V 121 65.02 37.87 -8.44
N VAL V 122 65.15 37.40 -9.68
CA VAL V 122 66.42 36.87 -10.18
C VAL V 122 67.58 37.77 -9.74
N GLY V 123 68.38 37.30 -8.79
CA GLY V 123 69.50 38.08 -8.33
C GLY V 123 69.10 39.21 -7.40
N ASN V 124 68.67 38.84 -6.19
CA ASN V 124 68.28 39.82 -5.19
C ASN V 124 68.85 39.49 -3.81
N TYR V 125 68.33 40.17 -2.79
CA TYR V 125 68.76 40.00 -1.41
C TYR V 125 67.60 39.58 -0.51
N LEU V 126 67.92 38.69 0.45
CA LEU V 126 66.93 38.21 1.41
C LEU V 126 67.64 37.59 2.62
N GLY V 127 66.89 36.77 3.35
CA GLY V 127 67.44 36.08 4.51
C GLY V 127 67.85 37.01 5.64
N GLN V 128 68.33 36.42 6.74
CA GLN V 128 68.74 37.20 7.90
C GLN V 128 70.14 37.79 7.70
N ASN V 129 71.14 36.92 7.57
CA ASN V 129 72.52 37.35 7.37
C ASN V 129 72.69 38.01 6.01
N TYR V 130 73.23 37.26 5.05
CA TYR V 130 73.43 37.78 3.70
C TYR V 130 72.75 36.88 2.67
N GLY V 131 71.45 37.05 2.53
CA GLY V 131 70.70 36.24 1.58
C GLY V 131 70.74 36.81 0.17
N ARG V 132 70.81 35.93 -0.80
CA ARG V 132 70.85 36.32 -2.21
C ARG V 132 70.14 35.30 -3.09
N ILE V 133 69.03 35.73 -3.68
CA ILE V 133 68.24 34.86 -4.54
C ILE V 133 68.79 34.84 -5.95
N GLU V 134 68.66 33.71 -6.64
CA GLU V 134 69.19 33.59 -7.99
C GLU V 134 68.09 33.40 -9.03
N SER V 135 67.11 32.54 -8.71
CA SER V 135 66.03 32.24 -9.64
C SER V 135 64.72 31.98 -8.90
N ILE V 136 63.61 32.08 -9.63
CA ILE V 136 62.30 31.83 -9.06
C ILE V 136 61.58 30.73 -9.83
N THR V 137 60.50 30.20 -9.27
CA THR V 137 59.72 29.14 -9.92
C THR V 137 58.33 29.02 -9.32
N ASP V 138 57.45 28.33 -10.04
CA ASP V 138 56.07 28.15 -9.59
C ASP V 138 56.01 27.42 -8.26
N ASP V 139 55.44 28.09 -7.26
CA ASP V 139 55.29 27.50 -5.92
C ASP V 139 56.64 27.18 -5.29
N SER V 140 57.69 27.87 -5.72
CA SER V 140 59.02 27.65 -5.16
C SER V 140 60.05 28.64 -5.71
N ILE V 141 61.04 28.97 -4.89
CA ILE V 141 62.09 29.90 -5.32
C ILE V 141 63.48 29.36 -4.97
N VAL V 142 64.44 29.59 -5.85
CA VAL V 142 65.82 29.15 -5.62
C VAL V 142 66.71 30.31 -5.20
N LEU V 143 67.10 30.30 -3.93
CA LEU V 143 67.95 31.36 -3.40
C LEU V 143 69.32 30.82 -2.99
N ASN V 144 70.06 31.68 -2.29
CA ASN V 144 71.41 31.36 -1.83
C ASN V 144 71.90 32.47 -0.92
N GLU V 145 71.89 32.19 0.38
CA GLU V 145 72.31 33.18 1.36
C GLU V 145 73.76 33.00 1.77
N LEU V 146 74.11 33.67 2.85
CA LEU V 146 75.44 33.64 3.43
C LEU V 146 75.34 33.77 4.94
N ILE V 147 75.54 32.64 5.63
CA ILE V 147 75.50 32.60 7.08
C ILE V 147 76.73 31.92 7.66
N GLU V 148 77.14 32.33 8.85
CA GLU V 148 78.29 31.73 9.50
C GLU V 148 78.00 30.27 9.85
N ASP V 149 78.93 29.38 9.49
CA ASP V 149 78.76 27.95 9.76
C ASP V 149 79.87 27.12 9.11
N SER V 150 79.94 25.84 9.51
CA SER V 150 80.94 24.92 8.97
C SER V 150 82.36 25.39 9.26
N THR V 151 82.47 26.46 10.04
CA THR V 151 83.77 27.00 10.42
C THR V 151 83.63 28.01 11.55
N GLY V 152 82.52 28.73 11.53
CA GLY V 152 82.26 29.75 12.52
C GLY V 152 82.44 31.12 11.90
N ASN V 153 82.22 31.18 10.60
CA ASN V 153 82.38 32.40 9.82
C ASN V 153 81.43 32.39 8.64
N TRP V 154 80.97 33.57 8.26
CA TRP V 154 80.02 33.73 7.16
C TRP V 154 80.38 32.84 5.98
N VAL V 155 79.39 32.13 5.47
CA VAL V 155 79.57 31.21 4.35
C VAL V 155 78.26 31.02 3.61
N SER V 156 78.31 31.17 2.29
CA SER V 156 77.11 31.07 1.46
C SER V 156 76.36 29.78 1.69
N ARG V 157 75.23 29.64 1.00
CA ARG V 157 74.39 28.44 1.13
C ARG V 157 73.12 28.56 0.30
N LYS V 158 73.08 27.81 -0.81
CA LYS V 158 71.93 27.84 -1.70
C LYS V 158 70.80 27.02 -1.10
N ALA V 159 69.59 27.15 -1.63
CA ALA V 159 68.43 26.41 -1.11
C ALA V 159 67.13 26.92 -1.69
N GLU V 160 66.23 26.02 -2.05
CA GLU V 160 64.96 26.43 -2.62
C GLU V 160 63.84 26.35 -1.60
N LEU V 161 62.87 27.24 -1.68
CA LEU V 161 61.75 27.20 -0.74
C LEU V 161 60.46 26.81 -1.45
N LEU V 162 59.61 26.05 -0.75
CA LEU V 162 58.35 25.60 -1.31
C LEU V 162 57.21 26.46 -0.78
N LEU V 163 56.54 27.18 -1.68
CA LEU V 163 55.44 28.07 -1.32
C LEU V 163 54.62 27.52 -0.18
N ASN V 164 54.64 28.22 0.95
CA ASN V 164 53.90 27.82 2.13
C ASN V 164 52.61 28.63 2.27
N SER V 165 51.54 28.13 1.68
CA SER V 165 50.25 28.82 1.73
C SER V 165 49.33 28.17 2.76
N LYS W 84 79.98 17.98 -28.96
CA LYS W 84 78.72 17.58 -29.57
C LYS W 84 77.63 18.60 -29.30
N GLU W 85 77.06 18.57 -28.09
CA GLU W 85 76.01 19.50 -27.72
C GLU W 85 75.74 19.47 -26.22
N THR W 86 75.20 20.59 -25.72
CA THR W 86 74.86 20.77 -24.30
C THR W 86 74.53 19.47 -23.58
N LEU W 87 73.80 18.57 -24.25
CA LEU W 87 73.40 17.29 -23.66
C LEU W 87 74.56 16.60 -22.95
N GLU W 88 75.79 16.97 -23.31
CA GLU W 88 76.99 16.38 -22.72
C GLU W 88 77.20 16.87 -21.30
N LYS W 89 76.17 17.48 -20.73
CA LYS W 89 76.21 17.98 -19.36
C LYS W 89 75.14 17.30 -18.52
N PHE W 90 74.39 16.40 -19.15
CA PHE W 90 73.32 15.68 -18.48
C PHE W 90 73.58 14.18 -18.52
N SER W 91 73.02 13.45 -17.56
CA SER W 91 73.20 12.00 -17.51
C SER W 91 72.17 11.30 -18.38
N LEU W 92 72.06 9.99 -18.21
CA LEU W 92 71.09 9.20 -18.98
C LEU W 92 69.92 8.79 -18.09
N GLU W 93 70.14 8.79 -16.78
CA GLU W 93 69.07 8.45 -15.85
C GLU W 93 67.95 9.47 -15.93
N ASN W 94 68.35 10.71 -16.23
CA ASN W 94 67.41 11.82 -16.34
C ASN W 94 66.86 11.96 -17.74
N MET W 95 67.35 11.13 -18.65
CA MET W 95 66.90 11.16 -20.04
C MET W 95 65.85 10.10 -20.31
N ARG W 96 64.64 10.57 -20.63
CA ARG W 96 63.53 9.66 -20.92
C ARG W 96 62.62 10.21 -22.01
N TYR W 97 61.72 9.35 -22.48
CA TYR W 97 60.75 9.70 -23.50
C TYR W 97 59.67 10.60 -22.90
N VAL W 98 59.62 11.85 -23.35
CA VAL W 98 58.66 12.81 -22.81
C VAL W 98 57.64 13.27 -23.85
N GLY W 99 57.95 13.03 -25.12
CA GLY W 99 57.03 13.44 -26.17
C GLY W 99 57.47 12.95 -27.53
N ILE W 100 56.63 13.16 -28.54
CA ILE W 100 56.95 12.74 -29.89
C ILE W 100 57.03 13.94 -30.82
N LEU W 101 57.25 13.68 -32.11
CA LEU W 101 57.36 14.76 -33.09
C LEU W 101 57.62 14.21 -34.48
N LYS W 102 56.57 14.22 -35.30
CA LYS W 102 56.69 13.74 -36.67
C LYS W 102 56.17 14.77 -37.67
N SER W 103 56.34 14.44 -38.94
CA SER W 103 55.87 15.30 -40.02
C SER W 103 55.65 14.46 -41.28
N GLY W 104 54.39 14.07 -41.50
CA GLY W 104 54.05 13.27 -42.65
C GLY W 104 54.12 11.79 -42.35
N GLN W 105 55.34 11.28 -42.15
CA GLN W 105 55.54 9.87 -41.85
C GLN W 105 56.97 9.59 -41.40
N LYS W 106 57.70 10.64 -41.02
CA LYS W 106 59.08 10.47 -40.58
C LYS W 106 59.13 9.97 -39.14
N VAL W 107 58.11 10.35 -38.37
CA VAL W 107 57.98 9.96 -36.96
C VAL W 107 59.30 10.03 -36.19
N SER W 108 59.43 11.07 -35.36
CA SER W 108 60.61 11.24 -34.53
C SER W 108 60.24 11.20 -33.04
N GLY W 109 61.22 10.86 -32.21
CA GLY W 109 61.01 10.80 -30.78
C GLY W 109 61.61 11.98 -30.03
N PHE W 110 60.82 12.51 -29.10
CA PHE W 110 61.22 13.65 -28.28
C PHE W 110 61.57 13.22 -26.86
N ILE W 111 62.85 13.39 -26.51
CA ILE W 111 63.34 13.02 -25.19
C ILE W 111 63.67 14.28 -24.38
N GLU W 112 63.87 14.09 -23.08
CA GLU W 112 64.18 15.20 -22.17
C GLU W 112 65.08 14.75 -21.02
N ALA W 113 66.08 15.59 -20.72
CA ALA W 113 67.05 15.33 -19.67
C ALA W 113 67.07 16.47 -18.66
N GLU W 114 66.77 16.19 -17.40
CA GLU W 114 66.76 17.21 -16.36
C GLU W 114 66.11 18.51 -16.83
N GLY W 115 64.95 18.38 -17.47
CA GLY W 115 64.24 19.56 -17.97
C GLY W 115 64.59 19.87 -19.41
N TYR W 116 65.86 19.72 -19.75
CA TYR W 116 66.34 19.98 -21.11
C TYR W 116 65.59 19.10 -22.10
N VAL W 117 64.96 19.75 -23.08
CA VAL W 117 64.20 19.01 -24.07
C VAL W 117 64.98 18.91 -25.38
N TYR W 118 65.14 17.70 -25.89
CA TYR W 118 65.88 17.46 -27.13
C TYR W 118 65.32 16.24 -27.86
N THR W 119 64.95 16.47 -29.13
CA THR W 119 64.37 15.42 -29.95
C THR W 119 65.44 14.60 -30.65
N VAL W 120 65.02 13.50 -31.25
CA VAL W 120 65.91 12.58 -31.97
C VAL W 120 65.12 11.75 -32.97
N GLY W 121 65.66 11.66 -34.18
CA GLY W 121 65.04 10.90 -35.24
C GLY W 121 65.97 9.88 -35.83
N VAL W 122 65.52 9.17 -36.86
CA VAL W 122 66.34 8.15 -37.49
C VAL W 122 67.78 8.63 -37.67
N GLY W 123 68.69 8.09 -36.87
CA GLY W 123 70.08 8.50 -36.97
C GLY W 123 70.36 9.85 -36.33
N ASN W 124 70.28 9.89 -35.00
CA ASN W 124 70.55 11.12 -34.25
C ASN W 124 71.45 10.87 -33.05
N TYR W 125 71.51 11.86 -32.17
CA TYR W 125 72.34 11.81 -30.96
C TYR W 125 71.49 12.02 -29.70
N LEU W 126 71.85 11.27 -28.65
CA LEU W 126 71.16 11.35 -27.37
C LEU W 126 72.04 10.77 -26.25
N GLY W 127 71.39 10.41 -25.15
CA GLY W 127 72.09 9.80 -24.03
C GLY W 127 73.11 10.72 -23.37
N GLN W 128 73.74 10.22 -22.31
CA GLN W 128 74.74 11.00 -21.58
C GLN W 128 76.08 11.00 -22.30
N ASN W 129 76.69 9.82 -22.43
CA ASN W 129 77.98 9.69 -23.10
C ASN W 129 77.85 9.97 -24.59
N TYR W 130 77.80 8.92 -25.39
CA TYR W 130 77.66 9.08 -26.84
C TYR W 130 76.44 8.30 -27.34
N GLY W 131 75.27 8.90 -27.19
CA GLY W 131 74.05 8.25 -27.63
C GLY W 131 73.76 8.49 -29.09
N ARG W 132 73.23 7.47 -29.76
CA ARG W 132 72.91 7.55 -31.18
C ARG W 132 71.68 6.71 -31.50
N ILE W 133 70.61 7.38 -31.89
CA ILE W 133 69.34 6.72 -32.20
C ILE W 133 69.36 6.24 -33.65
N GLU W 134 68.70 5.12 -33.92
CA GLU W 134 68.67 4.56 -35.27
C GLU W 134 67.26 4.59 -35.88
N SER W 135 66.26 4.20 -35.08
CA SER W 135 64.88 4.15 -35.56
C SER W 135 63.89 4.51 -34.46
N ILE W 136 62.67 4.87 -34.87
CA ILE W 136 61.62 5.21 -33.93
C ILE W 136 60.41 4.31 -34.13
N THR W 137 59.49 4.32 -33.18
CA THR W 137 58.27 3.51 -33.27
C THR W 137 57.20 4.01 -32.31
N ASP W 138 55.97 3.56 -32.54
CA ASP W 138 54.84 3.97 -31.72
C ASP W 138 55.02 3.57 -30.27
N ASP W 139 55.06 4.57 -29.38
CA ASP W 139 55.21 4.33 -27.95
C ASP W 139 56.55 3.68 -27.63
N SER W 140 57.54 3.85 -28.50
CA SER W 140 58.86 3.28 -28.27
C SER W 140 59.87 3.72 -29.32
N ILE W 141 61.14 3.83 -28.94
CA ILE W 141 62.18 4.21 -29.87
C ILE W 141 63.40 3.29 -29.76
N VAL W 142 64.02 3.00 -30.88
CA VAL W 142 65.22 2.14 -30.92
C VAL W 142 66.49 2.97 -31.10
N LEU W 143 67.27 3.07 -30.02
CA LEU W 143 68.51 3.83 -30.07
C LEU W 143 69.73 2.92 -29.90
N ASN W 144 70.87 3.57 -29.70
CA ASN W 144 72.15 2.89 -29.53
C ASN W 144 73.21 3.89 -29.15
N GLU W 145 73.57 3.89 -27.86
CA GLU W 145 74.56 4.82 -27.36
C GLU W 145 75.95 4.22 -27.32
N LEU W 146 76.83 4.91 -26.61
CA LEU W 146 78.21 4.52 -26.41
C LEU W 146 78.68 4.95 -25.03
N ILE W 147 78.78 3.98 -24.13
CA ILE W 147 79.22 4.23 -22.76
C ILE W 147 80.34 3.27 -22.36
N GLU W 148 81.23 3.72 -21.50
CA GLU W 148 82.32 2.89 -21.02
C GLU W 148 81.77 1.71 -20.20
N ASP W 149 82.23 0.51 -20.52
CA ASP W 149 81.77 -0.70 -19.81
C ASP W 149 82.31 -1.97 -20.45
N SER W 150 82.16 -3.09 -19.74
CA SER W 150 82.61 -4.38 -20.23
C SER W 150 84.12 -4.41 -20.47
N THR W 151 84.78 -3.32 -20.09
CA THR W 151 86.23 -3.22 -20.24
C THR W 151 86.78 -2.04 -19.46
N GLY W 152 85.97 -0.99 -19.39
CA GLY W 152 86.36 0.23 -18.71
C GLY W 152 86.70 1.30 -19.72
N ASN W 153 86.06 1.18 -20.87
CA ASN W 153 86.28 2.10 -21.99
C ASN W 153 85.02 2.21 -22.83
N TRP W 154 84.81 3.39 -23.40
CA TRP W 154 83.62 3.67 -24.21
C TRP W 154 83.28 2.50 -25.12
N VAL W 155 82.03 2.11 -25.12
CA VAL W 155 81.55 0.99 -25.95
C VAL W 155 80.07 1.15 -26.22
N SER W 156 79.70 1.02 -27.50
CA SER W 156 78.31 1.21 -27.92
C SER W 156 77.35 0.34 -27.13
N ARG W 157 76.06 0.48 -27.42
CA ARG W 157 75.02 -0.30 -26.74
C ARG W 157 73.64 0.11 -27.21
N LYS W 158 73.01 -0.77 -28.00
CA LYS W 158 71.68 -0.49 -28.53
C LYS W 158 70.64 -0.73 -27.43
N ALA W 159 69.41 -0.28 -27.65
CA ALA W 159 68.35 -0.45 -26.65
C ALA W 159 67.13 0.38 -26.99
N GLU W 160 65.95 -0.19 -26.82
CA GLU W 160 64.72 0.53 -27.14
C GLU W 160 64.04 1.04 -25.88
N LEU W 161 63.39 2.19 -25.96
CA LEU W 161 62.70 2.73 -24.79
C LEU W 161 61.19 2.70 -24.99
N LEU W 162 60.47 2.43 -23.91
CA LEU W 162 59.01 2.37 -23.96
C LEU W 162 58.41 3.66 -23.41
N LEU W 163 57.71 4.39 -24.29
CA LEU W 163 57.09 5.66 -23.92
C LEU W 163 56.59 5.67 -22.49
N ASN W 164 57.20 6.51 -21.67
CA ASN W 164 56.82 6.64 -20.26
C ASN W 164 55.94 7.86 -20.04
N SER W 165 54.64 7.67 -20.15
CA SER W 165 53.69 8.76 -19.97
C SER W 165 53.05 8.70 -18.59
N LYS X 84 66.77 -17.49 -52.84
CA LYS X 84 65.32 -17.53 -52.97
C LYS X 84 64.72 -16.15 -52.73
N GLU X 85 64.62 -15.75 -51.47
CA GLU X 85 64.06 -14.45 -51.12
C GLU X 85 64.33 -14.10 -49.65
N THR X 86 64.33 -12.79 -49.38
CA THR X 86 64.56 -12.24 -48.04
C THR X 86 64.15 -13.18 -46.90
N LEU X 87 63.02 -13.87 -47.07
CA LEU X 87 62.51 -14.78 -46.05
C LEU X 87 63.59 -15.71 -45.50
N GLU X 88 64.67 -15.87 -46.26
CA GLU X 88 65.79 -16.72 -45.87
C GLU X 88 66.61 -16.08 -44.76
N LYS X 89 66.04 -15.05 -44.13
CA LYS X 89 66.70 -14.36 -43.04
C LYS X 89 65.83 -14.43 -41.78
N PHE X 90 64.69 -15.11 -41.91
CA PHE X 90 63.77 -15.26 -40.80
C PHE X 90 63.56 -16.74 -40.47
N SER X 91 63.18 -17.02 -39.23
CA SER X 91 62.96 -18.40 -38.80
C SER X 91 61.54 -18.84 -39.13
N LEU X 92 61.13 -19.98 -38.57
CA LEU X 92 59.79 -20.49 -38.78
C LEU X 92 58.93 -20.28 -37.55
N GLU X 93 59.57 -20.12 -36.40
CA GLU X 93 58.84 -19.87 -35.16
C GLU X 93 58.10 -18.55 -35.24
N ASN X 94 58.69 -17.62 -35.98
CA ASN X 94 58.13 -16.28 -36.15
C ASN X 94 57.18 -16.23 -37.34
N MET X 95 57.08 -17.33 -38.07
CA MET X 95 56.20 -17.40 -39.24
C MET X 95 54.87 -18.05 -38.90
N ARG X 96 53.80 -17.25 -39.02
CA ARG X 96 52.46 -17.74 -38.73
C ARG X 96 51.43 -17.11 -39.65
N TYR X 97 50.22 -17.67 -39.59
CA TYR X 97 49.09 -17.19 -40.38
C TYR X 97 48.59 -15.86 -39.80
N VAL X 98 48.74 -14.79 -40.57
CA VAL X 98 48.33 -13.47 -40.11
C VAL X 98 47.19 -12.88 -40.93
N GLY X 99 46.96 -13.44 -42.11
CA GLY X 99 45.90 -12.94 -42.95
C GLY X 99 45.68 -13.79 -44.17
N ILE X 100 44.64 -13.49 -44.94
CA ILE X 100 44.34 -14.25 -46.14
C ILE X 100 44.44 -13.35 -47.37
N LEU X 101 44.11 -13.91 -48.54
CA LEU X 101 44.17 -13.15 -49.79
C LEU X 101 43.78 -14.00 -50.97
N LYS X 102 42.55 -13.78 -51.46
CA LYS X 102 42.06 -14.51 -52.60
C LYS X 102 41.53 -13.57 -53.69
N SER X 103 41.16 -14.17 -54.81
CA SER X 103 40.61 -13.42 -55.94
C SER X 103 39.74 -14.34 -56.79
N GLY X 104 38.43 -14.29 -56.55
CA GLY X 104 37.51 -15.12 -57.29
C GLY X 104 37.26 -16.45 -56.60
N GLN X 105 38.28 -17.30 -56.58
CA GLN X 105 38.16 -18.61 -55.95
C GLN X 105 39.53 -19.29 -55.83
N LYS X 106 40.60 -18.52 -55.98
CA LYS X 106 41.95 -19.08 -55.89
C LYS X 106 42.34 -19.29 -54.42
N VAL X 107 41.80 -18.44 -53.56
CA VAL X 107 42.06 -18.48 -52.12
C VAL X 107 43.52 -18.74 -51.77
N SER X 108 44.22 -17.69 -51.34
CA SER X 108 45.61 -17.80 -50.94
C SER X 108 45.79 -17.42 -49.47
N GLY X 109 46.85 -17.92 -48.86
CA GLY X 109 47.13 -17.64 -47.47
C GLY X 109 48.26 -16.64 -47.28
N PHE X 110 48.02 -15.70 -46.38
CA PHE X 110 48.99 -14.64 -46.06
C PHE X 110 49.66 -14.89 -44.71
N ILE X 111 50.97 -15.13 -44.78
CA ILE X 111 51.77 -15.39 -43.58
C ILE X 111 52.68 -14.21 -43.28
N GLU X 112 53.27 -14.20 -42.09
CA GLU X 112 54.17 -13.14 -41.67
C GLU X 112 55.24 -13.65 -40.70
N ALA X 113 56.47 -13.19 -40.94
CA ALA X 113 57.63 -13.56 -40.14
C ALA X 113 58.32 -12.34 -39.55
N GLU X 114 58.40 -12.26 -38.23
CA GLU X 114 59.04 -11.12 -37.57
C GLU X 114 58.65 -9.80 -38.22
N GLY X 115 57.36 -9.62 -38.46
CA GLY X 115 56.88 -8.39 -39.08
C GLY X 115 56.79 -8.48 -40.58
N TYR X 116 57.76 -9.14 -41.18
CA TYR X 116 57.79 -9.33 -42.63
C TYR X 116 56.54 -10.05 -43.10
N VAL X 117 55.82 -9.42 -44.02
CA VAL X 117 54.59 -10.01 -44.52
C VAL X 117 54.82 -10.63 -45.90
N TYR X 118 54.44 -11.89 -46.06
CA TYR X 118 54.61 -12.59 -47.31
C TYR X 118 53.52 -13.65 -47.50
N THR X 119 52.82 -13.54 -48.63
CA THR X 119 51.73 -14.45 -48.93
C THR X 119 52.22 -15.72 -49.61
N VAL X 120 51.32 -16.69 -49.74
CA VAL X 120 51.61 -17.98 -50.36
C VAL X 120 50.33 -18.65 -50.84
N GLY X 121 50.38 -19.15 -52.07
CA GLY X 121 49.24 -19.82 -52.66
C GLY X 121 49.59 -21.20 -53.16
N VAL X 122 48.64 -21.87 -53.78
CA VAL X 122 48.87 -23.23 -54.28
C VAL X 122 50.24 -23.33 -54.95
N GLY X 123 51.18 -24.00 -54.30
CA GLY X 123 52.50 -24.14 -54.88
C GLY X 123 53.34 -22.89 -54.75
N ASN X 124 53.75 -22.57 -53.52
CA ASN X 124 54.58 -21.40 -53.27
C ASN X 124 55.73 -21.73 -52.31
N TYR X 125 56.38 -20.67 -51.81
CA TYR X 125 57.51 -20.79 -50.90
C TYR X 125 57.24 -20.06 -49.58
N LEU X 126 57.72 -20.68 -48.49
CA LEU X 126 57.57 -20.11 -47.16
C LEU X 126 58.57 -20.75 -46.19
N GLY X 127 58.27 -20.64 -44.90
CA GLY X 127 59.12 -21.24 -43.88
C GLY X 127 60.50 -20.64 -43.80
N GLN X 128 61.30 -21.12 -42.84
CA GLN X 128 62.66 -20.63 -42.67
C GLN X 128 63.62 -21.25 -43.68
N ASN X 129 63.79 -22.57 -43.62
CA ASN X 129 64.68 -23.27 -44.54
C ASN X 129 64.13 -23.24 -45.95
N TYR X 130 63.52 -24.34 -46.38
CA TYR X 130 62.94 -24.42 -47.71
C TYR X 130 61.46 -24.79 -47.63
N GLY X 131 60.63 -23.80 -47.35
CA GLY X 131 59.20 -24.04 -47.25
C GLY X 131 58.50 -23.99 -48.60
N ARG X 132 57.52 -24.86 -48.76
CA ARG X 132 56.76 -24.94 -50.01
C ARG X 132 55.31 -25.33 -49.74
N ILE X 133 54.41 -24.39 -50.01
CA ILE X 133 52.98 -24.62 -49.78
C ILE X 133 52.36 -25.33 -50.97
N GLU X 134 51.35 -26.17 -50.72
CA GLU X 134 50.71 -26.92 -51.79
C GLU X 134 49.25 -26.51 -51.99
N SER X 135 48.53 -26.35 -50.89
CA SER X 135 47.11 -26.00 -50.95
C SER X 135 46.70 -25.12 -49.78
N ILE X 136 45.56 -24.44 -49.95
CA ILE X 136 45.05 -23.56 -48.90
C ILE X 136 43.64 -23.99 -48.52
N THR X 137 43.14 -23.47 -47.40
CA THR X 137 41.79 -23.81 -46.92
C THR X 137 41.29 -22.79 -45.91
N ASP X 138 39.98 -22.80 -45.66
CA ASP X 138 39.36 -21.86 -44.73
C ASP X 138 39.92 -22.02 -43.32
N ASP X 139 40.53 -20.96 -42.81
CA ASP X 139 41.10 -20.96 -41.46
C ASP X 139 42.23 -21.98 -41.33
N SER X 140 42.87 -22.33 -42.45
CA SER X 140 43.98 -23.29 -42.42
C SER X 140 44.64 -23.44 -43.78
N ILE X 141 45.94 -23.72 -43.78
CA ILE X 141 46.66 -23.92 -45.03
C ILE X 141 47.54 -25.17 -44.97
N VAL X 142 47.63 -25.87 -46.09
CA VAL X 142 48.44 -27.09 -46.18
C VAL X 142 49.75 -26.82 -46.92
N LEU X 143 50.85 -26.81 -46.17
CA LEU X 143 52.16 -26.57 -46.76
C LEU X 143 53.05 -27.79 -46.65
N ASN X 144 54.33 -27.57 -46.96
CA ASN X 144 55.34 -28.62 -46.94
C ASN X 144 56.71 -28.00 -47.16
N GLU X 145 57.47 -27.90 -46.07
CA GLU X 145 58.79 -27.31 -46.14
C GLU X 145 59.88 -28.35 -46.29
N LEU X 146 61.11 -27.89 -46.07
CA LEU X 146 62.30 -28.71 -46.14
C LEU X 146 63.32 -28.22 -45.11
N ILE X 147 63.45 -28.98 -44.03
CA ILE X 147 64.39 -28.65 -42.97
C ILE X 147 65.25 -29.85 -42.60
N GLU X 148 66.48 -29.59 -42.17
CA GLU X 148 67.39 -30.65 -41.78
C GLU X 148 66.85 -31.38 -40.54
N ASP X 149 66.81 -32.71 -40.60
CA ASP X 149 66.32 -33.51 -39.48
C ASP X 149 66.22 -34.99 -39.85
N SER X 150 66.02 -35.83 -38.83
CA SER X 150 65.89 -37.27 -39.02
C SER X 150 67.15 -37.88 -39.63
N THR X 151 68.18 -37.05 -39.77
CA THR X 151 69.46 -37.50 -40.32
C THR X 151 70.55 -36.46 -40.08
N GLY X 152 70.14 -35.21 -40.12
CA GLY X 152 71.06 -34.10 -39.95
C GLY X 152 71.31 -33.43 -41.28
N ASN X 153 70.32 -33.53 -42.14
CA ASN X 153 70.39 -32.97 -43.48
C ASN X 153 69.00 -32.58 -43.96
N TRP X 154 68.95 -31.53 -44.78
CA TRP X 154 67.68 -31.01 -45.29
C TRP X 154 66.74 -32.12 -45.69
N VAL X 155 65.49 -32.04 -45.26
CA VAL X 155 64.48 -33.04 -45.56
C VAL X 155 63.09 -32.42 -45.47
N SER X 156 62.29 -32.64 -46.52
CA SER X 156 60.96 -32.06 -46.59
C SER X 156 60.12 -32.37 -45.36
N ARG X 157 58.91 -31.83 -45.34
CA ARG X 157 58.00 -32.04 -44.21
C ARG X 157 56.70 -31.26 -44.40
N LYS X 158 55.63 -31.99 -44.70
CA LYS X 158 54.32 -31.36 -44.92
C LYS X 158 53.70 -31.01 -43.57
N ALA X 159 52.64 -30.20 -43.57
CA ALA X 159 51.99 -29.78 -42.32
C ALA X 159 51.02 -28.66 -42.57
N GLU X 160 49.84 -28.72 -41.92
CA GLU X 160 48.84 -27.68 -42.11
C GLU X 160 48.81 -26.74 -40.92
N LEU X 161 48.53 -25.46 -41.16
CA LEU X 161 48.46 -24.51 -40.06
C LEU X 161 47.03 -24.04 -39.83
N LEU X 162 46.67 -23.82 -38.57
CA LEU X 162 45.33 -23.36 -38.22
C LEU X 162 45.35 -21.87 -37.94
N LEU X 163 44.62 -21.12 -38.77
CA LEU X 163 44.55 -19.66 -38.65
C LEU X 163 44.59 -19.21 -37.19
N ASN X 164 45.66 -18.49 -36.84
CA ASN X 164 45.83 -17.99 -35.48
C ASN X 164 45.47 -16.51 -35.41
N SER X 165 44.20 -16.24 -35.11
CA SER X 165 43.72 -14.87 -35.01
C SER X 165 43.60 -14.44 -33.55
#